data_7F0R
#
_entry.id   7F0R
#
_cell.length_a   1.00
_cell.length_b   1.00
_cell.length_c   1.00
_cell.angle_alpha   90.00
_cell.angle_beta   90.00
_cell.angle_gamma   90.00
#
_symmetry.space_group_name_H-M   'P 1'
#
loop_
_entity.id
_entity.type
_entity.pdbx_description
1 polymer 'DNA-directed RNA polymerase subunit alpha'
2 polymer 'DNA-directed RNA polymerase subunit beta'
3 polymer "DNA-directed RNA polymerase subunit beta'"
4 polymer 'DNA-directed RNA polymerase subunit omega'
5 polymer 'Transcriptional factor SutA'
6 polymer 'RNA polymerase sigma factor RpoS'
7 polymer 'DNA (70-MER)'
8 polymer 'DNA (70-MER)'
9 non-polymer 'ZINC ION'
10 non-polymer 'MAGNESIUM ION'
#
loop_
_entity_poly.entity_id
_entity_poly.type
_entity_poly.pdbx_seq_one_letter_code
_entity_poly.pdbx_strand_id
1 'polypeptide(L)'
;MGHHHHHHHHHHMQSSVNEFLTPRHIDVQVVSQTRAKITLEPLERGFGHTLGNALRRILLSSMPGCAVVEAEIDGVLHEY
SAIEGVQEDVIEILLNLKGLAIKLHGRDEVTLTLAKKGSGVVTAADIQLDHDVEIINGDHVIANLADNGALNMKLKVARG
RGYEPADARQSDEDESRSIGRLQLDASFSPVRRVSYVVENARVEQRTNLDKLVLDLETNGTLDPEEAIRRAATILQQQLA
AFVDLKGDSEPVVEEQEDEIDPILLRPVDDLELTVRSANCLKAENIYYIGDLIQRTEVELLKTPNLGKKSLTEIKDVLAS
RGLSLGMRLDNWPPASLKKDDKATA
;
A,B
2 'polypeptide(L)'
;MGMAYSYTEKKRIRKDFSKLPDVMDVPYLLAIQLDSYREFLQAGATKEQFRDVGLHAAFKSVFPIISYSGNAALEYVGYR
LGEPAFDVKECVLRGVTFAVPLRVKVRLIIFDRESSNKAIKDIKEQEVYMGEIPLMTENGTFIINGTERVIVSQLHRSPG
VFFDHDRGKTHSSGKLLYSARIIPYRGSWLDFEFDPKDCVFVRIDRRRKLPASVLLRALGYSTEEILNAFYATNVFHIKG
ETLNLELVPQRLRGEVASIDIKDGSGKVIVEQGRRITARHINQLEKAGVSQLEVPFDYLIGRTIAKAIVHPATGEIIAEC
NTELTLDLLAKVAKAQVVRIETLYTNDIDCGPFISDTLKIDNTSNQLEALVEIYRMMRPGEPPTKEAAETLFGNLFFSAE
RYDLSAVGRMKFNRRIGRTEIEGPGVLSKEDIIDVLKTLVDIRNGKGIVDDIDHLGNRRVRCVGEMAENQFRVGLVRVER
AVKERLSMAESEGLMPQDLINAKPVAAAIKEFFGSSQLSQFMDQNNPLSEITHKRRVSALGPGGLTRERAGFEVRDVHPT
HYGRVCPIETPEGPNIGLINSLATYARTNKYGFLESPYRVVKDSLVTDEIVFLSAIEEADHVIAQASATLNEKGQLVDEL
VAVRHLNEFTVKAPEDVTLMDVSPKQVVSVAASLIPFLEHDDANRALMGSNMQRQAVPTLRADKPLVGTGMERNVARDSG
VCVVARRGGVIDSVDASRVVVRVADDEVETGEAGVDIYNLTKYTRSNQNTCINQRPLVSKGDVVARGDILADGPSTDMGE
LALGQNMRVAFMPWNGFNFEDSICLSERVVQEDRFTTIHIQELTCVARDTKLGPEEITADIPNVGEAALNKLDEAGIVYV
GAEVQAGDILVGKVTPKGETQLTPEEKLLRAIFGEKASDVKDTSLRVPTGTKGTVIDVQVFTRDGVERDSRALSIEKMQL
DQIRKDLNEEFRIVEGATFERLRAALVGAKAEGGPALKKGTEITDDYLDGLERGQWFKLRMADDALNEQLEKAQAYISDR
RQLLDDKFEDKKRKLQQGDDLAPGVLKIVKVYLAIKRRIQPGDKMAGRHGNKGVVSVIMPVEDMPHDANGTPVDIVLNPL
GVPSRMNVGQILETHLGLAAKGLGEKINRMLEEQRKVAELRKFLHEIYNEIGGREENLDELGDNEILALAKNLRGGVPMA
TPVFDGAKEREIKAMLKLADLPESGQMRLFDGRTGNQFERPTTVGYMYMLKLNHLVDDKMHARSTGSYSLVTQQPLGGKA
QFGGQRFGEMEVWALEAYGAAYTLQEMLTVKSDDVNGRTKMYKNIVDGDHRMEAGMPESFNVLIKEIRSLGIDIELETE
;
C
3 'polypeptide(L)'
;MLKDLLNLLKNQGQIEEFDAIRIGLASPEMIRSWSFGEVKKPETINYRTFKPERDGLFCAKIFGPVKDYECLCGKYKRLK
HRGVICEKCGVEVALAKVRRERMGHIELASPVAHIWFLKSLPSRIGLLLDMTLRDIERVLYFESYVVIDPGMTTLEKGQL
LNDEQYFEALEEFGDDFDARMGAEAVHELLNAIDLEHEIGRLREEIPQTNSETKIKKLSKRLKLMEAFQGSGNKPEWMVL
TVLPVLPPDLRPLVPLDGGRFATSDLNDLYRRVINRNNRLKRLLDLAAPDIIVRNEKRMLQEAVDALLDNGRRGRAITGS
NKRPLKSLADMIKGKQGRFRQNLLGKRVDYSGRSVITVGPTLRLHQCGLPKKMALELFKPFIFGKLEGRGMATTIKAAKK
MVERELPEVWDVLAEVIREHPVLLNRAPTLHRLGIQAFEPVLIEGKAIQLHPLVCAAYNADFDGDQMAVHVPLTLEAQLE
ARALMMSTNNILSPANGEPIIVPSQDVVMGLYYMTREAINAKGEGMAFADLQEVDRAYRSGQASLHARVKVRINEKIKGE
DGQLTANTRIVDTTVGRALLFQVVPAGLPFDVVNQSMKKKAISKLINHCYRVVGLKDTVIFADQLMYTGFAYSTISGVSI
GVNDFVIPDEKARIINAATDEVKEIESQYASGLVTQGEKYNKVIDLWSKANDEVSKAMMANLSKEKVVDREGKEVDQESF
NSMYMMADSGARGSAAQIRQLAGMRGLMAKPDGSIIETPITANFREGLNVLQYFISTHGARKGLADTALKTANSGYLTRR
LVDVAQDLVVTEIDCGTEHGLLMSPHIEGGDVVEPLGERVLGRVIARDVFKPGSDEVIVPAGTLIDEKWVDFLEVMSVDE
VVVRSPITCETRHGICAMCYGRDLARGHRVNIGEAVGVIAAQSIGEPGTQLTMRTFHIGGAASRTSAADNVQVKNGGTIR
LHNLKHVVRADGALVAVSRSGELAVADDFGRERERYKLPYGAVISVKEGDKVDPGAIVAKWDPHTHPIVTEVDGTVAFVG
MEEGITVKRQTDELTGLTNIEVMDPKDRPAAGKDIRPAVKLIDAAGKDLLLPGTDVPAQYFLPANALVNLTDGAKVSIGD
VVARIPQETSKTRDITGGLPRVADLFEARRPKEPSILAEISGTISFGKETKGKRRLVITPNDGSDPYEELIPKWRHLNVF
EGEQVNRGEVISDGPSNPHDILRLLGVSSLAKYIVNEIQDVYRLQGVKINDKHIETILRQMLRKVEVSESGDSSFIKGDQ
VELTQVLEENEQLGTEDKFPAKYERVLLGITKASLSTESFISAASFQETTRVLTEAAVTGKRDFLRGLKENVVVGRLIPA
GTGLAYHSERKRQRDLGKPQRVSASEAEAALTEALNSSGNGSGSWSHPQFEK
;
D
4 'polypeptide(L)'
;MARVTVEDCLDNVDNRFELVMLATKRARQLATGGKEPKVAWENDKPTVVALREIASGLVDENVVQQEDIVEDEPLFAAFD
DEANTEAL
;
E
5 'polypeptide(L)'
;GAMGMSEEELEQDELDGADEDDGEELAAADDGEADSGDGDEAPAPGKKAKAAVVEEELPSVEAKQKERDALAKAMEEFLS
RGGKVQEIEPNVVADPPKKPDSKYGSRPI
;
G
6 'polypeptide(L)'
;MALKKEGPEFDHDDEVLLLEPGIMLDESSADEQPSPRATPKATTSFSSKQHKHIDYTRALDATQLYLNEIGFSPLLTPEE
EVHFARLAQKGDPAGRKRMIESNLRLVVKIARRYVNRGLSLLDLIEEGNLGLIRAVEKFDPERGFRFSTYATWWIRQTIE
RAIMNQTRTIRLPIHVVKELNVYLRAARELTHKLDHEPSPEEIANLLEKPVAEVKRMLGLNERVTSVDVSLGPDSDKTLL
DTLTDDRPTDPCELLQDDDLSESIDQWLTELTDKQREVVIRRFGLRGHESSTLEEVGQEIGLTRERVRQIQVEALKRLRE
ILEKNGLSSDALFQLEHHHHHH
;
F
7 'polydeoxyribonucleotide'
;(DG)(DC)(DT)(DT)(DT)(DC)(DG)(DT)(DC)(DT)(DC)(DA)(DA)(DC)(DC)(DG)(DA)(DG)(DA)(DG)
(DG)(DC)(DC)(DG)(DC)(DG)(DC)(DA)(DT)(DT)(DC)(DT)(DA)(DC)(DA)(DG)(DC)(DA)(DT)(DC)
(DG)(DT)(DG)(DT)(DG)(DG)(DT)(DT)(DC)(DC)(DG)(DT)(DC)(DA)(DA)(DG)(DC)(DG)(DT)(DT)
(DA)(DT)(DT)(DT)(DT)(DC)(DG)(DA)(DA)(DA)
;
I
8 'polydeoxyribonucleotide'
;(DT)(DT)(DT)(DC)(DG)(DA)(DA)(DA)(DA)(DT)(DA)(DA)(DC)(DG)(DC)(DT)(DT)(DG)(DA)(DC)
(DG)(DG)(DA)(DA)(DC)(DC)(DA)(DC)(DA)(DC)(DG)(DA)(DT)(DG)(DC)(DT)(DG)(DT)(DA)(DG)
(DA)(DA)(DT)(DG)(DC)(DG)(DC)(DG)(DG)(DC)(DC)(DT)(DC)(DT)(DC)(DG)(DG)(DT)(DT)(DG)
(DA)(DG)(DA)(DC)(DG)(DA)(DA)(DA)(DG)(DC)
;
H
#
# COMPACT_ATOMS: atom_id res chain seq x y z
N PHE A 20 34.92 -37.82 -42.60
CA PHE A 20 33.68 -38.48 -42.98
C PHE A 20 33.72 -39.93 -42.49
N LEU A 21 33.65 -40.10 -41.17
CA LEU A 21 33.67 -41.41 -40.53
C LEU A 21 32.45 -41.55 -39.63
N THR A 22 31.92 -42.78 -39.56
CA THR A 22 30.79 -43.04 -38.67
C THR A 22 31.29 -43.55 -37.33
N PRO A 23 30.69 -43.11 -36.20
CA PRO A 23 31.12 -43.58 -34.89
C PRO A 23 30.70 -45.01 -34.61
N ARG A 24 31.65 -45.94 -34.65
CA ARG A 24 31.41 -47.34 -34.35
C ARG A 24 32.35 -47.79 -33.23
N HIS A 25 32.05 -48.98 -32.70
CA HIS A 25 32.83 -49.67 -31.67
C HIS A 25 32.96 -48.82 -30.40
N ILE A 26 31.81 -48.59 -29.77
CA ILE A 26 31.78 -47.80 -28.54
C ILE A 26 32.39 -48.60 -27.39
N ASP A 27 32.81 -47.87 -26.35
CA ASP A 27 33.43 -48.44 -25.17
C ASP A 27 32.70 -47.95 -23.93
N VAL A 28 32.14 -48.87 -23.17
CA VAL A 28 31.36 -48.54 -21.97
C VAL A 28 32.28 -48.72 -20.77
N GLN A 29 32.79 -47.61 -20.25
CA GLN A 29 33.65 -47.62 -19.06
C GLN A 29 32.75 -47.43 -17.84
N VAL A 30 32.49 -48.53 -17.13
CA VAL A 30 31.63 -48.51 -15.94
C VAL A 30 32.53 -48.44 -14.72
N VAL A 31 32.56 -47.27 -14.07
CA VAL A 31 33.38 -47.07 -12.87
C VAL A 31 32.58 -47.16 -11.59
N SER A 32 31.24 -47.12 -11.66
CA SER A 32 30.40 -47.22 -10.49
C SER A 32 29.02 -47.72 -10.93
N GLN A 33 28.18 -48.00 -9.93
CA GLN A 33 26.82 -48.47 -10.22
C GLN A 33 25.90 -47.34 -10.67
N THR A 34 26.27 -46.09 -10.43
CA THR A 34 25.51 -44.94 -10.93
C THR A 34 26.17 -44.33 -12.17
N ARG A 35 27.42 -43.92 -12.05
CA ARG A 35 28.11 -43.22 -13.15
C ARG A 35 28.80 -44.22 -14.06
N ALA A 36 28.80 -43.90 -15.36
CA ALA A 36 29.45 -44.74 -16.36
C ALA A 36 29.88 -43.85 -17.52
N LYS A 37 31.07 -44.13 -18.04
CA LYS A 37 31.64 -43.35 -19.14
C LYS A 37 31.50 -44.10 -20.45
N ILE A 38 31.17 -43.36 -21.51
CA ILE A 38 31.01 -43.93 -22.84
C ILE A 38 31.67 -43.00 -23.85
N THR A 39 32.66 -43.51 -24.58
CA THR A 39 33.33 -42.77 -25.65
C THR A 39 33.14 -43.55 -26.94
N LEU A 40 32.42 -42.96 -27.90
CA LEU A 40 32.10 -43.68 -29.13
C LEU A 40 33.27 -43.66 -30.10
N GLU A 41 33.65 -42.48 -30.58
CA GLU A 41 34.71 -42.32 -31.57
C GLU A 41 35.14 -40.86 -31.61
N PRO A 42 36.40 -40.59 -31.93
CA PRO A 42 36.82 -39.19 -32.09
C PRO A 42 36.25 -38.60 -33.37
N LEU A 43 35.60 -37.44 -33.24
CA LEU A 43 35.00 -36.76 -34.37
C LEU A 43 35.98 -35.74 -34.96
N GLU A 44 35.54 -35.02 -35.98
CA GLU A 44 36.39 -34.05 -36.65
C GLU A 44 36.40 -32.73 -35.88
N ARG A 45 37.05 -31.72 -36.47
CA ARG A 45 37.18 -30.42 -35.83
C ARG A 45 35.85 -29.67 -35.90
N GLY A 46 35.17 -29.56 -34.77
CA GLY A 46 33.91 -28.86 -34.68
C GLY A 46 32.70 -29.75 -34.53
N PHE A 47 32.86 -31.07 -34.61
CA PHE A 47 31.74 -31.99 -34.53
C PHE A 47 31.48 -32.51 -33.12
N GLY A 48 32.51 -32.60 -32.28
CA GLY A 48 32.37 -33.29 -31.00
C GLY A 48 31.45 -32.56 -30.03
N HIS A 49 31.60 -31.23 -29.95
CA HIS A 49 30.69 -30.42 -29.13
C HIS A 49 29.26 -30.50 -29.66
N THR A 50 29.12 -30.56 -30.98
CA THR A 50 27.79 -30.63 -31.61
C THR A 50 27.08 -31.93 -31.26
N LEU A 51 27.76 -33.06 -31.41
CA LEU A 51 27.13 -34.34 -31.09
C LEU A 51 26.92 -34.51 -29.59
N GLY A 52 27.86 -34.02 -28.77
CA GLY A 52 27.67 -34.09 -27.32
C GLY A 52 26.50 -33.26 -26.84
N ASN A 53 26.36 -32.04 -27.38
CA ASN A 53 25.25 -31.18 -27.01
C ASN A 53 23.92 -31.73 -27.52
N ALA A 54 23.89 -32.28 -28.73
CA ALA A 54 22.65 -32.84 -29.26
C ALA A 54 22.22 -34.08 -28.47
N LEU A 55 23.18 -34.95 -28.12
CA LEU A 55 22.87 -36.13 -27.34
C LEU A 55 22.42 -35.78 -25.93
N ARG A 56 23.03 -34.78 -25.30
CA ARG A 56 22.55 -34.42 -23.95
C ARG A 56 21.21 -33.69 -24.01
N ARG A 57 20.97 -32.90 -25.07
CA ARG A 57 19.68 -32.21 -25.23
C ARG A 57 18.55 -33.19 -25.47
N ILE A 58 18.82 -34.34 -26.09
CA ILE A 58 17.75 -35.30 -26.28
C ILE A 58 17.66 -36.30 -25.11
N LEU A 59 18.78 -36.60 -24.42
CA LEU A 59 18.68 -37.56 -23.32
C LEU A 59 18.10 -36.93 -22.07
N LEU A 60 18.31 -35.64 -21.85
CA LEU A 60 17.79 -35.01 -20.65
C LEU A 60 16.33 -34.59 -20.77
N SER A 61 15.70 -34.81 -21.92
CA SER A 61 14.33 -34.34 -22.12
C SER A 61 13.31 -35.28 -21.50
N SER A 62 13.22 -36.51 -22.02
CA SER A 62 12.22 -37.46 -21.55
C SER A 62 12.72 -38.86 -21.85
N MET A 63 12.87 -39.68 -20.82
CA MET A 63 13.26 -41.07 -20.94
C MET A 63 12.22 -41.93 -20.23
N PRO A 64 11.97 -43.15 -20.74
CA PRO A 64 10.95 -44.01 -20.10
C PRO A 64 11.40 -44.55 -18.75
N GLY A 65 10.83 -44.00 -17.68
CA GLY A 65 11.13 -44.43 -16.34
C GLY A 65 9.86 -44.83 -15.60
N CYS A 66 10.04 -45.32 -14.39
CA CYS A 66 8.94 -45.82 -13.57
C CYS A 66 8.95 -45.16 -12.20
N ALA A 67 7.77 -44.87 -11.68
CA ALA A 67 7.62 -44.28 -10.36
C ALA A 67 6.28 -44.72 -9.77
N VAL A 68 6.12 -44.45 -8.47
CA VAL A 68 4.89 -44.81 -7.78
C VAL A 68 3.87 -43.70 -8.01
N VAL A 69 2.89 -43.97 -8.86
CA VAL A 69 1.85 -43.00 -9.19
C VAL A 69 0.59 -43.18 -8.32
N GLU A 70 0.36 -44.40 -7.81
CA GLU A 70 -0.81 -44.67 -6.99
C GLU A 70 -0.37 -45.43 -5.75
N ALA A 71 -1.00 -45.13 -4.61
CA ALA A 71 -0.69 -45.80 -3.36
C ALA A 71 -1.94 -45.82 -2.50
N GLU A 72 -2.32 -47.01 -2.04
CA GLU A 72 -3.51 -47.21 -1.23
C GLU A 72 -3.12 -47.90 0.07
N ILE A 73 -3.41 -47.25 1.20
CA ILE A 73 -3.09 -47.78 2.52
C ILE A 73 -4.36 -48.29 3.16
N ASP A 74 -4.31 -49.51 3.70
CA ASP A 74 -5.47 -50.09 4.36
C ASP A 74 -5.58 -49.70 5.83
N GLY A 75 -4.54 -49.09 6.40
CA GLY A 75 -4.57 -48.69 7.78
C GLY A 75 -5.12 -47.29 8.00
N VAL A 76 -4.75 -46.36 7.12
CA VAL A 76 -5.21 -44.98 7.17
C VAL A 76 -5.93 -44.69 5.86
N LEU A 77 -7.01 -43.91 5.94
CA LEU A 77 -7.84 -43.67 4.76
C LEU A 77 -7.17 -42.69 3.80
N HIS A 78 -6.66 -41.58 4.31
CA HIS A 78 -5.96 -40.59 3.50
C HIS A 78 -4.46 -40.67 3.79
N GLU A 79 -3.71 -39.73 3.20
CA GLU A 79 -2.25 -39.77 3.24
C GLU A 79 -1.64 -38.74 4.18
N TYR A 80 -2.38 -38.27 5.18
CA TYR A 80 -1.87 -37.24 6.07
C TYR A 80 -1.87 -37.61 7.55
N SER A 81 -2.93 -38.26 8.05
CA SER A 81 -3.01 -38.58 9.47
C SER A 81 -2.13 -39.77 9.80
N ALA A 82 -1.48 -39.70 10.96
CA ALA A 82 -0.53 -40.72 11.39
C ALA A 82 -1.25 -41.94 11.95
N ILE A 83 -0.51 -43.05 12.00
CA ILE A 83 -1.00 -44.31 12.55
C ILE A 83 0.00 -44.83 13.57
N GLU A 84 -0.39 -45.90 14.26
CA GLU A 84 0.43 -46.49 15.30
C GLU A 84 1.45 -47.46 14.69
N GLY A 85 2.65 -47.49 15.26
CA GLY A 85 3.72 -48.35 14.83
C GLY A 85 4.69 -47.71 13.87
N VAL A 86 4.22 -46.78 13.04
CA VAL A 86 5.06 -46.14 12.04
C VAL A 86 5.71 -44.91 12.66
N GLN A 87 7.04 -44.84 12.55
CA GLN A 87 7.77 -43.71 13.11
C GLN A 87 7.63 -42.46 12.22
N GLU A 88 7.81 -42.61 10.92
CA GLU A 88 7.74 -41.49 10.01
C GLU A 88 6.29 -41.10 9.74
N ASP A 89 6.12 -39.91 9.17
CA ASP A 89 4.81 -39.41 8.79
C ASP A 89 4.42 -40.03 7.44
N VAL A 90 3.12 -39.97 7.12
CA VAL A 90 2.65 -40.53 5.87
C VAL A 90 3.13 -39.70 4.68
N ILE A 91 3.31 -38.38 4.87
CA ILE A 91 3.97 -37.56 3.87
C ILE A 91 5.40 -38.03 3.65
N GLU A 92 6.10 -38.40 4.72
CA GLU A 92 7.46 -38.90 4.60
C GLU A 92 7.51 -40.25 3.91
N ILE A 93 6.50 -41.11 4.16
CA ILE A 93 6.57 -42.43 3.53
C ILE A 93 6.16 -42.35 2.06
N LEU A 94 5.27 -41.41 1.68
CA LEU A 94 4.99 -41.24 0.25
C LEU A 94 6.14 -40.54 -0.46
N LEU A 95 6.89 -39.69 0.26
CA LEU A 95 8.10 -39.11 -0.30
C LEU A 95 9.18 -40.16 -0.52
N ASN A 96 9.30 -41.11 0.42
CA ASN A 96 10.25 -42.21 0.25
C ASN A 96 9.81 -43.16 -0.87
N LEU A 97 8.51 -43.31 -1.07
CA LEU A 97 8.04 -44.14 -2.19
C LEU A 97 8.26 -43.46 -3.53
N LYS A 98 8.02 -42.15 -3.63
CA LYS A 98 8.26 -41.47 -4.91
C LYS A 98 9.73 -41.21 -5.16
N GLY A 99 10.58 -41.27 -4.14
CA GLY A 99 12.01 -41.21 -4.31
C GLY A 99 12.69 -42.55 -4.50
N LEU A 100 11.91 -43.61 -4.78
CA LEU A 100 12.45 -44.95 -4.92
C LEU A 100 12.69 -45.27 -6.39
N ALA A 101 13.85 -45.87 -6.68
CA ALA A 101 14.20 -46.28 -8.03
C ALA A 101 13.71 -47.70 -8.27
N ILE A 102 12.88 -47.87 -9.30
CA ILE A 102 12.27 -49.16 -9.62
C ILE A 102 12.49 -49.46 -11.10
N LYS A 103 12.75 -50.72 -11.41
CA LYS A 103 13.01 -51.17 -12.77
C LYS A 103 11.91 -52.10 -13.23
N LEU A 104 11.31 -51.78 -14.37
CA LEU A 104 10.29 -52.62 -15.00
C LEU A 104 10.73 -52.98 -16.41
N HIS A 105 10.58 -54.25 -16.78
CA HIS A 105 11.11 -54.75 -18.04
C HIS A 105 10.08 -54.69 -19.16
N GLY A 106 8.95 -55.38 -19.00
CA GLY A 106 7.98 -55.46 -20.06
C GLY A 106 6.54 -55.34 -19.61
N ARG A 107 6.31 -54.63 -18.50
CA ARG A 107 4.98 -54.42 -17.98
C ARG A 107 4.78 -52.93 -17.67
N ASP A 108 3.60 -52.42 -17.98
CA ASP A 108 3.31 -51.01 -17.72
C ASP A 108 2.91 -50.79 -16.26
N GLU A 109 1.91 -51.53 -15.80
CA GLU A 109 1.40 -51.38 -14.44
C GLU A 109 1.49 -52.73 -13.73
N VAL A 110 2.01 -52.71 -12.50
CA VAL A 110 2.12 -53.91 -11.68
C VAL A 110 1.81 -53.55 -10.24
N THR A 111 1.04 -54.40 -9.57
CA THR A 111 0.62 -54.16 -8.19
C THR A 111 1.61 -54.81 -7.23
N LEU A 112 2.13 -54.00 -6.30
CA LEU A 112 3.07 -54.47 -5.30
C LEU A 112 2.47 -54.29 -3.91
N THR A 113 2.97 -55.08 -2.96
CA THR A 113 2.49 -55.06 -1.59
C THR A 113 3.64 -54.75 -0.65
N LEU A 114 3.29 -54.36 0.58
CA LEU A 114 4.26 -54.04 1.61
C LEU A 114 3.64 -54.29 2.96
N ALA A 115 4.23 -55.19 3.74
CA ALA A 115 3.74 -55.53 5.07
C ALA A 115 4.88 -56.06 5.91
N LYS A 116 5.00 -55.56 7.14
CA LYS A 116 6.07 -55.97 8.04
C LYS A 116 5.60 -55.80 9.46
N LYS A 117 5.87 -56.80 10.31
CA LYS A 117 5.48 -56.79 11.70
C LYS A 117 6.71 -57.03 12.57
N GLY A 118 6.89 -56.21 13.60
CA GLY A 118 8.00 -56.33 14.52
C GLY A 118 8.75 -55.02 14.66
N SER A 119 9.59 -54.99 15.71
CA SER A 119 10.41 -53.82 16.02
C SER A 119 11.69 -53.90 15.20
N GLY A 120 11.59 -53.53 13.94
CA GLY A 120 12.73 -53.54 13.04
C GLY A 120 12.52 -52.61 11.88
N VAL A 121 13.63 -52.08 11.36
CA VAL A 121 13.56 -51.18 10.22
C VAL A 121 13.27 -51.95 8.95
N VAL A 122 12.76 -51.24 7.94
CA VAL A 122 12.40 -51.82 6.65
C VAL A 122 13.16 -51.09 5.57
N THR A 123 13.78 -51.85 4.66
CA THR A 123 14.54 -51.32 3.54
C THR A 123 13.86 -51.73 2.24
N ALA A 124 14.45 -51.29 1.12
CA ALA A 124 13.84 -51.50 -0.19
C ALA A 124 13.88 -52.95 -0.64
N ALA A 125 14.72 -53.79 -0.03
CA ALA A 125 14.76 -55.21 -0.36
C ALA A 125 13.62 -56.00 0.26
N ASP A 126 12.87 -55.42 1.20
CA ASP A 126 11.78 -56.11 1.85
C ASP A 126 10.51 -56.17 1.02
N ILE A 127 10.43 -55.42 -0.07
CA ILE A 127 9.25 -55.44 -0.94
C ILE A 127 9.26 -56.71 -1.76
N GLN A 128 8.09 -57.36 -1.86
CA GLN A 128 7.96 -58.60 -2.61
C GLN A 128 8.01 -58.32 -4.10
N LEU A 129 9.13 -58.66 -4.73
CA LEU A 129 9.30 -58.43 -6.16
C LEU A 129 8.71 -59.60 -6.96
N ASP A 130 8.93 -59.56 -8.27
CA ASP A 130 8.42 -60.58 -9.17
C ASP A 130 9.49 -60.87 -10.22
N HIS A 131 9.10 -61.59 -11.28
CA HIS A 131 10.04 -61.91 -12.34
C HIS A 131 10.33 -60.71 -13.24
N ASP A 132 9.43 -59.74 -13.28
CA ASP A 132 9.62 -58.53 -14.07
C ASP A 132 9.85 -57.29 -13.23
N VAL A 133 9.78 -57.41 -11.90
CA VAL A 133 10.00 -56.29 -10.99
C VAL A 133 11.37 -56.48 -10.34
N GLU A 134 12.25 -55.51 -10.55
CA GLU A 134 13.62 -55.56 -10.04
C GLU A 134 13.88 -54.35 -9.15
N ILE A 135 14.53 -54.59 -8.02
CA ILE A 135 14.88 -53.54 -7.06
C ILE A 135 16.36 -53.24 -7.20
N ILE A 136 16.71 -51.96 -7.18
CA ILE A 136 18.08 -51.52 -7.41
C ILE A 136 18.76 -51.20 -6.09
N ASN A 137 18.24 -50.21 -5.37
CA ASN A 137 18.85 -49.76 -4.13
C ASN A 137 18.49 -50.67 -2.96
N GLY A 138 19.40 -50.77 -2.01
CA GLY A 138 19.18 -51.56 -0.82
C GLY A 138 19.52 -50.81 0.45
N ASP A 139 20.17 -49.65 0.29
CA ASP A 139 20.51 -48.80 1.42
C ASP A 139 19.47 -47.72 1.70
N HIS A 140 18.51 -47.53 0.81
CA HIS A 140 17.44 -46.56 1.02
C HIS A 140 16.46 -47.11 2.06
N VAL A 141 16.48 -46.53 3.25
CA VAL A 141 15.59 -46.97 4.32
C VAL A 141 14.17 -46.52 4.01
N ILE A 142 13.21 -47.46 4.10
CA ILE A 142 11.83 -47.14 3.81
C ILE A 142 11.16 -46.47 5.01
N ALA A 143 11.16 -47.15 6.16
CA ALA A 143 10.51 -46.63 7.36
C ALA A 143 11.14 -47.27 8.58
N ASN A 144 10.67 -46.85 9.75
CA ASN A 144 11.09 -47.41 11.02
C ASN A 144 9.85 -47.87 11.79
N LEU A 145 9.87 -49.09 12.29
CA LEU A 145 8.73 -49.69 12.95
C LEU A 145 8.95 -49.79 14.45
N ALA A 146 7.92 -50.25 15.16
CA ALA A 146 7.99 -50.42 16.60
C ALA A 146 7.08 -51.59 16.99
N ASP A 147 6.99 -51.84 18.29
CA ASP A 147 6.17 -52.93 18.80
C ASP A 147 4.74 -52.51 19.12
N ASN A 148 4.37 -51.26 18.86
CA ASN A 148 3.02 -50.80 19.14
C ASN A 148 2.04 -51.22 18.04
N GLY A 149 2.39 -50.94 16.79
CA GLY A 149 1.54 -51.30 15.67
C GLY A 149 2.31 -51.67 14.43
N ALA A 150 1.61 -51.85 13.31
CA ALA A 150 2.24 -52.20 12.05
C ALA A 150 1.56 -51.40 10.93
N LEU A 151 2.06 -51.58 9.71
CA LEU A 151 1.52 -50.90 8.55
C LEU A 151 1.19 -51.92 7.46
N ASN A 152 0.29 -51.53 6.57
CA ASN A 152 -0.11 -52.38 5.45
C ASN A 152 -0.62 -51.49 4.33
N MET A 153 0.04 -51.55 3.18
CA MET A 153 -0.35 -50.73 2.04
C MET A 153 0.01 -51.45 0.75
N LYS A 154 -0.65 -51.05 -0.32
CA LYS A 154 -0.43 -51.61 -1.65
C LYS A 154 0.21 -50.56 -2.56
N LEU A 155 1.12 -51.00 -3.41
CA LEU A 155 1.87 -50.12 -4.30
C LEU A 155 1.44 -50.38 -5.74
N LYS A 156 1.06 -49.32 -6.44
CA LYS A 156 0.66 -49.39 -7.85
C LYS A 156 1.52 -48.41 -8.62
N VAL A 157 2.45 -48.93 -9.42
CA VAL A 157 3.40 -48.11 -10.14
C VAL A 157 3.06 -48.12 -11.63
N ALA A 158 3.66 -47.21 -12.38
CA ALA A 158 3.41 -47.13 -13.81
C ALA A 158 4.65 -46.57 -14.49
N ARG A 159 4.75 -46.82 -15.80
CA ARG A 159 5.86 -46.36 -16.63
C ARG A 159 5.35 -45.24 -17.53
N GLY A 160 5.85 -44.03 -17.31
CA GLY A 160 5.43 -42.88 -18.09
C GLY A 160 6.54 -42.31 -18.95
N ARG A 161 6.16 -41.48 -19.92
CA ARG A 161 7.13 -40.87 -20.83
C ARG A 161 7.67 -39.56 -20.25
N GLY A 162 6.78 -38.61 -19.96
CA GLY A 162 7.20 -37.34 -19.37
C GLY A 162 6.54 -37.10 -18.03
N TYR A 163 6.67 -35.87 -17.52
CA TYR A 163 6.09 -35.54 -16.23
C TYR A 163 4.57 -35.42 -16.33
N GLU A 164 3.87 -36.09 -15.41
CA GLU A 164 2.43 -36.08 -15.38
C GLU A 164 1.93 -35.88 -13.96
N PRO A 165 1.27 -34.77 -13.66
CA PRO A 165 0.79 -34.52 -12.29
C PRO A 165 -0.46 -35.32 -11.99
N ALA A 166 -0.87 -35.27 -10.72
CA ALA A 166 -2.07 -35.97 -10.30
C ALA A 166 -3.34 -35.25 -10.74
N ASP A 167 -3.25 -33.93 -10.97
CA ASP A 167 -4.42 -33.17 -11.39
C ASP A 167 -4.75 -33.40 -12.86
N ALA A 168 -3.74 -33.52 -13.72
CA ALA A 168 -3.99 -33.75 -15.14
C ALA A 168 -4.28 -35.22 -15.43
N ARG A 169 -3.59 -36.13 -14.74
CA ARG A 169 -3.79 -37.55 -14.96
C ARG A 169 -4.79 -38.12 -13.96
N SER A 178 -13.17 -45.10 -6.05
CA SER A 178 -13.69 -45.28 -4.70
C SER A 178 -13.21 -44.16 -3.79
N ILE A 179 -13.06 -44.46 -2.50
CA ILE A 179 -12.61 -43.49 -1.52
C ILE A 179 -11.18 -43.74 -1.05
N GLY A 180 -10.65 -44.94 -1.23
CA GLY A 180 -9.29 -45.25 -0.85
C GLY A 180 -8.24 -44.97 -1.91
N ARG A 181 -8.66 -44.55 -3.10
CA ARG A 181 -7.73 -44.26 -4.18
C ARG A 181 -7.05 -42.92 -3.93
N LEU A 182 -5.73 -42.95 -3.72
CA LEU A 182 -4.95 -41.76 -3.44
C LEU A 182 -3.96 -41.54 -4.58
N GLN A 183 -4.11 -40.43 -5.29
CA GLN A 183 -3.28 -40.15 -6.45
C GLN A 183 -1.97 -39.49 -6.03
N LEU A 184 -0.91 -39.82 -6.76
CA LEU A 184 0.40 -39.23 -6.55
C LEU A 184 0.97 -38.77 -7.88
N ASP A 185 1.96 -37.89 -7.81
CA ASP A 185 2.57 -37.34 -9.01
C ASP A 185 3.64 -38.27 -9.56
N ALA A 186 3.80 -38.25 -10.89
CA ALA A 186 4.83 -39.05 -11.55
C ALA A 186 6.18 -38.39 -11.35
N SER A 187 7.06 -39.04 -10.59
CA SER A 187 8.33 -38.46 -10.18
C SER A 187 9.49 -39.40 -10.47
N PHE A 188 9.52 -39.95 -11.68
CA PHE A 188 10.64 -40.80 -12.08
C PHE A 188 11.78 -39.96 -12.65
N SER A 189 13.00 -40.42 -12.42
CA SER A 189 14.20 -39.73 -12.89
C SER A 189 15.15 -40.77 -13.48
N PRO A 190 15.05 -41.04 -14.78
CA PRO A 190 15.92 -42.05 -15.39
C PRO A 190 17.36 -41.61 -15.55
N VAL A 191 17.63 -40.30 -15.54
CA VAL A 191 18.99 -39.79 -15.66
C VAL A 191 19.08 -38.48 -14.89
N ARG A 192 20.17 -38.32 -14.12
CA ARG A 192 20.32 -37.18 -13.23
C ARG A 192 21.47 -36.27 -13.64
N ARG A 193 22.68 -36.79 -13.76
CA ARG A 193 23.88 -35.97 -13.95
C ARG A 193 24.63 -36.43 -15.19
N VAL A 194 24.68 -35.57 -16.21
CA VAL A 194 25.42 -35.84 -17.44
C VAL A 194 26.18 -34.58 -17.86
N SER A 195 27.30 -34.79 -18.54
CA SER A 195 28.07 -33.73 -19.19
C SER A 195 28.93 -34.36 -20.28
N TYR A 196 29.76 -33.54 -20.92
CA TYR A 196 30.64 -34.00 -21.98
C TYR A 196 31.99 -33.31 -21.85
N VAL A 197 33.07 -34.08 -21.96
CA VAL A 197 34.43 -33.57 -21.86
C VAL A 197 35.15 -33.90 -23.16
N VAL A 198 35.62 -32.88 -23.86
CA VAL A 198 36.29 -33.06 -25.14
C VAL A 198 37.78 -33.26 -24.91
N GLU A 199 38.41 -34.01 -25.81
CA GLU A 199 39.85 -34.25 -25.77
C GLU A 199 40.39 -34.12 -27.19
N ASN A 200 41.63 -34.55 -27.38
CA ASN A 200 42.28 -34.55 -28.69
C ASN A 200 42.91 -35.91 -28.91
N ALA A 201 42.50 -36.61 -29.96
CA ALA A 201 43.00 -37.92 -30.30
C ALA A 201 43.68 -37.89 -31.66
N ARG A 202 44.09 -39.07 -32.13
CA ARG A 202 44.76 -39.19 -33.43
C ARG A 202 44.56 -40.60 -33.94
N VAL A 203 43.86 -40.73 -35.07
CA VAL A 203 43.65 -42.02 -35.72
C VAL A 203 44.26 -42.04 -37.12
N GLU A 204 45.20 -41.12 -37.37
CA GLU A 204 46.01 -41.03 -38.60
C GLU A 204 45.14 -40.85 -39.85
N GLN A 205 44.14 -39.96 -39.76
CA GLN A 205 43.33 -39.60 -40.91
C GLN A 205 43.13 -38.10 -41.07
N ARG A 206 43.34 -37.29 -40.04
CA ARG A 206 43.14 -35.85 -40.13
C ARG A 206 44.08 -35.18 -39.14
N THR A 207 43.87 -33.88 -38.91
CA THR A 207 44.70 -33.11 -38.00
C THR A 207 44.14 -33.12 -36.58
N ASN A 208 42.90 -32.67 -36.42
CA ASN A 208 42.25 -32.58 -35.12
C ASN A 208 41.17 -33.65 -35.01
N LEU A 209 41.33 -34.55 -34.04
CA LEU A 209 40.37 -35.61 -33.77
C LEU A 209 39.86 -35.43 -32.34
N ASP A 210 38.63 -34.95 -32.20
CA ASP A 210 38.07 -34.62 -30.89
C ASP A 210 37.16 -35.77 -30.43
N LYS A 211 37.55 -36.43 -29.35
CA LYS A 211 36.76 -37.48 -28.73
C LYS A 211 36.04 -36.92 -27.51
N LEU A 212 34.89 -37.54 -27.19
CA LEU A 212 34.03 -37.07 -26.12
C LEU A 212 33.84 -38.19 -25.09
N VAL A 213 33.76 -37.78 -23.83
CA VAL A 213 33.48 -38.69 -22.71
C VAL A 213 32.15 -38.27 -22.10
N LEU A 214 31.22 -39.21 -21.99
CA LEU A 214 29.87 -38.94 -21.51
C LEU A 214 29.65 -39.71 -20.21
N ASP A 215 29.55 -38.98 -19.11
CA ASP A 215 29.33 -39.57 -17.78
C ASP A 215 27.83 -39.64 -17.49
N LEU A 216 27.22 -40.75 -17.86
CA LEU A 216 25.80 -40.99 -17.62
C LEU A 216 25.62 -41.52 -16.20
N GLU A 217 25.02 -40.71 -15.34
CA GLU A 217 24.71 -41.11 -13.96
C GLU A 217 23.21 -41.36 -13.87
N THR A 218 22.84 -42.62 -13.68
CA THR A 218 21.44 -43.03 -13.60
C THR A 218 21.18 -43.64 -12.22
N ASN A 219 19.95 -44.08 -12.00
CA ASN A 219 19.54 -44.71 -10.75
C ASN A 219 19.45 -46.23 -10.87
N GLY A 220 20.01 -46.81 -11.92
CA GLY A 220 20.02 -48.24 -12.11
C GLY A 220 18.74 -48.83 -12.67
N THR A 221 17.74 -48.01 -12.98
CA THR A 221 16.47 -48.51 -13.48
C THR A 221 16.54 -48.95 -14.95
N LEU A 222 17.56 -48.51 -15.69
CA LEU A 222 17.66 -48.84 -17.10
C LEU A 222 19.13 -48.84 -17.51
N ASP A 223 19.41 -49.50 -18.62
CA ASP A 223 20.76 -49.57 -19.17
C ASP A 223 21.10 -48.26 -19.87
N PRO A 224 22.33 -47.75 -19.70
CA PRO A 224 22.71 -46.53 -20.42
C PRO A 224 22.82 -46.72 -21.93
N GLU A 225 23.27 -47.89 -22.37
CA GLU A 225 23.29 -48.18 -23.81
C GLU A 225 21.87 -48.27 -24.37
N GLU A 226 20.94 -48.84 -23.59
CA GLU A 226 19.55 -48.88 -24.01
C GLU A 226 18.93 -47.48 -24.02
N ALA A 227 19.38 -46.61 -23.11
CA ALA A 227 18.90 -45.23 -23.13
C ALA A 227 19.43 -44.47 -24.35
N ILE A 228 20.68 -44.75 -24.74
CA ILE A 228 21.25 -44.16 -25.95
C ILE A 228 20.51 -44.67 -27.19
N ARG A 229 20.16 -45.96 -27.20
CA ARG A 229 19.38 -46.52 -28.30
C ARG A 229 17.97 -45.93 -28.36
N ARG A 230 17.38 -45.68 -27.19
CA ARG A 230 16.06 -45.06 -27.14
C ARG A 230 16.10 -43.63 -27.66
N ALA A 231 17.13 -42.86 -27.26
CA ALA A 231 17.30 -41.50 -27.79
C ALA A 231 17.62 -41.51 -29.28
N ALA A 232 18.30 -42.56 -29.77
CA ALA A 232 18.54 -42.71 -31.19
C ALA A 232 17.24 -42.94 -31.95
N THR A 233 16.34 -43.76 -31.38
CA THR A 233 15.04 -43.98 -32.02
C THR A 233 14.18 -42.71 -31.99
N ILE A 234 14.27 -41.94 -30.91
CA ILE A 234 13.54 -40.67 -30.83
C ILE A 234 14.06 -39.67 -31.87
N LEU A 235 15.40 -39.57 -32.02
CA LEU A 235 15.92 -38.61 -32.99
C LEU A 235 15.66 -39.05 -34.43
N GLN A 236 15.68 -40.36 -34.70
CA GLN A 236 15.36 -40.79 -36.06
C GLN A 236 13.87 -40.65 -36.37
N GLN A 237 13.00 -40.88 -35.39
CA GLN A 237 11.57 -40.66 -35.59
C GLN A 237 11.21 -39.18 -35.66
N GLN A 238 12.03 -38.31 -35.07
CA GLN A 238 11.80 -36.87 -35.15
C GLN A 238 12.37 -36.25 -36.41
N LEU A 239 13.46 -36.81 -36.96
CA LEU A 239 14.08 -36.25 -38.15
C LEU A 239 13.73 -37.01 -39.43
N ALA A 240 12.93 -38.07 -39.34
CA ALA A 240 12.42 -38.69 -40.56
C ALA A 240 11.38 -37.83 -41.26
N ALA A 241 10.71 -36.93 -40.54
CA ALA A 241 9.73 -36.05 -41.16
C ALA A 241 10.37 -34.91 -41.92
N PHE A 242 11.53 -34.44 -41.46
CA PHE A 242 12.24 -33.36 -42.14
C PHE A 242 12.90 -33.86 -43.42
N ASN B 18 3.89 -45.86 -22.61
CA ASN B 18 5.07 -45.34 -23.29
C ASN B 18 4.82 -45.18 -24.78
N GLU B 19 4.09 -44.13 -25.14
CA GLU B 19 3.76 -43.83 -26.53
C GLU B 19 4.30 -42.45 -26.87
N PHE B 20 5.19 -42.38 -27.86
CA PHE B 20 5.76 -41.12 -28.30
C PHE B 20 4.94 -40.53 -29.43
N LEU B 21 4.97 -39.20 -29.52
CA LEU B 21 4.21 -38.47 -30.53
C LEU B 21 5.05 -38.32 -31.79
N THR B 22 4.49 -38.72 -32.93
CA THR B 22 5.18 -38.62 -34.20
C THR B 22 4.89 -37.26 -34.84
N PRO B 23 5.90 -36.45 -35.14
CA PRO B 23 5.64 -35.15 -35.75
C PRO B 23 5.34 -35.26 -37.23
N ARG B 24 4.50 -34.34 -37.71
CA ARG B 24 4.09 -34.29 -39.11
C ARG B 24 4.26 -32.87 -39.63
N HIS B 25 4.89 -32.74 -40.80
CA HIS B 25 5.05 -31.43 -41.42
C HIS B 25 3.72 -30.97 -42.01
N ILE B 26 3.16 -29.89 -41.46
CA ILE B 26 1.86 -29.41 -41.87
C ILE B 26 1.99 -28.42 -43.02
N ASP B 27 2.68 -27.31 -42.78
CA ASP B 27 2.85 -26.26 -43.76
C ASP B 27 4.32 -25.86 -43.88
N VAL B 28 4.64 -25.23 -45.00
CA VAL B 28 5.98 -24.70 -45.24
C VAL B 28 5.86 -23.34 -45.91
N GLN B 29 6.04 -22.27 -45.13
CA GLN B 29 5.90 -20.91 -45.64
C GLN B 29 7.16 -20.52 -46.39
N VAL B 30 7.07 -20.47 -47.72
CA VAL B 30 8.19 -20.09 -48.58
C VAL B 30 7.91 -18.70 -49.12
N VAL B 31 8.82 -17.76 -48.83
CA VAL B 31 8.68 -16.39 -49.32
C VAL B 31 9.60 -16.08 -50.49
N SER B 32 10.72 -16.78 -50.63
CA SER B 32 11.63 -16.57 -51.75
C SER B 32 12.45 -17.84 -51.95
N GLN B 33 13.27 -17.83 -53.01
CA GLN B 33 14.09 -18.99 -53.32
C GLN B 33 15.30 -19.12 -52.39
N THR B 34 15.70 -18.04 -51.73
CA THR B 34 16.84 -18.06 -50.82
C THR B 34 16.44 -17.92 -49.37
N ARG B 35 15.15 -17.77 -49.07
CA ARG B 35 14.67 -17.63 -47.69
C ARG B 35 13.35 -18.38 -47.56
N ALA B 36 13.32 -19.34 -46.64
CA ALA B 36 12.12 -20.13 -46.38
C ALA B 36 11.81 -20.09 -44.89
N LYS B 37 10.64 -20.60 -44.53
CA LYS B 37 10.18 -20.60 -43.13
C LYS B 37 9.31 -21.84 -42.94
N ILE B 38 9.90 -22.89 -42.39
CA ILE B 38 9.19 -24.14 -42.15
C ILE B 38 8.75 -24.17 -40.69
N THR B 39 7.73 -24.98 -40.40
CA THR B 39 7.20 -25.09 -39.06
C THR B 39 6.92 -26.55 -38.73
N LEU B 40 6.68 -26.81 -37.44
CA LEU B 40 6.36 -28.15 -36.97
C LEU B 40 5.40 -28.01 -35.78
N GLU B 41 4.10 -28.18 -36.05
CA GLU B 41 3.10 -28.01 -34.99
C GLU B 41 3.10 -29.16 -33.97
N PRO B 42 2.83 -30.46 -34.36
CA PRO B 42 2.63 -31.47 -33.30
C PRO B 42 3.96 -31.97 -32.75
N LEU B 43 4.25 -31.59 -31.51
CA LEU B 43 5.48 -31.98 -30.84
C LEU B 43 5.18 -32.27 -29.38
N GLU B 44 6.21 -32.69 -28.64
CA GLU B 44 6.09 -32.93 -27.21
C GLU B 44 6.56 -31.70 -26.44
N ARG B 45 6.72 -31.84 -25.13
CA ARG B 45 7.09 -30.71 -24.28
C ARG B 45 8.55 -30.31 -24.49
N GLY B 46 9.47 -31.23 -24.24
CA GLY B 46 10.90 -30.95 -24.32
C GLY B 46 11.58 -31.41 -25.57
N PHE B 47 10.84 -31.90 -26.58
CA PHE B 47 11.45 -32.34 -27.82
C PHE B 47 11.51 -31.24 -28.87
N GLY B 48 10.61 -30.24 -28.79
CA GLY B 48 10.58 -29.21 -29.81
C GLY B 48 11.78 -28.30 -29.77
N HIS B 49 12.11 -27.75 -28.59
CA HIS B 49 13.30 -26.93 -28.44
C HIS B 49 14.57 -27.77 -28.63
N THR B 50 14.52 -29.05 -28.28
CA THR B 50 15.66 -29.94 -28.49
C THR B 50 15.98 -30.10 -29.97
N LEU B 51 14.97 -30.46 -30.78
CA LEU B 51 15.16 -30.62 -32.21
C LEU B 51 15.48 -29.30 -32.89
N GLY B 52 14.87 -28.20 -32.44
CA GLY B 52 15.17 -26.90 -33.04
C GLY B 52 16.58 -26.42 -32.76
N ASN B 53 17.05 -26.58 -31.51
CA ASN B 53 18.40 -26.17 -31.18
C ASN B 53 19.44 -27.10 -31.79
N ALA B 54 19.12 -28.40 -31.90
CA ALA B 54 20.03 -29.34 -32.56
C ALA B 54 20.13 -29.04 -34.05
N LEU B 55 19.02 -28.68 -34.69
CA LEU B 55 19.05 -28.33 -36.10
C LEU B 55 19.81 -27.02 -36.32
N ARG B 56 19.60 -26.03 -35.44
CA ARG B 56 20.36 -24.79 -35.51
C ARG B 56 21.85 -25.03 -35.32
N ARG B 57 22.21 -25.95 -34.41
CA ARG B 57 23.61 -26.27 -34.17
C ARG B 57 24.25 -26.98 -35.36
N ILE B 58 23.55 -27.93 -35.97
CA ILE B 58 24.13 -28.63 -37.11
C ILE B 58 24.12 -27.80 -38.38
N LEU B 59 23.35 -26.70 -38.43
CA LEU B 59 23.58 -25.74 -39.50
C LEU B 59 24.70 -24.74 -39.20
N LEU B 60 24.86 -24.31 -37.95
CA LEU B 60 25.87 -23.29 -37.67
C LEU B 60 27.28 -23.86 -37.54
N SER B 61 27.42 -25.12 -37.12
CA SER B 61 28.73 -25.65 -36.79
C SER B 61 29.51 -26.04 -38.05
N SER B 62 28.99 -26.99 -38.81
CA SER B 62 29.73 -27.55 -39.94
C SER B 62 28.78 -27.99 -41.04
N MET B 63 29.24 -27.83 -42.28
CA MET B 63 28.53 -28.27 -43.48
C MET B 63 29.53 -28.42 -44.61
N PRO B 64 29.53 -29.54 -45.34
CA PRO B 64 30.52 -29.72 -46.40
C PRO B 64 30.21 -28.84 -47.61
N GLY B 65 31.21 -28.11 -48.06
CA GLY B 65 31.06 -27.23 -49.20
C GLY B 65 32.40 -26.79 -49.73
N CYS B 66 32.36 -25.77 -50.60
CA CYS B 66 33.55 -25.24 -51.25
C CYS B 66 33.60 -23.73 -51.07
N ALA B 67 34.80 -23.22 -50.80
CA ALA B 67 35.00 -21.79 -50.62
C ALA B 67 36.45 -21.45 -50.94
N VAL B 68 36.72 -20.16 -51.08
CA VAL B 68 38.05 -19.69 -51.43
C VAL B 68 38.95 -19.80 -50.21
N VAL B 69 40.03 -20.59 -50.34
CA VAL B 69 40.98 -20.78 -49.25
C VAL B 69 42.33 -20.13 -49.54
N GLU B 70 42.57 -19.66 -50.76
CA GLU B 70 43.82 -19.02 -51.11
C GLU B 70 43.54 -17.89 -52.09
N ALA B 71 44.26 -16.77 -51.92
CA ALA B 71 44.08 -15.61 -52.77
C ALA B 71 45.44 -14.98 -53.05
N GLU B 72 45.50 -14.23 -54.16
CA GLU B 72 46.72 -13.56 -54.56
C GLU B 72 46.37 -12.33 -55.38
N ILE B 73 47.06 -11.23 -55.11
CA ILE B 73 46.84 -9.98 -55.82
C ILE B 73 48.03 -9.70 -56.73
N ASP B 74 47.86 -8.73 -57.62
CA ASP B 74 48.90 -8.33 -58.58
C ASP B 74 49.43 -6.96 -58.18
N GLY B 75 50.70 -6.91 -57.81
CA GLY B 75 51.32 -5.67 -57.39
C GLY B 75 51.05 -5.26 -55.96
N VAL B 76 50.44 -6.13 -55.16
CA VAL B 76 50.15 -5.83 -53.76
C VAL B 76 50.52 -7.07 -52.95
N LEU B 77 51.63 -6.99 -52.21
CA LEU B 77 52.06 -8.12 -51.39
C LEU B 77 51.30 -8.18 -50.08
N HIS B 78 51.02 -7.03 -49.48
CA HIS B 78 50.29 -6.95 -48.23
C HIS B 78 48.88 -6.41 -48.48
N GLU B 79 48.06 -6.46 -47.42
CA GLU B 79 46.68 -5.99 -47.52
C GLU B 79 46.58 -4.47 -47.45
N TYR B 80 47.63 -3.79 -46.98
CA TYR B 80 47.60 -2.34 -46.86
C TYR B 80 48.03 -1.62 -48.13
N SER B 81 48.76 -2.30 -49.03
CA SER B 81 49.24 -1.68 -50.25
C SER B 81 48.11 -1.63 -51.29
N ALA B 82 47.72 -0.43 -51.69
CA ALA B 82 46.66 -0.26 -52.67
C ALA B 82 47.19 -0.45 -54.08
N ILE B 83 46.27 -0.60 -55.03
CA ILE B 83 46.60 -0.78 -56.43
C ILE B 83 45.96 0.35 -57.24
N GLU B 84 46.32 0.41 -58.52
CA GLU B 84 45.82 1.42 -59.44
C GLU B 84 44.98 0.76 -60.52
N GLY B 85 43.93 1.45 -60.95
CA GLY B 85 43.04 0.94 -61.97
C GLY B 85 41.64 0.63 -61.51
N VAL B 86 41.28 0.98 -60.27
CA VAL B 86 39.96 0.70 -59.72
C VAL B 86 39.52 1.89 -58.86
N GLN B 87 38.25 2.25 -58.96
CA GLN B 87 37.71 3.35 -58.15
C GLN B 87 37.62 2.98 -56.67
N GLU B 88 37.51 1.70 -56.35
CA GLU B 88 37.48 1.24 -54.98
C GLU B 88 38.91 0.94 -54.52
N ASP B 89 39.04 0.33 -53.34
CA ASP B 89 40.32 -0.08 -52.80
C ASP B 89 40.49 -1.59 -52.93
N VAL B 90 41.73 -2.05 -52.73
CA VAL B 90 42.02 -3.48 -52.79
C VAL B 90 41.39 -4.20 -51.61
N ILE B 91 41.15 -3.48 -50.50
CA ILE B 91 40.32 -3.99 -49.41
C ILE B 91 38.91 -4.28 -49.90
N GLU B 92 38.34 -3.37 -50.70
CA GLU B 92 37.01 -3.58 -51.25
C GLU B 92 36.99 -4.70 -52.27
N ILE B 93 38.06 -4.86 -53.06
CA ILE B 93 38.11 -5.96 -54.04
C ILE B 93 38.21 -7.31 -53.32
N LEU B 94 38.99 -7.39 -52.24
CA LEU B 94 39.11 -8.66 -51.54
C LEU B 94 37.83 -8.98 -50.77
N LEU B 95 37.16 -7.97 -50.20
CA LEU B 95 35.88 -8.21 -49.56
C LEU B 95 34.76 -8.49 -50.56
N ASN B 96 34.93 -8.06 -51.82
CA ASN B 96 33.97 -8.43 -52.85
C ASN B 96 34.18 -9.87 -53.31
N LEU B 97 35.43 -10.30 -53.49
CA LEU B 97 35.69 -11.67 -53.91
C LEU B 97 35.50 -12.67 -52.78
N LYS B 98 35.49 -12.21 -51.52
CA LYS B 98 35.19 -13.12 -50.42
C LYS B 98 33.73 -13.52 -50.36
N GLY B 99 32.83 -12.69 -50.89
CA GLY B 99 31.41 -12.91 -50.81
C GLY B 99 30.79 -13.77 -51.90
N LEU B 100 31.58 -14.59 -52.58
CA LEU B 100 31.07 -15.44 -53.64
C LEU B 100 30.67 -16.81 -53.07
N ALA B 101 29.82 -17.50 -53.83
CA ALA B 101 29.36 -18.84 -53.49
C ALA B 101 29.77 -19.80 -54.61
N ILE B 102 30.58 -20.78 -54.28
CA ILE B 102 31.13 -21.73 -55.26
C ILE B 102 30.79 -23.14 -54.80
N LYS B 103 30.18 -23.92 -55.69
CA LYS B 103 29.82 -25.31 -55.42
C LYS B 103 30.37 -26.19 -56.54
N LEU B 104 31.07 -27.26 -56.17
CA LEU B 104 31.62 -28.17 -57.14
C LEU B 104 31.67 -29.57 -56.54
N HIS B 105 31.74 -30.57 -57.41
CA HIS B 105 31.78 -31.97 -56.97
C HIS B 105 32.81 -32.82 -57.69
N GLY B 106 33.48 -32.32 -58.72
CA GLY B 106 34.42 -33.13 -59.48
C GLY B 106 35.78 -33.31 -58.81
N ARG B 107 36.51 -32.22 -58.65
CA ARG B 107 37.85 -32.25 -58.09
C ARG B 107 37.82 -31.82 -56.63
N ASP B 108 39.00 -31.66 -56.03
CA ASP B 108 39.14 -31.28 -54.63
C ASP B 108 39.76 -29.90 -54.46
N GLU B 109 40.85 -29.61 -55.19
CA GLU B 109 41.47 -28.29 -55.19
C GLU B 109 41.69 -27.87 -56.64
N VAL B 110 41.01 -26.79 -57.06
CA VAL B 110 41.25 -26.18 -58.36
C VAL B 110 41.61 -24.71 -58.15
N THR B 111 42.35 -24.17 -59.10
CA THR B 111 42.78 -22.77 -59.07
C THR B 111 42.07 -22.00 -60.15
N LEU B 112 41.43 -20.88 -59.76
CA LEU B 112 40.72 -20.03 -60.69
C LEU B 112 41.56 -18.81 -61.03
N THR B 113 41.52 -18.41 -62.31
CA THR B 113 42.28 -17.26 -62.79
C THR B 113 41.34 -16.28 -63.48
N LEU B 114 41.52 -15.00 -63.19
CA LEU B 114 40.72 -13.93 -63.80
C LEU B 114 41.66 -12.83 -64.27
N ALA B 115 41.57 -12.49 -65.55
CA ALA B 115 42.43 -11.47 -66.16
C ALA B 115 41.53 -10.51 -66.94
N LYS B 116 41.30 -9.33 -66.38
CA LYS B 116 40.47 -8.31 -67.02
C LYS B 116 41.17 -6.96 -66.90
N LYS B 117 41.36 -6.30 -68.04
CA LYS B 117 42.01 -4.99 -68.05
C LYS B 117 40.99 -3.86 -68.09
N VAL B 121 33.24 -2.00 -64.47
CA VAL B 121 32.45 -2.94 -63.69
C VAL B 121 32.52 -4.33 -64.31
N VAL B 122 33.05 -5.28 -63.55
CA VAL B 122 33.20 -6.65 -64.02
C VAL B 122 32.13 -7.52 -63.35
N THR B 123 31.96 -8.73 -63.86
CA THR B 123 30.99 -9.69 -63.34
C THR B 123 31.72 -10.91 -62.77
N ALA B 124 30.94 -11.77 -62.11
CA ALA B 124 31.47 -12.98 -61.52
C ALA B 124 31.62 -14.11 -62.52
N ALA B 125 30.97 -14.02 -63.68
CA ALA B 125 31.04 -15.04 -64.70
C ALA B 125 32.21 -14.86 -65.66
N ASP B 126 33.00 -13.80 -65.48
CA ASP B 126 34.14 -13.54 -66.35
C ASP B 126 35.38 -14.32 -65.96
N ILE B 127 35.35 -15.04 -64.84
CA ILE B 127 36.49 -15.84 -64.40
C ILE B 127 36.61 -17.08 -65.26
N GLN B 128 37.85 -17.43 -65.61
CA GLN B 128 38.09 -18.63 -66.41
C GLN B 128 37.86 -19.87 -65.55
N LEU B 129 36.90 -20.70 -65.96
CA LEU B 129 36.53 -21.89 -65.19
C LEU B 129 36.31 -23.05 -66.15
N ASP B 130 36.49 -24.26 -65.63
CA ASP B 130 36.25 -25.49 -66.37
C ASP B 130 34.86 -26.02 -66.06
N HIS B 131 34.57 -27.24 -66.53
CA HIS B 131 33.27 -27.86 -66.30
C HIS B 131 33.14 -28.50 -64.94
N ASP B 132 34.23 -28.57 -64.16
CA ASP B 132 34.17 -29.19 -62.84
C ASP B 132 33.48 -28.27 -61.83
N VAL B 133 33.81 -26.97 -61.86
CA VAL B 133 33.22 -26.00 -60.94
C VAL B 133 31.99 -25.38 -61.60
N GLU B 134 30.92 -25.25 -60.82
CA GLU B 134 29.66 -24.67 -61.29
C GLU B 134 29.42 -23.36 -60.56
N ILE B 135 29.40 -22.27 -61.31
CA ILE B 135 29.16 -20.95 -60.75
C ILE B 135 27.66 -20.73 -60.59
N ILE B 136 27.26 -20.20 -59.44
CA ILE B 136 25.84 -19.98 -59.15
C ILE B 136 25.55 -18.49 -59.18
N ASN B 137 26.23 -17.73 -58.32
CA ASN B 137 26.02 -16.28 -58.23
C ASN B 137 26.93 -15.61 -59.25
N GLY B 138 26.43 -15.46 -60.47
CA GLY B 138 27.18 -14.83 -61.54
C GLY B 138 26.97 -13.34 -61.70
N ASP B 139 25.96 -12.77 -61.04
CA ASP B 139 25.67 -11.36 -61.13
C ASP B 139 26.31 -10.54 -60.01
N HIS B 140 27.22 -11.14 -59.24
CA HIS B 140 27.88 -10.44 -58.16
C HIS B 140 29.00 -9.56 -58.71
N VAL B 141 29.00 -8.29 -58.32
CA VAL B 141 30.02 -7.35 -58.78
C VAL B 141 31.29 -7.56 -57.97
N ILE B 142 32.44 -7.55 -58.66
CA ILE B 142 33.75 -7.75 -58.03
C ILE B 142 34.55 -6.45 -58.02
N ALA B 143 34.82 -5.90 -59.20
CA ALA B 143 35.61 -4.69 -59.34
C ALA B 143 34.83 -3.64 -60.12
N ASN B 144 35.33 -2.41 -60.07
CA ASN B 144 34.73 -1.28 -60.78
C ASN B 144 35.81 -0.62 -61.62
N LEU B 145 35.67 -0.69 -62.94
CA LEU B 145 36.67 -0.12 -63.84
C LEU B 145 36.53 1.39 -63.86
N ALA B 146 37.65 2.09 -63.72
CA ALA B 146 37.66 3.55 -63.73
C ALA B 146 38.90 4.09 -64.42
N LEU B 151 44.12 -5.64 -63.95
CA LEU B 151 43.57 -6.31 -62.78
C LEU B 151 43.67 -7.82 -62.94
N ASN B 152 44.62 -8.42 -62.21
CA ASN B 152 44.86 -9.86 -62.27
C ASN B 152 44.85 -10.43 -60.85
N MET B 153 44.31 -11.63 -60.71
CA MET B 153 44.26 -12.29 -59.42
C MET B 153 44.28 -13.81 -59.63
N LYS B 154 44.72 -14.53 -58.61
CA LYS B 154 44.81 -15.98 -58.65
C LYS B 154 44.12 -16.53 -57.39
N LEU B 155 42.91 -17.03 -57.56
CA LEU B 155 42.13 -17.58 -56.46
C LEU B 155 42.11 -19.10 -56.52
N LYS B 156 42.13 -19.73 -55.36
CA LYS B 156 42.12 -21.19 -55.25
C LYS B 156 41.06 -21.61 -54.24
N VAL B 157 40.18 -22.51 -54.66
CA VAL B 157 39.13 -23.03 -53.80
C VAL B 157 39.49 -24.45 -53.39
N ALA B 158 38.83 -24.93 -52.33
CA ALA B 158 39.06 -26.26 -51.81
C ALA B 158 37.80 -26.73 -51.10
N ARG B 159 37.77 -28.02 -50.77
CA ARG B 159 36.67 -28.60 -50.01
C ARG B 159 36.92 -28.44 -48.52
N GLY B 160 35.87 -28.09 -47.78
CA GLY B 160 35.97 -27.92 -46.35
C GLY B 160 34.74 -28.39 -45.61
N ARG B 161 34.92 -29.30 -44.64
CA ARG B 161 33.81 -29.77 -43.85
C ARG B 161 33.40 -28.74 -42.81
N GLY B 162 34.38 -28.17 -42.10
CA GLY B 162 34.10 -27.13 -41.13
C GLY B 162 34.76 -25.83 -41.52
N TYR B 163 34.71 -24.84 -40.62
CA TYR B 163 35.32 -23.54 -40.90
C TYR B 163 36.84 -23.62 -40.72
N GLU B 164 37.57 -23.26 -41.77
CA GLU B 164 39.03 -23.25 -41.73
C GLU B 164 39.53 -21.82 -41.61
N PRO B 165 40.01 -21.39 -40.45
CA PRO B 165 40.47 -20.01 -40.28
C PRO B 165 41.87 -19.82 -40.87
N ALA B 166 42.34 -18.57 -40.79
CA ALA B 166 43.66 -18.24 -41.29
C ALA B 166 44.77 -18.46 -40.27
N ASP B 167 44.43 -18.45 -38.98
CA ASP B 167 45.45 -18.66 -37.95
C ASP B 167 45.80 -20.14 -37.80
N ALA B 168 44.79 -21.00 -37.77
CA ALA B 168 45.02 -22.44 -37.65
C ALA B 168 45.39 -23.02 -39.00
N ARG B 169 46.59 -23.58 -39.09
CA ARG B 169 47.17 -24.19 -40.30
C ARG B 169 47.18 -23.26 -41.50
N ARG B 181 47.90 -10.84 -47.96
CA ARG B 181 46.66 -11.19 -48.64
C ARG B 181 46.74 -12.59 -49.23
N LEU B 182 47.50 -13.46 -48.57
CA LEU B 182 47.67 -14.84 -49.03
C LEU B 182 46.65 -15.77 -48.38
N GLN B 183 46.64 -15.83 -47.04
CA GLN B 183 45.71 -16.66 -46.30
C GLN B 183 44.49 -15.84 -45.92
N LEU B 184 43.33 -16.49 -45.96
CA LEU B 184 42.06 -15.80 -45.69
C LEU B 184 41.05 -16.82 -45.19
N ASP B 185 39.92 -16.31 -44.71
CA ASP B 185 38.86 -17.16 -44.20
C ASP B 185 38.08 -17.79 -45.35
N ALA B 186 37.21 -18.75 -45.00
CA ALA B 186 36.43 -19.48 -46.00
C ALA B 186 35.13 -19.95 -45.36
N SER B 187 34.02 -19.68 -46.05
CA SER B 187 32.68 -20.07 -45.60
C SER B 187 32.17 -21.16 -46.53
N PHE B 188 32.28 -22.42 -46.09
CA PHE B 188 31.87 -23.55 -46.91
C PHE B 188 30.39 -23.86 -46.80
N SER B 189 29.72 -23.42 -45.73
CA SER B 189 28.33 -23.77 -45.52
C SER B 189 27.43 -22.91 -46.42
N PRO B 190 26.46 -23.53 -47.11
CA PRO B 190 25.53 -22.74 -47.91
C PRO B 190 24.50 -21.98 -47.09
N VAL B 191 24.34 -22.32 -45.81
CA VAL B 191 23.42 -21.60 -44.94
C VAL B 191 24.03 -20.25 -44.57
N ARG B 192 23.17 -19.28 -44.28
CA ARG B 192 23.60 -17.92 -43.95
C ARG B 192 23.18 -17.49 -42.56
N ARG B 193 21.90 -17.64 -42.21
CA ARG B 193 21.39 -17.24 -40.91
C ARG B 193 20.33 -18.22 -40.45
N VAL B 194 20.48 -18.72 -39.22
CA VAL B 194 19.53 -19.66 -38.63
C VAL B 194 18.88 -18.97 -37.42
N SER B 195 17.56 -19.06 -37.33
CA SER B 195 16.82 -18.48 -36.23
C SER B 195 15.56 -19.29 -36.00
N TYR B 196 15.16 -19.40 -34.73
CA TYR B 196 13.96 -20.15 -34.38
C TYR B 196 13.40 -19.62 -33.07
N VAL B 197 12.06 -19.59 -33.00
CA VAL B 197 11.33 -19.22 -31.79
C VAL B 197 10.26 -20.28 -31.55
N VAL B 198 10.28 -20.88 -30.37
CA VAL B 198 9.33 -21.92 -30.00
C VAL B 198 8.30 -21.32 -29.05
N GLU B 199 7.03 -21.55 -29.33
CA GLU B 199 5.93 -21.09 -28.48
C GLU B 199 4.91 -22.21 -28.35
N ASN B 200 4.00 -22.05 -27.39
CA ASN B 200 2.98 -23.05 -27.13
C ASN B 200 1.92 -23.02 -28.24
N ALA B 201 1.24 -24.16 -28.40
CA ALA B 201 0.23 -24.35 -29.42
C ALA B 201 -1.08 -24.78 -28.79
N ARG B 202 -2.09 -24.98 -29.63
CA ARG B 202 -3.43 -25.40 -29.19
C ARG B 202 -3.50 -26.91 -29.27
N VAL B 203 -3.46 -27.57 -28.12
CA VAL B 203 -3.47 -29.03 -28.02
C VAL B 203 -4.72 -29.44 -27.26
N GLU B 204 -5.49 -30.38 -27.84
CA GLU B 204 -6.71 -30.87 -27.22
C GLU B 204 -6.45 -32.02 -26.24
N GLN B 205 -5.69 -33.03 -26.66
CA GLN B 205 -5.53 -34.23 -25.84
C GLN B 205 -4.50 -34.06 -24.72
N ARG B 206 -3.62 -33.07 -24.82
CA ARG B 206 -2.59 -32.84 -23.82
C ARG B 206 -2.60 -31.38 -23.40
N THR B 207 -1.74 -31.05 -22.43
CA THR B 207 -1.69 -29.73 -21.84
C THR B 207 -0.44 -28.96 -22.22
N ASN B 208 0.74 -29.54 -22.01
CA ASN B 208 2.02 -28.83 -22.19
C ASN B 208 2.78 -29.41 -23.39
N LEU B 209 2.41 -28.94 -24.58
CA LEU B 209 3.13 -29.28 -25.81
C LEU B 209 3.28 -28.02 -26.63
N ASP B 210 4.51 -27.66 -26.99
CA ASP B 210 4.80 -26.47 -27.75
C ASP B 210 5.20 -26.82 -29.18
N LYS B 211 5.05 -25.86 -30.08
CA LYS B 211 5.33 -26.05 -31.50
C LYS B 211 6.67 -25.42 -31.89
N LEU B 212 7.08 -25.69 -33.12
CA LEU B 212 8.36 -25.24 -33.66
C LEU B 212 8.11 -24.26 -34.80
N VAL B 213 8.70 -23.07 -34.71
CA VAL B 213 8.74 -22.10 -35.80
C VAL B 213 10.21 -21.87 -36.13
N LEU B 214 10.57 -22.05 -37.41
CA LEU B 214 11.95 -21.95 -37.85
C LEU B 214 12.03 -21.08 -39.09
N ASP B 215 12.97 -20.13 -39.09
CA ASP B 215 13.23 -19.25 -40.22
C ASP B 215 14.68 -19.44 -40.64
N LEU B 216 14.91 -19.60 -41.94
CA LEU B 216 16.25 -19.83 -42.47
C LEU B 216 16.50 -18.90 -43.66
N GLU B 217 17.78 -18.68 -43.95
CA GLU B 217 18.20 -17.96 -45.14
C GLU B 217 19.48 -18.61 -45.64
N THR B 218 19.57 -18.87 -46.94
CA THR B 218 20.69 -19.59 -47.54
C THR B 218 21.34 -18.75 -48.63
N ASN B 219 22.40 -19.31 -49.22
CA ASN B 219 23.15 -18.64 -50.28
C ASN B 219 22.50 -18.78 -51.65
N GLY B 220 21.44 -19.60 -51.78
CA GLY B 220 20.80 -19.81 -53.05
C GLY B 220 21.32 -21.00 -53.85
N THR B 221 22.49 -21.53 -53.50
CA THR B 221 23.04 -22.69 -54.20
C THR B 221 22.32 -23.98 -53.81
N LEU B 222 21.63 -23.99 -52.68
CA LEU B 222 20.94 -25.17 -52.20
C LEU B 222 19.56 -24.78 -51.68
N ASP B 223 18.63 -25.71 -51.81
CA ASP B 223 17.28 -25.53 -51.27
C ASP B 223 17.35 -25.53 -49.74
N PRO B 224 16.48 -24.76 -49.06
CA PRO B 224 16.46 -24.81 -47.59
C PRO B 224 16.08 -26.17 -47.01
N GLU B 225 15.04 -26.81 -47.55
CA GLU B 225 14.64 -28.11 -47.04
C GLU B 225 15.65 -29.19 -47.40
N GLU B 226 16.25 -29.10 -48.60
CA GLU B 226 17.30 -30.04 -48.97
C GLU B 226 18.56 -29.84 -48.14
N ALA B 227 18.85 -28.60 -47.74
CA ALA B 227 19.99 -28.34 -46.86
C ALA B 227 19.73 -28.87 -45.45
N ILE B 228 18.48 -28.73 -44.98
CA ILE B 228 18.10 -29.28 -43.68
C ILE B 228 18.20 -30.81 -43.69
N ARG B 229 17.78 -31.44 -44.79
CA ARG B 229 17.89 -32.89 -44.90
C ARG B 229 19.34 -33.34 -45.03
N ARG B 230 20.16 -32.59 -45.79
CA ARG B 230 21.55 -32.97 -45.97
C ARG B 230 22.39 -32.69 -44.72
N ALA B 231 21.90 -31.82 -43.83
CA ALA B 231 22.54 -31.65 -42.54
C ALA B 231 22.05 -32.66 -41.52
N ALA B 232 20.79 -33.10 -41.61
CA ALA B 232 20.26 -34.06 -40.66
C ALA B 232 20.59 -35.51 -41.01
N THR B 233 21.01 -35.78 -42.25
CA THR B 233 21.33 -37.15 -42.62
C THR B 233 22.61 -37.66 -41.95
N ILE B 234 23.52 -36.76 -41.56
CA ILE B 234 24.67 -37.23 -40.79
C ILE B 234 24.27 -37.57 -39.37
N LEU B 235 23.26 -36.87 -38.82
CA LEU B 235 22.71 -37.24 -37.52
C LEU B 235 21.93 -38.55 -37.62
N GLN B 236 21.34 -38.82 -38.78
CA GLN B 236 20.73 -40.13 -39.02
C GLN B 236 21.78 -41.23 -39.07
N GLN B 237 22.88 -41.00 -39.79
CA GLN B 237 23.89 -42.02 -39.98
C GLN B 237 24.74 -42.24 -38.74
N GLN B 238 24.86 -41.25 -37.86
CA GLN B 238 25.68 -41.40 -36.66
C GLN B 238 25.04 -42.30 -35.62
N LEU B 239 23.72 -42.35 -35.54
CA LEU B 239 23.04 -43.18 -34.53
C LEU B 239 21.98 -44.10 -35.14
N ALA B 240 22.02 -44.33 -36.45
CA ALA B 240 21.06 -45.24 -37.06
C ALA B 240 21.51 -46.70 -36.94
N ALA B 241 22.83 -46.94 -36.99
CA ALA B 241 23.34 -48.30 -36.83
C ALA B 241 23.25 -48.76 -35.38
N PHE B 242 23.25 -47.82 -34.43
CA PHE B 242 23.12 -48.17 -33.03
C PHE B 242 21.67 -48.39 -32.61
N VAL B 243 20.72 -47.78 -33.31
CA VAL B 243 19.31 -47.90 -32.95
C VAL B 243 18.79 -49.27 -33.33
N ASP B 244 17.67 -49.65 -32.72
CA ASP B 244 17.05 -50.94 -32.97
C ASP B 244 15.65 -50.78 -33.54
N TYR C 5 26.74 -30.34 26.36
CA TYR C 5 26.59 -30.76 24.97
C TYR C 5 25.26 -31.48 24.77
N SER C 6 24.39 -30.91 23.94
CA SER C 6 23.08 -31.48 23.70
C SER C 6 23.17 -32.68 22.76
N TYR C 7 22.07 -33.43 22.70
CA TYR C 7 22.01 -34.60 21.83
C TYR C 7 21.81 -34.22 20.37
N THR C 8 21.19 -33.07 20.10
CA THR C 8 21.03 -32.61 18.74
C THR C 8 22.33 -32.09 18.14
N GLU C 9 23.27 -31.65 18.97
CA GLU C 9 24.57 -31.20 18.49
C GLU C 9 25.47 -32.36 18.08
N LYS C 10 25.21 -33.56 18.58
CA LYS C 10 25.96 -34.72 18.13
C LYS C 10 25.60 -35.11 16.71
N LYS C 11 24.35 -34.88 16.30
CA LYS C 11 23.94 -35.21 14.94
C LYS C 11 24.31 -34.09 13.97
N ARG C 12 24.33 -32.85 14.44
CA ARG C 12 24.65 -31.71 13.57
C ARG C 12 25.37 -30.65 14.38
N ILE C 13 26.62 -30.39 14.03
CA ILE C 13 27.41 -29.32 14.61
C ILE C 13 27.62 -28.25 13.53
N ARG C 14 27.74 -27.01 13.96
CA ARG C 14 27.86 -25.87 13.05
C ARG C 14 29.26 -25.29 13.13
N LYS C 15 29.88 -25.11 11.97
CA LYS C 15 31.18 -24.46 11.89
C LYS C 15 30.98 -22.96 11.98
N ASP C 16 31.34 -22.39 13.13
CA ASP C 16 31.20 -20.95 13.35
C ASP C 16 32.43 -20.21 12.83
N PHE C 17 32.28 -18.90 12.69
CA PHE C 17 33.37 -18.03 12.26
C PHE C 17 33.42 -16.76 13.10
N SER C 18 32.91 -16.82 14.33
CA SER C 18 32.91 -15.66 15.22
C SER C 18 34.30 -15.47 15.79
N LYS C 19 34.99 -14.41 15.37
CA LYS C 19 36.28 -14.09 15.95
C LYS C 19 36.15 -13.58 17.37
N LEU C 20 35.04 -12.91 17.69
CA LEU C 20 34.77 -12.48 19.05
C LEU C 20 34.13 -13.63 19.83
N PRO C 21 34.63 -13.93 21.02
CA PRO C 21 34.04 -15.03 21.80
C PRO C 21 32.69 -14.64 22.38
N ASP C 22 31.81 -15.65 22.48
CA ASP C 22 30.47 -15.44 23.00
C ASP C 22 30.52 -15.29 24.51
N VAL C 23 30.04 -14.16 25.03
CA VAL C 23 30.06 -13.88 26.46
C VAL C 23 28.69 -14.00 27.11
N MET C 24 27.63 -14.17 26.32
CA MET C 24 26.29 -14.29 26.89
C MET C 24 25.43 -15.14 25.96
N ASP C 25 24.78 -16.15 26.54
CA ASP C 25 23.91 -17.03 25.78
C ASP C 25 22.61 -16.27 25.45
N VAL C 26 21.95 -16.70 24.38
CA VAL C 26 20.73 -16.06 23.88
C VAL C 26 19.59 -16.33 24.87
N PRO C 27 18.94 -15.30 25.41
CA PRO C 27 17.90 -15.51 26.43
C PRO C 27 16.59 -15.95 25.81
N TYR C 28 15.57 -16.05 26.66
CA TYR C 28 14.26 -16.49 26.20
C TYR C 28 13.58 -15.39 25.39
N LEU C 29 12.98 -15.78 24.27
CA LEU C 29 12.37 -14.81 23.37
C LEU C 29 11.04 -14.31 23.89
N LEU C 30 10.16 -15.22 24.31
CA LEU C 30 8.81 -14.88 24.74
C LEU C 30 8.67 -14.78 26.26
N ALA C 31 9.72 -14.32 26.94
CA ALA C 31 9.67 -14.21 28.40
C ALA C 31 8.94 -12.96 28.87
N ILE C 32 8.83 -11.94 28.01
CA ILE C 32 8.18 -10.68 28.40
C ILE C 32 6.68 -10.89 28.58
N GLN C 33 6.03 -11.48 27.58
CA GLN C 33 4.62 -11.82 27.74
C GLN C 33 4.41 -12.91 28.80
N LEU C 34 5.40 -13.77 29.01
CA LEU C 34 5.29 -14.83 30.01
C LEU C 34 5.24 -14.25 31.43
N ASP C 35 6.21 -13.42 31.79
CA ASP C 35 6.17 -12.88 33.15
C ASP C 35 5.17 -11.73 33.28
N SER C 36 4.73 -11.14 32.17
CA SER C 36 3.60 -10.21 32.23
C SER C 36 2.30 -10.95 32.55
N TYR C 37 2.09 -12.12 31.93
CA TYR C 37 0.94 -12.95 32.26
C TYR C 37 1.04 -13.50 33.67
N ARG C 38 2.26 -13.81 34.13
CA ARG C 38 2.43 -14.30 35.49
C ARG C 38 2.21 -13.20 36.53
N GLU C 39 2.51 -11.94 36.18
CA GLU C 39 2.26 -10.84 37.10
C GLU C 39 0.79 -10.44 37.11
N PHE C 40 0.13 -10.50 35.95
CA PHE C 40 -1.28 -10.11 35.89
C PHE C 40 -2.20 -11.19 36.45
N LEU C 41 -1.88 -12.46 36.21
CA LEU C 41 -2.73 -13.55 36.67
C LEU C 41 -2.44 -13.98 38.09
N GLN C 42 -1.15 -14.08 38.45
CA GLN C 42 -0.66 -14.53 39.76
C GLN C 42 -1.20 -15.92 40.10
N ALA C 43 -0.86 -16.89 39.25
CA ALA C 43 -1.33 -18.26 39.44
C ALA C 43 -0.57 -18.95 40.57
N GLY C 44 0.75 -18.96 40.49
CA GLY C 44 1.55 -19.59 41.52
C GLY C 44 2.15 -18.59 42.49
N ALA C 45 1.56 -18.50 43.68
CA ALA C 45 2.02 -17.56 44.69
C ALA C 45 1.68 -18.11 46.08
N THR C 46 2.20 -17.45 47.09
CA THR C 46 1.96 -17.83 48.48
C THR C 46 0.72 -17.11 49.00
N LYS C 47 0.51 -17.14 50.32
CA LYS C 47 -0.61 -16.44 50.91
C LYS C 47 -0.43 -14.93 50.89
N GLU C 48 0.82 -14.46 50.87
CA GLU C 48 1.13 -13.05 50.77
C GLU C 48 1.55 -12.78 49.33
N GLN C 49 0.63 -12.27 48.52
CA GLN C 49 0.89 -12.02 47.11
C GLN C 49 1.73 -10.76 46.94
N PHE C 50 2.21 -10.56 45.72
CA PHE C 50 3.04 -9.41 45.39
C PHE C 50 2.19 -8.14 45.30
N ARG C 51 2.81 -7.01 45.61
CA ARG C 51 2.15 -5.72 45.60
C ARG C 51 2.35 -4.97 44.29
N ASP C 52 2.67 -5.67 43.20
CA ASP C 52 2.87 -5.05 41.92
C ASP C 52 1.52 -4.82 41.22
N VAL C 53 1.57 -4.25 40.02
CA VAL C 53 0.37 -3.95 39.26
C VAL C 53 -0.19 -5.22 38.65
N GLY C 54 -1.52 -5.30 38.57
CA GLY C 54 -2.17 -6.46 37.99
C GLY C 54 -3.63 -6.48 38.37
N LEU C 55 -4.21 -7.69 38.28
CA LEU C 55 -5.61 -7.87 38.63
C LEU C 55 -5.85 -7.68 40.13
N HIS C 56 -4.89 -8.11 40.95
CA HIS C 56 -5.00 -7.91 42.39
C HIS C 56 -4.88 -6.44 42.76
N ALA C 57 -4.00 -5.71 42.07
CA ALA C 57 -3.87 -4.27 42.31
C ALA C 57 -5.08 -3.50 41.80
N ALA C 58 -5.73 -4.00 40.74
CA ALA C 58 -6.96 -3.37 40.27
C ALA C 58 -8.14 -3.69 41.18
N PHE C 59 -8.15 -4.86 41.80
CA PHE C 59 -9.23 -5.23 42.70
C PHE C 59 -9.11 -4.57 44.07
N LYS C 60 -7.87 -4.38 44.56
CA LYS C 60 -7.68 -3.79 45.88
C LYS C 60 -7.92 -2.29 45.89
N SER C 61 -7.89 -1.63 44.73
CA SER C 61 -8.17 -0.19 44.68
C SER C 61 -9.66 0.10 44.66
N VAL C 62 -10.49 -0.87 44.31
CA VAL C 62 -11.93 -0.64 44.17
C VAL C 62 -12.75 -1.38 45.23
N PHE C 63 -12.39 -2.63 45.57
CA PHE C 63 -13.16 -3.50 46.44
C PHE C 63 -13.42 -2.98 47.86
N PRO C 64 -12.52 -2.23 48.52
CA PRO C 64 -12.98 -1.45 49.68
C PRO C 64 -13.86 -0.30 49.24
N ILE C 65 -15.13 -0.33 49.65
CA ILE C 65 -16.11 0.66 49.25
C ILE C 65 -16.94 1.04 50.47
N ILE C 66 -17.58 2.21 50.39
CA ILE C 66 -18.45 2.72 51.44
C ILE C 66 -19.73 3.22 50.79
N SER C 67 -20.87 2.87 51.38
CA SER C 67 -22.16 3.27 50.84
C SER C 67 -22.44 4.73 51.16
N TYR C 68 -23.03 5.45 50.19
CA TYR C 68 -23.39 6.84 50.41
C TYR C 68 -24.62 6.93 51.29
N SER C 69 -24.51 7.72 52.37
CA SER C 69 -25.56 7.92 53.39
C SER C 69 -25.99 6.58 54.00
N GLY C 70 -25.03 5.74 54.32
CA GLY C 70 -25.30 4.45 54.90
C GLY C 70 -24.08 3.86 55.56
N ASN C 71 -24.09 2.53 55.70
CA ASN C 71 -22.98 1.82 56.32
C ASN C 71 -22.82 0.48 55.63
N ALA C 72 -21.80 0.37 54.78
CA ALA C 72 -21.51 -0.87 54.08
C ALA C 72 -20.03 -0.93 53.76
N ALA C 73 -19.45 -2.12 53.89
CA ALA C 73 -18.04 -2.33 53.61
C ALA C 73 -17.84 -3.70 53.01
N LEU C 74 -16.85 -3.80 52.12
CA LEU C 74 -16.52 -5.05 51.43
C LEU C 74 -15.02 -5.28 51.55
N GLU C 75 -14.65 -6.41 52.16
CA GLU C 75 -13.26 -6.78 52.35
C GLU C 75 -12.96 -8.08 51.62
N TYR C 76 -11.68 -8.29 51.31
CA TYR C 76 -11.25 -9.49 50.61
C TYR C 76 -9.81 -9.81 51.00
N VAL C 77 -9.52 -11.10 51.12
CA VAL C 77 -8.18 -11.56 51.45
C VAL C 77 -7.45 -11.95 50.17
N GLY C 78 -8.21 -12.43 49.20
CA GLY C 78 -7.63 -12.83 47.92
C GLY C 78 -8.65 -13.57 47.09
N TYR C 79 -8.16 -14.07 45.94
CA TYR C 79 -8.97 -14.83 45.02
C TYR C 79 -8.37 -16.21 44.82
N ARG C 80 -9.14 -17.07 44.15
CA ARG C 80 -8.72 -18.44 43.86
C ARG C 80 -8.74 -18.66 42.36
N LEU C 81 -7.62 -19.11 41.80
CA LEU C 81 -7.53 -19.36 40.38
C LEU C 81 -8.26 -20.64 40.01
N GLY C 82 -8.79 -20.68 38.78
CA GLY C 82 -9.50 -21.85 38.29
C GLY C 82 -8.58 -22.86 37.62
N GLU C 83 -9.08 -24.09 37.53
CA GLU C 83 -8.31 -25.16 36.93
C GLU C 83 -8.70 -25.31 35.47
N PRO C 84 -7.74 -25.26 34.54
CA PRO C 84 -8.07 -25.43 33.11
C PRO C 84 -8.40 -26.87 32.77
N ALA C 85 -9.69 -27.14 32.54
CA ALA C 85 -10.14 -28.49 32.22
C ALA C 85 -10.17 -28.77 30.73
N PHE C 86 -10.24 -27.74 29.89
CA PHE C 86 -10.30 -27.91 28.45
C PHE C 86 -8.90 -28.11 27.89
N ASP C 87 -8.72 -29.20 27.16
CA ASP C 87 -7.44 -29.48 26.51
C ASP C 87 -7.30 -28.58 25.28
N VAL C 88 -6.04 -28.25 24.95
CA VAL C 88 -5.78 -27.35 23.84
C VAL C 88 -6.11 -28.02 22.50
N LYS C 89 -5.71 -29.27 22.33
CA LYS C 89 -5.97 -30.00 21.09
C LYS C 89 -7.45 -30.34 20.92
N GLU C 90 -8.24 -30.34 22.00
CA GLU C 90 -9.67 -30.52 21.89
C GLU C 90 -10.43 -29.20 21.80
N CYS C 91 -9.83 -28.08 22.23
CA CYS C 91 -10.49 -26.79 22.08
C CYS C 91 -10.18 -26.12 20.74
N VAL C 92 -9.09 -26.51 20.08
CA VAL C 92 -8.90 -26.06 18.70
C VAL C 92 -9.78 -26.87 17.74
N LEU C 93 -10.30 -28.01 18.17
CA LEU C 93 -11.20 -28.82 17.37
C LEU C 93 -12.64 -28.81 17.87
N ARG C 94 -12.92 -28.12 18.98
CA ARG C 94 -14.28 -27.98 19.50
C ARG C 94 -14.73 -26.54 19.62
N GLY C 95 -13.84 -25.64 20.04
CA GLY C 95 -14.19 -24.24 20.15
C GLY C 95 -14.54 -23.80 21.56
N VAL C 96 -13.74 -24.20 22.54
CA VAL C 96 -13.98 -23.80 23.92
C VAL C 96 -13.26 -22.52 24.31
N THR C 97 -12.24 -22.11 23.52
CA THR C 97 -11.48 -20.86 23.68
C THR C 97 -10.80 -20.74 25.04
N PHE C 98 -10.45 -21.89 25.63
CA PHE C 98 -9.70 -22.00 26.89
C PHE C 98 -10.39 -21.28 28.05
N ALA C 99 -11.58 -21.78 28.39
CA ALA C 99 -12.37 -21.19 29.47
C ALA C 99 -11.78 -21.58 30.81
N VAL C 100 -11.67 -20.61 31.71
CA VAL C 100 -11.13 -20.84 33.05
C VAL C 100 -11.82 -19.89 34.02
N PRO C 101 -12.41 -20.39 35.10
CA PRO C 101 -13.10 -19.51 36.06
C PRO C 101 -12.10 -18.79 36.96
N LEU C 102 -12.63 -17.81 37.71
CA LEU C 102 -11.83 -17.05 38.66
C LEU C 102 -12.77 -16.58 39.77
N ARG C 103 -12.72 -17.26 40.91
CA ARG C 103 -13.60 -16.97 42.04
C ARG C 103 -12.87 -16.12 43.07
N VAL C 104 -13.61 -15.23 43.70
CA VAL C 104 -13.06 -14.32 44.72
C VAL C 104 -13.90 -14.48 45.98
N LYS C 105 -13.28 -14.21 47.14
CA LYS C 105 -13.94 -14.28 48.43
C LYS C 105 -14.12 -12.86 48.96
N VAL C 106 -15.37 -12.43 49.10
CA VAL C 106 -15.70 -11.09 49.57
C VAL C 106 -16.28 -11.18 50.97
N ARG C 107 -15.91 -10.22 51.82
CA ARG C 107 -16.39 -10.15 53.20
C ARG C 107 -17.31 -8.95 53.32
N LEU C 108 -18.61 -9.21 53.39
CA LEU C 108 -19.61 -8.15 53.51
C LEU C 108 -19.73 -7.76 54.97
N ILE C 109 -19.11 -6.64 55.34
CA ILE C 109 -19.11 -6.14 56.71
C ILE C 109 -20.02 -4.93 56.79
N ILE C 110 -20.97 -4.97 57.72
CA ILE C 110 -21.90 -3.87 57.92
C ILE C 110 -21.54 -3.12 59.20
N PHE C 111 -22.04 -1.90 59.30
CA PHE C 111 -21.79 -1.05 60.46
C PHE C 111 -23.07 -0.34 60.84
N ASP C 112 -22.98 0.53 61.84
CA ASP C 112 -24.12 1.30 62.32
C ASP C 112 -24.08 2.76 61.87
N ARG C 113 -23.17 3.11 60.95
CA ARG C 113 -22.99 4.46 60.40
C ARG C 113 -22.71 5.49 61.50
N GLU C 114 -21.84 5.13 62.44
CA GLU C 114 -21.48 6.02 63.53
C GLU C 114 -19.98 6.07 63.78
N SER C 115 -19.18 5.48 62.87
CA SER C 115 -17.71 5.43 62.95
C SER C 115 -17.23 4.80 64.25
N SER C 116 -17.91 3.73 64.68
CA SER C 116 -17.56 3.03 65.90
C SER C 116 -17.71 1.53 65.67
N ASN C 117 -17.26 0.74 66.66
CA ASN C 117 -17.33 -0.72 66.58
C ASN C 117 -18.66 -1.19 67.15
N LYS C 118 -19.72 -0.91 66.41
CA LYS C 118 -21.07 -1.30 66.79
C LYS C 118 -21.77 -1.95 65.60
N ALA C 119 -22.50 -3.03 65.89
CA ALA C 119 -23.24 -3.85 64.91
C ALA C 119 -22.32 -4.35 63.79
N ILE C 120 -21.27 -5.06 64.20
CA ILE C 120 -20.29 -5.60 63.27
C ILE C 120 -20.80 -6.93 62.74
N LYS C 121 -21.48 -6.89 61.60
CA LYS C 121 -22.03 -8.09 60.95
C LYS C 121 -21.18 -8.38 59.71
N ASP C 122 -20.27 -9.33 59.85
CA ASP C 122 -19.38 -9.73 58.76
C ASP C 122 -19.85 -11.03 58.14
N ILE C 123 -19.87 -11.07 56.80
CA ILE C 123 -20.30 -12.24 56.04
C ILE C 123 -19.19 -12.55 55.05
N LYS C 124 -18.29 -13.45 55.43
CA LYS C 124 -17.17 -13.84 54.58
C LYS C 124 -17.58 -15.07 53.76
N GLU C 125 -17.74 -14.87 52.45
CA GLU C 125 -18.15 -15.95 51.57
C GLU C 125 -17.48 -15.78 50.22
N GLN C 126 -17.42 -16.89 49.46
CA GLN C 126 -16.84 -16.87 48.14
C GLN C 126 -17.87 -16.42 47.11
N GLU C 127 -17.50 -15.44 46.29
CA GLU C 127 -18.40 -14.91 45.28
C GLU C 127 -18.40 -15.80 44.04
N VAL C 128 -19.16 -15.38 43.04
CA VAL C 128 -19.26 -16.12 41.78
C VAL C 128 -18.02 -15.89 40.95
N TYR C 129 -17.85 -16.69 39.89
CA TYR C 129 -16.70 -16.56 39.00
C TYR C 129 -16.84 -15.30 38.17
N MET C 130 -15.97 -14.32 38.43
CA MET C 130 -16.01 -13.03 37.74
C MET C 130 -15.44 -13.21 36.33
N GLY C 131 -16.31 -13.57 35.40
CA GLY C 131 -15.90 -13.75 34.02
C GLY C 131 -15.14 -15.06 33.82
N GLU C 132 -14.47 -15.12 32.68
CA GLU C 132 -13.65 -16.27 32.30
C GLU C 132 -12.24 -15.81 32.00
N ILE C 133 -11.26 -16.52 32.56
CA ILE C 133 -9.85 -16.21 32.35
C ILE C 133 -9.46 -16.63 30.94
N PRO C 134 -8.51 -15.95 30.29
CA PRO C 134 -8.09 -16.38 28.95
C PRO C 134 -7.34 -17.70 28.97
N LEU C 135 -6.46 -17.90 29.96
CA LEU C 135 -5.70 -19.14 30.19
C LEU C 135 -4.86 -19.54 28.98
N MET C 136 -3.89 -18.68 28.67
CA MET C 136 -3.00 -18.92 27.54
C MET C 136 -2.04 -20.07 27.83
N THR C 137 -1.46 -20.61 26.77
CA THR C 137 -0.54 -21.74 26.88
C THR C 137 0.87 -21.25 27.22
N GLU C 138 1.80 -22.19 27.33
CA GLU C 138 3.19 -21.86 27.59
C GLU C 138 3.90 -21.29 26.37
N ASN C 139 3.34 -21.48 25.17
CA ASN C 139 3.94 -20.95 23.96
C ASN C 139 3.75 -19.44 23.82
N GLY C 140 2.79 -18.86 24.53
CA GLY C 140 2.54 -17.44 24.47
C GLY C 140 1.37 -17.00 23.63
N THR C 141 0.38 -17.87 23.42
CA THR C 141 -0.79 -17.53 22.61
C THR C 141 -2.04 -18.10 23.28
N PHE C 142 -3.18 -17.54 22.90
CA PHE C 142 -4.47 -17.99 23.41
C PHE C 142 -5.47 -18.05 22.26
N ILE C 143 -6.38 -19.01 22.35
CA ILE C 143 -7.38 -19.23 21.30
C ILE C 143 -8.63 -18.43 21.64
N ILE C 144 -9.12 -17.66 20.66
CA ILE C 144 -10.31 -16.82 20.83
C ILE C 144 -11.33 -17.31 19.81
N ASN C 145 -12.23 -18.20 20.25
CA ASN C 145 -13.35 -18.73 19.46
C ASN C 145 -12.88 -19.43 18.18
N GLY C 146 -12.12 -20.51 18.38
CA GLY C 146 -11.63 -21.34 17.30
C GLY C 146 -10.27 -20.95 16.74
N THR C 147 -10.06 -19.66 16.49
CA THR C 147 -8.80 -19.17 15.94
C THR C 147 -7.89 -18.68 17.06
N GLU C 148 -6.59 -18.66 16.76
CA GLU C 148 -5.57 -18.25 17.72
C GLU C 148 -5.20 -16.79 17.47
N ARG C 149 -5.42 -15.95 18.48
CA ARG C 149 -5.10 -14.53 18.40
C ARG C 149 -4.08 -14.18 19.48
N VAL C 150 -3.18 -13.25 19.15
CA VAL C 150 -2.15 -12.79 20.07
C VAL C 150 -2.30 -11.30 20.28
N ILE C 151 -1.59 -10.80 21.29
CA ILE C 151 -1.57 -9.38 21.59
C ILE C 151 -0.34 -8.75 20.94
N VAL C 152 -0.37 -7.44 20.77
CA VAL C 152 0.75 -6.67 20.26
C VAL C 152 1.16 -5.67 21.33
N SER C 153 2.47 -5.53 21.53
CA SER C 153 3.00 -4.56 22.48
C SER C 153 2.75 -3.16 21.95
N GLN C 154 1.90 -2.40 22.64
CA GLN C 154 1.51 -1.06 22.18
C GLN C 154 2.66 -0.10 22.44
N LEU C 155 3.34 0.32 21.37
CA LEU C 155 4.40 1.32 21.47
C LEU C 155 3.80 2.73 21.32
N HIS C 156 3.01 3.10 22.32
CA HIS C 156 2.44 4.44 22.37
C HIS C 156 3.42 5.38 23.07
N ARG C 157 3.02 6.64 23.22
CA ARG C 157 3.87 7.62 23.87
C ARG C 157 3.96 7.34 25.37
N SER C 158 5.12 7.62 25.95
CA SER C 158 5.35 7.29 27.35
C SER C 158 4.51 8.20 28.25
N PRO C 159 4.04 7.69 29.39
CA PRO C 159 3.23 8.52 30.30
C PRO C 159 4.08 9.60 30.94
N GLY C 160 3.72 10.86 30.70
CA GLY C 160 4.46 11.99 31.21
C GLY C 160 4.29 13.17 30.29
N VAL C 161 5.08 14.20 30.56
CA VAL C 161 5.06 15.45 29.80
C VAL C 161 6.37 15.57 29.03
N PHE C 162 6.26 15.87 27.74
CA PHE C 162 7.41 16.07 26.88
C PHE C 162 7.44 17.50 26.37
N PHE C 163 8.63 17.95 25.99
CA PHE C 163 8.84 19.33 25.52
C PHE C 163 9.71 19.26 24.27
N ASP C 164 9.08 19.34 23.11
CA ASP C 164 9.76 19.30 21.83
C ASP C 164 9.68 20.66 21.14
N HIS C 165 10.38 20.77 20.01
CA HIS C 165 10.36 22.01 19.24
C HIS C 165 9.11 22.09 18.36
N ASP C 166 8.97 21.11 17.45
CA ASP C 166 7.83 20.98 16.53
C ASP C 166 7.66 22.23 15.66
N ARG C 167 8.69 22.51 14.86
CA ARG C 167 8.66 23.66 13.96
C ARG C 167 7.76 23.34 12.78
N GLY C 168 6.65 24.08 12.66
CA GLY C 168 5.69 23.86 11.60
C GLY C 168 5.29 25.16 10.94
N LYS C 169 4.38 25.05 9.97
CA LYS C 169 3.90 26.20 9.23
C LYS C 169 2.86 27.01 9.98
N THR C 170 2.28 26.46 11.05
CA THR C 170 1.26 27.18 11.80
C THR C 170 1.86 28.25 12.70
N HIS C 171 3.08 28.04 13.20
CA HIS C 171 3.70 29.02 14.08
C HIS C 171 4.24 30.22 13.32
N SER C 172 4.76 30.00 12.10
CA SER C 172 5.35 31.02 11.23
C SER C 172 6.49 31.76 11.91
N SER C 173 7.35 31.02 12.62
CA SER C 173 8.48 31.59 13.31
C SER C 173 9.62 30.59 13.32
N GLY C 174 10.85 31.11 13.42
CA GLY C 174 12.02 30.26 13.44
C GLY C 174 12.22 29.54 14.75
N LYS C 175 11.98 30.24 15.86
CA LYS C 175 12.11 29.68 17.19
C LYS C 175 10.76 29.79 17.90
N LEU C 176 10.15 28.63 18.19
CA LEU C 176 8.86 28.61 18.86
C LEU C 176 8.79 27.35 19.74
N LEU C 177 8.00 27.45 20.80
CA LEU C 177 7.80 26.34 21.73
C LEU C 177 6.51 25.61 21.39
N TYR C 178 6.57 24.28 21.44
CA TYR C 178 5.41 23.46 21.14
C TYR C 178 4.51 23.35 22.36
N SER C 179 3.35 22.71 22.17
CA SER C 179 2.39 22.54 23.25
C SER C 179 2.80 21.38 24.15
N ALA C 180 2.69 21.59 25.46
CA ALA C 180 3.01 20.55 26.43
C ALA C 180 1.87 19.55 26.48
N ARG C 181 2.11 18.34 25.97
CA ARG C 181 1.09 17.30 25.90
C ARG C 181 1.21 16.42 27.14
N ILE C 182 0.35 16.67 28.12
CA ILE C 182 0.32 15.86 29.33
C ILE C 182 -0.37 14.54 29.00
N ILE C 183 0.36 13.44 29.12
CA ILE C 183 -0.15 12.13 28.75
C ILE C 183 -0.25 11.24 29.98
N PRO C 184 -1.44 11.03 30.52
CA PRO C 184 -1.60 10.05 31.61
C PRO C 184 -1.75 8.65 31.04
N TYR C 185 -1.97 7.69 31.93
CA TYR C 185 -2.10 6.30 31.51
C TYR C 185 -3.50 6.02 30.95
N ARG C 186 -4.53 6.58 31.56
CA ARG C 186 -5.90 6.34 31.11
C ARG C 186 -6.76 7.53 31.51
N GLY C 187 -7.28 8.25 30.50
CA GLY C 187 -8.19 9.35 30.76
C GLY C 187 -7.48 10.61 31.23
N SER C 188 -8.30 11.68 31.35
CA SER C 188 -7.90 13.01 31.81
C SER C 188 -6.78 13.60 30.96
N TRP C 189 -7.01 13.64 29.65
CA TRP C 189 -6.03 14.19 28.71
C TRP C 189 -6.07 15.70 28.78
N LEU C 190 -4.97 16.30 29.26
CA LEU C 190 -4.86 17.74 29.40
C LEU C 190 -3.74 18.25 28.50
N ASP C 191 -3.91 19.48 28.00
CA ASP C 191 -2.94 20.11 27.13
C ASP C 191 -2.50 21.45 27.71
N PHE C 192 -1.31 21.90 27.30
CA PHE C 192 -0.76 23.18 27.74
C PHE C 192 -0.02 23.78 26.55
N GLU C 193 -0.66 24.72 25.86
CA GLU C 193 -0.10 25.35 24.67
C GLU C 193 0.50 26.70 25.02
N PHE C 194 1.69 26.95 24.48
CA PHE C 194 2.39 28.23 24.69
C PHE C 194 2.04 29.18 23.55
N ASP C 195 1.38 30.28 23.89
CA ASP C 195 1.03 31.27 22.89
C ASP C 195 2.27 32.05 22.46
N PRO C 196 2.35 32.42 21.17
CA PRO C 196 3.55 33.15 20.70
C PRO C 196 3.65 34.58 21.20
N LYS C 197 2.55 35.17 21.67
CA LYS C 197 2.58 36.56 22.16
C LYS C 197 2.80 36.61 23.67
N ASP C 198 3.86 35.91 24.12
CA ASP C 198 4.32 35.90 25.51
C ASP C 198 3.23 35.46 26.49
N CYS C 199 2.45 34.45 26.10
CA CYS C 199 1.34 33.97 26.91
C CYS C 199 1.31 32.45 26.87
N VAL C 200 0.50 31.88 27.76
CA VAL C 200 0.27 30.44 27.82
C VAL C 200 -1.22 30.20 28.00
N PHE C 201 -1.79 29.33 27.16
CA PHE C 201 -3.21 29.02 27.18
C PHE C 201 -3.39 27.52 27.08
N VAL C 202 -4.07 26.93 28.06
CA VAL C 202 -4.31 25.49 28.04
C VAL C 202 -5.42 25.16 27.05
N ARG C 203 -5.49 23.88 26.68
CA ARG C 203 -6.47 23.40 25.72
C ARG C 203 -7.15 22.14 26.24
N ILE C 204 -8.27 21.80 25.63
CA ILE C 204 -9.06 20.63 25.98
C ILE C 204 -9.46 19.92 24.71
N ASP C 205 -10.25 18.86 24.87
CA ASP C 205 -10.71 18.07 23.71
C ASP C 205 -11.78 18.81 22.93
N ARG C 206 -12.84 19.26 23.61
CA ARG C 206 -13.94 19.95 22.96
C ARG C 206 -14.07 21.42 23.36
N ARG C 207 -13.47 21.82 24.47
CA ARG C 207 -13.57 23.20 24.94
C ARG C 207 -12.63 24.11 24.16
N ARG C 208 -12.78 25.40 24.38
CA ARG C 208 -11.96 26.41 23.72
C ARG C 208 -10.68 26.65 24.52
N LYS C 209 -9.94 27.68 24.16
CA LYS C 209 -8.69 28.00 24.84
C LYS C 209 -8.98 28.69 26.16
N LEU C 210 -8.32 28.23 27.22
CA LEU C 210 -8.47 28.78 28.56
C LEU C 210 -7.12 29.25 29.09
N PRO C 211 -7.08 30.35 29.83
CA PRO C 211 -5.80 30.83 30.37
C PRO C 211 -5.32 29.95 31.52
N ALA C 212 -4.01 30.06 31.79
CA ALA C 212 -3.40 29.27 32.86
C ALA C 212 -3.73 29.79 34.25
N SER C 213 -4.08 31.07 34.37
CA SER C 213 -4.46 31.62 35.67
C SER C 213 -5.78 31.06 36.15
N VAL C 214 -6.73 30.87 35.23
CA VAL C 214 -8.01 30.25 35.58
C VAL C 214 -7.81 28.79 35.94
N LEU C 215 -6.88 28.10 35.28
CA LEU C 215 -6.59 26.71 35.62
C LEU C 215 -5.93 26.61 36.99
N LEU C 216 -5.04 27.56 37.33
CA LEU C 216 -4.41 27.56 38.64
C LEU C 216 -5.42 27.89 39.74
N ARG C 217 -6.32 28.84 39.48
CA ARG C 217 -7.33 29.19 40.46
C ARG C 217 -8.39 28.09 40.62
N ALA C 218 -8.61 27.30 39.58
CA ALA C 218 -9.49 26.14 39.71
C ALA C 218 -8.79 24.99 40.42
N LEU C 219 -7.48 24.86 40.25
CA LEU C 219 -6.73 23.83 40.98
C LEU C 219 -6.61 24.18 42.46
N GLY C 220 -6.52 25.47 42.79
CA GLY C 220 -6.50 25.87 44.18
C GLY C 220 -5.49 26.96 44.50
N TYR C 221 -4.46 27.08 43.67
CA TYR C 221 -3.44 28.11 43.89
C TYR C 221 -3.97 29.47 43.48
N SER C 222 -3.70 30.48 44.31
CA SER C 222 -4.12 31.84 43.99
C SER C 222 -3.25 32.42 42.87
N THR C 223 -3.80 33.42 42.18
CA THR C 223 -3.09 34.02 41.07
C THR C 223 -1.93 34.88 41.53
N GLU C 224 -2.06 35.53 42.69
CA GLU C 224 -1.00 36.42 43.19
C GLU C 224 0.21 35.62 43.64
N GLU C 225 -0.01 34.52 44.36
CA GLU C 225 1.11 33.69 44.82
C GLU C 225 1.79 32.97 43.66
N ILE C 226 1.01 32.57 42.66
CA ILE C 226 1.59 31.91 41.49
C ILE C 226 2.37 32.90 40.65
N LEU C 227 1.87 34.13 40.51
CA LEU C 227 2.60 35.16 39.77
C LEU C 227 3.83 35.63 40.55
N ASN C 228 3.82 35.52 41.88
CA ASN C 228 4.99 35.85 42.67
C ASN C 228 6.06 34.77 42.54
N ALA C 229 5.69 33.51 42.76
CA ALA C 229 6.64 32.41 42.73
C ALA C 229 7.01 31.96 41.32
N PHE C 230 6.35 32.48 40.28
CA PHE C 230 6.64 32.03 38.92
C PHE C 230 7.84 32.76 38.33
N TYR C 231 7.89 34.09 38.50
CA TYR C 231 8.91 34.88 37.80
C TYR C 231 10.25 34.83 38.52
N ALA C 232 10.30 35.37 39.73
CA ALA C 232 11.56 35.51 40.48
C ALA C 232 11.22 35.66 41.96
N THR C 233 12.23 36.04 42.75
CA THR C 233 12.05 36.28 44.19
C THR C 233 12.83 37.55 44.53
N ASN C 234 12.15 38.70 44.48
CA ASN C 234 12.76 39.98 44.76
C ASN C 234 11.75 40.88 45.45
N VAL C 235 12.20 41.57 46.50
CA VAL C 235 11.36 42.49 47.26
C VAL C 235 11.90 43.90 47.08
N PHE C 236 11.00 44.87 47.11
CA PHE C 236 11.33 46.28 46.95
C PHE C 236 10.89 47.04 48.20
N HIS C 237 11.75 47.94 48.68
CA HIS C 237 11.47 48.69 49.90
C HIS C 237 11.68 50.18 49.64
N ILE C 238 11.12 50.98 50.53
CA ILE C 238 11.25 52.44 50.49
C ILE C 238 11.99 52.85 51.75
N LYS C 239 13.31 52.96 51.67
CA LYS C 239 14.15 53.33 52.80
C LYS C 239 15.36 54.11 52.28
N GLY C 240 15.84 55.02 53.12
CA GLY C 240 17.03 55.79 52.79
C GLY C 240 16.79 56.86 51.73
N GLU C 241 17.35 56.65 50.54
CA GLU C 241 17.22 57.61 49.44
C GLU C 241 16.01 57.27 48.57
N THR C 242 14.83 57.32 49.22
CA THR C 242 13.48 57.20 48.67
C THR C 242 13.14 55.83 48.09
N LEU C 243 14.08 54.88 48.08
CA LEU C 243 13.85 53.52 47.59
C LEU C 243 14.99 52.64 48.07
N ASN C 244 14.71 51.34 48.18
CA ASN C 244 15.70 50.35 48.58
C ASN C 244 15.52 49.12 47.71
N LEU C 245 16.58 48.75 46.98
CA LEU C 245 16.53 47.63 46.05
C LEU C 245 17.47 46.53 46.55
N GLU C 246 17.04 45.28 46.36
CA GLU C 246 17.85 44.11 46.69
C GLU C 246 18.62 43.69 45.44
N LEU C 247 19.92 43.93 45.44
CA LEU C 247 20.75 43.65 44.27
C LEU C 247 21.08 42.17 44.19
N VAL C 248 20.87 41.58 43.03
CA VAL C 248 21.15 40.18 42.77
C VAL C 248 22.21 40.11 41.67
N PRO C 249 23.38 39.51 41.93
CA PRO C 249 24.41 39.43 40.89
C PRO C 249 24.10 38.43 39.79
N GLN C 250 23.21 37.47 40.04
CA GLN C 250 22.89 36.47 39.03
C GLN C 250 21.98 37.04 37.95
N ARG C 251 21.03 37.91 38.33
CA ARG C 251 20.11 38.48 37.36
C ARG C 251 20.77 39.56 36.50
N LEU C 252 21.76 40.26 37.05
CA LEU C 252 22.43 41.35 36.32
C LEU C 252 23.54 40.86 35.41
N ARG C 253 23.76 39.55 35.30
CA ARG C 253 24.80 39.01 34.43
C ARG C 253 24.31 39.04 32.99
N GLY C 254 25.07 39.71 32.12
CA GLY C 254 24.73 39.79 30.71
C GLY C 254 23.69 40.82 30.35
N GLU C 255 23.36 41.72 31.27
CA GLU C 255 22.36 42.76 31.02
C GLU C 255 23.06 44.11 30.92
N VAL C 256 22.73 44.85 29.86
CA VAL C 256 23.32 46.17 29.64
C VAL C 256 22.63 47.16 30.58
N ALA C 257 23.39 47.67 31.55
CA ALA C 257 22.85 48.63 32.51
C ALA C 257 22.88 50.03 31.92
N SER C 258 21.71 50.61 31.70
CA SER C 258 21.59 51.95 31.15
C SER C 258 21.48 53.03 32.22
N ILE C 259 21.51 52.64 33.49
CA ILE C 259 21.39 53.61 34.58
C ILE C 259 22.63 53.53 35.46
N ASP C 260 22.72 54.41 36.45
CA ASP C 260 23.86 54.47 37.36
C ASP C 260 23.57 53.67 38.62
N ILE C 261 24.48 52.77 38.97
CA ILE C 261 24.34 51.93 40.16
C ILE C 261 25.49 52.21 41.12
N LYS C 262 25.93 53.47 41.17
CA LYS C 262 27.09 53.95 41.95
C LYS C 262 26.87 53.90 43.48
N ASP C 263 25.78 53.35 44.01
CA ASP C 263 25.61 53.21 45.45
C ASP C 263 26.61 52.18 46.00
N GLY C 264 26.94 52.32 47.28
CA GLY C 264 27.97 51.51 47.88
C GLY C 264 29.04 52.33 48.56
N SER C 265 28.66 53.54 48.99
CA SER C 265 29.48 54.47 49.76
C SER C 265 30.74 54.90 48.99
N GLY C 266 30.51 55.53 47.85
CA GLY C 266 31.58 56.09 47.05
C GLY C 266 32.27 55.13 46.11
N LYS C 267 31.72 53.93 45.90
CA LYS C 267 32.32 52.93 45.02
C LYS C 267 31.36 52.67 43.87
N VAL C 268 31.70 53.17 42.68
CA VAL C 268 30.89 52.92 41.49
C VAL C 268 31.26 51.57 40.91
N ILE C 269 30.24 50.82 40.46
CA ILE C 269 30.46 49.49 39.90
C ILE C 269 30.42 49.56 38.39
N VAL C 270 29.28 49.94 37.83
CA VAL C 270 29.08 50.06 36.39
C VAL C 270 28.58 51.46 36.09
N GLU C 271 29.29 52.18 35.22
CA GLU C 271 28.88 53.51 34.83
C GLU C 271 27.72 53.46 33.83
N GLN C 272 27.21 54.63 33.48
CA GLN C 272 26.08 54.72 32.56
C GLN C 272 26.55 54.44 31.13
N GLY C 273 25.95 53.44 30.49
CA GLY C 273 26.32 53.07 29.15
C GLY C 273 27.40 52.02 29.03
N ARG C 274 27.66 51.27 30.10
CA ARG C 274 28.69 50.24 30.11
C ARG C 274 28.03 48.88 30.27
N ARG C 275 28.46 47.92 29.43
CA ARG C 275 27.95 46.56 29.53
C ARG C 275 28.55 45.84 30.73
N ILE C 276 27.72 45.08 31.42
CA ILE C 276 28.15 44.34 32.60
C ILE C 276 28.88 43.08 32.14
N THR C 277 30.17 42.99 32.47
CA THR C 277 31.02 41.86 32.13
C THR C 277 31.27 41.02 33.37
N ALA C 278 32.15 40.01 33.23
CA ALA C 278 32.47 39.15 34.36
C ALA C 278 33.32 39.86 35.40
N ARG C 279 34.04 40.91 35.00
CA ARG C 279 34.83 41.68 35.96
C ARG C 279 33.94 42.47 36.92
N HIS C 280 32.85 43.04 36.40
CA HIS C 280 31.89 43.74 37.26
C HIS C 280 31.13 42.76 38.14
N ILE C 281 30.90 41.53 37.65
CA ILE C 281 30.25 40.50 38.46
C ILE C 281 31.16 40.08 39.62
N ASN C 282 32.46 39.91 39.34
CA ASN C 282 33.41 39.59 40.39
C ASN C 282 33.60 40.75 41.36
N GLN C 283 33.51 41.99 40.87
CA GLN C 283 33.58 43.16 41.74
C GLN C 283 32.36 43.23 42.67
N LEU C 284 31.17 42.94 42.14
CA LEU C 284 29.98 42.89 42.98
C LEU C 284 30.03 41.73 43.96
N GLU C 285 30.67 40.62 43.57
CA GLU C 285 30.80 39.48 44.48
C GLU C 285 31.76 39.78 45.63
N LYS C 286 32.88 40.45 45.33
CA LYS C 286 33.82 40.80 46.39
C LYS C 286 33.35 42.00 47.21
N ALA C 287 32.44 42.82 46.68
CA ALA C 287 31.89 43.92 47.45
C ALA C 287 30.78 43.44 48.38
N GLY C 288 29.77 42.77 47.83
CA GLY C 288 28.67 42.29 48.64
C GLY C 288 27.70 43.37 49.07
N VAL C 289 27.52 44.41 48.27
CA VAL C 289 26.59 45.49 48.59
C VAL C 289 25.20 45.07 48.13
N SER C 290 24.30 44.82 49.09
CA SER C 290 22.97 44.36 48.76
C SER C 290 22.02 45.49 48.42
N GLN C 291 22.37 46.73 48.74
CA GLN C 291 21.51 47.89 48.50
C GLN C 291 22.11 48.76 47.41
N LEU C 292 21.32 49.03 46.38
CA LEU C 292 21.72 49.90 45.28
C LEU C 292 20.63 50.93 45.02
N GLU C 293 21.04 52.05 44.43
CA GLU C 293 20.14 53.17 44.17
C GLU C 293 19.89 53.27 42.67
N VAL C 294 18.63 53.17 42.27
CA VAL C 294 18.23 53.29 40.87
C VAL C 294 17.30 54.49 40.76
N PRO C 295 17.23 55.10 39.58
CA PRO C 295 16.23 56.15 39.37
C PRO C 295 14.84 55.57 39.21
N PHE C 296 13.85 56.46 39.23
CA PHE C 296 12.44 56.07 39.14
C PHE C 296 12.02 55.69 37.73
N ASP C 297 12.83 56.00 36.72
CA ASP C 297 12.48 55.63 35.34
C ASP C 297 12.67 54.14 35.08
N TYR C 298 13.53 53.47 35.86
CA TYR C 298 13.73 52.03 35.70
C TYR C 298 12.57 51.22 36.26
N LEU C 299 11.80 51.77 37.19
CA LEU C 299 10.69 51.05 37.81
C LEU C 299 9.44 51.01 36.95
N ILE C 300 9.42 51.73 35.82
CA ILE C 300 8.24 51.75 34.97
C ILE C 300 8.10 50.44 34.20
N GLY C 301 9.22 49.85 33.77
CA GLY C 301 9.19 48.61 33.03
C GLY C 301 8.89 47.37 33.84
N ARG C 302 8.96 47.49 35.16
CA ARG C 302 8.71 46.35 36.06
C ARG C 302 7.22 46.07 36.24
N THR C 303 6.90 44.82 36.56
CA THR C 303 5.52 44.41 36.77
C THR C 303 5.34 43.83 38.17
N ILE C 304 4.27 44.27 38.84
CA ILE C 304 3.97 43.80 40.20
C ILE C 304 3.52 42.34 40.22
N ALA C 305 3.66 41.71 41.38
CA ALA C 305 3.27 40.31 41.56
C ALA C 305 1.89 40.18 42.19
N LYS C 306 1.63 40.93 43.26
CA LYS C 306 0.35 40.89 43.96
C LYS C 306 -0.21 42.30 44.07
N ALA C 307 -1.45 42.39 44.53
CA ALA C 307 -2.10 43.68 44.70
C ALA C 307 -1.57 44.38 45.93
N ILE C 308 -1.34 45.69 45.81
CA ILE C 308 -0.82 46.51 46.89
C ILE C 308 -2.00 47.19 47.57
N VAL C 309 -2.34 46.71 48.76
CA VAL C 309 -3.43 47.27 49.57
C VAL C 309 -2.81 47.84 50.84
N HIS C 310 -2.79 49.16 50.95
CA HIS C 310 -2.20 49.79 52.12
C HIS C 310 -3.19 49.79 53.29
N PRO C 311 -2.71 49.50 54.50
CA PRO C 311 -3.63 49.51 55.65
C PRO C 311 -3.99 50.89 56.14
N ALA C 312 -3.21 51.92 55.81
CA ALA C 312 -3.54 53.28 56.22
C ALA C 312 -4.57 53.91 55.31
N THR C 313 -4.50 53.63 54.01
CA THR C 313 -5.45 54.21 53.06
C THR C 313 -6.80 53.50 53.13
N GLY C 314 -6.80 52.17 53.05
CA GLY C 314 -8.01 51.39 53.12
C GLY C 314 -8.58 50.98 51.78
N GLU C 315 -7.91 51.31 50.67
CA GLU C 315 -8.37 50.97 49.34
C GLU C 315 -7.22 50.38 48.54
N ILE C 316 -7.57 49.67 47.47
CA ILE C 316 -6.59 49.04 46.60
C ILE C 316 -6.02 50.11 45.66
N ILE C 317 -4.73 50.41 45.81
CA ILE C 317 -4.08 51.41 44.98
C ILE C 317 -3.38 50.80 43.77
N ALA C 318 -3.11 49.49 43.78
CA ALA C 318 -2.45 48.83 42.66
C ALA C 318 -3.08 47.46 42.47
N GLU C 319 -3.49 47.18 41.23
CA GLU C 319 -4.13 45.90 40.92
C GLU C 319 -3.11 44.77 40.91
N CYS C 320 -3.61 43.55 41.01
CA CYS C 320 -2.76 42.37 41.01
C CYS C 320 -2.25 42.08 39.61
N ASN C 321 -0.93 41.87 39.50
CA ASN C 321 -0.21 41.58 38.26
C ASN C 321 -0.42 42.69 37.21
N THR C 322 -0.04 43.91 37.60
CA THR C 322 -0.16 45.07 36.75
C THR C 322 1.18 45.79 36.68
N GLU C 323 1.35 46.60 35.64
CA GLU C 323 2.59 47.33 35.46
C GLU C 323 2.61 48.57 36.36
N LEU C 324 3.83 49.02 36.66
CA LEU C 324 4.03 50.22 37.47
C LEU C 324 4.19 51.43 36.57
N THR C 325 3.51 52.51 36.91
CA THR C 325 3.53 53.74 36.12
C THR C 325 3.98 54.91 36.98
N LEU C 326 4.09 56.08 36.34
CA LEU C 326 4.63 57.27 37.00
C LEU C 326 3.69 57.82 38.05
N ASP C 327 2.38 57.62 37.87
CA ASP C 327 1.43 57.99 38.92
C ASP C 327 1.29 56.90 39.96
N LEU C 328 1.47 55.63 39.58
CA LEU C 328 1.37 54.55 40.54
C LEU C 328 2.54 54.54 41.52
N LEU C 329 3.74 54.90 41.07
CA LEU C 329 4.86 54.99 42.00
C LEU C 329 4.69 56.16 42.96
N ALA C 330 4.10 57.27 42.49
CA ALA C 330 3.82 58.39 43.38
C ALA C 330 2.73 58.05 44.38
N LYS C 331 1.74 57.25 43.95
CA LYS C 331 0.69 56.80 44.87
C LYS C 331 1.26 55.85 45.92
N VAL C 332 2.16 54.95 45.51
CA VAL C 332 2.77 54.02 46.46
C VAL C 332 3.73 54.76 47.39
N ALA C 333 4.31 55.87 46.94
CA ALA C 333 5.16 56.67 47.81
C ALA C 333 4.33 57.47 48.81
N LYS C 334 3.20 58.03 48.38
CA LYS C 334 2.36 58.83 49.26
C LYS C 334 1.47 57.98 50.17
N ALA C 335 1.31 56.69 49.87
CA ALA C 335 0.54 55.80 50.74
C ALA C 335 1.36 55.20 51.87
N GLN C 336 2.65 55.57 51.95
CA GLN C 336 3.58 55.11 52.99
C GLN C 336 3.71 53.58 53.00
N VAL C 337 3.97 53.01 51.83
CA VAL C 337 4.16 51.57 51.70
C VAL C 337 5.59 51.22 52.08
N VAL C 338 5.75 50.33 53.05
CA VAL C 338 7.08 49.95 53.50
C VAL C 338 7.73 48.97 52.54
N ARG C 339 7.06 47.84 52.29
CA ARG C 339 7.58 46.79 51.41
C ARG C 339 6.67 46.67 50.19
N ILE C 340 7.28 46.68 49.01
CA ILE C 340 6.56 46.56 47.75
C ILE C 340 6.98 45.25 47.09
N GLU C 341 5.99 44.43 46.74
CA GLU C 341 6.24 43.13 46.12
C GLU C 341 6.06 43.26 44.61
N THR C 342 7.16 43.06 43.87
CA THR C 342 7.12 43.13 42.42
C THR C 342 8.16 42.18 41.85
N LEU C 343 8.01 41.85 40.58
CA LEU C 343 8.91 40.94 39.89
C LEU C 343 10.01 41.71 39.17
N TYR C 344 11.15 41.04 38.99
CA TYR C 344 12.30 41.61 38.31
C TYR C 344 12.66 40.70 37.14
N THR C 345 12.53 41.22 35.92
CA THR C 345 12.83 40.48 34.71
C THR C 345 13.82 41.27 33.87
N ASN C 346 14.74 40.55 33.22
CA ASN C 346 15.76 41.15 32.38
C ASN C 346 15.71 40.54 30.99
N ASP C 347 16.45 41.15 30.07
CA ASP C 347 16.51 40.64 28.70
C ASP C 347 17.36 39.38 28.62
N ILE C 348 18.46 39.33 29.38
CA ILE C 348 19.29 38.13 29.39
C ILE C 348 18.69 37.02 30.25
N ASP C 349 17.76 37.36 31.14
CA ASP C 349 17.10 36.37 31.97
C ASP C 349 15.86 35.83 31.25
N CYS C 350 15.03 35.10 31.98
CA CYS C 350 13.82 34.53 31.39
C CYS C 350 12.76 35.60 31.17
N GLY C 351 12.04 35.48 30.05
CA GLY C 351 11.00 36.42 29.72
C GLY C 351 9.77 36.24 30.58
N PRO C 352 9.20 37.35 31.06
CA PRO C 352 8.00 37.27 31.94
C PRO C 352 6.72 36.97 31.16
N PHE C 353 6.61 35.72 30.71
CA PHE C 353 5.42 35.28 29.98
C PHE C 353 4.33 34.77 30.91
N ILE C 354 4.70 34.27 32.09
CA ILE C 354 3.72 33.77 33.04
C ILE C 354 2.90 34.90 33.63
N SER C 355 3.53 36.05 33.89
CA SER C 355 2.81 37.21 34.39
C SER C 355 1.88 37.80 33.34
N ASP C 356 2.32 37.79 32.07
CA ASP C 356 1.46 38.26 30.99
C ASP C 356 0.31 37.29 30.71
N THR C 357 0.52 36.00 30.97
CA THR C 357 -0.57 35.04 30.84
C THR C 357 -1.55 35.15 32.00
N LEU C 358 -1.05 35.43 33.21
CA LEU C 358 -1.93 35.57 34.36
C LEU C 358 -2.68 36.90 34.37
N LYS C 359 -2.12 37.93 33.73
CA LYS C 359 -2.78 39.23 33.67
C LYS C 359 -3.83 39.31 32.58
N ILE C 360 -3.98 38.27 31.75
CA ILE C 360 -4.93 38.29 30.65
C ILE C 360 -6.30 37.85 31.15
N ASP C 361 -7.34 38.41 30.52
CA ASP C 361 -8.75 38.06 30.67
C ASP C 361 -9.32 38.33 32.06
N ASN C 362 -8.59 39.07 32.91
CA ASN C 362 -9.01 39.49 34.25
C ASN C 362 -9.40 38.31 35.14
N THR C 363 -8.57 37.27 35.12
CA THR C 363 -8.82 36.05 35.90
C THR C 363 -8.12 36.19 37.25
N SER C 364 -8.88 36.59 38.27
CA SER C 364 -8.32 36.76 39.61
C SER C 364 -9.21 36.21 40.72
N ASN C 365 -10.36 35.63 40.40
CA ASN C 365 -11.28 35.12 41.40
C ASN C 365 -11.45 33.61 41.23
N GLN C 366 -11.74 32.93 42.34
CA GLN C 366 -11.95 31.49 42.31
C GLN C 366 -13.31 31.13 41.73
N LEU C 367 -14.33 31.95 41.97
CA LEU C 367 -15.65 31.68 41.42
C LEU C 367 -15.69 31.90 39.91
N GLU C 368 -14.91 32.88 39.41
CA GLU C 368 -14.81 33.10 37.97
C GLU C 368 -14.12 31.93 37.29
N ALA C 369 -13.07 31.39 37.91
CA ALA C 369 -12.42 30.20 37.35
C ALA C 369 -13.32 28.97 37.46
N LEU C 370 -14.14 28.88 38.51
CA LEU C 370 -15.07 27.78 38.65
C LEU C 370 -16.16 27.82 37.58
N VAL C 371 -16.73 29.00 37.32
CA VAL C 371 -17.74 29.09 36.27
C VAL C 371 -17.11 28.98 34.89
N GLU C 372 -15.82 29.33 34.74
CA GLU C 372 -15.14 29.14 33.46
C GLU C 372 -14.88 27.67 33.18
N ILE C 373 -14.48 26.91 34.20
CA ILE C 373 -14.27 25.48 34.00
C ILE C 373 -15.61 24.73 33.98
N TYR C 374 -16.69 25.33 34.46
CA TYR C 374 -18.01 24.74 34.28
C TYR C 374 -18.54 24.99 32.88
N ARG C 375 -18.27 26.17 32.32
CA ARG C 375 -18.65 26.44 30.94
C ARG C 375 -17.76 25.71 29.95
N MET C 376 -16.54 25.37 30.35
CA MET C 376 -15.66 24.59 29.47
C MET C 376 -16.11 23.13 29.39
N MET C 377 -16.71 22.61 30.45
CA MET C 377 -17.19 21.22 30.46
C MET C 377 -18.63 21.13 29.95
N ARG C 378 -19.55 21.85 30.60
CA ARG C 378 -20.97 21.87 30.23
C ARG C 378 -21.38 23.30 29.96
N PRO C 379 -21.26 23.77 28.71
CA PRO C 379 -21.61 25.16 28.41
C PRO C 379 -23.12 25.37 28.34
N GLY C 380 -23.55 26.52 28.82
CA GLY C 380 -24.96 26.89 28.79
C GLY C 380 -25.82 26.10 29.76
N GLU C 381 -25.29 25.83 30.95
CA GLU C 381 -26.01 25.06 31.95
C GLU C 381 -26.14 25.86 33.24
N PRO C 382 -26.81 25.32 34.25
CA PRO C 382 -26.93 26.03 35.53
C PRO C 382 -25.60 26.05 36.27
N PRO C 383 -25.04 27.25 36.48
CA PRO C 383 -23.71 27.35 37.13
C PRO C 383 -23.82 27.12 38.63
N THR C 384 -23.35 25.96 39.07
CA THR C 384 -23.31 25.61 40.49
C THR C 384 -21.87 25.37 40.91
N LYS C 385 -21.54 25.84 42.12
CA LYS C 385 -20.17 25.69 42.62
C LYS C 385 -19.87 24.26 43.04
N GLU C 386 -20.85 23.60 43.68
CA GLU C 386 -20.63 22.25 44.17
C GLU C 386 -20.56 21.24 43.03
N ALA C 387 -21.39 21.41 42.01
CA ALA C 387 -21.38 20.49 40.86
C ALA C 387 -20.10 20.65 40.04
N ALA C 388 -19.66 21.90 39.83
CA ALA C 388 -18.41 22.14 39.12
C ALA C 388 -17.20 21.66 39.92
N GLU C 389 -17.25 21.81 41.26
CA GLU C 389 -16.18 21.31 42.10
C GLU C 389 -16.11 19.78 42.08
N THR C 390 -17.27 19.12 42.08
CA THR C 390 -17.30 17.66 42.00
C THR C 390 -16.84 17.17 40.63
N LEU C 391 -17.18 17.91 39.58
CA LEU C 391 -16.72 17.55 38.23
C LEU C 391 -15.21 17.73 38.10
N PHE C 392 -14.67 18.81 38.65
CA PHE C 392 -13.21 19.01 38.62
C PHE C 392 -12.50 17.98 39.49
N GLY C 393 -13.11 17.58 40.60
CA GLY C 393 -12.51 16.55 41.43
C GLY C 393 -12.49 15.19 40.76
N ASN C 394 -13.60 14.83 40.11
CA ASN C 394 -13.65 13.57 39.36
C ASN C 394 -12.77 13.60 38.11
N LEU C 395 -12.50 14.80 37.57
CA LEU C 395 -11.63 14.88 36.40
C LEU C 395 -10.15 14.85 36.76
N PHE C 396 -9.78 15.47 37.89
CA PHE C 396 -8.37 15.62 38.25
C PHE C 396 -7.97 14.86 39.49
N PHE C 397 -8.66 15.07 40.61
CA PHE C 397 -8.20 14.52 41.89
C PHE C 397 -8.66 13.07 42.07
N SER C 398 -9.95 12.81 41.88
CA SER C 398 -10.49 11.48 42.11
C SER C 398 -10.11 10.54 40.99
N ALA C 399 -10.08 9.24 41.31
CA ALA C 399 -9.73 8.20 40.35
C ALA C 399 -10.93 7.63 39.63
N GLU C 400 -12.06 8.35 39.63
CA GLU C 400 -13.25 7.90 38.91
C GLU C 400 -13.04 8.07 37.41
N ARG C 401 -13.02 6.94 36.68
CA ARG C 401 -12.75 6.88 35.23
C ARG C 401 -11.40 7.50 34.89
N TYR C 402 -10.41 7.30 35.75
CA TYR C 402 -9.08 7.87 35.55
C TYR C 402 -8.08 6.98 36.28
N ASP C 403 -7.21 6.30 35.53
CA ASP C 403 -6.20 5.41 36.11
C ASP C 403 -4.84 5.84 35.60
N LEU C 404 -3.94 6.19 36.53
CA LEU C 404 -2.57 6.57 36.20
C LEU C 404 -1.63 5.69 37.01
N SER C 405 -0.71 5.02 36.33
CA SER C 405 0.27 4.17 36.99
C SER C 405 1.42 5.02 37.52
N ALA C 406 2.36 4.36 38.20
CA ALA C 406 3.49 5.05 38.81
C ALA C 406 4.56 5.46 37.80
N VAL C 407 4.50 4.94 36.57
CA VAL C 407 5.54 5.26 35.60
C VAL C 407 5.38 6.68 35.08
N GLY C 408 4.15 7.22 35.10
CA GLY C 408 3.97 8.61 34.72
C GLY C 408 4.52 9.56 35.75
N ARG C 409 4.32 9.26 37.04
CA ARG C 409 4.93 10.05 38.10
C ARG C 409 6.45 9.90 38.11
N MET C 410 6.96 8.72 37.75
CA MET C 410 8.40 8.52 37.67
C MET C 410 9.01 9.33 36.51
N LYS C 411 8.33 9.37 35.37
CA LYS C 411 8.80 10.17 34.25
C LYS C 411 8.70 11.66 34.54
N PHE C 412 7.65 12.08 35.26
CA PHE C 412 7.52 13.47 35.64
C PHE C 412 8.59 13.88 36.66
N ASN C 413 8.93 12.97 37.58
CA ASN C 413 10.00 13.26 38.54
C ASN C 413 11.37 13.25 37.87
N ARG C 414 11.56 12.44 36.83
CA ARG C 414 12.80 12.48 36.09
C ARG C 414 12.89 13.71 35.20
N ARG C 415 11.75 14.24 34.75
CA ARG C 415 11.75 15.44 33.92
C ARG C 415 11.98 16.69 34.75
N ILE C 416 11.18 16.89 35.80
CA ILE C 416 11.28 18.13 36.58
C ILE C 416 12.36 18.08 37.65
N GLY C 417 12.90 16.90 37.95
CA GLY C 417 13.96 16.79 38.92
C GLY C 417 13.48 16.44 40.31
N ARG C 418 13.69 15.20 40.74
CA ARG C 418 13.28 14.76 42.06
C ARG C 418 14.14 13.56 42.46
N THR C 419 14.44 13.48 43.75
CA THR C 419 15.25 12.38 44.27
C THR C 419 14.46 11.08 44.37
N GLU C 420 13.15 11.16 44.63
CA GLU C 420 12.33 9.98 44.77
C GLU C 420 11.86 9.51 43.40
N ILE C 421 12.15 8.25 43.06
CA ILE C 421 11.74 7.71 41.77
C ILE C 421 10.26 7.36 41.78
N GLU C 422 9.76 6.82 42.89
CA GLU C 422 8.36 6.45 42.99
C GLU C 422 7.53 7.65 43.41
N GLY C 423 6.43 7.88 42.71
CA GLY C 423 5.55 8.99 42.99
C GLY C 423 4.12 8.56 43.17
N PRO C 424 3.25 9.51 43.52
CA PRO C 424 1.83 9.17 43.72
C PRO C 424 1.11 9.02 42.39
N GLY C 425 0.14 8.10 42.38
CA GLY C 425 -0.63 7.84 41.17
C GLY C 425 -1.66 8.90 40.85
N VAL C 426 -2.04 9.72 41.83
CA VAL C 426 -3.01 10.78 41.63
C VAL C 426 -2.28 12.09 41.36
N LEU C 427 -2.80 12.86 40.42
CA LEU C 427 -2.19 14.14 40.07
C LEU C 427 -2.63 15.22 41.05
N SER C 428 -1.72 16.15 41.34
CA SER C 428 -1.97 17.24 42.27
C SER C 428 -1.55 18.55 41.62
N LYS C 429 -1.77 19.65 42.34
CA LYS C 429 -1.40 20.97 41.84
C LYS C 429 0.10 21.21 41.89
N GLU C 430 0.83 20.46 42.74
CA GLU C 430 2.28 20.60 42.80
C GLU C 430 2.94 20.15 41.51
N ASP C 431 2.37 19.11 40.88
CA ASP C 431 2.82 18.70 39.55
C ASP C 431 2.54 19.78 38.50
N ILE C 432 1.47 20.57 38.70
CA ILE C 432 1.22 21.69 37.80
C ILE C 432 2.25 22.79 38.03
N ILE C 433 2.70 22.97 39.27
CA ILE C 433 3.80 23.92 39.53
C ILE C 433 5.09 23.45 38.88
N ASP C 434 5.38 22.14 38.96
CA ASP C 434 6.59 21.62 38.30
C ASP C 434 6.49 21.73 36.78
N VAL C 435 5.31 21.52 36.20
CA VAL C 435 5.23 21.59 34.75
C VAL C 435 5.22 23.05 34.27
N LEU C 436 4.74 24.00 35.08
CA LEU C 436 4.85 25.39 34.67
C LEU C 436 6.28 25.90 34.81
N LYS C 437 7.01 25.45 35.84
CA LYS C 437 8.43 25.76 35.96
C LYS C 437 9.23 25.13 34.82
N THR C 438 8.83 23.93 34.39
CA THR C 438 9.51 23.27 33.28
C THR C 438 9.22 23.98 31.95
N LEU C 439 8.00 24.47 31.73
CA LEU C 439 7.72 25.14 30.47
C LEU C 439 8.35 26.52 30.41
N VAL C 440 8.43 27.23 31.56
CA VAL C 440 9.12 28.51 31.51
C VAL C 440 10.64 28.32 31.46
N ASP C 441 11.15 27.18 31.94
CA ASP C 441 12.56 26.87 31.75
C ASP C 441 12.86 26.50 30.30
N ILE C 442 11.91 25.85 29.63
CA ILE C 442 12.09 25.55 28.21
C ILE C 442 11.97 26.81 27.36
N ARG C 443 11.07 27.72 27.74
CA ARG C 443 10.95 29.00 27.03
C ARG C 443 12.11 29.94 27.33
N ASN C 444 12.78 29.76 28.46
CA ASN C 444 13.99 30.54 28.73
C ASN C 444 15.13 30.12 27.82
N GLY C 445 15.24 28.82 27.53
CA GLY C 445 16.28 28.29 26.67
C GLY C 445 17.26 27.39 27.38
N LYS C 446 17.20 27.28 28.69
CA LYS C 446 18.12 26.42 29.44
C LYS C 446 17.69 24.96 29.32
N GLY C 447 18.68 24.08 29.19
CA GLY C 447 18.42 22.66 29.06
C GLY C 447 18.29 22.22 27.62
N ILE C 448 17.90 20.94 27.47
CA ILE C 448 17.73 20.32 26.16
C ILE C 448 16.26 19.92 26.01
N VAL C 449 15.73 20.13 24.80
CA VAL C 449 14.34 19.79 24.52
C VAL C 449 14.22 18.29 24.32
N ASP C 450 13.05 17.75 24.69
CA ASP C 450 12.79 16.33 24.55
C ASP C 450 12.52 15.96 23.10
N ASP C 451 12.85 14.72 22.75
CA ASP C 451 12.65 14.20 21.40
C ASP C 451 11.50 13.19 21.43
N ILE C 452 10.50 13.42 20.58
CA ILE C 452 9.33 12.54 20.56
C ILE C 452 9.64 11.23 19.82
N ASP C 453 10.72 11.19 19.05
CA ASP C 453 11.15 9.99 18.36
C ASP C 453 12.15 9.16 19.16
N HIS C 454 12.23 9.38 20.47
CA HIS C 454 13.16 8.68 21.34
C HIS C 454 12.56 7.38 21.84
N LEU C 455 13.44 6.51 22.36
CA LEU C 455 12.97 5.30 23.04
C LEU C 455 12.40 5.61 24.41
N GLY C 456 12.85 6.70 25.04
CA GLY C 456 12.29 7.08 26.32
C GLY C 456 10.91 7.73 26.20
N ASN C 457 10.63 8.35 25.07
CA ASN C 457 9.34 8.97 24.82
C ASN C 457 8.31 8.00 24.24
N ARG C 458 8.70 6.76 23.99
CA ARG C 458 7.79 5.74 23.46
C ARG C 458 7.90 4.51 24.36
N ARG C 459 6.91 4.31 25.22
CA ARG C 459 6.89 3.19 26.15
C ARG C 459 6.27 1.97 25.49
N VAL C 460 6.88 0.81 25.73
CA VAL C 460 6.38 -0.45 25.21
C VAL C 460 5.46 -1.08 26.25
N ARG C 461 4.18 -1.21 25.92
CA ARG C 461 3.21 -1.77 26.83
C ARG C 461 3.08 -3.28 26.59
N CYS C 462 2.11 -3.91 27.23
CA CYS C 462 1.86 -5.34 27.08
C CYS C 462 0.38 -5.60 27.29
N VAL C 463 0.00 -6.87 27.33
CA VAL C 463 -1.39 -7.23 27.56
C VAL C 463 -1.80 -7.04 29.01
N GLY C 464 -0.85 -7.04 29.94
CA GLY C 464 -1.18 -7.01 31.35
C GLY C 464 -1.75 -5.67 31.80
N GLU C 465 -1.13 -4.57 31.37
CA GLU C 465 -1.59 -3.24 31.79
C GLU C 465 -2.93 -2.89 31.16
N MET C 466 -3.11 -3.18 29.87
CA MET C 466 -4.37 -2.90 29.21
C MET C 466 -5.48 -3.82 29.71
N ALA C 467 -5.15 -5.07 30.02
CA ALA C 467 -6.13 -6.00 30.59
C ALA C 467 -6.53 -5.58 32.00
N GLU C 468 -5.57 -5.07 32.79
CA GLU C 468 -5.89 -4.56 34.10
C GLU C 468 -6.73 -3.29 34.03
N ASN C 469 -6.48 -2.44 33.03
CA ASN C 469 -7.29 -1.24 32.85
C ASN C 469 -8.72 -1.59 32.44
N GLN C 470 -8.88 -2.56 31.53
CA GLN C 470 -10.22 -2.98 31.12
C GLN C 470 -10.97 -3.68 32.26
N PHE C 471 -10.25 -4.50 33.04
CA PHE C 471 -10.86 -5.14 34.20
C PHE C 471 -11.21 -4.12 35.28
N ARG C 472 -10.42 -3.06 35.43
CA ARG C 472 -10.73 -2.02 36.40
C ARG C 472 -11.94 -1.21 35.95
N VAL C 473 -12.08 -0.97 34.65
CA VAL C 473 -13.25 -0.26 34.12
C VAL C 473 -14.51 -1.10 34.32
N GLY C 474 -14.45 -2.39 33.99
CA GLY C 474 -15.57 -3.27 34.24
C GLY C 474 -15.89 -3.44 35.72
N LEU C 475 -14.86 -3.39 36.57
CA LEU C 475 -15.08 -3.56 38.00
C LEU C 475 -15.67 -2.30 38.63
N VAL C 476 -15.28 -1.11 38.17
CA VAL C 476 -15.92 0.09 38.72
C VAL C 476 -17.32 0.25 38.16
N ARG C 477 -17.58 -0.28 36.95
CA ARG C 477 -18.95 -0.31 36.44
C ARG C 477 -19.82 -1.26 37.25
N VAL C 478 -19.29 -2.43 37.60
CA VAL C 478 -20.03 -3.37 38.45
C VAL C 478 -20.19 -2.82 39.86
N GLU C 479 -19.22 -2.05 40.36
CA GLU C 479 -19.33 -1.45 41.68
C GLU C 479 -20.39 -0.34 41.69
N ARG C 480 -20.46 0.45 40.61
CA ARG C 480 -21.52 1.45 40.51
C ARG C 480 -22.88 0.82 40.37
N ALA C 481 -22.98 -0.30 39.65
CA ALA C 481 -24.24 -1.02 39.54
C ALA C 481 -24.67 -1.63 40.88
N VAL C 482 -23.71 -2.16 41.64
CA VAL C 482 -24.02 -2.74 42.95
C VAL C 482 -24.39 -1.65 43.95
N LYS C 483 -23.77 -0.47 43.84
CA LYS C 483 -24.13 0.63 44.72
C LYS C 483 -25.49 1.22 44.36
N GLU C 484 -25.85 1.19 43.08
CA GLU C 484 -27.19 1.63 42.68
C GLU C 484 -28.25 0.62 43.08
N ARG C 485 -27.92 -0.68 43.05
CA ARG C 485 -28.90 -1.70 43.42
C ARG C 485 -29.06 -1.81 44.92
N LEU C 486 -27.99 -1.63 45.68
CA LEU C 486 -28.01 -1.74 47.13
C LEU C 486 -28.14 -0.39 47.82
N SER C 487 -28.80 0.57 47.17
CA SER C 487 -28.99 1.89 47.78
C SER C 487 -30.07 1.85 48.86
N MET C 488 -31.26 1.38 48.50
CA MET C 488 -32.37 1.27 49.44
C MET C 488 -32.48 -0.11 50.07
N ALA C 489 -31.55 -1.01 49.79
CA ALA C 489 -31.59 -2.35 50.36
C ALA C 489 -30.96 -2.37 51.74
N GLU C 490 -31.11 -3.49 52.43
CA GLU C 490 -30.60 -3.69 53.77
C GLU C 490 -29.68 -4.90 53.79
N SER C 491 -29.12 -5.20 54.97
CA SER C 491 -28.23 -6.34 55.12
C SER C 491 -29.02 -7.65 55.14
N GLU C 492 -30.11 -7.70 55.90
CA GLU C 492 -30.92 -8.90 55.97
C GLU C 492 -31.94 -8.99 54.83
N GLY C 493 -32.28 -7.87 54.20
CA GLY C 493 -33.23 -7.89 53.09
C GLY C 493 -32.62 -8.25 51.76
N LEU C 494 -31.32 -8.02 51.59
CA LEU C 494 -30.63 -8.31 50.34
C LEU C 494 -29.60 -9.41 50.59
N MET C 495 -28.83 -9.72 49.55
CA MET C 495 -27.80 -10.75 49.60
C MET C 495 -26.49 -10.20 49.05
N PRO C 496 -25.35 -10.62 49.62
CA PRO C 496 -24.07 -10.14 49.08
C PRO C 496 -23.74 -10.72 47.70
N GLN C 497 -24.19 -11.94 47.42
CA GLN C 497 -23.94 -12.52 46.10
C GLN C 497 -24.88 -11.96 45.05
N ASP C 498 -26.13 -11.69 45.42
CA ASP C 498 -27.10 -11.14 44.48
C ASP C 498 -26.86 -9.66 44.20
N LEU C 499 -26.17 -8.94 45.07
CA LEU C 499 -25.88 -7.53 44.84
C LEU C 499 -24.75 -7.35 43.83
N ILE C 500 -23.77 -8.25 43.83
CA ILE C 500 -22.66 -8.14 42.89
C ILE C 500 -23.10 -8.65 41.52
N ASN C 501 -22.39 -8.20 40.49
CA ASN C 501 -22.69 -8.59 39.11
C ASN C 501 -21.38 -8.81 38.37
N ALA C 502 -21.17 -10.02 37.88
CA ALA C 502 -19.98 -10.37 37.12
C ALA C 502 -20.15 -10.17 35.62
N LYS C 503 -21.27 -9.58 35.20
CA LYS C 503 -21.56 -9.35 33.79
C LYS C 503 -20.82 -8.17 33.14
N PRO C 504 -20.61 -7.01 33.79
CA PRO C 504 -19.79 -5.98 33.10
C PRO C 504 -18.33 -6.37 32.94
N VAL C 505 -17.74 -7.08 33.91
CA VAL C 505 -16.36 -7.50 33.74
C VAL C 505 -16.25 -8.64 32.71
N ALA C 506 -17.31 -9.44 32.55
CA ALA C 506 -17.33 -10.46 31.51
C ALA C 506 -17.48 -9.83 30.14
N ALA C 507 -18.31 -8.79 30.02
CA ALA C 507 -18.43 -8.07 28.76
C ALA C 507 -17.14 -7.32 28.42
N ALA C 508 -16.44 -6.81 29.43
CA ALA C 508 -15.17 -6.13 29.21
C ALA C 508 -14.09 -7.10 28.76
N ILE C 509 -14.00 -8.27 29.39
CA ILE C 509 -13.01 -9.26 28.97
C ILE C 509 -13.43 -9.93 27.66
N LYS C 510 -14.70 -9.81 27.27
CA LYS C 510 -15.11 -10.24 25.93
C LYS C 510 -14.66 -9.25 24.87
N GLU C 511 -14.89 -7.94 25.09
CA GLU C 511 -14.50 -6.95 24.08
C GLU C 511 -13.00 -6.70 24.06
N PHE C 512 -12.27 -7.08 25.12
CA PHE C 512 -10.82 -6.91 25.11
C PHE C 512 -10.14 -7.87 24.14
N PHE C 513 -10.77 -9.01 23.85
CA PHE C 513 -10.19 -10.00 22.94
C PHE C 513 -10.99 -10.21 21.67
N GLY C 514 -12.24 -9.75 21.61
CA GLY C 514 -13.05 -9.97 20.43
C GLY C 514 -13.12 -8.79 19.48
N SER C 515 -13.36 -7.59 20.02
CA SER C 515 -13.55 -6.40 19.21
C SER C 515 -12.41 -5.40 19.34
N SER C 516 -11.27 -5.81 19.88
CA SER C 516 -10.13 -4.92 20.04
C SER C 516 -9.17 -5.06 18.87
N GLN C 517 -8.58 -3.94 18.46
CA GLN C 517 -7.64 -3.96 17.35
C GLN C 517 -6.29 -4.53 17.76
N LEU C 518 -5.96 -4.47 19.05
CA LEU C 518 -4.66 -5.00 19.51
C LEU C 518 -4.65 -6.51 19.54
N SER C 519 -5.81 -7.13 19.73
CA SER C 519 -5.91 -8.59 19.75
C SER C 519 -6.30 -9.11 18.36
N GLN C 520 -5.38 -8.90 17.42
CA GLN C 520 -5.58 -9.34 16.05
C GLN C 520 -5.18 -10.81 15.91
N PHE C 521 -5.46 -11.36 14.73
CA PHE C 521 -5.19 -12.77 14.47
C PHE C 521 -3.69 -13.02 14.35
N MET C 522 -3.23 -14.11 14.95
CA MET C 522 -1.82 -14.43 14.98
C MET C 522 -1.37 -14.97 13.63
N ASP C 523 -0.26 -14.45 13.12
CA ASP C 523 0.33 -14.96 11.89
C ASP C 523 1.03 -16.28 12.19
N GLN C 524 0.33 -17.39 11.95
CA GLN C 524 0.87 -18.71 12.24
C GLN C 524 1.25 -19.48 10.97
N ASN C 525 1.48 -18.77 9.86
CA ASN C 525 1.92 -19.43 8.64
C ASN C 525 3.38 -19.84 8.70
N ASN C 526 4.18 -19.15 9.50
CA ASN C 526 5.60 -19.43 9.65
C ASN C 526 5.97 -19.27 11.12
N PRO C 527 6.91 -20.09 11.62
CA PRO C 527 7.36 -19.90 13.01
C PRO C 527 8.09 -18.58 13.25
N LEU C 528 8.70 -18.00 12.21
CA LEU C 528 9.27 -16.67 12.34
C LEU C 528 8.19 -15.63 12.56
N SER C 529 7.05 -15.78 11.88
CA SER C 529 5.90 -14.91 12.13
C SER C 529 5.36 -15.13 13.53
N GLU C 530 5.39 -16.38 14.01
CA GLU C 530 4.89 -16.69 15.35
C GLU C 530 5.77 -16.09 16.44
N ILE C 531 7.09 -16.03 16.21
CA ILE C 531 7.94 -15.44 17.24
C ILE C 531 8.08 -13.93 17.07
N THR C 532 7.76 -13.38 15.90
CA THR C 532 7.87 -11.94 15.73
C THR C 532 6.58 -11.19 16.01
N HIS C 533 5.41 -11.85 15.87
CA HIS C 533 4.15 -11.18 16.13
C HIS C 533 3.94 -10.90 17.61
N LYS C 534 4.58 -11.66 18.49
CA LYS C 534 4.60 -11.31 19.91
C LYS C 534 5.47 -10.07 20.14
N ARG C 535 6.59 -9.97 19.44
CA ARG C 535 7.57 -8.91 19.64
C ARG C 535 7.32 -7.69 18.75
N ARG C 536 6.12 -7.53 18.19
CA ARG C 536 5.79 -6.34 17.44
C ARG C 536 5.52 -5.18 18.38
N VAL C 537 6.00 -4.00 17.99
CA VAL C 537 5.82 -2.79 18.79
C VAL C 537 5.08 -1.80 17.91
N SER C 538 3.75 -1.81 18.00
CA SER C 538 2.90 -0.98 17.16
C SER C 538 2.45 0.26 17.93
N ALA C 539 2.33 1.38 17.22
CA ALA C 539 1.90 2.64 17.80
C ALA C 539 0.42 2.92 17.59
N LEU C 540 -0.29 2.04 16.89
CA LEU C 540 -1.70 2.25 16.60
C LEU C 540 -2.56 1.75 17.77
N GLY C 541 -3.87 1.76 17.60
CA GLY C 541 -4.78 1.35 18.64
C GLY C 541 -5.28 2.50 19.47
N PRO C 542 -5.89 2.20 20.61
CA PRO C 542 -6.39 3.28 21.49
C PRO C 542 -5.26 3.96 22.24
N GLY C 543 -5.33 5.29 22.29
CA GLY C 543 -4.30 6.06 22.96
C GLY C 543 -3.00 6.16 22.22
N GLY C 544 -3.00 5.96 20.91
CA GLY C 544 -1.79 6.02 20.12
C GLY C 544 -1.98 6.75 18.80
N LEU C 545 -0.94 6.76 17.97
CA LEU C 545 -0.97 7.42 16.68
C LEU C 545 -1.29 6.41 15.59
N THR C 546 -2.24 6.74 14.73
CA THR C 546 -2.64 5.87 13.63
C THR C 546 -1.74 6.13 12.42
N ARG C 547 -2.14 5.59 11.25
CA ARG C 547 -1.30 5.70 10.06
C ARG C 547 -1.28 7.12 9.51
N GLU C 548 -2.43 7.82 9.57
CA GLU C 548 -2.49 9.20 9.11
C GLU C 548 -1.98 10.19 10.15
N ARG C 549 -1.75 9.75 11.39
CA ARG C 549 -1.26 10.61 12.45
C ARG C 549 0.25 10.49 12.65
N ALA C 550 0.95 9.78 11.78
CA ALA C 550 2.38 9.59 11.95
C ALA C 550 3.16 10.82 11.51
N GLY C 551 3.07 11.18 10.23
CA GLY C 551 3.78 12.34 9.74
C GLY C 551 5.27 12.08 9.62
N PHE C 552 6.06 13.08 10.01
CA PHE C 552 7.52 12.99 10.00
C PHE C 552 8.11 13.04 11.40
N GLU C 553 7.34 12.66 12.43
CA GLU C 553 7.79 12.72 13.81
C GLU C 553 8.10 11.35 14.39
N VAL C 554 7.14 10.42 14.33
CA VAL C 554 7.32 9.08 14.90
C VAL C 554 7.86 8.08 13.89
N ARG C 555 8.11 8.51 12.66
CA ARG C 555 8.64 7.64 11.62
C ARG C 555 10.16 7.75 11.48
N ASP C 556 10.82 8.37 12.46
CA ASP C 556 12.26 8.57 12.42
C ASP C 556 12.89 8.02 13.70
N VAL C 557 14.17 7.70 13.65
CA VAL C 557 14.84 7.11 14.82
C VAL C 557 15.98 7.96 15.42
N HIS C 558 16.12 7.87 16.74
CA HIS C 558 17.17 8.58 17.48
C HIS C 558 18.24 7.57 17.89
N PRO C 559 19.52 8.01 17.95
CA PRO C 559 20.56 7.02 18.30
C PRO C 559 20.54 6.48 19.73
N THR C 560 19.51 6.81 20.53
CA THR C 560 19.33 6.20 21.83
C THR C 560 18.70 4.81 21.76
N HIS C 561 18.45 4.29 20.56
CA HIS C 561 17.91 2.95 20.36
C HIS C 561 19.00 1.91 20.16
N TYR C 562 20.17 2.12 20.77
CA TYR C 562 21.29 1.19 20.64
C TYR C 562 21.02 -0.09 21.41
N GLY C 563 20.43 -1.08 20.73
CA GLY C 563 20.09 -2.33 21.37
C GLY C 563 18.68 -2.43 21.89
N ARG C 564 17.79 -1.52 21.51
CA ARG C 564 16.42 -1.51 22.00
C ARG C 564 15.39 -1.70 20.90
N VAL C 565 15.43 -0.88 19.85
CA VAL C 565 14.45 -0.92 18.78
C VAL C 565 15.18 -1.21 17.47
N CYS C 566 14.78 -2.27 16.79
CA CYS C 566 15.38 -2.64 15.51
C CYS C 566 14.61 -2.00 14.37
N PRO C 567 15.23 -1.11 13.59
CA PRO C 567 14.53 -0.50 12.45
C PRO C 567 14.58 -1.33 11.17
N ILE C 568 15.05 -2.57 11.23
CA ILE C 568 15.16 -3.42 10.04
C ILE C 568 14.08 -4.49 10.20
N GLU C 569 13.00 -4.16 10.91
CA GLU C 569 11.89 -5.08 11.08
C GLU C 569 10.60 -4.26 11.21
N THR C 570 9.92 -4.07 10.08
CA THR C 570 8.62 -3.41 9.99
C THR C 570 7.92 -3.88 8.74
N PRO C 571 6.60 -4.02 8.76
CA PRO C 571 5.89 -4.48 7.56
C PRO C 571 5.85 -3.41 6.49
N GLU C 572 6.08 -3.81 5.25
CA GLU C 572 6.07 -2.89 4.13
C GLU C 572 4.65 -2.65 3.63
N GLY C 573 4.41 -1.45 3.11
CA GLY C 573 3.11 -1.07 2.62
C GLY C 573 2.75 0.35 3.01
N PRO C 574 1.61 0.53 3.69
CA PRO C 574 1.19 1.87 4.11
C PRO C 574 1.63 2.28 5.51
N ASN C 575 2.47 1.49 6.19
CA ASN C 575 2.83 1.79 7.58
C ASN C 575 4.25 1.30 7.83
N ILE C 576 5.22 2.21 7.72
CA ILE C 576 6.62 1.92 7.99
C ILE C 576 7.15 2.97 8.95
N GLY C 577 7.64 2.53 10.10
CA GLY C 577 8.24 3.45 11.06
C GLY C 577 7.54 3.48 12.40
N LEU C 578 6.20 3.45 12.39
CA LEU C 578 5.44 3.51 13.62
C LEU C 578 5.19 2.14 14.24
N ILE C 579 5.16 1.08 13.43
CA ILE C 579 5.14 -0.29 13.95
C ILE C 579 6.59 -0.77 13.96
N ASN C 580 7.13 -0.96 15.16
CA ASN C 580 8.52 -1.36 15.36
C ASN C 580 8.58 -2.79 15.90
N SER C 581 9.78 -3.22 16.24
CA SER C 581 10.01 -4.56 16.75
C SER C 581 10.85 -4.50 18.02
N LEU C 582 10.96 -5.64 18.70
CA LEU C 582 11.76 -5.78 19.90
C LEU C 582 13.06 -6.50 19.53
N ALA C 583 14.17 -6.03 20.09
CA ALA C 583 15.48 -6.57 19.77
C ALA C 583 15.68 -7.94 20.45
N THR C 584 16.82 -8.55 20.17
CA THR C 584 17.09 -9.91 20.65
C THR C 584 17.46 -9.96 22.13
N TYR C 585 18.50 -9.22 22.51
CA TYR C 585 18.95 -9.19 23.89
C TYR C 585 18.31 -8.09 24.71
N ALA C 586 17.36 -7.36 24.15
CA ALA C 586 16.68 -6.29 24.89
C ALA C 586 15.69 -6.88 25.86
N ARG C 587 15.79 -6.47 27.13
CA ARG C 587 14.92 -6.93 28.20
C ARG C 587 14.21 -5.72 28.80
N THR C 588 12.89 -5.81 28.90
CA THR C 588 12.11 -4.72 29.47
C THR C 588 12.32 -4.64 30.98
N ASN C 589 12.02 -3.47 31.53
CA ASN C 589 12.20 -3.22 32.95
C ASN C 589 10.89 -3.46 33.70
N LYS C 590 10.91 -3.25 35.01
CA LYS C 590 9.70 -3.36 35.81
C LYS C 590 8.74 -2.20 35.54
N TYR C 591 9.27 -1.05 35.11
CA TYR C 591 8.47 0.11 34.76
C TYR C 591 8.05 0.13 33.30
N GLY C 592 8.17 -1.00 32.60
CA GLY C 592 7.81 -1.05 31.20
C GLY C 592 8.78 -0.34 30.28
N PHE C 593 9.99 -0.06 30.74
CA PHE C 593 10.98 0.66 29.95
C PHE C 593 11.86 -0.31 29.19
N LEU C 594 12.22 0.07 27.97
CA LEU C 594 13.07 -0.75 27.12
C LEU C 594 14.54 -0.48 27.46
N GLU C 595 15.23 -1.52 27.94
CA GLU C 595 16.62 -1.40 28.35
C GLU C 595 17.44 -2.51 27.70
N SER C 596 18.73 -2.25 27.55
CA SER C 596 19.66 -3.20 26.96
C SER C 596 20.89 -3.35 27.83
N PRO C 597 21.42 -4.56 27.98
CA PRO C 597 22.59 -4.76 28.84
C PRO C 597 23.87 -4.27 28.16
N TYR C 598 24.83 -3.89 29.01
CA TYR C 598 26.13 -3.40 28.55
C TYR C 598 27.22 -3.90 29.49
N ARG C 599 28.39 -4.14 28.92
CA ARG C 599 29.54 -4.65 29.68
C ARG C 599 30.28 -3.47 30.31
N VAL C 600 30.35 -3.46 31.64
CA VAL C 600 31.09 -2.42 32.35
C VAL C 600 32.58 -2.68 32.22
N VAL C 601 33.32 -1.70 31.72
CA VAL C 601 34.76 -1.80 31.51
C VAL C 601 35.45 -0.69 32.30
N LYS C 602 36.54 -1.05 32.99
CA LYS C 602 37.33 -0.11 33.75
C LYS C 602 38.47 0.42 32.89
N ASP C 603 39.40 1.16 33.51
CA ASP C 603 40.50 1.75 32.77
C ASP C 603 41.58 0.74 32.42
N SER C 604 41.71 -0.33 33.21
CA SER C 604 42.76 -1.32 33.00
C SER C 604 42.21 -2.69 32.64
N LEU C 605 41.26 -3.21 33.41
CA LEU C 605 40.73 -4.56 33.21
C LEU C 605 39.27 -4.48 32.78
N VAL C 606 38.74 -5.65 32.41
CA VAL C 606 37.37 -5.80 31.93
C VAL C 606 36.61 -6.64 32.97
N THR C 607 35.51 -6.08 33.48
CA THR C 607 34.70 -6.78 34.46
C THR C 607 33.90 -7.91 33.81
N ASP C 608 33.39 -8.81 34.64
CA ASP C 608 32.65 -9.97 34.17
C ASP C 608 31.14 -9.82 34.30
N GLU C 609 30.66 -9.08 35.30
CA GLU C 609 29.23 -8.94 35.52
C GLU C 609 28.60 -8.03 34.47
N ILE C 610 27.33 -8.28 34.17
CA ILE C 610 26.58 -7.52 33.19
C ILE C 610 25.39 -6.88 33.90
N VAL C 611 25.15 -5.60 33.61
CA VAL C 611 24.04 -4.85 34.18
C VAL C 611 23.19 -4.31 33.04
N PHE C 612 21.87 -4.43 33.18
CA PHE C 612 20.95 -3.90 32.18
C PHE C 612 20.87 -2.39 32.32
N LEU C 613 21.34 -1.67 31.31
CA LEU C 613 21.46 -0.22 31.37
C LEU C 613 20.27 0.42 30.65
N SER C 614 19.71 1.46 31.27
CA SER C 614 18.59 2.18 30.71
C SER C 614 19.07 3.22 29.70
N ALA C 615 18.13 4.03 29.20
CA ALA C 615 18.44 5.02 28.18
C ALA C 615 18.74 6.39 28.76
N ILE C 616 18.36 6.66 30.01
CA ILE C 616 18.59 7.97 30.60
C ILE C 616 20.03 8.15 31.07
N GLU C 617 20.76 7.07 31.28
CA GLU C 617 22.15 7.16 31.72
C GLU C 617 23.14 7.07 30.57
N GLU C 618 22.71 6.54 29.41
CA GLU C 618 23.58 6.46 28.25
C GLU C 618 23.89 7.83 27.65
N ALA C 619 23.05 8.84 27.92
CA ALA C 619 23.33 10.19 27.44
C ALA C 619 24.43 10.87 28.24
N ASP C 620 24.74 10.36 29.44
CA ASP C 620 25.82 10.89 30.26
C ASP C 620 27.05 9.99 30.28
N HIS C 621 26.86 8.69 30.11
CA HIS C 621 27.98 7.75 30.12
C HIS C 621 28.46 7.47 28.70
N VAL C 622 29.68 6.92 28.61
CA VAL C 622 30.30 6.60 27.34
C VAL C 622 30.08 5.12 27.04
N ILE C 623 29.63 4.82 25.82
CA ILE C 623 29.39 3.46 25.38
C ILE C 623 30.38 3.16 24.26
N ALA C 624 31.25 2.17 24.48
CA ALA C 624 32.25 1.79 23.51
C ALA C 624 31.70 0.71 22.57
N GLN C 625 32.57 0.13 21.75
CA GLN C 625 32.19 -0.89 20.80
C GLN C 625 32.88 -2.21 21.16
N ALA C 626 32.12 -3.30 21.11
CA ALA C 626 32.67 -4.62 21.43
C ALA C 626 33.57 -5.15 20.33
N SER C 627 33.41 -4.67 19.10
CA SER C 627 34.23 -5.11 17.97
C SER C 627 35.54 -4.31 17.96
N ALA C 628 36.41 -4.65 18.90
CA ALA C 628 37.70 -3.99 19.05
C ALA C 628 38.79 -5.04 19.21
N THR C 629 40.04 -4.59 19.11
CA THR C 629 41.18 -5.48 19.24
C THR C 629 41.42 -5.82 20.71
N LEU C 630 41.44 -7.11 21.02
CA LEU C 630 41.68 -7.60 22.36
C LEU C 630 42.84 -8.58 22.34
N ASN C 631 43.83 -8.34 23.19
CA ASN C 631 45.02 -9.19 23.28
C ASN C 631 44.93 -10.19 24.42
N GLU C 632 43.71 -10.64 24.74
CA GLU C 632 43.42 -11.62 25.80
C GLU C 632 43.93 -11.16 27.17
N LYS C 633 43.83 -9.86 27.42
CA LYS C 633 44.28 -9.28 28.68
C LYS C 633 43.27 -8.32 29.29
N GLY C 634 42.15 -8.05 28.64
CA GLY C 634 41.17 -7.13 29.16
C GLY C 634 41.41 -5.68 28.84
N GLN C 635 42.02 -5.38 27.70
CA GLN C 635 42.30 -4.00 27.31
C GLN C 635 42.22 -3.88 25.80
N LEU C 636 42.02 -2.66 25.34
CA LEU C 636 41.94 -2.37 23.91
C LEU C 636 43.32 -2.06 23.37
N VAL C 637 43.68 -2.69 22.25
CA VAL C 637 44.99 -2.46 21.67
C VAL C 637 45.04 -1.14 20.90
N ASP C 638 43.93 -0.72 20.32
CA ASP C 638 43.88 0.53 19.58
C ASP C 638 43.76 1.71 20.54
N GLU C 639 44.30 2.86 20.11
CA GLU C 639 44.27 4.07 20.90
C GLU C 639 43.07 4.96 20.59
N LEU C 640 42.22 4.56 19.64
CA LEU C 640 41.05 5.35 19.30
C LEU C 640 39.96 4.41 18.79
N VAL C 641 38.77 4.51 19.38
CA VAL C 641 37.64 3.68 19.02
C VAL C 641 36.41 4.56 18.84
N ALA C 642 35.49 4.09 18.00
CA ALA C 642 34.24 4.81 17.75
C ALA C 642 33.30 4.58 18.93
N VAL C 643 33.16 5.60 19.78
CA VAL C 643 32.34 5.52 20.98
C VAL C 643 31.21 6.53 20.88
N ARG C 644 30.35 6.58 21.90
CA ARG C 644 29.28 7.56 21.94
C ARG C 644 29.00 7.94 23.39
N HIS C 645 28.96 9.25 23.65
CA HIS C 645 28.72 9.75 25.00
C HIS C 645 27.43 10.54 25.11
N LEU C 646 27.27 11.60 24.34
CA LEU C 646 26.06 12.42 24.38
C LEU C 646 25.08 12.03 23.28
N ASN C 647 24.77 10.72 23.20
CA ASN C 647 23.87 10.12 22.20
C ASN C 647 24.31 10.40 20.77
N GLU C 648 25.63 10.54 20.55
CA GLU C 648 26.18 10.85 19.24
C GLU C 648 27.52 10.16 19.12
N PHE C 649 27.78 9.57 17.95
CA PHE C 649 29.01 8.81 17.74
C PHE C 649 30.20 9.74 17.54
N THR C 650 31.28 9.44 18.25
CA THR C 650 32.52 10.21 18.16
C THR C 650 33.68 9.27 18.44
N VAL C 651 34.87 9.84 18.62
CA VAL C 651 36.06 9.09 18.99
C VAL C 651 36.43 9.43 20.43
N LYS C 652 36.87 8.42 21.18
CA LYS C 652 37.21 8.59 22.58
C LYS C 652 38.46 7.79 22.89
N ALA C 653 38.88 7.84 24.15
CA ALA C 653 40.02 7.16 24.73
C ALA C 653 39.60 5.82 25.32
N PRO C 654 40.48 4.80 25.27
CA PRO C 654 40.13 3.51 25.90
C PRO C 654 40.10 3.57 27.42
N GLU C 655 40.80 4.52 28.04
CA GLU C 655 40.75 4.71 29.48
C GLU C 655 39.64 5.66 29.92
N ASP C 656 38.84 6.17 28.97
CA ASP C 656 37.76 7.09 29.28
C ASP C 656 36.38 6.43 29.23
N VAL C 657 36.24 5.31 28.51
CA VAL C 657 34.95 4.66 28.39
C VAL C 657 34.62 3.91 29.68
N THR C 658 33.34 3.59 29.84
CA THR C 658 32.88 2.89 31.03
C THR C 658 32.01 1.67 30.67
N LEU C 659 31.38 1.72 29.50
CA LEU C 659 30.51 0.66 29.04
C LEU C 659 30.82 0.29 27.60
N MET C 660 30.48 -0.93 27.23
CA MET C 660 30.59 -1.39 25.86
C MET C 660 29.50 -2.42 25.58
N ASP C 661 29.43 -2.86 24.33
CA ASP C 661 28.39 -3.80 23.92
C ASP C 661 28.67 -5.19 24.47
N VAL C 662 27.59 -5.94 24.70
CA VAL C 662 27.70 -7.32 25.15
C VAL C 662 27.91 -8.21 23.93
N SER C 663 26.95 -8.19 23.02
CA SER C 663 27.01 -8.95 21.79
C SER C 663 26.58 -8.07 20.63
N PRO C 664 27.14 -8.30 19.43
CA PRO C 664 26.72 -7.51 18.26
C PRO C 664 25.32 -7.84 17.77
N LYS C 665 24.73 -8.94 18.22
CA LYS C 665 23.37 -9.30 17.85
C LYS C 665 22.33 -8.73 18.81
N GLN C 666 22.71 -7.77 19.65
CA GLN C 666 21.77 -7.17 20.60
C GLN C 666 21.00 -5.99 20.02
N VAL C 667 21.42 -5.47 18.87
CA VAL C 667 20.72 -4.35 18.25
C VAL C 667 19.69 -4.81 17.24
N VAL C 668 19.91 -5.95 16.59
CA VAL C 668 18.99 -6.46 15.58
C VAL C 668 17.92 -7.31 16.26
N SER C 669 16.74 -7.36 15.64
CA SER C 669 15.64 -8.18 16.15
C SER C 669 15.83 -9.62 15.67
N VAL C 670 14.87 -10.48 16.01
CA VAL C 670 14.98 -11.89 15.63
C VAL C 670 14.48 -12.13 14.21
N ALA C 671 13.86 -11.13 13.59
CA ALA C 671 13.41 -11.30 12.21
C ALA C 671 14.57 -11.18 11.22
N ALA C 672 15.38 -10.13 11.36
CA ALA C 672 16.44 -9.86 10.40
C ALA C 672 17.73 -10.62 10.69
N SER C 673 17.91 -11.10 11.93
CA SER C 673 19.15 -11.76 12.31
C SER C 673 19.31 -13.15 11.70
N LEU C 674 18.24 -13.75 11.19
CA LEU C 674 18.33 -15.04 10.52
C LEU C 674 18.86 -14.92 9.10
N ILE C 675 19.02 -13.71 8.58
CA ILE C 675 19.62 -13.48 7.27
C ILE C 675 21.13 -13.38 7.45
N PRO C 676 21.92 -14.21 6.78
CA PRO C 676 23.38 -14.11 6.91
C PRO C 676 23.92 -12.90 6.16
N PHE C 677 25.10 -12.46 6.59
CA PHE C 677 25.84 -11.32 6.03
C PHE C 677 24.99 -10.03 6.08
N LEU C 678 24.56 -9.68 7.29
CA LEU C 678 23.84 -8.41 7.47
C LEU C 678 24.76 -7.21 7.31
N GLU C 679 26.03 -7.34 7.68
CA GLU C 679 26.98 -6.24 7.56
C GLU C 679 27.43 -6.01 6.13
N HIS C 680 27.14 -6.92 5.20
CA HIS C 680 27.43 -6.75 3.80
C HIS C 680 26.24 -6.22 3.00
N ASP C 681 25.06 -6.16 3.61
CA ASP C 681 23.84 -5.74 2.95
C ASP C 681 23.44 -4.35 3.43
N ASP C 682 22.53 -3.72 2.68
CA ASP C 682 21.88 -2.51 3.17
C ASP C 682 20.65 -2.89 3.98
N ALA C 683 20.22 -1.96 4.83
CA ALA C 683 19.08 -2.24 5.72
C ALA C 683 17.75 -2.27 4.98
N ASN C 684 17.68 -1.66 3.79
CA ASN C 684 16.43 -1.67 3.02
C ASN C 684 16.10 -3.07 2.53
N ARG C 685 17.04 -3.69 1.81
CA ARG C 685 16.78 -5.01 1.25
C ARG C 685 16.88 -6.10 2.30
N ALA C 686 17.65 -5.87 3.36
CA ALA C 686 17.61 -6.80 4.50
C ALA C 686 16.28 -6.74 5.22
N LEU C 687 15.69 -5.54 5.30
CA LEU C 687 14.34 -5.40 5.84
C LEU C 687 13.31 -6.09 4.94
N MET C 688 13.47 -5.95 3.61
CA MET C 688 12.57 -6.63 2.69
C MET C 688 12.69 -8.14 2.78
N GLY C 689 13.92 -8.65 2.89
CA GLY C 689 14.12 -10.08 3.03
C GLY C 689 13.61 -10.61 4.35
N SER C 690 13.74 -9.82 5.42
CA SER C 690 13.17 -10.21 6.72
C SER C 690 11.64 -10.20 6.68
N ASN C 691 11.06 -9.28 5.90
CA ASN C 691 9.60 -9.25 5.75
C ASN C 691 9.10 -10.46 4.96
N MET C 692 9.80 -10.83 3.88
CA MET C 692 9.42 -12.04 3.16
C MET C 692 9.72 -13.32 3.93
N GLN C 693 10.70 -13.30 4.84
CA GLN C 693 10.90 -14.45 5.72
C GLN C 693 9.83 -14.53 6.78
N ARG C 694 9.33 -13.39 7.26
CA ARG C 694 8.20 -13.38 8.18
C ARG C 694 6.91 -13.81 7.49
N GLN C 695 6.77 -13.51 6.20
CA GLN C 695 5.60 -13.91 5.41
C GLN C 695 5.88 -15.16 4.59
N ALA C 696 6.66 -16.09 5.15
CA ALA C 696 7.03 -17.30 4.43
C ALA C 696 6.07 -18.45 4.74
N VAL C 697 6.18 -19.51 3.94
CA VAL C 697 5.37 -20.72 4.08
C VAL C 697 6.29 -21.93 4.17
N PRO C 698 5.91 -23.00 4.86
CA PRO C 698 6.76 -24.19 4.91
C PRO C 698 6.70 -24.98 3.61
N THR C 699 7.55 -26.00 3.54
CA THR C 699 7.71 -26.83 2.34
C THR C 699 7.35 -28.28 2.65
N LEU C 700 7.48 -29.13 1.64
CA LEU C 700 7.20 -30.55 1.80
C LEU C 700 8.38 -31.28 2.46
N ARG C 701 9.54 -31.27 1.79
CA ARG C 701 10.75 -31.87 2.33
C ARG C 701 11.59 -30.76 2.94
N ALA C 702 11.69 -30.75 4.27
CA ALA C 702 12.41 -29.70 4.99
C ALA C 702 13.90 -29.97 4.87
N ASP C 703 14.55 -29.30 3.92
CA ASP C 703 15.99 -29.39 3.75
C ASP C 703 16.67 -28.34 4.61
N LYS C 704 17.80 -28.72 5.22
CA LYS C 704 18.50 -27.84 6.13
C LYS C 704 19.15 -26.69 5.36
N PRO C 705 19.18 -25.49 5.95
CA PRO C 705 19.79 -24.34 5.25
C PRO C 705 21.30 -24.48 5.19
N LEU C 706 21.86 -24.05 4.06
CA LEU C 706 23.28 -24.26 3.82
C LEU C 706 24.12 -23.23 4.55
N VAL C 707 23.89 -21.95 4.30
CA VAL C 707 24.57 -20.86 5.00
C VAL C 707 23.68 -20.45 6.16
N GLY C 708 24.08 -20.81 7.38
CA GLY C 708 23.32 -20.52 8.57
C GLY C 708 23.97 -19.43 9.42
N THR C 709 23.16 -18.89 10.34
CA THR C 709 23.59 -17.84 11.25
C THR C 709 23.92 -18.36 12.64
N GLY C 710 23.50 -19.57 12.97
CA GLY C 710 23.77 -20.16 14.28
C GLY C 710 22.59 -20.12 15.23
N MET C 711 21.67 -19.18 15.05
CA MET C 711 20.50 -19.06 15.91
C MET C 711 19.30 -19.82 15.39
N GLU C 712 19.49 -20.69 14.38
CA GLU C 712 18.39 -21.49 13.86
C GLU C 712 17.92 -22.52 14.88
N ARG C 713 18.86 -23.17 15.57
CA ARG C 713 18.49 -24.09 16.65
C ARG C 713 17.86 -23.35 17.82
N ASN C 714 18.28 -22.10 18.06
CA ASN C 714 17.67 -21.30 19.14
C ASN C 714 16.23 -20.94 18.81
N VAL C 715 15.97 -20.46 17.59
CA VAL C 715 14.60 -20.09 17.23
C VAL C 715 13.74 -21.33 16.97
N ALA C 716 14.35 -22.50 16.76
CA ALA C 716 13.56 -23.72 16.78
C ALA C 716 13.28 -24.19 18.19
N ARG C 717 14.16 -23.84 19.14
CA ARG C 717 13.94 -24.21 20.54
C ARG C 717 12.86 -23.35 21.20
N ASP C 718 12.87 -22.03 20.97
CA ASP C 718 11.88 -21.19 21.60
C ASP C 718 10.51 -21.25 20.92
N SER C 719 10.41 -21.86 19.74
CA SER C 719 9.14 -21.96 19.05
C SER C 719 8.24 -22.99 19.74
N GLY C 720 6.97 -22.63 19.88
CA GLY C 720 6.01 -23.50 20.56
C GLY C 720 5.54 -24.69 19.76
N VAL C 721 5.84 -24.74 18.46
CA VAL C 721 5.40 -25.88 17.65
C VAL C 721 6.37 -27.05 17.78
N CYS C 722 7.58 -26.82 18.29
CA CYS C 722 8.54 -27.89 18.49
C CYS C 722 8.22 -28.67 19.76
N VAL C 723 8.90 -29.81 19.92
CA VAL C 723 8.72 -30.68 21.08
C VAL C 723 9.95 -30.51 21.97
N VAL C 724 9.75 -29.95 23.15
CA VAL C 724 10.81 -29.75 24.12
C VAL C 724 10.76 -30.88 25.15
N ALA C 725 11.93 -31.37 25.55
CA ALA C 725 12.03 -32.47 26.50
C ALA C 725 12.06 -31.91 27.92
N ARG C 726 11.08 -32.28 28.73
CA ARG C 726 11.05 -31.84 30.11
C ARG C 726 12.07 -32.59 30.95
N ARG C 727 12.09 -33.92 30.84
CA ARG C 727 13.03 -34.77 31.56
C ARG C 727 13.76 -35.67 30.58
N GLY C 728 14.99 -36.03 30.94
CA GLY C 728 15.81 -36.88 30.09
C GLY C 728 15.64 -38.36 30.41
N GLY C 729 16.27 -39.18 29.60
CA GLY C 729 16.22 -40.62 29.76
C GLY C 729 16.24 -41.30 28.41
N VAL C 730 16.03 -42.61 28.44
CA VAL C 730 16.02 -43.42 27.23
C VAL C 730 14.64 -43.35 26.61
N ILE C 731 14.57 -43.59 25.30
CA ILE C 731 13.31 -43.57 24.56
C ILE C 731 12.89 -45.01 24.28
N ASP C 732 11.67 -45.36 24.66
CA ASP C 732 11.18 -46.72 24.49
C ASP C 732 10.69 -46.97 23.07
N SER C 733 9.70 -46.21 22.63
CA SER C 733 9.10 -46.38 21.31
C SER C 733 8.76 -45.03 20.72
N VAL C 734 9.00 -44.88 19.42
CA VAL C 734 8.74 -43.63 18.71
C VAL C 734 7.65 -43.89 17.69
N ASP C 735 6.59 -43.07 17.75
CA ASP C 735 5.49 -43.14 16.80
C ASP C 735 5.19 -41.73 16.29
N ALA C 736 4.64 -41.66 15.08
CA ALA C 736 4.35 -40.37 14.47
C ALA C 736 3.15 -39.68 15.11
N SER C 737 2.32 -40.40 15.86
CA SER C 737 1.19 -39.80 16.55
C SER C 737 1.53 -39.36 17.97
N ARG C 738 2.39 -40.11 18.66
CA ARG C 738 2.77 -39.80 20.04
C ARG C 738 4.13 -40.41 20.32
N VAL C 739 4.87 -39.79 21.23
CA VAL C 739 6.16 -40.31 21.65
C VAL C 739 6.18 -40.39 23.18
N VAL C 740 6.94 -41.36 23.69
CA VAL C 740 7.12 -41.54 25.12
C VAL C 740 8.60 -41.67 25.41
N VAL C 741 9.02 -41.18 26.57
CA VAL C 741 10.40 -41.28 27.04
C VAL C 741 10.39 -41.80 28.47
N ARG C 742 11.50 -42.41 28.86
CA ARG C 742 11.68 -42.89 30.22
C ARG C 742 12.31 -41.82 31.09
N VAL C 743 12.09 -41.93 32.40
CA VAL C 743 12.61 -41.00 33.39
C VAL C 743 13.68 -41.72 34.21
N ALA C 744 14.85 -41.11 34.32
CA ALA C 744 15.94 -41.69 35.09
C ALA C 744 15.67 -41.57 36.58
N ASP C 745 16.46 -42.29 37.36
CA ASP C 745 16.29 -42.33 38.81
C ASP C 745 16.78 -41.07 39.50
N ASP C 746 17.54 -40.21 38.80
CA ASP C 746 18.06 -38.99 39.43
C ASP C 746 16.98 -37.91 39.52
N GLU C 747 16.44 -37.50 38.37
CA GLU C 747 15.45 -36.43 38.33
C GLU C 747 14.04 -37.04 38.27
N VAL C 748 13.64 -37.63 39.40
CA VAL C 748 12.33 -38.25 39.53
C VAL C 748 11.92 -38.23 41.00
N GLU C 749 10.63 -38.37 41.25
CA GLU C 749 10.09 -38.41 42.60
C GLU C 749 10.01 -39.86 43.07
N THR C 750 9.35 -40.09 44.21
CA THR C 750 9.20 -41.44 44.73
C THR C 750 8.15 -42.22 43.94
N GLY C 751 6.90 -41.74 43.94
CA GLY C 751 5.84 -42.36 43.18
C GLY C 751 5.62 -41.69 41.84
N GLU C 752 5.09 -42.48 40.90
CA GLU C 752 4.82 -42.07 39.51
C GLU C 752 6.08 -41.55 38.84
N ALA C 753 7.06 -42.45 38.68
CA ALA C 753 8.35 -42.07 38.13
C ALA C 753 8.28 -41.80 36.64
N GLY C 754 7.92 -42.81 35.85
CA GLY C 754 7.84 -42.64 34.41
C GLY C 754 6.47 -42.20 33.93
N VAL C 755 6.27 -40.90 33.78
CA VAL C 755 5.05 -40.35 33.21
C VAL C 755 5.42 -39.20 32.28
N ASP C 756 5.41 -39.46 30.98
CA ASP C 756 5.80 -38.44 30.00
C ASP C 756 5.11 -38.77 28.68
N ILE C 757 4.04 -38.05 28.37
CA ILE C 757 3.36 -38.18 27.09
C ILE C 757 3.54 -36.89 26.30
N TYR C 758 3.55 -37.02 24.98
CA TYR C 758 3.72 -35.87 24.08
C TYR C 758 2.85 -36.11 22.86
N ASN C 759 1.67 -35.50 22.84
CA ASN C 759 0.76 -35.58 21.70
C ASN C 759 1.31 -34.71 20.57
N LEU C 760 1.77 -35.36 19.50
CA LEU C 760 2.28 -34.63 18.34
C LEU C 760 1.13 -33.97 17.59
N THR C 761 1.38 -32.75 17.12
CA THR C 761 0.37 -32.00 16.37
C THR C 761 0.18 -32.63 15.00
N LYS C 762 -1.02 -33.14 14.74
CA LYS C 762 -1.34 -33.73 13.46
C LYS C 762 -1.63 -32.63 12.43
N TYR C 763 -2.07 -33.05 11.24
CA TYR C 763 -2.32 -32.10 10.14
C TYR C 763 -3.62 -31.36 10.42
N THR C 764 -3.49 -30.20 11.06
CA THR C 764 -4.59 -29.31 11.36
C THR C 764 -4.44 -28.02 10.55
N ARG C 765 -5.32 -27.07 10.82
CA ARG C 765 -5.37 -25.82 10.06
C ARG C 765 -4.71 -24.69 10.84
N SER C 766 -3.89 -23.90 10.15
CA SER C 766 -3.28 -22.72 10.72
C SER C 766 -4.17 -21.50 10.46
N ASN C 767 -3.64 -20.30 10.70
CA ASN C 767 -4.43 -19.09 10.50
C ASN C 767 -4.41 -18.62 9.05
N GLN C 768 -3.33 -18.88 8.32
CA GLN C 768 -3.22 -18.49 6.92
C GLN C 768 -3.44 -19.66 5.98
N ASN C 769 -4.26 -20.64 6.41
CA ASN C 769 -4.74 -21.76 5.58
C ASN C 769 -3.60 -22.63 5.08
N THR C 770 -2.59 -22.85 5.92
CA THR C 770 -1.47 -23.71 5.60
C THR C 770 -1.39 -24.85 6.61
N CYS C 771 -0.80 -25.96 6.18
CA CYS C 771 -0.76 -27.16 6.99
C CYS C 771 0.39 -27.11 8.00
N ILE C 772 0.15 -27.69 9.17
CA ILE C 772 1.13 -27.79 10.23
C ILE C 772 1.17 -29.24 10.71
N ASN C 773 2.38 -29.74 10.98
CA ASN C 773 2.55 -31.13 11.39
C ASN C 773 3.86 -31.26 12.15
N GLN C 774 3.98 -32.36 12.90
CA GLN C 774 5.17 -32.68 13.66
C GLN C 774 5.76 -33.98 13.16
N ARG C 775 7.07 -33.97 12.88
CA ARG C 775 7.79 -35.14 12.39
C ARG C 775 8.86 -35.53 13.40
N PRO C 776 8.89 -36.79 13.87
CA PRO C 776 9.94 -37.19 14.80
C PRO C 776 11.27 -37.37 14.09
N LEU C 777 12.36 -37.11 14.83
CA LEU C 777 13.70 -37.22 14.30
C LEU C 777 14.62 -38.04 15.19
N VAL C 778 14.05 -38.89 16.05
CA VAL C 778 14.85 -39.72 16.96
C VAL C 778 14.65 -41.19 16.61
N SER C 779 15.39 -42.06 17.28
CA SER C 779 15.34 -43.50 17.05
C SER C 779 14.88 -44.20 18.32
N LYS C 780 14.95 -45.53 18.31
CA LYS C 780 14.56 -46.36 19.44
C LYS C 780 15.81 -46.85 20.14
N GLY C 781 15.94 -46.53 21.43
CA GLY C 781 17.08 -46.97 22.22
C GLY C 781 18.18 -45.95 22.32
N ASP C 782 17.82 -44.68 22.48
CA ASP C 782 18.78 -43.60 22.61
C ASP C 782 18.40 -42.72 23.81
N VAL C 783 19.42 -42.11 24.42
CA VAL C 783 19.22 -41.25 25.57
C VAL C 783 19.12 -39.81 25.09
N VAL C 784 18.33 -39.01 25.80
CA VAL C 784 18.17 -37.60 25.48
C VAL C 784 18.53 -36.77 26.71
N ALA C 785 18.44 -35.45 26.59
CA ALA C 785 18.76 -34.53 27.67
C ALA C 785 17.57 -33.61 27.92
N ARG C 786 17.73 -32.71 28.88
CA ARG C 786 16.68 -31.74 29.19
C ARG C 786 16.64 -30.65 28.13
N GLY C 787 15.45 -30.41 27.58
CA GLY C 787 15.32 -29.44 26.52
C GLY C 787 15.68 -29.95 25.15
N ASP C 788 15.75 -31.28 24.97
CA ASP C 788 16.11 -31.86 23.69
C ASP C 788 14.92 -31.81 22.73
N ILE C 789 15.23 -31.81 21.44
CA ILE C 789 14.22 -31.77 20.40
C ILE C 789 13.80 -33.19 20.06
N LEU C 790 12.52 -33.50 20.22
CA LEU C 790 11.97 -34.81 19.91
C LEU C 790 11.28 -34.83 18.54
N ALA C 791 10.38 -33.88 18.30
CA ALA C 791 9.67 -33.79 17.03
C ALA C 791 9.64 -32.32 16.59
N ASP C 792 10.06 -32.08 15.36
CA ASP C 792 10.10 -30.73 14.82
C ASP C 792 8.82 -30.43 14.06
N GLY C 793 8.42 -29.15 14.10
CA GLY C 793 7.21 -28.71 13.44
C GLY C 793 7.41 -28.44 11.96
N PRO C 794 6.51 -27.65 11.36
CA PRO C 794 6.67 -27.29 9.96
C PRO C 794 7.82 -26.30 9.78
N SER C 795 8.52 -26.44 8.64
CA SER C 795 9.70 -25.65 8.27
C SER C 795 10.82 -25.74 9.32
N THR C 796 10.89 -26.87 10.03
CA THR C 796 11.98 -27.18 10.95
C THR C 796 12.34 -28.65 10.76
N ASP C 797 13.64 -28.92 10.70
CA ASP C 797 14.13 -30.28 10.47
C ASP C 797 15.23 -30.61 11.45
N MET C 798 15.14 -31.79 12.06
CA MET C 798 16.14 -32.44 12.94
C MET C 798 16.72 -31.51 14.02
N GLY C 799 15.88 -30.60 14.53
CA GLY C 799 16.26 -29.75 15.63
C GLY C 799 16.59 -28.31 15.26
N GLU C 800 16.85 -28.03 14.00
CA GLU C 800 17.15 -26.67 13.56
C GLU C 800 16.05 -26.17 12.63
N LEU C 801 16.02 -24.85 12.47
CA LEU C 801 15.08 -24.20 11.57
C LEU C 801 15.48 -24.45 10.13
N ALA C 802 14.61 -25.12 9.36
CA ALA C 802 14.88 -25.47 7.97
C ALA C 802 13.67 -25.06 7.13
N LEU C 803 13.66 -23.81 6.66
CA LEU C 803 12.48 -23.24 6.03
C LEU C 803 12.28 -23.75 4.62
N GLY C 804 13.24 -23.47 3.72
CA GLY C 804 13.15 -23.86 2.34
C GLY C 804 14.13 -24.95 1.98
N GLN C 805 14.45 -25.03 0.69
CA GLN C 805 15.43 -25.97 0.16
C GLN C 805 16.47 -25.21 -0.65
N ASN C 806 17.50 -25.94 -1.09
CA ASN C 806 18.60 -25.35 -1.84
C ASN C 806 18.79 -26.08 -3.16
N MET C 807 19.29 -25.35 -4.15
CA MET C 807 19.57 -25.89 -5.47
C MET C 807 20.74 -25.11 -6.07
N ARG C 808 21.25 -25.62 -7.19
CA ARG C 808 22.39 -24.98 -7.86
C ARG C 808 21.94 -23.65 -8.47
N VAL C 809 22.66 -22.58 -8.13
CA VAL C 809 22.27 -21.22 -8.49
C VAL C 809 23.46 -20.49 -9.09
N ALA C 810 23.27 -19.93 -10.28
CA ALA C 810 24.25 -19.08 -10.94
C ALA C 810 23.67 -17.68 -11.13
N PHE C 811 24.54 -16.74 -11.51
CA PHE C 811 24.16 -15.35 -11.74
C PHE C 811 24.36 -15.04 -13.21
N MET C 812 23.27 -15.08 -13.98
CA MET C 812 23.34 -14.87 -15.42
C MET C 812 21.98 -14.45 -15.98
N PRO C 813 21.91 -13.42 -16.81
CA PRO C 813 20.65 -13.14 -17.51
C PRO C 813 20.45 -14.10 -18.67
N TRP C 814 19.56 -15.09 -18.50
CA TRP C 814 19.46 -16.21 -19.43
C TRP C 814 18.19 -16.09 -20.25
N ASN C 815 18.33 -15.63 -21.51
CA ASN C 815 17.28 -15.59 -22.53
C ASN C 815 16.08 -14.74 -22.11
N GLY C 816 16.28 -13.78 -21.22
CA GLY C 816 15.17 -12.95 -20.77
C GLY C 816 14.20 -13.61 -19.83
N PHE C 817 14.47 -14.84 -19.38
CA PHE C 817 13.62 -15.48 -18.39
C PHE C 817 13.79 -14.84 -17.03
N ASN C 818 15.03 -14.52 -16.66
CA ASN C 818 15.31 -13.65 -15.51
C ASN C 818 15.56 -12.26 -16.08
N PHE C 819 14.45 -11.59 -16.42
CA PHE C 819 14.52 -10.38 -17.22
C PHE C 819 15.06 -9.20 -16.41
N GLU C 820 14.32 -8.78 -15.39
CA GLU C 820 14.76 -7.71 -14.49
C GLU C 820 15.16 -8.26 -13.13
N ASP C 821 14.26 -8.98 -12.47
CA ASP C 821 14.57 -9.69 -11.24
C ASP C 821 13.87 -11.04 -11.19
N SER C 822 13.46 -11.58 -12.33
CA SER C 822 12.61 -12.77 -12.37
C SER C 822 13.44 -14.03 -12.13
N ILE C 823 12.74 -15.16 -12.10
CA ILE C 823 13.31 -16.46 -11.73
C ILE C 823 13.13 -17.41 -12.91
N CYS C 824 14.12 -18.29 -13.11
CA CYS C 824 14.05 -19.37 -14.08
C CYS C 824 14.40 -20.68 -13.39
N LEU C 825 13.42 -21.55 -13.23
CA LEU C 825 13.60 -22.80 -12.49
C LEU C 825 14.13 -23.89 -13.41
N SER C 826 14.18 -25.12 -12.90
CA SER C 826 14.55 -26.29 -13.67
C SER C 826 13.60 -27.43 -13.34
N GLU C 827 13.69 -28.52 -14.10
CA GLU C 827 12.77 -29.64 -13.93
C GLU C 827 13.06 -30.47 -12.69
N ARG C 828 14.16 -30.23 -11.99
CA ARG C 828 14.45 -30.99 -10.77
C ARG C 828 13.52 -30.59 -9.64
N VAL C 829 13.09 -29.32 -9.60
CA VAL C 829 12.24 -28.84 -8.51
C VAL C 829 10.81 -29.34 -8.66
N VAL C 830 10.42 -29.82 -9.84
CA VAL C 830 9.06 -30.31 -10.06
C VAL C 830 9.12 -31.84 -10.14
N GLN C 831 10.30 -32.38 -10.48
CA GLN C 831 10.46 -33.82 -10.57
C GLN C 831 10.80 -34.44 -9.23
N GLU C 832 11.40 -33.69 -8.32
CA GLU C 832 11.71 -34.17 -6.98
C GLU C 832 10.77 -33.61 -5.92
N ASP C 833 9.85 -32.72 -6.32
CA ASP C 833 8.87 -32.06 -5.44
C ASP C 833 9.56 -31.30 -4.30
N ARG C 834 10.51 -30.44 -4.68
CA ARG C 834 11.32 -29.74 -3.69
C ARG C 834 10.59 -28.53 -3.11
N PHE C 835 10.26 -27.55 -3.95
CA PHE C 835 9.64 -26.32 -3.49
C PHE C 835 8.13 -26.30 -3.71
N THR C 836 7.50 -27.47 -3.71
CA THR C 836 6.04 -27.56 -3.75
C THR C 836 5.51 -27.31 -2.35
N THR C 837 4.28 -26.80 -2.26
CA THR C 837 3.65 -26.52 -0.97
C THR C 837 2.21 -27.02 -0.98
N ILE C 838 1.71 -27.39 0.20
CA ILE C 838 0.37 -27.92 0.36
C ILE C 838 -0.37 -27.04 1.35
N HIS C 839 -1.53 -26.53 0.94
CA HIS C 839 -2.36 -25.68 1.78
C HIS C 839 -3.59 -26.46 2.25
N ILE C 840 -4.03 -26.18 3.47
CA ILE C 840 -5.29 -26.72 3.97
C ILE C 840 -6.34 -25.63 3.81
N GLN C 841 -7.37 -25.91 3.02
CA GLN C 841 -8.39 -24.93 2.70
C GLN C 841 -9.65 -25.21 3.52
N GLU C 842 -10.16 -24.19 4.18
CA GLU C 842 -11.32 -24.33 5.05
C GLU C 842 -12.61 -24.00 4.30
N LEU C 843 -13.69 -24.65 4.72
CA LEU C 843 -15.01 -24.39 4.15
C LEU C 843 -16.01 -24.55 5.30
N THR C 844 -16.47 -23.43 5.85
CA THR C 844 -17.40 -23.43 6.96
C THR C 844 -18.82 -23.33 6.44
N CYS C 845 -19.59 -24.40 6.63
CA CYS C 845 -21.00 -24.42 6.26
C CYS C 845 -21.86 -24.52 7.50
N VAL C 846 -22.95 -23.77 7.51
CA VAL C 846 -23.87 -23.75 8.65
C VAL C 846 -25.16 -24.48 8.26
N ALA C 847 -25.85 -25.00 9.27
CA ALA C 847 -27.14 -25.64 9.11
C ALA C 847 -28.08 -24.97 10.12
N ARG C 848 -28.69 -23.86 9.71
CA ARG C 848 -29.50 -23.06 10.60
C ARG C 848 -30.94 -23.56 10.62
N ASP C 849 -31.75 -22.92 11.47
CA ASP C 849 -33.17 -23.20 11.58
C ASP C 849 -33.95 -21.95 11.24
N THR C 850 -34.84 -22.06 10.25
CA THR C 850 -35.66 -20.94 9.81
C THR C 850 -37.09 -21.13 10.29
N LYS C 851 -37.88 -20.06 10.16
CA LYS C 851 -39.25 -20.08 10.63
C LYS C 851 -40.17 -20.84 9.70
N LEU C 852 -39.87 -20.87 8.40
CA LEU C 852 -40.69 -21.59 7.44
C LEU C 852 -40.33 -23.06 7.34
N GLY C 853 -39.19 -23.47 7.87
CA GLY C 853 -38.79 -24.87 7.85
C GLY C 853 -37.37 -25.08 8.32
N PRO C 854 -37.15 -26.12 9.12
CA PRO C 854 -35.80 -26.39 9.62
C PRO C 854 -34.94 -27.09 8.58
N GLU C 855 -33.63 -27.10 8.86
CA GLU C 855 -32.65 -27.73 7.99
C GLU C 855 -31.91 -28.81 8.77
N GLU C 856 -31.38 -29.79 8.04
CA GLU C 856 -30.65 -30.90 8.65
C GLU C 856 -29.64 -31.44 7.66
N ILE C 857 -28.78 -32.33 8.14
CA ILE C 857 -27.76 -32.97 7.30
C ILE C 857 -28.40 -34.22 6.71
N THR C 858 -29.07 -34.04 5.57
CA THR C 858 -29.77 -35.11 4.88
C THR C 858 -29.07 -35.39 3.55
N ALA C 859 -28.76 -36.66 3.29
CA ALA C 859 -28.10 -37.03 2.05
C ALA C 859 -29.05 -36.98 0.86
N ASP C 860 -30.35 -37.09 1.08
CA ASP C 860 -31.34 -37.05 0.01
C ASP C 860 -31.53 -35.59 -0.42
N ILE C 861 -30.66 -35.16 -1.33
CA ILE C 861 -30.66 -33.80 -1.84
C ILE C 861 -31.13 -33.84 -3.28
N PRO C 862 -32.08 -33.00 -3.68
CA PRO C 862 -32.46 -32.92 -5.10
C PRO C 862 -31.36 -32.25 -5.92
N ASN C 863 -31.44 -32.49 -7.24
CA ASN C 863 -30.48 -32.01 -8.23
C ASN C 863 -29.05 -32.48 -7.90
N VAL C 864 -28.89 -33.79 -7.72
CA VAL C 864 -27.61 -34.40 -7.41
C VAL C 864 -27.40 -35.54 -8.40
N GLY C 865 -26.29 -35.49 -9.13
CA GLY C 865 -25.98 -36.52 -10.11
C GLY C 865 -25.32 -37.73 -9.49
N GLU C 866 -24.81 -38.60 -10.35
CA GLU C 866 -24.16 -39.82 -9.90
C GLU C 866 -22.78 -39.55 -9.31
N ALA C 867 -22.02 -38.62 -9.93
CA ALA C 867 -20.68 -38.31 -9.47
C ALA C 867 -20.68 -37.59 -8.12
N ALA C 868 -21.76 -36.91 -7.77
CA ALA C 868 -21.87 -36.26 -6.47
C ALA C 868 -22.41 -37.21 -5.40
N LEU C 869 -23.33 -38.10 -5.79
CA LEU C 869 -23.90 -39.06 -4.85
C LEU C 869 -22.94 -40.20 -4.54
N ASN C 870 -22.00 -40.50 -5.45
CA ASN C 870 -21.05 -41.57 -5.19
C ASN C 870 -20.00 -41.18 -4.15
N LYS C 871 -19.74 -39.89 -3.98
CA LYS C 871 -18.76 -39.43 -3.01
C LYS C 871 -19.32 -39.34 -1.60
N LEU C 872 -20.59 -38.93 -1.46
CA LEU C 872 -21.22 -38.79 -0.16
C LEU C 872 -21.95 -40.08 0.23
N ASP C 873 -22.07 -40.28 1.54
CA ASP C 873 -22.62 -41.51 2.10
C ASP C 873 -24.14 -41.36 2.30
N GLU C 874 -24.72 -42.27 3.07
CA GLU C 874 -26.13 -42.15 3.43
C GLU C 874 -26.40 -41.03 4.43
N ALA C 875 -25.34 -40.47 5.04
CA ALA C 875 -25.47 -39.33 5.94
C ALA C 875 -25.51 -38.01 5.19
N GLY C 876 -24.55 -37.78 4.29
CA GLY C 876 -24.53 -36.55 3.51
C GLY C 876 -23.18 -35.87 3.48
N ILE C 877 -22.16 -36.50 4.07
CA ILE C 877 -20.80 -35.98 4.12
C ILE C 877 -19.90 -36.92 3.33
N VAL C 878 -18.99 -36.33 2.55
CA VAL C 878 -18.02 -37.11 1.80
C VAL C 878 -17.08 -37.82 2.76
N TYR C 879 -16.62 -39.01 2.37
CA TYR C 879 -15.78 -39.86 3.21
C TYR C 879 -14.40 -39.24 3.43
N VAL C 880 -13.68 -39.81 4.39
CA VAL C 880 -12.36 -39.32 4.76
C VAL C 880 -11.35 -39.72 3.68
N GLY C 881 -10.81 -38.73 2.99
CA GLY C 881 -9.78 -38.99 2.00
C GLY C 881 -10.24 -39.21 0.59
N ALA C 882 -11.28 -38.50 0.15
CA ALA C 882 -11.78 -38.64 -1.21
C ALA C 882 -11.25 -37.51 -2.10
N GLU C 883 -11.05 -37.84 -3.38
CA GLU C 883 -10.57 -36.85 -4.34
C GLU C 883 -11.70 -35.86 -4.67
N VAL C 884 -11.46 -34.59 -4.38
CA VAL C 884 -12.43 -33.53 -4.60
C VAL C 884 -12.02 -32.76 -5.84
N GLN C 885 -12.91 -32.70 -6.83
CA GLN C 885 -12.65 -31.98 -8.07
C GLN C 885 -13.22 -30.56 -7.99
N ALA C 886 -13.05 -29.81 -9.08
CA ALA C 886 -13.56 -28.45 -9.15
C ALA C 886 -15.05 -28.47 -9.45
N GLY C 887 -15.85 -27.98 -8.50
CA GLY C 887 -17.29 -27.98 -8.66
C GLY C 887 -17.95 -29.21 -8.08
N ASP C 888 -17.57 -29.56 -6.86
CA ASP C 888 -18.09 -30.74 -6.17
C ASP C 888 -18.88 -30.32 -4.94
N ILE C 889 -19.94 -31.07 -4.66
CA ILE C 889 -20.78 -30.83 -3.49
C ILE C 889 -20.22 -31.66 -2.34
N LEU C 890 -19.81 -30.99 -1.26
CA LEU C 890 -19.17 -31.65 -0.12
C LEU C 890 -20.15 -31.87 1.04
N VAL C 891 -20.74 -30.79 1.53
CA VAL C 891 -21.62 -30.86 2.69
C VAL C 891 -23.06 -31.02 2.22
N GLY C 892 -23.90 -31.53 3.10
CA GLY C 892 -25.31 -31.72 2.82
C GLY C 892 -26.14 -30.65 3.51
N LYS C 893 -26.85 -29.86 2.71
CA LYS C 893 -27.66 -28.76 3.23
C LYS C 893 -28.83 -28.54 2.30
N VAL C 894 -30.04 -28.81 2.78
CA VAL C 894 -31.27 -28.64 2.02
C VAL C 894 -32.11 -27.59 2.73
N THR C 895 -32.44 -26.52 2.02
CA THR C 895 -33.28 -25.46 2.59
C THR C 895 -34.66 -25.48 1.94
N PRO C 896 -35.72 -25.27 2.70
CA PRO C 896 -37.07 -25.26 2.11
C PRO C 896 -37.42 -23.90 1.55
N LYS C 897 -38.52 -23.89 0.79
CA LYS C 897 -39.03 -22.65 0.20
C LYS C 897 -40.53 -22.76 0.02
N GLY C 898 -41.20 -21.62 0.12
CA GLY C 898 -42.63 -21.57 -0.05
C GLY C 898 -43.03 -20.34 -0.81
N GLU C 899 -44.00 -20.52 -1.72
CA GLU C 899 -44.51 -19.49 -2.64
C GLU C 899 -43.38 -18.88 -3.47
N THR C 900 -42.71 -19.75 -4.23
CA THR C 900 -41.55 -19.33 -5.02
C THR C 900 -41.93 -18.55 -6.27
N GLN C 901 -43.20 -18.61 -6.69
CA GLN C 901 -43.73 -17.98 -7.91
C GLN C 901 -42.94 -18.43 -9.15
N LEU C 902 -43.03 -19.73 -9.42
CA LEU C 902 -42.23 -20.35 -10.47
C LEU C 902 -42.74 -19.96 -11.85
N THR C 903 -41.82 -19.92 -12.81
CA THR C 903 -42.12 -19.58 -14.18
C THR C 903 -42.67 -20.80 -14.93
N PRO C 904 -43.41 -20.60 -16.02
CA PRO C 904 -43.85 -21.75 -16.83
C PRO C 904 -42.70 -22.48 -17.51
N GLU C 905 -41.56 -21.82 -17.76
CA GLU C 905 -40.41 -22.50 -18.33
C GLU C 905 -39.80 -23.49 -17.35
N GLU C 906 -39.76 -23.14 -16.06
CA GLU C 906 -39.19 -24.04 -15.06
C GLU C 906 -40.06 -25.27 -14.85
N LYS C 907 -41.38 -25.08 -14.76
CA LYS C 907 -42.26 -26.24 -14.64
C LYS C 907 -42.32 -27.06 -15.94
N LEU C 908 -42.08 -26.42 -17.10
CA LEU C 908 -42.01 -27.16 -18.35
C LEU C 908 -40.77 -28.05 -18.39
N LEU C 909 -39.61 -27.51 -18.00
CA LEU C 909 -38.40 -28.32 -17.97
C LEU C 909 -38.41 -29.33 -16.84
N ARG C 910 -39.22 -29.10 -15.80
CA ARG C 910 -39.41 -30.12 -14.76
C ARG C 910 -40.34 -31.23 -15.22
N ALA C 911 -41.36 -30.91 -16.01
CA ALA C 911 -42.30 -31.91 -16.50
C ALA C 911 -41.76 -32.69 -17.68
N ILE C 912 -40.81 -32.14 -18.43
CA ILE C 912 -40.20 -32.88 -19.54
C ILE C 912 -39.35 -34.02 -19.02
N PHE C 913 -38.48 -33.74 -18.04
CA PHE C 913 -37.62 -34.77 -17.48
C PHE C 913 -38.36 -35.73 -16.55
N GLY C 914 -39.58 -35.40 -16.14
CA GLY C 914 -40.35 -36.27 -15.28
C GLY C 914 -39.95 -36.25 -13.82
N GLU C 915 -39.14 -35.27 -13.41
CA GLU C 915 -38.74 -35.17 -12.01
C GLU C 915 -39.86 -34.57 -11.17
N LYS C 916 -39.83 -34.87 -9.88
CA LYS C 916 -40.84 -34.35 -8.97
C LYS C 916 -40.62 -32.87 -8.70
N ALA C 917 -41.71 -32.15 -8.46
CA ALA C 917 -41.67 -30.72 -8.20
C ALA C 917 -41.17 -30.52 -6.77
N SER C 918 -39.85 -30.43 -6.62
CA SER C 918 -39.25 -30.25 -5.31
C SER C 918 -39.27 -28.77 -4.94
N ASP C 919 -40.00 -28.44 -3.87
CA ASP C 919 -40.10 -27.07 -3.39
C ASP C 919 -38.98 -26.71 -2.42
N VAL C 920 -38.04 -27.60 -2.17
CA VAL C 920 -36.91 -27.36 -1.27
C VAL C 920 -35.67 -27.15 -2.12
N LYS C 921 -35.05 -25.99 -1.96
CA LYS C 921 -33.85 -25.65 -2.72
C LYS C 921 -32.63 -26.34 -2.11
N ASP C 922 -31.52 -26.29 -2.85
CA ASP C 922 -30.25 -26.86 -2.43
C ASP C 922 -29.23 -25.73 -2.32
N THR C 923 -28.89 -25.36 -1.09
CA THR C 923 -27.95 -24.28 -0.82
C THR C 923 -26.69 -24.82 -0.16
N SER C 924 -26.26 -26.01 -0.58
CA SER C 924 -25.04 -26.60 -0.05
C SER C 924 -23.81 -25.91 -0.66
N LEU C 925 -22.80 -25.72 0.18
CA LEU C 925 -21.60 -25.02 -0.23
C LEU C 925 -20.72 -25.94 -1.09
N ARG C 926 -19.95 -25.31 -1.98
CA ARG C 926 -19.06 -26.04 -2.87
C ARG C 926 -17.69 -25.37 -2.83
N VAL C 927 -16.75 -25.92 -3.61
CA VAL C 927 -15.38 -25.44 -3.65
C VAL C 927 -15.28 -24.28 -4.63
N PRO C 928 -14.34 -23.34 -4.44
CA PRO C 928 -14.13 -22.29 -5.45
C PRO C 928 -13.40 -22.80 -6.68
N THR C 929 -13.25 -21.96 -7.69
CA THR C 929 -12.58 -22.36 -8.91
C THR C 929 -11.07 -22.42 -8.69
N GLY C 930 -10.47 -23.52 -9.13
CA GLY C 930 -9.04 -23.71 -8.99
C GLY C 930 -8.61 -24.54 -7.79
N THR C 931 -9.54 -25.21 -7.12
CA THR C 931 -9.24 -26.06 -5.97
C THR C 931 -9.61 -27.49 -6.31
N LYS C 932 -8.61 -28.36 -6.41
CA LYS C 932 -8.83 -29.77 -6.74
C LYS C 932 -7.87 -30.60 -5.88
N GLY C 933 -8.34 -31.01 -4.70
CA GLY C 933 -7.49 -31.74 -3.78
C GLY C 933 -8.21 -32.84 -3.03
N THR C 934 -7.70 -33.19 -1.85
CA THR C 934 -8.23 -34.30 -1.07
C THR C 934 -8.48 -33.84 0.36
N VAL C 935 -9.69 -34.11 0.87
CA VAL C 935 -10.01 -33.76 2.25
C VAL C 935 -9.29 -34.70 3.21
N ILE C 936 -9.11 -34.22 4.45
CA ILE C 936 -8.38 -34.98 5.47
C ILE C 936 -9.26 -35.28 6.69
N ASP C 937 -10.07 -34.32 7.12
CA ASP C 937 -10.96 -34.53 8.26
C ASP C 937 -12.06 -33.47 8.21
N VAL C 938 -13.14 -33.73 8.95
CA VAL C 938 -14.26 -32.81 9.06
C VAL C 938 -14.65 -32.71 10.54
N GLN C 939 -14.83 -31.47 11.00
CA GLN C 939 -15.18 -31.18 12.40
C GLN C 939 -16.63 -30.73 12.45
N VAL C 940 -17.43 -31.39 13.27
CA VAL C 940 -18.86 -31.13 13.38
C VAL C 940 -19.16 -30.72 14.83
N PHE C 941 -20.00 -29.69 14.98
CA PHE C 941 -20.46 -29.23 16.28
C PHE C 941 -21.98 -29.18 16.28
N THR C 942 -22.59 -29.80 17.29
CA THR C 942 -24.03 -29.80 17.45
C THR C 942 -24.41 -29.14 18.77
N ARG C 943 -25.69 -28.80 18.89
CA ARG C 943 -26.21 -28.18 20.10
C ARG C 943 -26.49 -29.24 21.16
N ASP C 944 -26.66 -28.78 22.39
CA ASP C 944 -26.97 -29.69 23.49
C ASP C 944 -28.43 -30.12 23.44
N GLY C 945 -28.64 -31.43 23.42
CA GLY C 945 -30.00 -31.96 23.36
C GLY C 945 -30.63 -31.83 21.99
N VAL C 946 -29.90 -32.18 20.94
CA VAL C 946 -30.38 -32.11 19.57
C VAL C 946 -30.06 -33.42 18.86
N GLU C 947 -30.69 -33.61 17.69
CA GLU C 947 -30.43 -34.81 16.90
C GLU C 947 -29.04 -34.75 16.28
N ARG C 948 -28.34 -35.88 16.30
CA ARG C 948 -26.96 -35.96 15.83
C ARG C 948 -26.91 -36.79 14.55
N ASP C 949 -26.03 -36.39 13.64
CA ASP C 949 -25.82 -37.11 12.39
C ASP C 949 -24.97 -38.35 12.63
N SER C 950 -25.10 -39.33 11.72
CA SER C 950 -24.34 -40.57 11.86
C SER C 950 -22.87 -40.35 11.53
N ARG C 951 -22.57 -39.37 10.68
CA ARG C 951 -21.18 -38.99 10.43
C ARG C 951 -20.55 -38.38 11.68
N ALA C 952 -21.35 -37.63 12.45
CA ALA C 952 -20.88 -37.12 13.74
C ALA C 952 -20.62 -38.26 14.72
N LEU C 953 -21.45 -39.31 14.66
CA LEU C 953 -21.23 -40.49 15.50
C LEU C 953 -19.95 -41.21 15.10
N SER C 954 -19.66 -41.30 13.80
CA SER C 954 -18.43 -41.92 13.34
C SER C 954 -17.21 -41.09 13.74
N ILE C 955 -17.34 -39.76 13.68
CA ILE C 955 -16.24 -38.87 14.09
C ILE C 955 -15.96 -38.99 15.58
N GLU C 956 -17.02 -39.00 16.41
CA GLU C 956 -16.79 -39.07 17.85
C GLU C 956 -16.36 -40.47 18.28
N LYS C 957 -16.77 -41.51 17.54
CA LYS C 957 -16.29 -42.84 17.89
C LYS C 957 -14.85 -43.04 17.47
N MET C 958 -14.41 -42.41 16.36
CA MET C 958 -13.00 -42.45 15.98
C MET C 958 -12.15 -41.68 16.98
N GLN C 959 -12.66 -40.53 17.45
CA GLN C 959 -11.93 -39.75 18.44
C GLN C 959 -11.84 -40.48 19.77
N LEU C 960 -12.91 -41.18 20.17
CA LEU C 960 -12.85 -41.88 21.45
C LEU C 960 -12.00 -43.13 21.38
N ASP C 961 -11.96 -43.83 20.22
CA ASP C 961 -11.04 -44.98 20.16
C ASP C 961 -9.59 -44.53 20.06
N GLN C 962 -9.33 -43.37 19.44
CA GLN C 962 -7.97 -42.82 19.45
C GLN C 962 -7.55 -42.40 20.86
N ILE C 963 -8.47 -41.78 21.60
CA ILE C 963 -8.18 -41.36 22.98
C ILE C 963 -7.97 -42.57 23.87
N ARG C 964 -8.81 -43.60 23.72
CA ARG C 964 -8.63 -44.83 24.49
C ARG C 964 -7.35 -45.56 24.09
N LYS C 965 -6.93 -45.44 22.83
CA LYS C 965 -5.68 -46.06 22.40
C LYS C 965 -4.47 -45.38 23.03
N ASP C 966 -4.45 -44.04 23.06
CA ASP C 966 -3.30 -43.38 23.69
C ASP C 966 -3.32 -43.51 25.21
N LEU C 967 -4.52 -43.58 25.82
CA LEU C 967 -4.60 -43.88 27.24
C LEU C 967 -4.13 -45.29 27.55
N ASN C 968 -4.45 -46.25 26.69
CA ASN C 968 -3.98 -47.62 26.87
C ASN C 968 -2.48 -47.72 26.68
N GLU C 969 -1.91 -46.97 25.73
CA GLU C 969 -0.46 -47.07 25.52
C GLU C 969 0.31 -46.36 26.64
N GLU C 970 -0.24 -45.27 27.20
CA GLU C 970 0.45 -44.64 28.33
C GLU C 970 0.29 -45.47 29.60
N PHE C 971 -0.85 -46.17 29.75
CA PHE C 971 -0.99 -47.12 30.85
C PHE C 971 -0.04 -48.30 30.69
N ARG C 972 0.17 -48.74 29.44
CA ARG C 972 1.10 -49.82 29.16
C ARG C 972 2.54 -49.41 29.45
N ILE C 973 2.92 -48.19 29.08
CA ILE C 973 4.30 -47.76 29.33
C ILE C 973 4.52 -47.50 30.82
N VAL C 974 3.49 -47.05 31.56
CA VAL C 974 3.71 -46.82 32.99
C VAL C 974 3.69 -48.14 33.77
N GLU C 975 2.94 -49.15 33.31
CA GLU C 975 3.00 -50.44 33.98
C GLU C 975 4.28 -51.19 33.61
N GLY C 976 4.81 -50.96 32.40
CA GLY C 976 6.11 -51.52 32.07
C GLY C 976 7.24 -50.88 32.85
N ALA C 977 7.13 -49.56 33.10
CA ALA C 977 8.10 -48.88 33.94
C ALA C 977 8.02 -49.36 35.39
N THR C 978 6.80 -49.58 35.89
CA THR C 978 6.64 -50.09 37.25
C THR C 978 7.17 -51.52 37.39
N PHE C 979 6.93 -52.36 36.37
CA PHE C 979 7.43 -53.73 36.43
C PHE C 979 8.96 -53.79 36.29
N GLU C 980 9.55 -52.93 35.45
CA GLU C 980 11.01 -52.95 35.35
C GLU C 980 11.65 -52.35 36.59
N ARG C 981 10.98 -51.40 37.25
CA ARG C 981 11.48 -50.89 38.53
C ARG C 981 11.40 -51.95 39.62
N LEU C 982 10.30 -52.71 39.65
CA LEU C 982 10.17 -53.80 40.62
C LEU C 982 11.18 -54.92 40.35
N ARG C 983 11.45 -55.21 39.08
CA ARG C 983 12.43 -56.24 38.74
C ARG C 983 13.86 -55.79 39.03
N ALA C 984 14.14 -54.48 38.89
CA ALA C 984 15.43 -53.97 39.30
C ALA C 984 15.54 -53.86 40.82
N ALA C 985 14.42 -53.81 41.53
CA ALA C 985 14.44 -53.77 42.99
C ALA C 985 14.55 -55.14 43.63
N LEU C 986 13.97 -56.18 43.03
CA LEU C 986 13.96 -57.50 43.68
C LEU C 986 15.25 -58.26 43.50
N VAL C 987 16.11 -57.88 42.55
CA VAL C 987 17.34 -58.63 42.30
C VAL C 987 18.39 -58.37 43.36
N GLY C 988 18.29 -57.28 44.12
CA GLY C 988 19.24 -56.99 45.17
C GLY C 988 19.00 -57.83 46.41
N ALA C 989 19.91 -58.79 46.66
CA ALA C 989 19.85 -59.74 47.78
C ALA C 989 18.54 -60.52 47.79
N LYS C 990 18.31 -61.25 46.70
CA LYS C 990 17.08 -62.03 46.58
C LYS C 990 17.13 -63.30 47.42
N ALA C 991 18.27 -63.99 47.43
CA ALA C 991 18.42 -65.22 48.20
C ALA C 991 18.63 -64.90 49.68
N ALA C 1022 14.46 -56.90 54.02
CA ALA C 1022 14.18 -58.32 54.21
C ALA C 1022 12.95 -58.74 53.41
N ASP C 1023 12.29 -59.81 53.86
CA ASP C 1023 11.10 -60.30 53.18
C ASP C 1023 9.87 -59.44 53.43
N ASP C 1024 9.88 -58.65 54.51
CA ASP C 1024 8.74 -57.77 54.78
C ASP C 1024 8.77 -56.53 53.89
N ALA C 1025 9.96 -56.14 53.46
CA ALA C 1025 10.12 -54.98 52.59
C ALA C 1025 9.60 -55.24 51.19
N LEU C 1026 9.89 -56.43 50.67
CA LEU C 1026 9.45 -56.80 49.32
C LEU C 1026 7.94 -56.82 49.24
N ASN C 1027 7.30 -57.35 50.28
CA ASN C 1027 5.84 -57.41 50.33
C ASN C 1027 5.24 -56.01 50.36
N GLU C 1028 5.89 -55.12 51.11
CA GLU C 1028 5.44 -53.74 51.23
C GLU C 1028 5.56 -53.01 49.90
N GLN C 1029 6.68 -53.22 49.21
CA GLN C 1029 6.91 -52.58 47.92
C GLN C 1029 5.94 -53.07 46.86
N LEU C 1030 5.60 -54.36 46.90
CA LEU C 1030 4.61 -54.90 45.98
C LEU C 1030 3.21 -54.33 46.25
N GLU C 1031 2.86 -54.16 47.53
CA GLU C 1031 1.60 -53.51 47.87
C GLU C 1031 1.57 -52.05 47.47
N LYS C 1032 2.70 -51.35 47.60
CA LYS C 1032 2.78 -49.96 47.16
C LYS C 1032 2.68 -49.84 45.64
N ALA C 1033 3.29 -50.79 44.92
CA ALA C 1033 3.18 -50.79 43.46
C ALA C 1033 1.75 -51.13 43.01
N GLN C 1034 1.07 -52.03 43.74
CA GLN C 1034 -0.33 -52.32 43.43
C GLN C 1034 -1.23 -51.12 43.70
N ALA C 1035 -0.96 -50.39 44.80
CA ALA C 1035 -1.68 -49.17 45.09
C ALA C 1035 -1.44 -48.11 44.03
N TYR C 1036 -0.20 -48.02 43.53
CA TYR C 1036 0.14 -47.04 42.50
C TYR C 1036 -0.54 -47.37 41.17
N ILE C 1037 -0.56 -48.65 40.79
CA ILE C 1037 -1.19 -48.99 39.52
C ILE C 1037 -2.72 -48.94 39.62
N SER C 1038 -3.29 -49.17 40.80
CA SER C 1038 -4.73 -48.98 40.93
C SER C 1038 -5.10 -47.50 40.96
N ASP C 1039 -4.23 -46.66 41.52
CA ASP C 1039 -4.44 -45.22 41.45
C ASP C 1039 -4.33 -44.71 40.02
N ARG C 1040 -3.38 -45.25 39.25
CA ARG C 1040 -3.28 -44.89 37.84
C ARG C 1040 -4.47 -45.39 37.04
N ARG C 1041 -5.00 -46.56 37.41
CA ARG C 1041 -6.18 -47.11 36.74
C ARG C 1041 -7.42 -46.26 37.00
N GLN C 1042 -7.65 -45.87 38.26
CA GLN C 1042 -8.80 -45.02 38.54
C GLN C 1042 -8.59 -43.61 38.01
N LEU C 1043 -7.34 -43.17 37.88
CA LEU C 1043 -7.05 -41.87 37.26
C LEU C 1043 -7.37 -41.88 35.77
N LEU C 1044 -7.01 -42.95 35.06
CA LEU C 1044 -7.36 -43.02 33.65
C LEU C 1044 -8.86 -43.27 33.48
N ASP C 1045 -9.52 -43.90 34.46
CA ASP C 1045 -10.98 -44.03 34.40
C ASP C 1045 -11.67 -42.67 34.53
N ASP C 1046 -11.24 -41.83 35.48
CA ASP C 1046 -11.86 -40.51 35.57
C ASP C 1046 -11.44 -39.59 34.42
N LYS C 1047 -10.25 -39.82 33.85
CA LYS C 1047 -9.86 -39.07 32.65
C LYS C 1047 -10.71 -39.45 31.45
N PHE C 1048 -11.01 -40.75 31.30
CA PHE C 1048 -11.90 -41.19 30.24
C PHE C 1048 -13.33 -40.72 30.46
N GLU C 1049 -13.76 -40.64 31.73
CA GLU C 1049 -15.08 -40.10 32.04
C GLU C 1049 -15.15 -38.61 31.71
N ASP C 1050 -14.07 -37.87 31.98
CA ASP C 1050 -14.02 -36.46 31.63
C ASP C 1050 -14.00 -36.26 30.12
N LYS C 1051 -13.28 -37.13 29.40
CA LYS C 1051 -13.25 -37.06 27.93
C LYS C 1051 -14.61 -37.38 27.33
N LYS C 1052 -15.32 -38.36 27.90
CA LYS C 1052 -16.65 -38.70 27.41
C LYS C 1052 -17.66 -37.60 27.71
N ARG C 1053 -17.60 -37.02 28.91
CA ARG C 1053 -18.53 -35.94 29.25
C ARG C 1053 -18.18 -34.62 28.59
N LYS C 1054 -16.97 -34.48 28.04
CA LYS C 1054 -16.61 -33.29 27.28
C LYS C 1054 -16.82 -33.47 25.78
N LEU C 1055 -16.78 -34.70 25.27
CA LEU C 1055 -17.01 -34.93 23.85
C LEU C 1055 -18.48 -35.22 23.52
N GLN C 1056 -19.24 -35.75 24.47
CA GLN C 1056 -20.65 -36.02 24.23
C GLN C 1056 -21.52 -34.79 24.40
N GLN C 1057 -21.07 -33.79 25.15
CA GLN C 1057 -21.84 -32.59 25.37
C GLN C 1057 -21.75 -31.66 24.16
N GLY C 1058 -22.61 -30.65 24.15
CA GLY C 1058 -22.64 -29.66 23.09
C GLY C 1058 -21.82 -28.43 23.48
N ASP C 1059 -21.31 -27.75 22.45
CA ASP C 1059 -20.48 -26.57 22.64
C ASP C 1059 -21.31 -25.30 22.43
N ASP C 1060 -20.79 -24.19 22.94
CA ASP C 1060 -21.45 -22.90 22.78
C ASP C 1060 -21.24 -22.39 21.36
N LEU C 1061 -22.32 -22.35 20.59
CA LEU C 1061 -22.27 -21.95 19.18
C LEU C 1061 -23.11 -20.70 18.98
N ALA C 1062 -23.27 -20.33 17.71
CA ALA C 1062 -24.05 -19.16 17.36
C ALA C 1062 -25.54 -19.45 17.56
N PRO C 1063 -26.35 -18.47 17.98
CA PRO C 1063 -27.78 -18.73 18.17
C PRO C 1063 -28.50 -18.88 16.83
N GLY C 1064 -29.45 -19.80 16.80
CA GLY C 1064 -30.19 -20.11 15.59
C GLY C 1064 -29.53 -21.14 14.70
N VAL C 1065 -28.52 -21.86 15.19
CA VAL C 1065 -27.79 -22.84 14.41
C VAL C 1065 -28.04 -24.21 15.01
N LEU C 1066 -28.43 -25.18 14.16
CA LEU C 1066 -28.66 -26.53 14.63
C LEU C 1066 -27.37 -27.34 14.66
N LYS C 1067 -26.58 -27.26 13.59
CA LYS C 1067 -25.31 -27.98 13.50
C LYS C 1067 -24.33 -27.17 12.67
N ILE C 1068 -23.09 -27.10 13.14
CA ILE C 1068 -22.02 -26.37 12.46
C ILE C 1068 -20.98 -27.38 12.01
N VAL C 1069 -20.78 -27.49 10.70
CA VAL C 1069 -19.78 -28.38 10.12
C VAL C 1069 -18.68 -27.55 9.49
N LYS C 1070 -17.50 -28.13 9.41
CA LYS C 1070 -16.39 -27.52 8.69
C LYS C 1070 -15.50 -28.62 8.13
N VAL C 1071 -15.26 -28.58 6.83
CA VAL C 1071 -14.48 -29.59 6.13
C VAL C 1071 -13.12 -29.02 5.79
N TYR C 1072 -12.09 -29.83 6.03
CA TYR C 1072 -10.70 -29.42 5.82
C TYR C 1072 -10.19 -30.04 4.52
N LEU C 1073 -10.17 -29.24 3.47
CA LEU C 1073 -9.73 -29.68 2.15
C LEU C 1073 -8.26 -29.32 1.96
N ALA C 1074 -7.45 -30.31 1.61
CA ALA C 1074 -6.02 -30.13 1.39
C ALA C 1074 -5.75 -30.15 -0.11
N ILE C 1075 -5.15 -29.08 -0.63
CA ILE C 1075 -4.78 -28.97 -2.03
C ILE C 1075 -3.31 -29.34 -2.18
N LYS C 1076 -3.04 -30.31 -3.03
CA LYS C 1076 -1.66 -30.73 -3.34
C LYS C 1076 -1.14 -29.85 -4.49
N ARG C 1077 -0.84 -28.59 -4.14
CA ARG C 1077 -0.35 -27.64 -5.12
C ARG C 1077 1.08 -27.95 -5.51
N ARG C 1078 1.38 -27.88 -6.79
CA ARG C 1078 2.71 -28.11 -7.31
C ARG C 1078 3.30 -26.79 -7.82
N ILE C 1079 4.50 -26.88 -8.38
CA ILE C 1079 5.09 -25.74 -9.03
C ILE C 1079 4.36 -25.45 -10.34
N GLN C 1080 3.84 -24.24 -10.46
CA GLN C 1080 3.17 -23.80 -11.66
C GLN C 1080 3.93 -22.59 -12.21
N PRO C 1081 3.82 -22.33 -13.52
CA PRO C 1081 4.50 -21.14 -14.07
C PRO C 1081 3.86 -19.83 -13.60
N GLY C 1082 4.56 -19.11 -12.73
CA GLY C 1082 4.07 -17.85 -12.22
C GLY C 1082 4.09 -17.74 -10.71
N ASP C 1083 4.70 -18.69 -10.03
CA ASP C 1083 4.79 -18.67 -8.58
C ASP C 1083 5.82 -17.64 -8.12
N LYS C 1084 5.69 -17.24 -6.86
CA LYS C 1084 6.56 -16.22 -6.27
C LYS C 1084 7.78 -16.87 -5.64
N MET C 1085 8.96 -16.32 -5.94
CA MET C 1085 10.22 -16.89 -5.48
C MET C 1085 11.18 -15.77 -5.11
N ALA C 1086 11.54 -15.69 -3.82
CA ALA C 1086 12.51 -14.71 -3.36
C ALA C 1086 13.54 -15.41 -2.49
N GLY C 1087 14.74 -14.81 -2.43
CA GLY C 1087 15.83 -15.37 -1.65
C GLY C 1087 15.81 -14.92 -0.20
N ARG C 1088 16.96 -14.51 0.31
CA ARG C 1088 17.08 -14.05 1.69
C ARG C 1088 17.55 -12.62 1.81
N HIS C 1089 17.91 -11.96 0.71
CA HIS C 1089 18.43 -10.60 0.76
C HIS C 1089 17.52 -9.61 0.05
N GLY C 1090 16.23 -9.95 -0.10
CA GLY C 1090 15.27 -9.05 -0.69
C GLY C 1090 15.35 -8.96 -2.19
N ASN C 1091 15.32 -10.10 -2.87
CA ASN C 1091 15.30 -10.16 -4.34
C ASN C 1091 14.00 -10.85 -4.75
N LYS C 1092 12.95 -10.04 -4.92
CA LYS C 1092 11.65 -10.57 -5.32
C LYS C 1092 11.67 -10.98 -6.79
N GLY C 1093 11.03 -12.10 -7.08
CA GLY C 1093 11.03 -12.62 -8.43
C GLY C 1093 9.90 -13.60 -8.64
N VAL C 1094 9.51 -13.73 -9.90
CA VAL C 1094 8.45 -14.65 -10.33
C VAL C 1094 9.06 -15.63 -11.33
N VAL C 1095 8.75 -16.91 -11.17
CA VAL C 1095 9.23 -17.91 -12.12
C VAL C 1095 8.50 -17.75 -13.44
N SER C 1096 9.14 -18.15 -14.53
CA SER C 1096 8.58 -17.91 -15.87
C SER C 1096 7.79 -19.12 -16.36
N VAL C 1097 8.49 -20.23 -16.60
CA VAL C 1097 7.91 -21.50 -17.07
C VAL C 1097 8.68 -22.65 -16.45
N ILE C 1098 8.30 -23.88 -16.82
CA ILE C 1098 9.02 -25.07 -16.41
C ILE C 1098 10.04 -25.40 -17.49
N MET C 1099 11.24 -24.81 -17.35
CA MET C 1099 12.29 -25.12 -18.31
C MET C 1099 12.99 -26.42 -17.93
N PRO C 1100 13.41 -27.22 -18.91
CA PRO C 1100 14.03 -28.52 -18.59
C PRO C 1100 15.44 -28.37 -18.04
N VAL C 1101 16.01 -29.52 -17.66
CA VAL C 1101 17.32 -29.57 -17.01
C VAL C 1101 18.49 -29.41 -17.97
N GLU C 1102 18.25 -29.42 -19.28
CA GLU C 1102 19.32 -29.35 -20.27
C GLU C 1102 19.57 -27.94 -20.78
N ASP C 1103 18.56 -27.06 -20.76
CA ASP C 1103 18.72 -25.71 -21.29
C ASP C 1103 19.62 -24.84 -20.41
N MET C 1104 19.75 -25.19 -19.14
CA MET C 1104 20.60 -24.43 -18.24
C MET C 1104 22.07 -24.77 -18.51
N PRO C 1105 22.98 -23.80 -18.34
CA PRO C 1105 24.40 -24.08 -18.56
C PRO C 1105 24.97 -24.98 -17.47
N HIS C 1106 25.91 -25.84 -17.87
CA HIS C 1106 26.47 -26.83 -16.99
C HIS C 1106 27.99 -26.69 -16.95
N ASP C 1107 28.59 -27.17 -15.86
CA ASP C 1107 30.03 -27.13 -15.70
C ASP C 1107 30.63 -28.45 -16.20
N ALA C 1108 31.92 -28.66 -15.91
CA ALA C 1108 32.61 -29.87 -16.34
C ALA C 1108 32.47 -31.03 -15.36
N ASN C 1109 31.92 -30.79 -14.18
CA ASN C 1109 31.79 -31.85 -13.19
C ASN C 1109 30.64 -32.80 -13.52
N GLY C 1110 29.47 -32.24 -13.83
CA GLY C 1110 28.33 -33.06 -14.19
C GLY C 1110 27.02 -32.59 -13.59
N THR C 1111 27.06 -31.51 -12.82
CA THR C 1111 25.86 -30.99 -12.16
C THR C 1111 25.42 -29.71 -12.84
N PRO C 1112 24.35 -29.72 -13.63
CA PRO C 1112 23.87 -28.48 -14.25
C PRO C 1112 23.19 -27.59 -13.21
N VAL C 1113 23.18 -26.30 -13.51
CA VAL C 1113 22.59 -25.31 -12.61
C VAL C 1113 21.07 -25.42 -12.70
N ASP C 1114 20.38 -25.08 -11.62
CA ASP C 1114 18.93 -25.27 -11.53
C ASP C 1114 18.15 -23.96 -11.63
N ILE C 1115 18.43 -23.01 -10.73
CA ILE C 1115 17.69 -21.76 -10.66
C ILE C 1115 18.68 -20.62 -10.90
N VAL C 1116 18.52 -19.93 -12.03
CA VAL C 1116 19.46 -18.91 -12.46
C VAL C 1116 18.89 -17.54 -12.12
N LEU C 1117 19.71 -16.69 -11.51
CA LEU C 1117 19.30 -15.37 -11.06
C LEU C 1117 19.97 -14.30 -11.92
N ASN C 1118 19.55 -13.06 -11.72
CA ASN C 1118 20.04 -11.91 -12.47
C ASN C 1118 21.13 -11.19 -11.70
N PRO C 1119 22.11 -10.61 -12.39
CA PRO C 1119 23.18 -9.89 -11.68
C PRO C 1119 22.87 -8.42 -11.44
N LEU C 1120 21.59 -8.04 -11.45
CA LEU C 1120 21.18 -6.69 -11.08
C LEU C 1120 20.87 -6.58 -9.59
N GLY C 1121 20.71 -7.70 -8.90
CA GLY C 1121 20.39 -7.65 -7.48
C GLY C 1121 21.53 -7.14 -6.61
N VAL C 1122 22.76 -7.28 -7.08
CA VAL C 1122 23.93 -6.79 -6.33
C VAL C 1122 24.26 -5.30 -6.54
N PRO C 1123 24.25 -4.66 -7.77
CA PRO C 1123 24.54 -3.22 -7.79
C PRO C 1123 23.35 -2.32 -7.46
N SER C 1124 22.13 -2.71 -7.87
CA SER C 1124 20.97 -1.84 -7.67
C SER C 1124 20.47 -1.91 -6.23
N ARG C 1125 20.02 -3.09 -5.82
CA ARG C 1125 19.82 -3.35 -4.40
C ARG C 1125 21.20 -3.45 -3.75
N MET C 1126 21.40 -2.71 -2.66
CA MET C 1126 22.75 -2.54 -2.11
C MET C 1126 23.09 -3.68 -1.14
N ASN C 1127 23.12 -4.90 -1.67
CA ASN C 1127 23.45 -6.07 -0.88
C ASN C 1127 24.38 -6.97 -1.70
N VAL C 1128 25.64 -7.05 -1.27
CA VAL C 1128 26.58 -7.98 -1.89
C VAL C 1128 26.59 -9.33 -1.20
N GLY C 1129 25.67 -9.57 -0.26
CA GLY C 1129 25.63 -10.84 0.45
C GLY C 1129 25.11 -11.98 -0.39
N GLN C 1130 24.51 -11.68 -1.55
CA GLN C 1130 24.14 -12.70 -2.52
C GLN C 1130 25.34 -13.50 -3.00
N ILE C 1131 26.41 -12.80 -3.37
CA ILE C 1131 27.61 -13.45 -3.90
C ILE C 1131 28.32 -14.23 -2.81
N LEU C 1132 28.41 -13.67 -1.59
CA LEU C 1132 29.10 -14.35 -0.50
C LEU C 1132 28.32 -15.58 -0.04
N GLU C 1133 26.98 -15.46 -0.01
CA GLU C 1133 26.15 -16.58 0.39
C GLU C 1133 26.19 -17.70 -0.66
N THR C 1134 26.19 -17.35 -1.96
CA THR C 1134 26.24 -18.38 -2.97
C THR C 1134 27.64 -19.00 -3.07
N HIS C 1135 28.69 -18.24 -2.71
CA HIS C 1135 30.03 -18.82 -2.66
C HIS C 1135 30.18 -19.78 -1.49
N LEU C 1136 29.64 -19.41 -0.32
CA LEU C 1136 29.67 -20.34 0.81
C LEU C 1136 28.75 -21.53 0.59
N GLY C 1137 27.67 -21.35 -0.18
CA GLY C 1137 26.84 -22.48 -0.55
C GLY C 1137 27.54 -23.44 -1.51
N LEU C 1138 28.31 -22.89 -2.45
CA LEU C 1138 29.13 -23.70 -3.34
C LEU C 1138 30.21 -24.45 -2.56
N ALA C 1139 30.83 -23.80 -1.58
CA ALA C 1139 31.83 -24.48 -0.75
C ALA C 1139 31.20 -25.56 0.11
N ALA C 1140 30.01 -25.29 0.66
CA ALA C 1140 29.34 -26.26 1.51
C ALA C 1140 28.86 -27.47 0.71
N LYS C 1141 28.40 -27.24 -0.52
CA LYS C 1141 28.03 -28.36 -1.38
C LYS C 1141 29.25 -29.12 -1.88
N GLY C 1142 30.39 -28.44 -2.04
CA GLY C 1142 31.62 -29.14 -2.37
C GLY C 1142 32.07 -30.06 -1.25
N LEU C 1143 32.06 -29.55 -0.01
CA LEU C 1143 32.39 -30.38 1.15
C LEU C 1143 31.35 -31.50 1.36
N GLY C 1144 30.08 -31.23 1.06
CA GLY C 1144 29.07 -32.26 1.20
C GLY C 1144 29.18 -33.36 0.16
N GLU C 1145 29.49 -32.99 -1.08
CA GLU C 1145 29.74 -34.01 -2.11
C GLU C 1145 31.04 -34.76 -1.84
N LYS C 1146 32.03 -34.09 -1.22
CA LYS C 1146 33.27 -34.78 -0.87
C LYS C 1146 33.04 -35.79 0.26
N ILE C 1147 32.25 -35.44 1.28
CA ILE C 1147 31.98 -36.40 2.35
C ILE C 1147 31.00 -37.47 1.88
N ASN C 1148 30.17 -37.16 0.86
CA ASN C 1148 29.29 -38.17 0.30
C ASN C 1148 30.06 -39.20 -0.50
N ARG C 1149 31.01 -38.77 -1.35
CA ARG C 1149 31.85 -39.73 -2.05
C ARG C 1149 32.87 -40.38 -1.13
N MET C 1150 33.18 -39.76 0.02
CA MET C 1150 34.02 -40.41 1.01
C MET C 1150 33.28 -41.53 1.73
N LEU C 1151 31.99 -41.32 2.00
CA LEU C 1151 31.17 -42.39 2.57
C LEU C 1151 30.90 -43.47 1.53
N GLU C 1152 30.82 -43.09 0.26
CA GLU C 1152 30.67 -44.05 -0.82
C GLU C 1152 31.93 -44.89 -1.03
N GLU C 1153 33.11 -44.29 -0.84
CA GLU C 1153 34.38 -44.97 -1.05
C GLU C 1153 34.73 -45.95 0.07
N GLN C 1154 33.96 -45.96 1.16
CA GLN C 1154 34.10 -46.89 2.29
C GLN C 1154 35.48 -46.77 2.95
N ARG C 1155 35.76 -45.57 3.45
CA ARG C 1155 37.00 -45.29 4.15
C ARG C 1155 36.84 -45.48 5.65
N LYS C 1156 37.98 -45.48 6.35
CA LYS C 1156 37.98 -45.71 7.79
C LYS C 1156 37.55 -44.44 8.53
N VAL C 1157 37.34 -44.58 9.84
CA VAL C 1157 36.89 -43.46 10.65
C VAL C 1157 38.04 -42.47 10.92
N ALA C 1158 39.30 -42.91 10.76
CA ALA C 1158 40.43 -42.02 10.94
C ALA C 1158 40.49 -40.97 9.83
N GLU C 1159 40.17 -41.38 8.60
CA GLU C 1159 40.09 -40.41 7.51
C GLU C 1159 38.94 -39.44 7.70
N LEU C 1160 37.81 -39.89 8.26
CA LEU C 1160 36.68 -39.00 8.50
C LEU C 1160 36.99 -38.01 9.61
N ARG C 1161 37.68 -38.44 10.67
CA ARG C 1161 38.01 -37.50 11.74
C ARG C 1161 39.14 -36.56 11.34
N LYS C 1162 40.05 -37.00 10.45
CA LYS C 1162 41.04 -36.08 9.89
C LYS C 1162 40.37 -35.08 8.95
N PHE C 1163 39.33 -35.51 8.25
CA PHE C 1163 38.55 -34.63 7.38
C PHE C 1163 37.82 -33.57 8.21
N LEU C 1164 37.22 -33.99 9.33
CA LEU C 1164 36.59 -33.04 10.24
C LEU C 1164 37.62 -32.13 10.91
N HIS C 1165 38.83 -32.63 11.15
CA HIS C 1165 39.89 -31.81 11.73
C HIS C 1165 40.35 -30.74 10.77
N GLU C 1166 40.53 -31.09 9.49
CA GLU C 1166 40.93 -30.08 8.52
C GLU C 1166 39.78 -29.17 8.10
N ILE C 1167 38.52 -29.56 8.38
CA ILE C 1167 37.42 -28.62 8.19
C ILE C 1167 37.36 -27.62 9.34
N TYR C 1168 37.35 -28.11 10.58
CA TYR C 1168 37.04 -27.30 11.75
C TYR C 1168 38.27 -26.60 12.35
N ASN C 1169 39.31 -26.37 11.56
CA ASN C 1169 40.52 -25.68 12.03
C ASN C 1169 40.83 -24.50 11.13
N GLU C 1170 39.80 -23.70 10.83
CA GLU C 1170 39.98 -22.51 10.00
C GLU C 1170 40.41 -21.33 10.87
N ILE C 1171 40.41 -20.13 10.28
CA ILE C 1171 40.83 -18.95 11.02
C ILE C 1171 39.73 -18.47 11.96
N GLY C 1172 38.48 -18.50 11.50
CA GLY C 1172 37.38 -18.05 12.32
C GLY C 1172 36.72 -19.18 13.09
N GLY C 1173 36.16 -18.84 14.25
CA GLY C 1173 35.47 -19.80 15.06
C GLY C 1173 36.41 -20.61 15.96
N ARG C 1174 35.88 -21.72 16.44
CA ARG C 1174 36.62 -22.61 17.33
C ARG C 1174 36.37 -24.05 16.92
N GLU C 1175 37.17 -24.95 17.47
CA GLU C 1175 37.08 -26.38 17.18
C GLU C 1175 36.49 -27.12 18.37
N GLU C 1176 35.57 -28.04 18.08
CA GLU C 1176 34.94 -28.87 19.10
C GLU C 1176 35.14 -30.36 18.80
N ASN C 1177 36.31 -30.71 18.27
CA ASN C 1177 36.58 -32.09 17.87
C ASN C 1177 37.20 -32.88 19.03
N LEU C 1178 37.52 -34.14 18.75
CA LEU C 1178 38.15 -35.10 19.69
C LEU C 1178 37.28 -35.31 20.93
N ASP C 1179 35.97 -35.22 20.76
CA ASP C 1179 35.04 -35.44 21.87
C ASP C 1179 34.04 -36.54 21.53
N GLU C 1180 33.57 -36.55 20.29
CA GLU C 1180 32.54 -37.50 19.88
C GLU C 1180 33.14 -38.89 19.67
N LEU C 1181 32.34 -39.91 19.95
CA LEU C 1181 32.79 -41.28 19.76
C LEU C 1181 32.64 -41.69 18.29
N GLY C 1182 33.44 -42.68 17.87
CA GLY C 1182 33.52 -43.00 16.47
C GLY C 1182 32.37 -43.88 15.98
N ASP C 1183 31.89 -44.78 16.85
CA ASP C 1183 30.90 -45.76 16.41
C ASP C 1183 29.51 -45.15 16.31
N ASN C 1184 29.13 -44.32 17.28
CA ASN C 1184 27.77 -43.79 17.34
C ASN C 1184 27.67 -42.36 16.82
N GLU C 1185 28.45 -41.45 17.41
CA GLU C 1185 28.25 -40.03 17.13
C GLU C 1185 28.82 -39.63 15.77
N ILE C 1186 29.92 -40.27 15.35
CA ILE C 1186 30.50 -39.96 14.05
C ILE C 1186 29.60 -40.44 12.92
N LEU C 1187 29.04 -41.66 13.07
CA LEU C 1187 28.08 -42.16 12.09
C LEU C 1187 26.79 -41.36 12.11
N ALA C 1188 26.40 -40.86 13.29
CA ALA C 1188 25.19 -40.04 13.40
C ALA C 1188 25.38 -38.70 12.70
N LEU C 1189 26.54 -38.06 12.90
CA LEU C 1189 26.79 -36.78 12.23
C LEU C 1189 27.01 -36.98 10.73
N ALA C 1190 27.51 -38.15 10.33
CA ALA C 1190 27.62 -38.44 8.90
C ALA C 1190 26.25 -38.58 8.25
N LYS C 1191 25.37 -39.36 8.87
CA LYS C 1191 24.04 -39.58 8.29
C LYS C 1191 23.16 -38.34 8.41
N ASN C 1192 23.48 -37.42 9.33
CA ASN C 1192 22.70 -36.21 9.46
C ASN C 1192 23.39 -34.98 8.88
N LEU C 1193 24.57 -35.13 8.30
CA LEU C 1193 25.25 -34.04 7.60
C LEU C 1193 25.61 -34.40 6.16
N ARG C 1194 25.19 -35.58 5.68
CA ARG C 1194 25.35 -35.90 4.26
C ARG C 1194 24.51 -35.02 3.35
N GLY C 1195 23.44 -34.41 3.88
CA GLY C 1195 22.62 -33.52 3.08
C GLY C 1195 22.95 -32.05 3.25
N GLY C 1196 24.22 -31.75 3.47
CA GLY C 1196 24.67 -30.38 3.64
C GLY C 1196 25.07 -30.09 5.07
N VAL C 1197 25.90 -29.07 5.24
CA VAL C 1197 26.41 -28.64 6.53
C VAL C 1197 25.95 -27.21 6.78
N PRO C 1198 25.60 -26.84 8.01
CA PRO C 1198 25.24 -25.45 8.30
C PRO C 1198 26.42 -24.64 8.82
N MET C 1199 26.37 -23.34 8.60
CA MET C 1199 27.34 -22.41 9.14
C MET C 1199 26.73 -21.69 10.34
N ALA C 1200 27.55 -20.85 10.98
CA ALA C 1200 27.12 -20.05 12.13
C ALA C 1200 27.80 -18.70 12.05
N THR C 1201 27.13 -17.73 11.44
CA THR C 1201 27.80 -16.44 11.35
C THR C 1201 27.04 -15.37 12.13
N PRO C 1202 27.75 -14.48 12.84
CA PRO C 1202 27.07 -13.34 13.49
C PRO C 1202 26.67 -12.27 12.49
N VAL C 1203 26.10 -11.17 13.00
CA VAL C 1203 25.47 -10.19 12.13
C VAL C 1203 26.45 -9.10 11.71
N PHE C 1204 27.38 -8.74 12.60
CA PHE C 1204 28.26 -7.59 12.38
C PHE C 1204 29.73 -7.91 12.60
N ASP C 1205 30.06 -9.14 12.97
CA ASP C 1205 31.44 -9.58 13.09
C ASP C 1205 31.56 -11.00 12.56
N GLY C 1206 30.92 -11.25 11.43
CA GLY C 1206 30.81 -12.58 10.87
C GLY C 1206 32.06 -13.06 10.16
N ALA C 1207 31.84 -13.96 9.20
CA ALA C 1207 32.94 -14.57 8.46
C ALA C 1207 33.57 -13.56 7.50
N LYS C 1208 34.89 -13.49 7.54
CA LYS C 1208 35.64 -12.66 6.60
C LYS C 1208 35.79 -13.42 5.29
N GLU C 1209 36.41 -12.79 4.30
CA GLU C 1209 36.48 -13.38 2.97
C GLU C 1209 37.57 -14.43 2.82
N ARG C 1210 38.63 -14.35 3.64
CA ARG C 1210 39.79 -15.23 3.46
C ARG C 1210 39.48 -16.67 3.85
N GLU C 1211 38.66 -16.86 4.88
CA GLU C 1211 38.19 -18.21 5.22
C GLU C 1211 37.28 -18.77 4.13
N ILE C 1212 36.54 -17.89 3.45
CA ILE C 1212 35.73 -18.33 2.31
C ILE C 1212 36.61 -18.72 1.14
N LYS C 1213 37.73 -18.01 0.93
CA LYS C 1213 38.66 -18.40 -0.12
C LYS C 1213 39.33 -19.74 0.20
N ALA C 1214 39.62 -19.97 1.48
CA ALA C 1214 40.17 -21.26 1.90
C ALA C 1214 39.17 -22.39 1.70
N MET C 1215 37.90 -22.15 2.07
CA MET C 1215 36.86 -23.17 1.90
C MET C 1215 36.53 -23.43 0.44
N LEU C 1216 36.71 -22.43 -0.42
CA LEU C 1216 36.58 -22.65 -1.86
C LEU C 1216 37.77 -23.43 -2.41
N LYS C 1217 38.98 -23.12 -1.93
CA LYS C 1217 40.17 -23.72 -2.51
C LYS C 1217 40.49 -25.11 -1.97
N LEU C 1218 39.88 -25.53 -0.85
CA LEU C 1218 40.22 -26.84 -0.30
C LEU C 1218 39.39 -27.98 -0.89
N ALA C 1219 38.33 -27.68 -1.63
CA ALA C 1219 37.39 -28.72 -2.07
C ALA C 1219 37.35 -28.85 -3.60
N ASP C 1220 38.50 -28.62 -4.26
CA ASP C 1220 38.67 -28.72 -5.72
C ASP C 1220 37.69 -27.79 -6.47
N LEU C 1221 37.53 -26.59 -5.93
CA LEU C 1221 36.67 -25.56 -6.49
C LEU C 1221 37.49 -24.30 -6.72
N PRO C 1222 37.13 -23.45 -7.69
CA PRO C 1222 37.89 -22.22 -7.91
C PRO C 1222 37.73 -21.22 -6.78
N GLU C 1223 38.77 -20.41 -6.58
CA GLU C 1223 38.86 -19.54 -5.42
C GLU C 1223 37.99 -18.30 -5.54
N SER C 1224 37.63 -17.85 -6.73
CA SER C 1224 36.83 -16.63 -6.79
C SER C 1224 35.41 -16.91 -7.21
N GLY C 1225 35.10 -18.19 -7.38
CA GLY C 1225 33.80 -18.62 -7.87
C GLY C 1225 33.78 -18.59 -9.40
N GLN C 1226 34.96 -18.46 -9.99
CA GLN C 1226 35.14 -18.37 -11.42
C GLN C 1226 35.20 -19.74 -12.07
N MET C 1227 34.08 -20.42 -12.06
CA MET C 1227 33.94 -21.70 -12.74
C MET C 1227 34.00 -21.54 -14.25
N ARG C 1228 34.36 -22.63 -14.91
CA ARG C 1228 34.34 -22.73 -16.37
C ARG C 1228 33.17 -23.60 -16.79
N LEU C 1229 32.19 -23.01 -17.44
CA LEU C 1229 30.95 -23.69 -17.78
C LEU C 1229 30.87 -23.97 -19.28
N PHE C 1230 30.04 -24.95 -19.61
CA PHE C 1230 29.81 -25.37 -20.99
C PHE C 1230 28.42 -24.94 -21.42
N ASP C 1231 28.31 -24.42 -22.64
CA ASP C 1231 27.04 -23.95 -23.16
C ASP C 1231 26.16 -25.13 -23.55
N GLY C 1232 24.99 -25.23 -22.93
CA GLY C 1232 24.07 -26.29 -23.27
C GLY C 1232 23.23 -25.99 -24.49
N ARG C 1233 22.99 -24.71 -24.77
CA ARG C 1233 22.14 -24.35 -25.90
C ARG C 1233 22.92 -24.35 -27.21
N THR C 1234 23.92 -23.48 -27.33
CA THR C 1234 24.65 -23.33 -28.58
C THR C 1234 25.90 -24.20 -28.64
N GLY C 1235 26.48 -24.54 -27.50
CA GLY C 1235 27.66 -25.39 -27.47
C GLY C 1235 28.98 -24.67 -27.65
N ASN C 1236 28.97 -23.36 -27.93
CA ASN C 1236 30.20 -22.61 -28.07
C ASN C 1236 30.84 -22.39 -26.70
N GLN C 1237 32.18 -22.44 -26.68
CA GLN C 1237 32.92 -22.26 -25.44
C GLN C 1237 32.89 -20.80 -25.01
N PHE C 1238 32.55 -20.56 -23.75
CA PHE C 1238 32.53 -19.21 -23.22
C PHE C 1238 33.96 -18.68 -23.08
N GLU C 1239 34.20 -17.49 -23.62
CA GLU C 1239 35.49 -16.83 -23.45
C GLU C 1239 35.48 -15.91 -22.23
N ARG C 1240 34.98 -16.44 -21.11
CA ARG C 1240 34.81 -15.74 -19.84
C ARG C 1240 34.43 -16.76 -18.77
N PRO C 1241 35.06 -16.71 -17.59
CA PRO C 1241 34.66 -17.61 -16.51
C PRO C 1241 33.41 -17.11 -15.80
N THR C 1242 32.51 -18.03 -15.49
CA THR C 1242 31.27 -17.68 -14.83
C THR C 1242 31.27 -18.06 -13.36
N THR C 1243 30.21 -17.65 -12.66
CA THR C 1243 30.04 -17.92 -11.24
C THR C 1243 28.76 -18.72 -11.02
N VAL C 1244 28.89 -19.87 -10.35
CA VAL C 1244 27.74 -20.66 -9.93
C VAL C 1244 27.78 -20.79 -8.43
N GLY C 1245 26.83 -21.51 -7.85
CA GLY C 1245 26.80 -21.74 -6.42
C GLY C 1245 25.45 -22.24 -5.98
N TYR C 1246 25.15 -22.05 -4.71
CA TYR C 1246 23.89 -22.47 -4.11
C TYR C 1246 23.30 -21.31 -3.32
N MET C 1247 22.07 -20.93 -3.67
CA MET C 1247 21.33 -19.90 -2.97
C MET C 1247 20.17 -20.53 -2.22
N TYR C 1248 20.14 -20.33 -0.91
CA TYR C 1248 19.03 -20.77 -0.08
C TYR C 1248 17.93 -19.72 -0.15
N MET C 1249 16.85 -20.01 -0.86
CA MET C 1249 15.75 -19.08 -1.04
C MET C 1249 14.54 -19.50 -0.22
N LEU C 1250 13.55 -18.62 -0.17
CA LEU C 1250 12.34 -18.81 0.62
C LEU C 1250 11.14 -18.92 -0.30
N LYS C 1251 10.07 -19.48 0.25
CA LYS C 1251 8.79 -19.61 -0.43
C LYS C 1251 7.80 -18.64 0.21
N LEU C 1252 6.95 -18.02 -0.61
CA LEU C 1252 6.10 -16.93 -0.17
C LEU C 1252 4.64 -17.34 -0.22
N ASN C 1253 3.83 -16.58 0.52
CA ASN C 1253 2.37 -16.72 0.45
C ASN C 1253 1.76 -15.75 -0.55
N HIS C 1254 2.31 -15.75 -1.77
CA HIS C 1254 1.89 -14.86 -2.84
C HIS C 1254 1.62 -15.67 -4.11
N LEU C 1255 0.91 -16.78 -3.95
CA LEU C 1255 0.59 -17.64 -5.07
C LEU C 1255 -0.57 -17.08 -5.87
N VAL C 1256 -0.99 -17.82 -6.88
CA VAL C 1256 -1.98 -17.35 -7.84
C VAL C 1256 -3.36 -17.89 -7.47
N ASP C 1257 -3.40 -19.04 -6.79
CA ASP C 1257 -4.66 -19.74 -6.56
C ASP C 1257 -5.52 -19.03 -5.51
N ASP C 1258 -4.91 -18.43 -4.50
CA ASP C 1258 -5.68 -17.67 -3.52
C ASP C 1258 -6.09 -16.30 -4.04
N LYS C 1259 -5.45 -15.81 -5.10
CA LYS C 1259 -5.74 -14.49 -5.65
C LYS C 1259 -6.56 -14.54 -6.93
N MET C 1260 -6.74 -15.73 -7.52
CA MET C 1260 -7.43 -15.86 -8.79
C MET C 1260 -8.93 -15.63 -8.62
N HIS C 1261 -9.46 -14.66 -9.33
CA HIS C 1261 -10.90 -14.40 -9.35
C HIS C 1261 -11.43 -14.78 -10.73
N ALA C 1262 -12.31 -15.79 -10.75
CA ALA C 1262 -12.88 -16.30 -12.00
C ALA C 1262 -14.34 -15.87 -12.07
N ARG C 1263 -14.59 -14.81 -12.82
CA ARG C 1263 -15.95 -14.27 -12.93
C ARG C 1263 -16.13 -13.65 -14.31
N SER C 1264 -17.12 -14.13 -15.05
CA SER C 1264 -17.56 -13.48 -16.29
C SER C 1264 -18.79 -12.62 -16.05
N THR C 1265 -19.80 -13.18 -15.41
CA THR C 1265 -21.03 -12.49 -15.06
C THR C 1265 -21.30 -12.65 -13.57
N GLY C 1266 -21.52 -11.54 -12.89
CA GLY C 1266 -21.76 -11.57 -11.46
C GLY C 1266 -23.06 -10.86 -11.11
N SER C 1267 -23.61 -11.26 -9.96
CA SER C 1267 -24.88 -10.71 -9.51
C SER C 1267 -24.71 -9.25 -9.09
N TYR C 1268 -25.59 -8.39 -9.60
CA TYR C 1268 -25.48 -6.96 -9.38
C TYR C 1268 -25.88 -6.60 -7.94
N SER C 1269 -25.57 -5.35 -7.57
CA SER C 1269 -25.76 -4.90 -6.20
C SER C 1269 -27.19 -4.40 -6.02
N LEU C 1270 -27.48 -3.85 -4.83
CA LEU C 1270 -28.81 -3.37 -4.49
C LEU C 1270 -28.95 -1.86 -4.62
N VAL C 1271 -27.87 -1.11 -4.45
CA VAL C 1271 -27.94 0.33 -4.64
C VAL C 1271 -27.70 0.74 -6.09
N THR C 1272 -27.05 -0.13 -6.87
CA THR C 1272 -26.80 0.12 -8.29
C THR C 1272 -26.59 -1.22 -8.97
N GLN C 1273 -26.48 -1.19 -10.29
CA GLN C 1273 -26.28 -2.41 -11.07
C GLN C 1273 -24.78 -2.62 -11.32
N GLN C 1274 -24.08 -2.88 -10.22
CA GLN C 1274 -22.67 -3.24 -10.24
C GLN C 1274 -22.47 -4.59 -9.60
N PRO C 1275 -21.71 -5.50 -10.21
CA PRO C 1275 -21.57 -6.85 -9.65
C PRO C 1275 -20.73 -6.87 -8.38
N LEU C 1276 -20.95 -7.91 -7.58
CA LEU C 1276 -20.23 -8.10 -6.32
C LEU C 1276 -20.25 -9.58 -5.98
N GLY C 1277 -19.47 -9.94 -4.97
CA GLY C 1277 -19.40 -11.31 -4.52
C GLY C 1277 -20.60 -11.75 -3.71
N GLY C 1278 -20.58 -13.01 -3.30
CA GLY C 1278 -21.65 -13.61 -2.52
C GLY C 1278 -22.43 -14.67 -3.25
N LYS C 1279 -22.25 -14.79 -4.57
CA LYS C 1279 -22.94 -15.79 -5.38
C LYS C 1279 -21.99 -16.93 -5.76
N ALA C 1280 -21.12 -17.31 -4.81
CA ALA C 1280 -20.05 -18.31 -4.98
C ALA C 1280 -19.12 -17.94 -6.13
N GLN C 1281 -18.80 -16.66 -6.26
CA GLN C 1281 -17.88 -16.16 -7.27
C GLN C 1281 -17.30 -14.85 -6.78
N PHE C 1282 -15.97 -14.72 -6.87
CA PHE C 1282 -15.32 -13.49 -6.42
C PHE C 1282 -15.53 -12.38 -7.43
N GLY C 1283 -15.62 -11.15 -6.94
CA GLY C 1283 -15.86 -10.00 -7.79
C GLY C 1283 -14.61 -9.54 -8.51
N GLY C 1284 -14.77 -8.47 -9.27
CA GLY C 1284 -13.68 -7.89 -10.04
C GLY C 1284 -12.92 -6.85 -9.24
N GLN C 1285 -12.10 -6.08 -9.95
CA GLN C 1285 -11.28 -5.06 -9.34
C GLN C 1285 -12.06 -3.74 -9.27
N ARG C 1286 -11.46 -2.75 -8.61
CA ARG C 1286 -12.09 -1.44 -8.46
C ARG C 1286 -11.73 -0.57 -9.66
N PHE C 1287 -12.70 -0.33 -10.54
CA PHE C 1287 -12.52 0.60 -11.66
C PHE C 1287 -12.87 2.00 -11.18
N GLY C 1288 -11.98 2.55 -10.35
CA GLY C 1288 -12.21 3.83 -9.71
C GLY C 1288 -11.91 5.03 -10.58
N GLU C 1289 -11.31 6.06 -9.98
CA GLU C 1289 -11.07 7.30 -10.71
C GLU C 1289 -9.82 7.24 -11.57
N MET C 1290 -8.74 6.64 -11.06
CA MET C 1290 -7.48 6.61 -11.79
C MET C 1290 -7.56 5.68 -13.00
N GLU C 1291 -8.37 4.62 -12.92
CA GLU C 1291 -8.53 3.70 -14.04
C GLU C 1291 -9.23 4.38 -15.21
N VAL C 1292 -10.34 5.07 -14.93
CA VAL C 1292 -11.05 5.76 -16.01
C VAL C 1292 -10.28 7.00 -16.46
N TRP C 1293 -9.45 7.59 -15.59
CA TRP C 1293 -8.58 8.69 -15.99
C TRP C 1293 -7.51 8.24 -16.98
N ALA C 1294 -6.88 7.09 -16.70
CA ALA C 1294 -5.94 6.51 -17.66
C ALA C 1294 -6.65 5.99 -18.90
N LEU C 1295 -7.94 5.68 -18.80
CA LEU C 1295 -8.71 5.26 -19.96
C LEU C 1295 -8.98 6.45 -20.89
N GLU C 1296 -9.33 7.61 -20.34
CA GLU C 1296 -9.53 8.80 -21.15
C GLU C 1296 -8.26 9.62 -21.31
N ALA C 1297 -7.11 9.06 -20.92
CA ALA C 1297 -5.82 9.69 -21.25
C ALA C 1297 -5.62 9.77 -22.75
N TYR C 1298 -6.08 8.78 -23.49
CA TYR C 1298 -6.12 8.86 -24.95
C TYR C 1298 -7.41 9.52 -25.39
N GLY C 1299 -7.42 10.01 -26.62
CA GLY C 1299 -8.60 10.64 -27.19
C GLY C 1299 -9.62 9.65 -27.72
N ALA C 1300 -10.33 8.98 -26.81
CA ALA C 1300 -11.37 8.04 -27.20
C ALA C 1300 -12.62 8.30 -26.36
N ALA C 1301 -13.77 7.88 -26.89
CA ALA C 1301 -15.04 8.09 -26.20
C ALA C 1301 -15.98 6.90 -26.21
N TYR C 1302 -15.76 5.89 -27.04
CA TYR C 1302 -16.76 4.83 -27.19
C TYR C 1302 -16.62 3.75 -26.13
N THR C 1303 -15.38 3.34 -25.80
CA THR C 1303 -15.19 2.34 -24.76
C THR C 1303 -15.49 2.89 -23.38
N LEU C 1304 -15.40 4.20 -23.21
CA LEU C 1304 -15.69 4.83 -21.92
C LEU C 1304 -17.17 4.71 -21.57
N GLN C 1305 -18.05 4.79 -22.58
CA GLN C 1305 -19.46 4.57 -22.33
C GLN C 1305 -19.85 3.10 -22.47
N GLU C 1306 -19.09 2.32 -23.25
CA GLU C 1306 -19.39 0.90 -23.39
C GLU C 1306 -19.12 0.15 -22.08
N MET C 1307 -17.99 0.44 -21.43
CA MET C 1307 -17.68 -0.18 -20.14
C MET C 1307 -18.55 0.37 -19.00
N LEU C 1308 -19.30 1.44 -19.25
CA LEU C 1308 -20.12 2.06 -18.21
C LEU C 1308 -21.61 1.80 -18.39
N THR C 1309 -22.07 1.41 -19.56
CA THR C 1309 -23.48 1.08 -19.76
C THR C 1309 -23.70 -0.35 -20.23
N VAL C 1310 -22.65 -1.07 -20.62
CA VAL C 1310 -22.86 -2.46 -21.05
C VAL C 1310 -22.37 -3.43 -19.97
N LYS C 1311 -21.17 -3.21 -19.45
CA LYS C 1311 -20.63 -4.08 -18.41
C LYS C 1311 -21.31 -3.87 -17.06
N SER C 1312 -21.89 -2.70 -16.82
CA SER C 1312 -22.59 -2.41 -15.60
C SER C 1312 -23.58 -1.27 -15.84
N ASP C 1313 -24.47 -1.07 -14.86
CA ASP C 1313 -25.39 0.07 -14.78
C ASP C 1313 -26.33 0.15 -16.00
N ASP C 1314 -27.15 -0.89 -16.15
CA ASP C 1314 -28.18 -0.91 -17.17
C ASP C 1314 -29.28 -1.89 -16.75
N VAL C 1315 -30.37 -1.90 -17.52
CA VAL C 1315 -31.48 -2.81 -17.27
C VAL C 1315 -31.69 -3.69 -18.50
N ASN C 1316 -32.00 -3.08 -19.64
CA ASN C 1316 -32.22 -3.81 -20.88
C ASN C 1316 -31.07 -3.67 -21.87
N GLY C 1317 -30.08 -2.84 -21.57
CA GLY C 1317 -28.97 -2.65 -22.49
C GLY C 1317 -28.08 -3.87 -22.60
N ARG C 1318 -27.82 -4.54 -21.47
CA ARG C 1318 -27.06 -5.78 -21.50
C ARG C 1318 -27.83 -6.88 -22.21
N THR C 1319 -29.16 -6.88 -22.10
CA THR C 1319 -29.97 -7.88 -22.77
C THR C 1319 -29.97 -7.68 -24.28
N LYS C 1320 -30.13 -6.45 -24.74
CA LYS C 1320 -30.10 -6.20 -26.18
C LYS C 1320 -28.70 -6.35 -26.75
N MET C 1321 -27.66 -6.07 -25.97
CA MET C 1321 -26.31 -6.28 -26.45
C MET C 1321 -25.95 -7.76 -26.52
N TYR C 1322 -26.44 -8.56 -25.56
CA TYR C 1322 -26.24 -10.00 -25.64
C TYR C 1322 -27.04 -10.61 -26.79
N LYS C 1323 -28.24 -10.07 -27.06
CA LYS C 1323 -29.00 -10.52 -28.22
C LYS C 1323 -28.32 -10.14 -29.52
N ASN C 1324 -27.67 -8.97 -29.56
CA ASN C 1324 -26.91 -8.58 -30.75
C ASN C 1324 -25.65 -9.41 -30.91
N ILE C 1325 -25.05 -9.85 -29.81
CA ILE C 1325 -23.89 -10.74 -29.87
C ILE C 1325 -24.29 -12.12 -30.37
N VAL C 1326 -25.41 -12.64 -29.87
CA VAL C 1326 -25.86 -13.98 -30.25
C VAL C 1326 -26.36 -14.01 -31.69
N ASP C 1327 -27.18 -13.02 -32.06
CA ASP C 1327 -27.73 -12.97 -33.41
C ASP C 1327 -26.67 -12.59 -34.44
N GLY C 1328 -25.65 -11.82 -34.03
CA GLY C 1328 -24.54 -11.47 -34.88
C GLY C 1328 -24.54 -10.03 -35.36
N ASP C 1329 -25.72 -9.50 -35.69
CA ASP C 1329 -25.80 -8.13 -36.19
C ASP C 1329 -25.68 -7.14 -35.04
N HIS C 1330 -25.02 -6.02 -35.31
CA HIS C 1330 -24.78 -4.97 -34.32
C HIS C 1330 -25.46 -3.68 -34.75
N ARG C 1331 -26.08 -3.00 -33.79
CA ARG C 1331 -26.78 -1.75 -34.07
C ARG C 1331 -26.29 -0.63 -33.16
N MET C 1332 -25.85 -1.02 -31.95
CA MET C 1332 -25.32 -0.11 -30.91
C MET C 1332 -26.35 0.96 -30.53
N GLU C 1333 -27.47 0.51 -29.97
CA GLU C 1333 -28.48 1.42 -29.46
C GLU C 1333 -28.00 2.08 -28.17
N ALA C 1334 -28.34 3.35 -28.00
CA ALA C 1334 -27.87 4.10 -26.84
C ALA C 1334 -28.62 3.69 -25.58
N GLY C 1335 -29.95 3.87 -25.57
CA GLY C 1335 -30.75 3.50 -24.43
C GLY C 1335 -30.66 4.51 -23.30
N MET C 1336 -30.97 4.03 -22.10
CA MET C 1336 -30.97 4.85 -20.90
C MET C 1336 -30.44 4.03 -19.75
N PRO C 1337 -29.32 4.42 -19.14
CA PRO C 1337 -28.76 3.65 -18.03
C PRO C 1337 -29.52 3.90 -16.73
N GLU C 1338 -29.30 3.01 -15.76
CA GLU C 1338 -29.92 3.12 -14.45
C GLU C 1338 -29.16 4.00 -13.49
N SER C 1339 -27.91 4.37 -13.81
CA SER C 1339 -27.15 5.27 -12.96
C SER C 1339 -27.79 6.66 -12.92
N PHE C 1340 -28.31 7.13 -14.05
CA PHE C 1340 -29.09 8.37 -14.06
C PHE C 1340 -30.36 8.23 -13.24
N ASN C 1341 -30.94 7.03 -13.19
CA ASN C 1341 -32.17 6.83 -12.41
C ASN C 1341 -31.86 6.86 -10.92
N VAL C 1342 -30.76 6.22 -10.49
CA VAL C 1342 -30.34 6.28 -9.09
C VAL C 1342 -29.98 7.70 -8.70
N LEU C 1343 -29.34 8.44 -9.60
CA LEU C 1343 -28.99 9.83 -9.32
C LEU C 1343 -30.23 10.73 -9.26
N ILE C 1344 -31.20 10.54 -10.15
CA ILE C 1344 -32.38 11.40 -10.11
C ILE C 1344 -33.27 11.06 -8.91
N LYS C 1345 -33.26 9.80 -8.44
CA LYS C 1345 -34.00 9.50 -7.22
C LYS C 1345 -33.30 10.06 -5.98
N GLU C 1346 -31.98 9.93 -5.91
CA GLU C 1346 -31.23 10.48 -4.77
C GLU C 1346 -31.22 12.00 -4.76
N ILE C 1347 -31.41 12.64 -5.91
CA ILE C 1347 -31.48 14.10 -5.96
C ILE C 1347 -32.90 14.60 -5.71
N ARG C 1348 -33.93 13.93 -6.26
CA ARG C 1348 -35.31 14.28 -5.98
C ARG C 1348 -35.75 13.89 -4.58
N SER C 1349 -34.96 13.10 -3.84
CA SER C 1349 -35.19 12.91 -2.42
C SER C 1349 -34.96 14.19 -1.61
N LEU C 1350 -34.24 15.16 -2.15
CA LEU C 1350 -34.09 16.47 -1.53
C LEU C 1350 -35.01 17.52 -2.15
N GLY C 1351 -35.87 17.12 -3.08
CA GLY C 1351 -36.80 18.04 -3.70
C GLY C 1351 -36.15 19.02 -4.66
N ILE C 1352 -35.63 18.53 -5.78
CA ILE C 1352 -34.90 19.34 -6.75
C ILE C 1352 -35.54 19.17 -8.12
N ASP C 1353 -35.93 20.29 -8.72
CA ASP C 1353 -36.53 20.32 -10.06
C ASP C 1353 -35.47 19.97 -11.09
N ILE C 1354 -35.65 18.84 -11.76
CA ILE C 1354 -34.82 18.43 -12.89
C ILE C 1354 -35.75 18.01 -14.02
N GLU C 1355 -35.65 18.67 -15.17
CA GLU C 1355 -36.48 18.36 -16.32
C GLU C 1355 -35.62 18.40 -17.58
N LEU C 1356 -36.18 17.91 -18.67
CA LEU C 1356 -35.49 17.87 -19.96
C LEU C 1356 -36.16 18.84 -20.93
N GLU C 1357 -35.34 19.59 -21.66
CA GLU C 1357 -35.87 20.57 -22.61
C GLU C 1357 -36.26 19.90 -23.93
N THR C 1358 -35.29 19.25 -24.59
CA THR C 1358 -35.43 18.56 -25.87
C THR C 1358 -36.03 19.42 -26.98
N GLU D 17 -32.92 10.12 -26.06
CA GLU D 17 -32.42 9.80 -24.74
C GLU D 17 -32.86 10.87 -23.73
N PHE D 18 -31.91 11.69 -23.29
CA PHE D 18 -32.19 12.75 -22.33
C PHE D 18 -31.19 13.87 -22.52
N ASP D 19 -31.59 15.07 -22.11
CA ASP D 19 -30.75 16.25 -22.21
C ASP D 19 -31.17 17.22 -21.11
N ALA D 20 -30.52 18.40 -21.09
CA ALA D 20 -30.78 19.51 -20.16
C ALA D 20 -30.61 19.06 -18.70
N ILE D 21 -29.39 18.66 -18.36
CA ILE D 21 -29.07 18.22 -17.00
C ILE D 21 -28.89 19.47 -16.16
N ARG D 22 -29.97 19.91 -15.52
CA ARG D 22 -29.98 21.13 -14.72
C ARG D 22 -30.30 20.80 -13.27
N ILE D 23 -30.27 21.83 -12.43
CA ILE D 23 -30.66 21.73 -11.03
C ILE D 23 -31.54 22.94 -10.72
N GLY D 24 -32.78 22.68 -10.26
CA GLY D 24 -33.67 23.75 -9.89
C GLY D 24 -34.37 23.43 -8.59
N LEU D 25 -34.76 24.50 -7.88
CA LEU D 25 -35.48 24.35 -6.63
C LEU D 25 -36.94 23.97 -6.91
N ALA D 26 -37.43 23.00 -6.14
CA ALA D 26 -38.73 22.39 -6.40
C ALA D 26 -39.72 22.67 -5.28
N SER D 27 -40.97 22.88 -5.69
CA SER D 27 -42.14 23.08 -4.83
C SER D 27 -42.50 21.79 -4.12
N PRO D 28 -43.21 21.86 -2.97
CA PRO D 28 -43.67 20.62 -2.32
C PRO D 28 -44.71 19.85 -3.10
N GLU D 29 -45.49 20.51 -3.97
CA GLU D 29 -46.51 19.81 -4.74
C GLU D 29 -45.89 18.89 -5.79
N MET D 30 -44.80 19.34 -6.42
CA MET D 30 -44.15 18.47 -7.39
C MET D 30 -43.34 17.37 -6.70
N ILE D 31 -42.93 17.60 -5.45
CA ILE D 31 -42.40 16.53 -4.61
C ILE D 31 -43.49 15.48 -4.34
N ARG D 32 -44.71 15.94 -4.06
CA ARG D 32 -45.85 15.04 -3.90
C ARG D 32 -46.16 14.25 -5.16
N SER D 33 -46.03 14.87 -6.33
CA SER D 33 -46.26 14.15 -7.57
C SER D 33 -45.14 13.15 -7.87
N TRP D 34 -43.90 13.47 -7.48
CA TRP D 34 -42.82 12.48 -7.57
C TRP D 34 -43.02 11.35 -6.58
N SER D 35 -43.69 11.61 -5.47
CA SER D 35 -43.97 10.56 -4.49
C SER D 35 -45.09 9.65 -4.99
N PHE D 36 -45.29 8.55 -4.27
CA PHE D 36 -46.32 7.58 -4.62
C PHE D 36 -47.19 7.18 -3.43
N GLY D 37 -46.93 7.72 -2.25
CA GLY D 37 -47.76 7.40 -1.09
C GLY D 37 -47.13 7.99 0.16
N GLU D 38 -47.95 8.07 1.21
CA GLU D 38 -47.53 8.60 2.49
C GLU D 38 -47.31 7.45 3.47
N VAL D 39 -46.22 7.53 4.23
CA VAL D 39 -45.87 6.50 5.21
C VAL D 39 -46.16 7.05 6.60
N LYS D 40 -46.85 6.25 7.42
CA LYS D 40 -47.22 6.66 8.77
C LYS D 40 -47.05 5.57 9.82
N LYS D 41 -46.44 4.43 9.50
CA LYS D 41 -46.24 3.37 10.47
C LYS D 41 -44.80 2.87 10.43
N PRO D 42 -44.26 2.40 11.57
CA PRO D 42 -42.87 1.93 11.57
C PRO D 42 -42.69 0.48 11.14
N GLU D 43 -43.71 -0.10 10.49
CA GLU D 43 -43.66 -1.50 10.11
C GLU D 43 -42.70 -1.71 8.94
N THR D 44 -41.65 -2.50 9.17
CA THR D 44 -40.70 -2.87 8.12
C THR D 44 -40.90 -4.32 7.69
N ILE D 45 -40.94 -5.25 8.64
CA ILE D 45 -41.22 -6.65 8.36
C ILE D 45 -42.07 -7.19 9.52
N ASN D 46 -42.94 -8.14 9.22
CA ASN D 46 -43.84 -8.66 10.25
C ASN D 46 -43.09 -9.60 11.19
N TYR D 47 -43.62 -9.72 12.42
CA TYR D 47 -43.05 -10.61 13.41
C TYR D 47 -43.54 -12.04 13.29
N ARG D 48 -44.67 -12.27 12.63
CA ARG D 48 -45.18 -13.62 12.47
C ARG D 48 -44.58 -14.29 11.23
N THR D 49 -44.79 -13.70 10.06
CA THR D 49 -44.26 -14.20 8.80
C THR D 49 -43.22 -13.23 8.27
N PHE D 50 -42.52 -13.64 7.22
CA PHE D 50 -41.51 -12.80 6.57
C PHE D 50 -42.11 -12.03 5.40
N LYS D 51 -43.20 -11.31 5.65
CA LYS D 51 -43.89 -10.53 4.63
C LYS D 51 -44.26 -9.18 5.22
N PRO D 52 -43.89 -8.07 4.59
CA PRO D 52 -44.21 -6.76 5.12
C PRO D 52 -45.68 -6.40 4.92
N GLU D 53 -46.13 -5.41 5.70
CA GLU D 53 -47.49 -4.93 5.64
C GLU D 53 -47.55 -3.62 4.84
N ARG D 54 -48.72 -3.01 4.81
CA ARG D 54 -48.91 -1.75 4.10
C ARG D 54 -48.56 -0.57 4.99
N ASP D 55 -48.40 0.60 4.36
CA ASP D 55 -48.17 1.89 5.01
C ASP D 55 -46.91 1.87 5.87
N GLY D 56 -45.86 1.25 5.34
CA GLY D 56 -44.62 1.12 6.09
C GLY D 56 -43.38 1.46 5.27
N LEU D 57 -42.21 1.20 5.85
CA LEU D 57 -40.96 1.43 5.14
C LEU D 57 -40.76 0.47 3.98
N PHE D 58 -41.30 -0.74 4.07
CA PHE D 58 -41.18 -1.76 3.04
C PHE D 58 -42.56 -2.11 2.47
N CYS D 59 -43.41 -1.11 2.31
CA CYS D 59 -44.76 -1.31 1.84
C CYS D 59 -44.77 -1.62 0.34
N ALA D 60 -45.82 -2.32 -0.08
CA ALA D 60 -45.98 -2.71 -1.48
C ALA D 60 -46.89 -1.78 -2.27
N LYS D 61 -47.78 -1.05 -1.60
CA LYS D 61 -48.68 -0.13 -2.29
C LYS D 61 -47.92 1.08 -2.81
N ILE D 62 -46.99 1.61 -2.01
CA ILE D 62 -46.26 2.81 -2.40
C ILE D 62 -45.11 2.48 -3.32
N PHE D 63 -44.28 1.51 -2.94
CA PHE D 63 -43.05 1.22 -3.68
C PHE D 63 -43.25 0.12 -4.71
N GLY D 64 -43.66 -1.08 -4.27
CA GLY D 64 -43.85 -2.18 -5.18
C GLY D 64 -43.60 -3.53 -4.54
N PRO D 65 -43.62 -4.59 -5.33
CA PRO D 65 -43.48 -5.94 -4.78
C PRO D 65 -42.03 -6.28 -4.46
N VAL D 66 -41.86 -7.13 -3.44
CA VAL D 66 -40.53 -7.62 -3.09
C VAL D 66 -40.03 -8.68 -4.07
N LYS D 67 -40.93 -9.35 -4.78
CA LYS D 67 -40.55 -10.35 -5.77
C LYS D 67 -40.97 -9.90 -7.17
N ASP D 68 -40.77 -10.78 -8.14
CA ASP D 68 -41.05 -10.47 -9.54
C ASP D 68 -42.45 -10.97 -9.90
N TYR D 69 -43.30 -10.04 -10.36
CA TYR D 69 -44.65 -10.31 -10.87
C TYR D 69 -45.53 -11.01 -9.83
N GLU D 70 -45.76 -10.31 -8.72
CA GLU D 70 -46.57 -10.82 -7.63
C GLU D 70 -47.16 -9.63 -6.90
N CYS D 71 -48.20 -9.88 -6.11
CA CYS D 71 -48.85 -8.86 -5.30
C CYS D 71 -48.56 -9.11 -3.83
N LEU D 72 -49.01 -8.17 -2.98
CA LEU D 72 -48.73 -8.27 -1.55
C LEU D 72 -49.60 -9.33 -0.88
N CYS D 73 -50.88 -9.41 -1.25
CA CYS D 73 -51.77 -10.41 -0.68
C CYS D 73 -51.53 -11.80 -1.23
N GLY D 74 -50.90 -11.91 -2.41
CA GLY D 74 -50.64 -13.20 -3.00
C GLY D 74 -51.75 -13.74 -3.87
N LYS D 75 -52.56 -12.87 -4.47
CA LYS D 75 -53.65 -13.30 -5.33
C LYS D 75 -53.25 -13.40 -6.79
N TYR D 76 -52.51 -12.41 -7.30
CA TYR D 76 -52.07 -12.39 -8.68
C TYR D 76 -50.58 -12.73 -8.75
N LYS D 77 -50.26 -13.85 -9.40
CA LYS D 77 -48.88 -14.29 -9.55
C LYS D 77 -48.50 -14.49 -11.01
N ARG D 78 -49.31 -14.00 -11.94
CA ARG D 78 -49.07 -14.24 -13.36
C ARG D 78 -48.06 -13.25 -13.92
N LEU D 79 -47.88 -13.30 -15.24
CA LEU D 79 -46.87 -12.53 -15.95
C LEU D 79 -47.48 -11.50 -16.89
N LYS D 80 -48.78 -11.57 -17.15
CA LYS D 80 -49.42 -10.76 -18.17
C LYS D 80 -49.62 -9.31 -17.73
N HIS D 81 -50.20 -9.09 -16.55
CA HIS D 81 -50.52 -7.74 -16.12
C HIS D 81 -49.28 -7.01 -15.63
N ARG D 82 -49.05 -5.82 -16.17
CA ARG D 82 -47.92 -4.99 -15.79
C ARG D 82 -48.33 -3.67 -15.14
N GLY D 83 -49.54 -3.17 -15.42
CA GLY D 83 -50.00 -1.93 -14.83
C GLY D 83 -51.39 -2.05 -14.23
N VAL D 84 -51.71 -3.21 -13.66
CA VAL D 84 -53.00 -3.46 -13.06
C VAL D 84 -52.87 -3.35 -11.54
N ILE D 85 -53.98 -3.00 -10.89
CA ILE D 85 -54.03 -2.83 -9.45
C ILE D 85 -54.97 -3.87 -8.86
N CYS D 86 -54.60 -4.45 -7.73
CA CYS D 86 -55.41 -5.46 -7.08
C CYS D 86 -56.56 -4.81 -6.31
N GLU D 87 -57.53 -5.64 -5.93
CA GLU D 87 -58.71 -5.17 -5.20
C GLU D 87 -58.53 -5.25 -3.69
N LYS D 88 -57.83 -6.29 -3.20
CA LYS D 88 -57.61 -6.42 -1.77
C LYS D 88 -56.56 -5.42 -1.27
N CYS D 89 -55.45 -5.31 -1.99
CA CYS D 89 -54.39 -4.36 -1.66
C CYS D 89 -54.25 -3.37 -2.81
N GLY D 90 -53.93 -2.13 -2.47
CA GLY D 90 -53.78 -1.09 -3.47
C GLY D 90 -52.38 -1.00 -4.06
N VAL D 91 -51.86 -2.13 -4.52
CA VAL D 91 -50.53 -2.20 -5.09
C VAL D 91 -50.65 -2.53 -6.57
N GLU D 92 -49.57 -2.24 -7.31
CA GLU D 92 -49.50 -2.51 -8.74
C GLU D 92 -48.48 -3.61 -8.98
N VAL D 93 -48.92 -4.69 -9.63
CA VAL D 93 -48.03 -5.81 -9.90
C VAL D 93 -47.10 -5.45 -11.04
N ALA D 94 -45.80 -5.67 -10.83
CA ALA D 94 -44.76 -5.29 -11.78
C ALA D 94 -43.52 -6.11 -11.49
N LEU D 95 -42.38 -5.68 -12.04
CA LEU D 95 -41.11 -6.40 -11.91
C LEU D 95 -40.53 -6.23 -10.49
N ALA D 96 -39.38 -6.83 -10.27
CA ALA D 96 -38.63 -6.64 -9.03
C ALA D 96 -37.74 -5.41 -9.07
N LYS D 97 -37.60 -4.77 -10.23
CA LYS D 97 -36.81 -3.56 -10.37
C LYS D 97 -37.61 -2.29 -10.12
N VAL D 98 -38.93 -2.40 -9.95
CA VAL D 98 -39.76 -1.21 -9.73
C VAL D 98 -39.72 -0.72 -8.29
N ARG D 99 -39.04 -1.45 -7.40
CA ARG D 99 -38.70 -0.90 -6.10
C ARG D 99 -37.62 0.17 -6.21
N ARG D 100 -36.83 0.15 -7.28
CA ARG D 100 -35.81 1.16 -7.55
C ARG D 100 -36.30 2.24 -8.50
N GLU D 101 -37.62 2.42 -8.64
CA GLU D 101 -38.20 3.53 -9.41
C GLU D 101 -39.12 4.39 -8.56
N ARG D 102 -39.83 3.79 -7.61
CA ARG D 102 -40.83 4.52 -6.84
C ARG D 102 -40.31 4.87 -5.45
N MET D 103 -40.76 6.02 -4.94
CA MET D 103 -40.45 6.47 -3.59
C MET D 103 -41.73 6.81 -2.85
N GLY D 104 -41.58 7.16 -1.58
CA GLY D 104 -42.66 7.65 -0.77
C GLY D 104 -42.45 9.09 -0.32
N HIS D 105 -43.20 9.49 0.69
CA HIS D 105 -43.05 10.83 1.25
C HIS D 105 -43.56 10.84 2.68
N ILE D 106 -43.08 11.81 3.45
CA ILE D 106 -43.47 12.01 4.84
C ILE D 106 -44.09 13.40 4.94
N GLU D 107 -45.32 13.46 5.45
CA GLU D 107 -46.03 14.72 5.59
C GLU D 107 -45.54 15.46 6.84
N LEU D 108 -45.18 16.73 6.66
CA LEU D 108 -44.77 17.58 7.78
C LEU D 108 -45.84 18.64 8.01
N ALA D 109 -46.46 18.58 9.21
CA ALA D 109 -47.51 19.55 9.52
C ALA D 109 -46.94 20.95 9.72
N SER D 110 -45.75 21.05 10.30
CA SER D 110 -44.97 22.29 10.35
C SER D 110 -43.76 22.06 9.44
N PRO D 111 -43.52 22.98 8.48
CA PRO D 111 -42.40 22.78 7.54
C PRO D 111 -41.05 22.89 8.22
N VAL D 112 -40.14 21.98 7.87
CA VAL D 112 -38.84 21.92 8.53
C VAL D 112 -37.78 22.36 7.53
N ALA D 113 -36.86 23.21 7.98
CA ALA D 113 -35.82 23.74 7.11
C ALA D 113 -34.74 22.69 6.86
N HIS D 114 -33.89 22.98 5.87
CA HIS D 114 -32.81 22.10 5.47
C HIS D 114 -31.49 22.58 6.07
N ILE D 115 -30.79 21.68 6.76
CA ILE D 115 -29.59 22.04 7.51
C ILE D 115 -28.34 21.97 6.63
N TRP D 116 -28.46 21.44 5.41
CA TRP D 116 -27.36 21.49 4.45
C TRP D 116 -27.06 22.91 4.00
N PHE D 117 -28.04 23.81 4.03
CA PHE D 117 -27.82 25.21 3.71
C PHE D 117 -27.15 25.97 4.84
N LEU D 118 -27.07 25.39 6.04
CA LEU D 118 -26.62 26.09 7.23
C LEU D 118 -25.30 25.56 7.78
N LYS D 119 -25.17 24.24 7.92
CA LYS D 119 -24.02 23.64 8.59
C LYS D 119 -22.81 23.47 7.67
N SER D 120 -22.85 24.00 6.45
CA SER D 120 -21.69 23.96 5.56
C SER D 120 -20.75 25.12 5.88
N LEU D 121 -19.72 25.29 5.05
CA LEU D 121 -18.80 26.39 5.23
C LEU D 121 -19.44 27.74 4.87
N PRO D 122 -20.30 27.86 3.85
CA PRO D 122 -21.22 29.00 3.86
C PRO D 122 -22.57 28.65 4.46
N SER D 123 -23.22 29.68 4.99
CA SER D 123 -24.59 29.59 5.52
C SER D 123 -25.45 30.55 4.70
N ARG D 124 -26.11 30.01 3.67
CA ARG D 124 -26.73 30.84 2.65
C ARG D 124 -27.96 31.59 3.18
N ILE D 125 -28.61 31.07 4.22
CA ILE D 125 -29.74 31.77 4.83
C ILE D 125 -29.27 33.05 5.51
N GLY D 126 -28.13 32.99 6.20
CA GLY D 126 -27.53 34.17 6.80
C GLY D 126 -27.03 35.19 5.80
N LEU D 127 -26.72 34.76 4.57
CA LEU D 127 -26.30 35.70 3.53
C LEU D 127 -27.48 36.32 2.81
N LEU D 128 -28.56 35.56 2.60
CA LEU D 128 -29.76 36.16 2.02
C LEU D 128 -30.52 37.01 3.03
N LEU D 129 -30.31 36.78 4.33
CA LEU D 129 -30.94 37.57 5.38
C LEU D 129 -30.01 38.63 5.96
N ASP D 130 -28.77 38.71 5.46
CA ASP D 130 -27.72 39.59 5.98
C ASP D 130 -27.47 39.38 7.47
N MET D 131 -27.43 38.12 7.89
CA MET D 131 -27.25 37.73 9.27
C MET D 131 -25.99 36.87 9.41
N THR D 132 -25.79 36.34 10.60
CA THR D 132 -24.74 35.37 10.88
C THR D 132 -25.36 33.97 10.96
N LEU D 133 -24.56 32.98 11.35
CA LEU D 133 -25.08 31.63 11.53
C LEU D 133 -25.60 31.40 12.94
N ARG D 134 -25.12 32.17 13.92
CA ARG D 134 -25.49 31.95 15.32
C ARG D 134 -26.94 32.30 15.59
N ASP D 135 -27.42 33.42 15.05
CA ASP D 135 -28.80 33.82 15.29
C ASP D 135 -29.79 32.99 14.48
N ILE D 136 -29.42 32.63 13.25
CA ILE D 136 -30.29 31.78 12.44
C ILE D 136 -30.27 30.33 12.92
N GLU D 137 -29.29 29.96 13.74
CA GLU D 137 -29.35 28.68 14.43
C GLU D 137 -30.08 28.79 15.78
N ARG D 138 -30.01 29.95 16.42
CA ARG D 138 -30.69 30.16 17.69
C ARG D 138 -32.20 30.26 17.51
N VAL D 139 -32.66 30.75 16.36
CA VAL D 139 -34.11 30.77 16.11
C VAL D 139 -34.61 29.36 15.80
N LEU D 140 -33.71 28.44 15.42
CA LEU D 140 -34.09 27.05 15.24
C LEU D 140 -33.93 26.27 16.53
N TYR D 141 -33.13 26.78 17.46
CA TYR D 141 -32.90 26.12 18.74
C TYR D 141 -33.94 26.51 19.78
N PHE D 142 -34.85 27.42 19.38
CA PHE D 142 -35.96 27.92 20.22
C PHE D 142 -35.46 28.58 21.50
N GLU D 143 -34.46 29.44 21.34
CA GLU D 143 -33.97 30.29 22.42
C GLU D 143 -34.24 31.77 22.16
N SER D 144 -34.21 32.19 20.91
CA SER D 144 -34.53 33.55 20.51
C SER D 144 -35.75 33.54 19.60
N TYR D 145 -36.26 34.74 19.32
CA TYR D 145 -37.47 34.91 18.52
C TYR D 145 -37.13 35.60 17.20
N VAL D 146 -38.12 35.64 16.31
CA VAL D 146 -38.01 36.29 15.01
C VAL D 146 -39.41 36.73 14.59
N VAL D 147 -39.49 37.90 13.97
CA VAL D 147 -40.77 38.47 13.56
C VAL D 147 -40.82 38.49 12.02
N ILE D 148 -42.02 38.41 11.49
CA ILE D 148 -42.27 38.46 10.05
C ILE D 148 -43.24 39.58 9.76
N ASP D 149 -42.96 40.35 8.69
CA ASP D 149 -43.70 41.50 8.20
C ASP D 149 -43.88 42.54 9.31
N PRO D 150 -42.80 43.19 9.74
CA PRO D 150 -42.92 44.18 10.82
C PRO D 150 -43.66 45.44 10.41
N GLY D 151 -43.26 46.04 9.29
CA GLY D 151 -43.87 47.26 8.81
C GLY D 151 -43.56 48.47 9.66
N MET D 152 -44.56 48.98 10.38
CA MET D 152 -44.38 50.12 11.27
C MET D 152 -44.08 49.61 12.68
N THR D 153 -42.82 49.23 12.87
CA THR D 153 -42.36 48.71 14.15
C THR D 153 -40.94 49.20 14.41
N THR D 154 -40.51 49.06 15.66
CA THR D 154 -39.16 49.48 16.03
C THR D 154 -38.11 48.50 15.50
N LEU D 155 -38.42 47.21 15.50
CA LEU D 155 -37.53 46.19 14.98
C LEU D 155 -38.08 45.65 13.68
N GLU D 156 -37.19 45.43 12.70
CA GLU D 156 -37.57 44.93 11.40
C GLU D 156 -37.61 43.41 11.43
N LYS D 157 -37.80 42.78 10.26
CA LYS D 157 -37.84 41.33 10.18
C LYS D 157 -36.48 40.69 10.32
N GLY D 158 -35.40 41.46 10.18
CA GLY D 158 -34.06 40.96 10.36
C GLY D 158 -33.49 41.10 11.74
N GLN D 159 -34.26 41.62 12.69
CA GLN D 159 -33.78 41.80 14.05
C GLN D 159 -33.99 40.54 14.88
N LEU D 160 -33.43 40.56 16.09
CA LEU D 160 -33.50 39.43 17.01
C LEU D 160 -34.17 39.85 18.30
N LEU D 161 -34.78 38.88 18.98
CA LEU D 161 -35.47 39.15 20.24
C LEU D 161 -35.49 37.88 21.07
N ASN D 162 -35.48 38.05 22.39
CA ASN D 162 -35.59 36.94 23.33
C ASN D 162 -37.06 36.67 23.62
N ASP D 163 -37.33 35.86 24.65
CA ASP D 163 -38.72 35.59 25.03
C ASP D 163 -39.37 36.80 25.67
N GLU D 164 -38.68 37.44 26.62
CA GLU D 164 -39.20 38.64 27.24
C GLU D 164 -39.23 39.82 26.27
N GLN D 165 -38.28 39.87 25.33
CA GLN D 165 -38.28 40.92 24.32
C GLN D 165 -39.45 40.77 23.35
N TYR D 166 -39.76 39.52 22.96
CA TYR D 166 -40.91 39.28 22.10
C TYR D 166 -42.22 39.51 22.84
N PHE D 167 -42.25 39.20 24.15
CA PHE D 167 -43.45 39.49 24.94
C PHE D 167 -43.68 40.98 25.09
N GLU D 168 -42.60 41.75 25.29
CA GLU D 168 -42.73 43.21 25.38
C GLU D 168 -43.09 43.82 24.03
N ALA D 169 -42.60 43.24 22.93
CA ALA D 169 -42.96 43.73 21.61
C ALA D 169 -44.40 43.41 21.27
N LEU D 170 -44.90 42.26 21.72
CA LEU D 170 -46.31 41.93 21.50
C LEU D 170 -47.21 42.75 22.40
N GLU D 171 -46.74 43.14 23.59
CA GLU D 171 -47.56 43.94 24.49
C GLU D 171 -47.59 45.41 24.05
N GLU D 172 -46.48 45.93 23.53
CA GLU D 172 -46.42 47.34 23.15
C GLU D 172 -47.07 47.60 21.80
N PHE D 173 -47.27 46.57 20.97
CA PHE D 173 -47.88 46.74 19.66
C PHE D 173 -49.34 46.32 19.65
N GLY D 174 -49.61 45.09 20.05
CA GLY D 174 -50.98 44.55 20.04
C GLY D 174 -51.42 43.95 18.72
N ASP D 175 -51.29 44.70 17.64
CA ASP D 175 -51.65 44.23 16.31
C ASP D 175 -50.50 44.51 15.35
N ASP D 176 -50.68 44.06 14.10
CA ASP D 176 -49.72 44.21 13.00
C ASP D 176 -48.36 43.60 13.35
N PHE D 177 -48.38 42.45 14.03
CA PHE D 177 -47.16 41.77 14.44
C PHE D 177 -47.43 40.28 14.54
N ASP D 178 -46.49 39.48 14.05
CA ASP D 178 -46.62 38.03 14.08
C ASP D 178 -45.26 37.45 14.49
N ALA D 179 -45.15 37.03 15.74
CA ALA D 179 -43.92 36.48 16.27
C ALA D 179 -43.97 34.96 16.21
N ARG D 180 -43.19 34.37 15.31
CA ARG D 180 -43.07 32.92 15.18
C ARG D 180 -41.65 32.50 15.53
N MET D 181 -41.44 31.18 15.55
CA MET D 181 -40.13 30.63 15.87
C MET D 181 -40.01 29.25 15.24
N GLY D 182 -38.80 28.90 14.86
CA GLY D 182 -38.53 27.62 14.20
C GLY D 182 -38.25 27.80 12.71
N ALA D 183 -38.86 26.95 11.89
CA ALA D 183 -38.66 26.99 10.45
C ALA D 183 -39.87 27.44 9.67
N GLU D 184 -41.05 27.48 10.28
CA GLU D 184 -42.22 28.07 9.62
C GLU D 184 -42.05 29.57 9.43
N ALA D 185 -41.37 30.24 10.36
CA ALA D 185 -41.01 31.63 10.16
C ALA D 185 -39.99 31.81 9.04
N VAL D 186 -39.09 30.83 8.88
CA VAL D 186 -38.15 30.86 7.77
C VAL D 186 -38.87 30.69 6.44
N HIS D 187 -39.87 29.80 6.40
CA HIS D 187 -40.70 29.64 5.21
C HIS D 187 -41.52 30.90 4.92
N GLU D 188 -41.99 31.59 5.97
CA GLU D 188 -42.75 32.81 5.79
C GLU D 188 -41.87 33.95 5.25
N LEU D 189 -40.65 34.09 5.77
CA LEU D 189 -39.77 35.13 5.26
C LEU D 189 -39.24 34.79 3.88
N LEU D 190 -39.10 33.50 3.55
CA LEU D 190 -38.73 33.12 2.19
C LEU D 190 -39.89 33.25 1.22
N ASN D 191 -41.13 33.26 1.72
CA ASN D 191 -42.27 33.55 0.87
C ASN D 191 -42.37 35.06 0.63
N ALA D 192 -42.20 35.86 1.67
CA ALA D 192 -42.34 37.30 1.59
C ALA D 192 -40.99 38.02 1.50
N ILE D 193 -39.96 37.35 0.97
CA ILE D 193 -38.64 37.97 0.87
C ILE D 193 -38.51 38.89 -0.33
N ASP D 194 -39.26 38.65 -1.41
CA ASP D 194 -39.21 39.37 -2.67
C ASP D 194 -37.80 39.44 -3.24
N LEU D 195 -37.23 38.29 -3.60
CA LEU D 195 -35.86 38.23 -4.09
C LEU D 195 -35.69 38.87 -5.45
N GLU D 196 -36.76 38.98 -6.25
CA GLU D 196 -36.67 39.68 -7.52
C GLU D 196 -36.68 41.20 -7.34
N HIS D 197 -37.10 41.68 -6.16
CA HIS D 197 -37.15 43.11 -5.89
C HIS D 197 -36.15 43.55 -4.83
N GLU D 198 -35.61 42.63 -4.03
CA GLU D 198 -34.62 42.99 -3.03
C GLU D 198 -33.22 43.13 -3.60
N ILE D 199 -32.99 42.67 -4.83
CA ILE D 199 -31.68 42.80 -5.45
C ILE D 199 -31.38 44.22 -5.89
N GLY D 200 -32.42 45.04 -6.11
CA GLY D 200 -32.19 46.40 -6.56
C GLY D 200 -31.58 47.29 -5.48
N ARG D 201 -31.98 47.08 -4.23
CA ARG D 201 -31.39 47.83 -3.12
C ARG D 201 -29.94 47.44 -2.91
N LEU D 202 -29.61 46.16 -3.09
CA LEU D 202 -28.22 45.71 -2.99
C LEU D 202 -27.38 46.24 -4.15
N ARG D 203 -27.95 46.28 -5.35
CA ARG D 203 -27.23 46.82 -6.50
C ARG D 203 -27.07 48.33 -6.40
N GLU D 204 -27.97 49.01 -5.68
CA GLU D 204 -27.81 50.44 -5.45
C GLU D 204 -26.81 50.72 -4.34
N GLU D 205 -26.75 49.86 -3.32
CA GLU D 205 -25.84 50.06 -2.21
C GLU D 205 -24.43 49.53 -2.47
N ILE D 206 -24.25 48.72 -3.52
CA ILE D 206 -22.93 48.20 -3.88
C ILE D 206 -21.93 49.28 -4.32
N PRO D 207 -22.25 50.29 -5.12
CA PRO D 207 -21.26 51.36 -5.34
C PRO D 207 -21.18 52.38 -4.21
N GLN D 208 -22.01 52.27 -3.17
CA GLN D 208 -21.95 53.20 -2.06
C GLN D 208 -20.75 52.91 -1.16
N THR D 209 -20.36 51.64 -1.04
CA THR D 209 -19.23 51.24 -0.23
C THR D 209 -18.16 50.60 -1.10
N ASN D 210 -16.92 50.62 -0.60
CA ASN D 210 -15.78 50.04 -1.30
C ASN D 210 -14.92 49.28 -0.31
N SER D 211 -15.55 48.49 0.54
CA SER D 211 -14.86 47.76 1.61
C SER D 211 -14.25 46.48 1.06
N GLU D 212 -13.82 45.60 1.97
CA GLU D 212 -13.45 44.24 1.62
C GLU D 212 -14.33 43.22 2.33
N THR D 213 -14.45 43.31 3.66
CA THR D 213 -15.28 42.39 4.42
C THR D 213 -16.76 42.61 4.14
N LYS D 214 -17.19 43.87 4.04
CA LYS D 214 -18.57 44.18 3.69
C LYS D 214 -18.85 43.93 2.21
N ILE D 215 -17.89 44.26 1.34
CA ILE D 215 -18.08 44.07 -0.09
C ILE D 215 -18.07 42.59 -0.46
N LYS D 216 -17.42 41.74 0.33
CA LYS D 216 -17.46 40.30 0.08
C LYS D 216 -18.84 39.73 0.36
N LYS D 217 -19.45 40.14 1.47
CA LYS D 217 -20.82 39.74 1.79
C LYS D 217 -21.82 40.31 0.80
N LEU D 218 -21.61 41.56 0.36
CA LEU D 218 -22.48 42.14 -0.67
C LEU D 218 -22.31 41.44 -2.01
N SER D 219 -21.09 40.97 -2.31
CA SER D 219 -20.85 40.28 -3.57
C SER D 219 -21.49 38.90 -3.59
N LYS D 220 -21.38 38.14 -2.49
CA LYS D 220 -22.05 36.86 -2.46
C LYS D 220 -23.57 37.03 -2.34
N ARG D 221 -24.02 38.14 -1.76
CA ARG D 221 -25.46 38.42 -1.71
C ARG D 221 -26.01 38.74 -3.09
N LEU D 222 -25.29 39.55 -3.88
CA LEU D 222 -25.75 39.81 -5.25
C LEU D 222 -25.57 38.58 -6.13
N LYS D 223 -24.61 37.72 -5.80
CA LYS D 223 -24.45 36.46 -6.52
C LYS D 223 -25.65 35.54 -6.31
N LEU D 224 -26.08 35.37 -5.05
CA LEU D 224 -27.26 34.56 -4.80
C LEU D 224 -28.54 35.24 -5.28
N MET D 225 -28.56 36.57 -5.33
CA MET D 225 -29.72 37.28 -5.88
C MET D 225 -29.83 37.09 -7.39
N GLU D 226 -28.70 37.18 -8.11
CA GLU D 226 -28.71 36.92 -9.54
C GLU D 226 -28.98 35.45 -9.83
N ALA D 227 -28.56 34.56 -8.93
CA ALA D 227 -28.87 33.14 -9.08
C ALA D 227 -30.35 32.88 -8.87
N PHE D 228 -30.98 33.56 -7.91
CA PHE D 228 -32.42 33.44 -7.72
C PHE D 228 -33.20 34.07 -8.86
N GLN D 229 -32.64 35.12 -9.49
CA GLN D 229 -33.30 35.73 -10.63
C GLN D 229 -33.22 34.84 -11.87
N GLY D 230 -32.05 34.27 -12.15
CA GLY D 230 -31.91 33.40 -13.31
C GLY D 230 -32.33 31.97 -13.06
N SER D 231 -32.71 31.65 -11.83
CA SER D 231 -33.11 30.28 -11.52
C SER D 231 -34.53 29.99 -12.00
N GLY D 232 -35.42 30.98 -11.89
CA GLY D 232 -36.81 30.74 -12.20
C GLY D 232 -37.55 29.94 -11.16
N ASN D 233 -37.02 29.89 -9.93
CA ASN D 233 -37.62 29.14 -8.84
C ASN D 233 -37.88 30.07 -7.66
N LYS D 234 -38.93 29.78 -6.90
CA LYS D 234 -39.26 30.62 -5.76
C LYS D 234 -38.31 30.35 -4.61
N PRO D 235 -37.96 31.37 -3.81
CA PRO D 235 -37.10 31.12 -2.65
C PRO D 235 -37.82 30.44 -1.50
N GLU D 236 -39.15 30.35 -1.55
CA GLU D 236 -39.90 29.70 -0.48
C GLU D 236 -39.83 28.18 -0.58
N TRP D 237 -39.30 27.66 -1.68
CA TRP D 237 -39.25 26.23 -1.91
C TRP D 237 -38.04 25.58 -1.24
N MET D 238 -37.22 26.37 -0.53
CA MET D 238 -36.11 25.79 0.21
C MET D 238 -36.62 25.01 1.43
N VAL D 239 -37.46 25.64 2.24
CA VAL D 239 -38.09 24.97 3.38
C VAL D 239 -39.13 24.01 2.82
N LEU D 240 -39.18 22.80 3.36
CA LEU D 240 -40.03 21.76 2.78
C LEU D 240 -40.97 21.23 3.83
N THR D 241 -42.21 21.00 3.42
CA THR D 241 -43.22 20.34 4.25
C THR D 241 -43.58 18.95 3.76
N VAL D 242 -43.01 18.50 2.65
CA VAL D 242 -43.12 17.12 2.18
C VAL D 242 -41.72 16.59 1.97
N LEU D 243 -41.36 15.57 2.74
CA LEU D 243 -40.02 15.01 2.67
C LEU D 243 -40.07 13.56 2.19
N PRO D 244 -39.38 13.24 1.10
CA PRO D 244 -39.43 11.87 0.55
C PRO D 244 -38.68 10.88 1.44
N VAL D 245 -38.96 9.60 1.17
CA VAL D 245 -38.38 8.49 1.91
C VAL D 245 -37.40 7.78 0.99
N LEU D 246 -36.38 7.15 1.60
CA LEU D 246 -35.43 6.36 0.84
C LEU D 246 -36.12 5.13 0.24
N PRO D 247 -35.73 4.71 -0.97
CA PRO D 247 -36.32 3.52 -1.56
C PRO D 247 -35.90 2.27 -0.81
N PRO D 248 -36.84 1.34 -0.56
CA PRO D 248 -36.54 0.21 0.33
C PRO D 248 -35.72 -0.90 -0.30
N ASP D 249 -35.37 -0.81 -1.58
CA ASP D 249 -34.47 -1.78 -2.17
C ASP D 249 -33.01 -1.32 -2.10
N LEU D 250 -32.78 -0.02 -1.88
CA LEU D 250 -31.42 0.46 -1.66
C LEU D 250 -30.96 0.20 -0.24
N ARG D 251 -31.89 0.09 0.70
CA ARG D 251 -31.57 -0.27 2.08
C ARG D 251 -31.93 -1.73 2.32
N PRO D 252 -31.00 -2.56 2.77
CA PRO D 252 -31.23 -4.01 2.74
C PRO D 252 -32.14 -4.50 3.85
N LEU D 253 -32.91 -5.55 3.53
CA LEU D 253 -33.65 -6.35 4.50
C LEU D 253 -33.71 -7.77 3.93
N VAL D 254 -32.72 -8.59 4.29
CA VAL D 254 -32.61 -9.94 3.76
C VAL D 254 -32.53 -10.92 4.92
N PRO D 255 -33.07 -12.13 4.78
CA PRO D 255 -32.93 -13.13 5.85
C PRO D 255 -31.52 -13.69 5.90
N LEU D 256 -30.91 -13.62 7.09
CA LEU D 256 -29.56 -14.08 7.30
C LEU D 256 -29.56 -15.52 7.80
N ASP D 257 -28.39 -16.02 8.19
CA ASP D 257 -28.25 -17.38 8.68
C ASP D 257 -28.80 -17.45 10.11
N GLY D 258 -29.92 -18.15 10.28
CA GLY D 258 -30.53 -18.33 11.57
C GLY D 258 -31.69 -17.42 11.89
N GLY D 259 -32.44 -16.98 10.89
CA GLY D 259 -33.56 -16.08 11.10
C GLY D 259 -33.20 -14.64 11.33
N ARG D 260 -31.92 -14.28 11.24
CA ARG D 260 -31.49 -12.91 11.46
C ARG D 260 -31.72 -12.07 10.21
N PHE D 261 -31.43 -10.78 10.33
CA PHE D 261 -31.61 -9.84 9.23
C PHE D 261 -30.38 -8.95 9.12
N ALA D 262 -30.26 -8.27 7.98
CA ALA D 262 -29.18 -7.33 7.73
C ALA D 262 -29.78 -6.02 7.24
N THR D 263 -29.77 -5.01 8.10
CA THR D 263 -30.38 -3.72 7.82
C THR D 263 -29.30 -2.66 7.80
N SER D 264 -29.58 -1.53 7.15
CA SER D 264 -28.70 -0.37 7.19
C SER D 264 -29.18 0.60 8.26
N ASP D 265 -28.37 1.62 8.56
CA ASP D 265 -28.77 2.61 9.55
C ASP D 265 -29.79 3.60 9.03
N LEU D 266 -29.90 3.73 7.70
CA LEU D 266 -30.88 4.65 7.11
C LEU D 266 -32.30 4.20 7.38
N ASN D 267 -32.54 2.89 7.46
CA ASN D 267 -33.83 2.37 7.90
C ASN D 267 -34.15 2.84 9.32
N ASP D 268 -33.14 2.81 10.20
CA ASP D 268 -33.34 3.20 11.59
C ASP D 268 -33.62 4.70 11.72
N LEU D 269 -32.87 5.53 10.99
CA LEU D 269 -33.10 6.98 11.06
C LEU D 269 -34.43 7.37 10.41
N TYR D 270 -34.79 6.73 9.30
CA TYR D 270 -36.08 7.03 8.67
C TYR D 270 -37.24 6.54 9.52
N ARG D 271 -37.11 5.38 10.18
CA ARG D 271 -38.13 4.91 11.11
C ARG D 271 -38.23 5.83 12.33
N ARG D 272 -37.10 6.39 12.77
CA ARG D 272 -37.11 7.31 13.90
C ARG D 272 -37.80 8.63 13.56
N VAL D 273 -37.55 9.17 12.37
CA VAL D 273 -38.22 10.41 11.99
C VAL D 273 -39.69 10.14 11.65
N ILE D 274 -40.01 8.91 11.23
CA ILE D 274 -41.41 8.53 11.03
C ILE D 274 -42.15 8.49 12.36
N ASN D 275 -41.55 7.90 13.40
CA ASN D 275 -42.18 7.86 14.71
C ASN D 275 -42.27 9.25 15.32
N ARG D 276 -41.27 10.11 15.09
CA ARG D 276 -41.33 11.46 15.62
C ARG D 276 -42.39 12.30 14.92
N ASN D 277 -42.59 12.09 13.61
CA ASN D 277 -43.69 12.76 12.93
C ASN D 277 -45.04 12.20 13.33
N ASN D 278 -45.13 10.90 13.65
CA ASN D 278 -46.39 10.34 14.16
C ASN D 278 -46.71 10.89 15.54
N ARG D 279 -45.69 11.09 16.38
CA ARG D 279 -45.91 11.72 17.68
C ARG D 279 -46.27 13.19 17.54
N LEU D 280 -45.74 13.85 16.51
CA LEU D 280 -46.16 15.21 16.20
C LEU D 280 -47.63 15.25 15.76
N LYS D 281 -48.05 14.29 14.94
CA LYS D 281 -49.43 14.21 14.49
C LYS D 281 -50.37 13.91 15.65
N ARG D 282 -49.95 13.07 16.59
CA ARG D 282 -50.78 12.75 17.74
C ARG D 282 -50.71 13.81 18.84
N LEU D 283 -49.75 14.74 18.79
CA LEU D 283 -49.68 15.79 19.79
C LEU D 283 -50.27 17.11 19.31
N LEU D 284 -50.38 17.34 17.99
CA LEU D 284 -50.90 18.62 17.52
C LEU D 284 -52.41 18.78 17.73
N ASP D 285 -53.14 17.71 18.02
CA ASP D 285 -54.60 17.74 18.07
C ASP D 285 -55.12 17.62 19.50
N LEU D 286 -54.45 18.29 20.45
CA LEU D 286 -54.92 18.29 21.83
C LEU D 286 -54.80 19.66 22.48
N ALA D 287 -54.70 20.72 21.68
CA ALA D 287 -54.49 22.11 22.11
C ALA D 287 -53.25 22.24 23.02
N ALA D 288 -52.11 21.89 22.44
CA ALA D 288 -50.85 21.80 23.16
C ALA D 288 -50.28 23.19 23.43
N PRO D 289 -49.59 23.38 24.56
CA PRO D 289 -48.94 24.68 24.83
C PRO D 289 -47.70 24.91 23.99
N ASP D 290 -47.04 26.04 24.23
CA ASP D 290 -45.94 26.46 23.36
C ASP D 290 -44.64 25.73 23.64
N ILE D 291 -44.38 25.37 24.91
CA ILE D 291 -43.07 24.82 25.28
C ILE D 291 -42.89 23.41 24.72
N ILE D 292 -43.95 22.59 24.73
CA ILE D 292 -43.79 21.22 24.26
C ILE D 292 -43.79 21.16 22.74
N VAL D 293 -44.47 22.09 22.05
CA VAL D 293 -44.38 22.07 20.59
C VAL D 293 -43.06 22.69 20.14
N ARG D 294 -42.47 23.61 20.93
CA ARG D 294 -41.11 24.06 20.67
C ARG D 294 -40.11 22.92 20.82
N ASN D 295 -40.26 22.14 21.90
CA ASN D 295 -39.39 20.98 22.13
C ASN D 295 -39.57 19.92 21.05
N GLU D 296 -40.80 19.71 20.57
CA GLU D 296 -41.04 18.67 19.58
C GLU D 296 -40.54 19.12 18.20
N LYS D 297 -40.67 20.40 17.88
CA LYS D 297 -40.13 20.90 16.61
C LYS D 297 -38.61 20.92 16.63
N ARG D 298 -38.01 21.20 17.80
CA ARG D 298 -36.56 21.08 17.94
C ARG D 298 -36.11 19.63 17.81
N MET D 299 -36.89 18.70 18.36
CA MET D 299 -36.60 17.27 18.23
C MET D 299 -36.69 16.80 16.79
N LEU D 300 -37.70 17.26 16.04
CA LEU D 300 -37.78 16.96 14.62
C LEU D 300 -36.66 17.62 13.83
N GLN D 301 -36.18 18.79 14.28
CA GLN D 301 -35.06 19.45 13.63
C GLN D 301 -33.77 18.63 13.77
N GLU D 302 -33.46 18.20 15.00
CA GLU D 302 -32.30 17.34 15.20
C GLU D 302 -32.48 15.96 14.55
N ALA D 303 -33.73 15.49 14.44
CA ALA D 303 -34.00 14.23 13.78
C ALA D 303 -33.69 14.29 12.28
N VAL D 304 -34.19 15.32 11.61
CA VAL D 304 -33.90 15.44 10.18
C VAL D 304 -32.47 15.91 9.94
N ASP D 305 -31.81 16.50 10.93
CA ASP D 305 -30.39 16.80 10.80
C ASP D 305 -29.57 15.52 10.88
N ALA D 306 -29.96 14.60 11.77
CA ALA D 306 -29.35 13.27 11.77
C ALA D 306 -29.72 12.47 10.54
N LEU D 307 -30.83 12.82 9.88
CA LEU D 307 -31.18 12.16 8.62
C LEU D 307 -30.23 12.55 7.49
N LEU D 308 -29.89 13.84 7.39
CA LEU D 308 -29.08 14.30 6.27
C LEU D 308 -27.58 14.21 6.51
N ASP D 309 -27.12 14.35 7.75
CA ASP D 309 -25.69 14.31 8.04
C ASP D 309 -25.47 13.65 9.39
N ASN D 310 -24.19 13.44 9.72
CA ASN D 310 -23.81 12.78 10.97
C ASN D 310 -22.44 13.27 11.37
N GLY D 311 -22.25 13.49 12.67
CA GLY D 311 -20.96 13.92 13.19
C GLY D 311 -20.75 15.41 13.26
N ARG D 312 -21.80 16.18 13.56
CA ARG D 312 -21.68 17.63 13.69
C ARG D 312 -22.25 18.13 15.01
N ARG D 313 -23.55 17.97 15.25
CA ARG D 313 -24.16 18.37 16.50
C ARG D 313 -25.06 17.31 17.13
N GLY D 314 -25.47 16.29 16.37
CA GLY D 314 -26.35 15.27 16.91
C GLY D 314 -25.61 14.22 17.71
N ARG D 315 -24.66 13.54 17.06
CA ARG D 315 -23.83 12.48 17.64
C ARG D 315 -24.70 11.35 18.21
N ALA D 316 -25.63 10.88 17.39
CA ALA D 316 -26.52 9.81 17.80
C ALA D 316 -25.79 8.46 17.75
N ILE D 317 -26.07 7.63 18.74
CA ILE D 317 -25.45 6.31 18.86
C ILE D 317 -26.52 5.24 18.71
N THR D 318 -26.10 4.05 18.34
CA THR D 318 -27.01 2.91 18.20
C THR D 318 -26.91 2.00 19.41
N GLY D 319 -27.71 0.93 19.38
CA GLY D 319 -27.77 0.01 20.51
C GLY D 319 -26.68 -1.05 20.43
N SER D 320 -26.05 -1.29 21.59
CA SER D 320 -25.04 -2.34 21.80
C SER D 320 -23.82 -2.19 20.88
N ASN D 321 -23.44 -0.94 20.59
CA ASN D 321 -22.28 -0.67 19.75
C ASN D 321 -21.72 0.70 20.10
N LYS D 322 -20.64 1.07 19.43
CA LYS D 322 -19.99 2.36 19.65
C LYS D 322 -19.83 3.19 18.39
N ARG D 323 -20.15 2.65 17.22
CA ARG D 323 -20.04 3.39 15.97
C ARG D 323 -21.31 4.19 15.72
N PRO D 324 -21.18 5.43 15.21
CA PRO D 324 -22.37 6.23 14.93
C PRO D 324 -23.09 5.74 13.68
N LEU D 325 -24.34 6.17 13.55
CA LEU D 325 -25.18 5.71 12.45
C LEU D 325 -24.81 6.45 11.16
N LYS D 326 -25.28 5.89 10.05
CA LYS D 326 -24.99 6.40 8.71
C LYS D 326 -26.21 7.14 8.18
N SER D 327 -26.02 8.40 7.80
CA SER D 327 -27.09 9.24 7.28
C SER D 327 -27.23 9.02 5.77
N LEU D 328 -28.05 9.85 5.11
CA LEU D 328 -28.16 9.79 3.66
C LEU D 328 -26.93 10.38 2.97
N ALA D 329 -26.14 11.17 3.69
CA ALA D 329 -24.83 11.58 3.17
C ALA D 329 -23.90 10.38 3.03
N ASP D 330 -24.04 9.39 3.91
CA ASP D 330 -23.30 8.14 3.79
C ASP D 330 -23.95 7.15 2.82
N MET D 331 -25.04 7.54 2.16
CA MET D 331 -25.60 6.80 1.04
C MET D 331 -25.31 7.45 -0.30
N ILE D 332 -25.27 8.79 -0.35
CA ILE D 332 -24.83 9.48 -1.56
C ILE D 332 -23.30 9.47 -1.66
N LYS D 333 -22.58 9.32 -0.54
CA LYS D 333 -21.13 9.30 -0.54
C LYS D 333 -20.57 7.96 -0.09
N GLY D 334 -20.94 7.50 1.10
CA GLY D 334 -20.36 6.27 1.64
C GLY D 334 -19.16 6.58 2.51
N LYS D 335 -18.06 5.88 2.27
CA LYS D 335 -16.83 6.06 3.01
C LYS D 335 -15.83 6.86 2.18
N GLN D 336 -14.59 6.95 2.68
CA GLN D 336 -13.45 7.59 2.02
C GLN D 336 -13.70 9.07 1.73
N GLY D 337 -14.03 9.82 2.79
CA GLY D 337 -14.20 11.25 2.65
C GLY D 337 -15.50 11.63 1.96
N ARG D 338 -15.49 12.80 1.33
CA ARG D 338 -16.65 13.31 0.61
C ARG D 338 -16.62 12.93 -0.87
N PHE D 339 -16.44 11.64 -1.12
CA PHE D 339 -16.47 11.08 -2.48
C PHE D 339 -17.67 10.15 -2.59
N ARG D 340 -18.29 10.14 -3.78
CA ARG D 340 -19.55 9.43 -3.99
C ARG D 340 -19.35 7.92 -3.94
N GLN D 341 -20.48 7.21 -3.82
CA GLN D 341 -20.45 5.75 -3.73
C GLN D 341 -20.08 5.12 -5.07
N ASN D 342 -20.48 5.74 -6.18
CA ASN D 342 -20.00 5.32 -7.49
C ASN D 342 -18.56 5.75 -7.75
N LEU D 343 -18.06 6.72 -6.99
CA LEU D 343 -16.69 7.18 -7.14
C LEU D 343 -15.72 6.54 -6.15
N LEU D 344 -16.22 5.95 -5.06
CA LEU D 344 -15.34 5.31 -4.09
C LEU D 344 -14.97 3.90 -4.52
N GLY D 345 -15.95 3.12 -4.97
CA GLY D 345 -15.70 1.77 -5.42
C GLY D 345 -16.59 1.36 -6.58
N LYS D 346 -16.00 0.72 -7.59
CA LYS D 346 -16.73 0.28 -8.78
C LYS D 346 -16.17 -1.07 -9.21
N ARG D 347 -16.82 -2.15 -8.78
CA ARG D 347 -16.45 -3.49 -9.19
C ARG D 347 -17.02 -3.76 -10.58
N VAL D 348 -16.15 -3.82 -11.58
CA VAL D 348 -16.56 -3.99 -12.97
C VAL D 348 -16.62 -5.48 -13.29
N ASP D 349 -17.62 -5.86 -14.08
CA ASP D 349 -17.79 -7.24 -14.51
C ASP D 349 -16.72 -7.64 -15.51
N TYR D 350 -16.65 -8.95 -15.78
CA TYR D 350 -15.71 -9.58 -16.71
C TYR D 350 -14.25 -9.26 -16.36
N SER D 351 -13.93 -9.38 -15.07
CA SER D 351 -12.60 -9.06 -14.58
C SER D 351 -12.15 -10.15 -13.62
N GLY D 352 -10.94 -9.97 -13.08
CA GLY D 352 -10.38 -10.90 -12.13
C GLY D 352 -8.90 -10.69 -11.93
N ARG D 353 -8.44 -10.77 -10.69
CA ARG D 353 -7.05 -10.48 -10.37
C ARG D 353 -6.21 -11.76 -10.47
N SER D 354 -4.96 -11.58 -10.91
CA SER D 354 -4.01 -12.68 -11.02
C SER D 354 -2.61 -12.13 -10.79
N VAL D 355 -1.66 -13.03 -10.71
CA VAL D 355 -0.24 -12.66 -10.66
C VAL D 355 0.31 -12.79 -12.07
N ILE D 356 1.34 -11.99 -12.37
CA ILE D 356 1.92 -11.97 -13.70
C ILE D 356 3.29 -12.65 -13.66
N THR D 357 3.76 -13.04 -14.83
CA THR D 357 5.13 -13.50 -15.01
C THR D 357 5.59 -13.08 -16.39
N VAL D 358 6.90 -13.19 -16.62
CA VAL D 358 7.51 -12.75 -17.86
C VAL D 358 7.54 -13.92 -18.85
N GLY D 359 7.21 -13.63 -20.11
CA GLY D 359 7.35 -14.58 -21.18
C GLY D 359 8.24 -14.05 -22.27
N PRO D 360 9.43 -14.64 -22.43
CA PRO D 360 10.39 -14.11 -23.40
C PRO D 360 10.27 -14.67 -24.81
N THR D 361 9.49 -15.72 -25.02
CA THR D 361 9.34 -16.35 -26.32
C THR D 361 8.13 -15.84 -27.09
N LEU D 362 7.58 -14.69 -26.71
CA LEU D 362 6.41 -14.13 -27.35
C LEU D 362 6.73 -12.74 -27.90
N ARG D 363 6.04 -12.39 -28.99
CA ARG D 363 6.28 -11.15 -29.69
C ARG D 363 5.60 -9.98 -28.98
N LEU D 364 5.73 -8.79 -29.57
CA LEU D 364 5.07 -7.62 -29.01
C LEU D 364 3.59 -7.60 -29.33
N HIS D 365 3.20 -8.18 -30.47
CA HIS D 365 1.81 -8.22 -30.89
C HIS D 365 1.03 -9.40 -30.32
N GLN D 366 1.60 -10.11 -29.34
CA GLN D 366 0.91 -11.22 -28.70
C GLN D 366 1.40 -11.34 -27.27
N CYS D 367 0.78 -12.26 -26.52
CA CYS D 367 1.15 -12.53 -25.14
C CYS D 367 0.70 -13.95 -24.80
N GLY D 368 0.85 -14.31 -23.52
CA GLY D 368 0.35 -15.57 -23.01
C GLY D 368 -0.82 -15.39 -22.05
N LEU D 369 -1.61 -16.45 -21.91
CA LEU D 369 -2.76 -16.48 -21.02
C LEU D 369 -3.16 -17.92 -20.72
N PRO D 370 -3.31 -18.29 -19.44
CA PRO D 370 -3.65 -19.67 -19.11
C PRO D 370 -5.10 -19.99 -19.42
N LYS D 371 -5.35 -21.27 -19.67
CA LYS D 371 -6.64 -21.76 -20.12
C LYS D 371 -7.71 -21.70 -19.03
N LYS D 372 -7.31 -21.73 -17.76
CA LYS D 372 -8.27 -21.75 -16.66
C LYS D 372 -9.04 -20.44 -16.56
N MET D 373 -8.40 -19.32 -16.89
CA MET D 373 -9.11 -18.06 -17.01
C MET D 373 -9.54 -17.76 -18.45
N ALA D 374 -8.91 -18.40 -19.44
CA ALA D 374 -9.33 -18.22 -20.81
C ALA D 374 -10.67 -18.87 -21.11
N LEU D 375 -11.07 -19.87 -20.31
CA LEU D 375 -12.39 -20.45 -20.46
C LEU D 375 -13.50 -19.52 -19.99
N GLU D 376 -13.19 -18.53 -19.15
CA GLU D 376 -14.21 -17.66 -18.59
C GLU D 376 -14.14 -16.22 -19.07
N LEU D 377 -12.96 -15.70 -19.44
CA LEU D 377 -12.92 -14.32 -19.94
C LEU D 377 -13.47 -14.22 -21.37
N PHE D 378 -13.59 -15.34 -22.07
CA PHE D 378 -14.20 -15.38 -23.40
C PHE D 378 -15.51 -16.14 -23.38
N LYS D 379 -16.29 -15.97 -22.32
CA LYS D 379 -17.50 -16.76 -22.14
C LYS D 379 -18.68 -16.37 -23.05
N PRO D 380 -19.03 -15.09 -23.27
CA PRO D 380 -20.06 -14.81 -24.29
C PRO D 380 -19.60 -15.12 -25.71
N PHE D 381 -18.29 -15.00 -25.97
CA PHE D 381 -17.77 -15.36 -27.28
C PHE D 381 -17.85 -16.86 -27.53
N ILE D 382 -17.51 -17.67 -26.53
CA ILE D 382 -17.59 -19.12 -26.70
C ILE D 382 -19.05 -19.57 -26.71
N PHE D 383 -19.94 -18.83 -26.03
CA PHE D 383 -21.36 -19.16 -26.10
C PHE D 383 -21.92 -18.84 -27.49
N GLY D 384 -21.53 -17.71 -28.07
CA GLY D 384 -21.97 -17.38 -29.41
C GLY D 384 -21.41 -18.32 -30.46
N LYS D 385 -20.14 -18.72 -30.31
CA LYS D 385 -19.56 -19.65 -31.28
C LYS D 385 -20.15 -21.05 -31.14
N LEU D 386 -20.45 -21.49 -29.91
CA LEU D 386 -21.05 -22.80 -29.70
C LEU D 386 -22.50 -22.83 -30.17
N GLU D 387 -23.22 -21.71 -30.06
CA GLU D 387 -24.59 -21.66 -30.56
C GLU D 387 -24.67 -21.33 -32.05
N GLY D 388 -23.58 -20.86 -32.66
CA GLY D 388 -23.58 -20.54 -34.07
C GLY D 388 -23.01 -21.61 -34.96
N ARG D 389 -22.04 -22.39 -34.46
CA ARG D 389 -21.44 -23.43 -35.30
C ARG D 389 -22.38 -24.62 -35.46
N GLY D 390 -23.05 -25.02 -34.38
CA GLY D 390 -24.05 -26.07 -34.48
C GLY D 390 -23.77 -27.33 -33.68
N MET D 391 -22.99 -27.20 -32.60
CA MET D 391 -22.69 -28.32 -31.73
C MET D 391 -23.55 -28.36 -30.48
N ALA D 392 -23.87 -27.21 -29.90
CA ALA D 392 -24.72 -27.14 -28.71
C ALA D 392 -25.43 -25.80 -28.72
N THR D 393 -26.74 -25.82 -28.97
CA THR D 393 -27.53 -24.60 -29.03
C THR D 393 -27.99 -24.12 -27.65
N THR D 394 -27.80 -24.91 -26.61
CA THR D 394 -28.18 -24.54 -25.26
C THR D 394 -27.02 -23.81 -24.57
N ILE D 395 -27.25 -23.42 -23.32
CA ILE D 395 -26.24 -22.67 -22.57
C ILE D 395 -25.91 -23.42 -21.28
N LYS D 396 -26.84 -24.24 -20.79
CA LYS D 396 -26.55 -25.00 -19.58
C LYS D 396 -25.66 -26.19 -19.88
N ALA D 397 -25.87 -26.85 -21.04
CA ALA D 397 -24.92 -27.87 -21.49
C ALA D 397 -23.59 -27.26 -21.87
N ALA D 398 -23.59 -26.00 -22.33
CA ALA D 398 -22.34 -25.29 -22.59
C ALA D 398 -21.57 -25.03 -21.29
N LYS D 399 -22.28 -24.64 -20.22
CA LYS D 399 -21.64 -24.48 -18.92
C LYS D 399 -21.13 -25.80 -18.39
N LYS D 400 -21.88 -26.89 -18.62
CA LYS D 400 -21.46 -28.21 -18.19
C LYS D 400 -20.23 -28.68 -18.95
N MET D 401 -20.13 -28.37 -20.25
CA MET D 401 -18.99 -28.81 -21.03
C MET D 401 -17.76 -27.91 -20.85
N VAL D 402 -17.94 -26.67 -20.40
CA VAL D 402 -16.76 -25.88 -20.03
C VAL D 402 -16.36 -26.06 -18.57
N GLU D 403 -17.23 -26.64 -17.74
CA GLU D 403 -16.84 -26.99 -16.38
C GLU D 403 -16.42 -28.46 -16.24
N ARG D 404 -16.67 -29.28 -17.26
CA ARG D 404 -16.27 -30.68 -17.23
C ARG D 404 -14.90 -30.92 -17.85
N GLU D 405 -14.28 -29.88 -18.42
CA GLU D 405 -12.97 -29.92 -19.08
C GLU D 405 -12.94 -30.96 -20.20
N LEU D 406 -13.74 -30.70 -21.22
CA LEU D 406 -13.86 -31.60 -22.37
C LEU D 406 -12.64 -31.44 -23.28
N PRO D 407 -12.51 -32.29 -24.30
CA PRO D 407 -11.35 -32.20 -25.19
C PRO D 407 -11.55 -31.19 -26.32
N GLU D 408 -12.79 -30.96 -26.72
CA GLU D 408 -13.09 -30.11 -27.86
C GLU D 408 -13.24 -28.64 -27.50
N VAL D 409 -13.23 -28.31 -26.20
CA VAL D 409 -13.44 -26.93 -25.79
C VAL D 409 -12.24 -26.06 -26.17
N TRP D 410 -11.03 -26.64 -26.18
CA TRP D 410 -9.86 -25.87 -26.61
C TRP D 410 -9.86 -25.65 -28.11
N ASP D 411 -10.31 -26.64 -28.88
CA ASP D 411 -10.35 -26.49 -30.34
C ASP D 411 -11.42 -25.50 -30.76
N VAL D 412 -12.56 -25.48 -30.07
CA VAL D 412 -13.57 -24.47 -30.38
C VAL D 412 -13.30 -23.13 -29.71
N LEU D 413 -12.36 -23.08 -28.76
CA LEU D 413 -12.02 -21.86 -28.05
C LEU D 413 -10.85 -21.11 -28.67
N ALA D 414 -9.94 -21.80 -29.37
CA ALA D 414 -8.75 -21.16 -29.92
C ALA D 414 -9.04 -20.20 -31.08
N GLU D 415 -10.26 -20.16 -31.59
CA GLU D 415 -10.59 -19.22 -32.66
C GLU D 415 -10.68 -17.78 -32.18
N VAL D 416 -10.96 -17.57 -30.89
CA VAL D 416 -11.10 -16.23 -30.33
C VAL D 416 -9.96 -15.95 -29.37
N ILE D 417 -8.80 -16.56 -29.62
CA ILE D 417 -7.61 -16.34 -28.80
C ILE D 417 -6.56 -15.64 -29.64
N ARG D 418 -6.45 -16.04 -30.91
CA ARG D 418 -5.36 -15.57 -31.76
C ARG D 418 -5.54 -14.10 -32.15
N GLU D 419 -6.77 -13.71 -32.50
CA GLU D 419 -7.04 -12.37 -33.00
C GLU D 419 -8.13 -11.68 -32.18
N HIS D 420 -8.00 -11.71 -30.86
CA HIS D 420 -8.94 -11.05 -29.96
C HIS D 420 -8.16 -10.31 -28.88
N PRO D 421 -8.33 -9.00 -28.76
CA PRO D 421 -7.57 -8.24 -27.76
C PRO D 421 -8.09 -8.48 -26.34
N VAL D 422 -7.19 -8.30 -25.38
CA VAL D 422 -7.49 -8.33 -23.95
C VAL D 422 -6.88 -7.09 -23.31
N LEU D 423 -7.42 -6.72 -22.15
CA LEU D 423 -6.89 -5.60 -21.38
C LEU D 423 -6.33 -6.11 -20.06
N LEU D 424 -5.30 -5.43 -19.57
CA LEU D 424 -4.63 -5.82 -18.34
C LEU D 424 -4.18 -4.56 -17.63
N ASN D 425 -4.60 -4.40 -16.38
CA ASN D 425 -4.31 -3.19 -15.62
C ASN D 425 -3.78 -3.56 -14.24
N ARG D 426 -2.72 -2.87 -13.82
CA ARG D 426 -2.19 -3.06 -12.48
C ARG D 426 -3.12 -2.42 -11.46
N ALA D 427 -3.32 -3.11 -10.34
CA ALA D 427 -4.26 -2.64 -9.32
C ALA D 427 -3.73 -1.41 -8.57
N PRO D 428 -2.40 -1.27 -8.29
CA PRO D 428 -1.89 0.09 -8.05
C PRO D 428 -1.62 0.82 -9.36
N THR D 429 -2.48 1.79 -9.66
CA THR D 429 -2.39 2.56 -10.90
C THR D 429 -1.45 3.74 -10.70
N LEU D 430 -0.45 3.85 -11.56
CA LEU D 430 0.54 4.92 -11.48
C LEU D 430 0.46 5.91 -12.63
N HIS D 431 0.28 5.44 -13.86
CA HIS D 431 0.24 6.32 -15.02
C HIS D 431 -0.71 5.70 -16.05
N ARG D 432 -0.66 6.24 -17.28
CA ARG D 432 -1.56 5.79 -18.34
C ARG D 432 -1.09 4.54 -19.05
N LEU D 433 0.16 4.12 -18.85
CA LEU D 433 0.66 2.90 -19.46
C LEU D 433 0.36 1.66 -18.63
N GLY D 434 -0.32 1.80 -17.49
CA GLY D 434 -0.66 0.65 -16.68
C GLY D 434 -1.71 -0.24 -17.30
N ILE D 435 -2.55 0.31 -18.17
CA ILE D 435 -3.49 -0.46 -18.98
C ILE D 435 -2.83 -0.68 -20.34
N GLN D 436 -3.05 -1.86 -20.93
CA GLN D 436 -2.46 -2.19 -22.22
C GLN D 436 -3.39 -3.13 -22.99
N ALA D 437 -2.99 -3.45 -24.21
CA ALA D 437 -3.70 -4.39 -25.06
C ALA D 437 -2.71 -5.37 -25.66
N PHE D 438 -3.12 -6.64 -25.71
CA PHE D 438 -2.25 -7.72 -26.18
C PHE D 438 -3.12 -8.79 -26.84
N GLU D 439 -2.47 -9.88 -27.26
CA GLU D 439 -3.14 -11.02 -27.88
C GLU D 439 -2.76 -12.30 -27.15
N PRO D 440 -3.71 -13.03 -26.58
CA PRO D 440 -3.36 -14.22 -25.81
C PRO D 440 -3.01 -15.41 -26.70
N VAL D 441 -2.38 -16.40 -26.07
CA VAL D 441 -2.19 -17.72 -26.65
C VAL D 441 -2.72 -18.75 -25.65
N LEU D 442 -2.64 -20.03 -26.03
CA LEU D 442 -3.15 -21.12 -25.20
C LEU D 442 -1.97 -21.83 -24.54
N ILE D 443 -1.81 -21.61 -23.23
CA ILE D 443 -0.74 -22.24 -22.46
C ILE D 443 -1.33 -23.03 -21.31
N GLU D 444 -0.47 -23.61 -20.49
CA GLU D 444 -0.84 -24.37 -19.31
C GLU D 444 -0.57 -23.55 -18.05
N GLY D 445 -1.17 -23.98 -16.94
CA GLY D 445 -0.93 -23.33 -15.67
C GLY D 445 -2.07 -22.44 -15.20
N LYS D 446 -1.75 -21.49 -14.32
CA LYS D 446 -2.75 -20.63 -13.72
C LYS D 446 -2.41 -19.14 -13.82
N ALA D 447 -1.14 -18.77 -13.93
CA ALA D 447 -0.73 -17.38 -14.01
C ALA D 447 -0.48 -16.95 -15.46
N ILE D 448 -0.33 -15.64 -15.64
CA ILE D 448 -0.32 -15.01 -16.95
C ILE D 448 1.13 -14.67 -17.33
N GLN D 449 1.54 -15.09 -18.53
CA GLN D 449 2.81 -14.62 -19.07
C GLN D 449 2.62 -13.27 -19.76
N LEU D 450 3.62 -12.42 -19.64
CA LEU D 450 3.56 -11.07 -20.15
C LEU D 450 4.75 -10.79 -21.07
N HIS D 451 4.67 -9.66 -21.78
CA HIS D 451 5.80 -9.21 -22.56
C HIS D 451 6.90 -8.70 -21.65
N PRO D 452 8.17 -8.96 -21.97
CA PRO D 452 9.25 -8.46 -21.11
C PRO D 452 9.43 -6.95 -21.19
N LEU D 453 9.36 -6.36 -22.38
CA LEU D 453 9.70 -4.96 -22.55
C LEU D 453 8.56 -4.00 -22.19
N VAL D 454 7.49 -4.48 -21.57
CA VAL D 454 6.38 -3.60 -21.17
C VAL D 454 6.30 -3.42 -19.66
N CYS D 455 7.10 -4.15 -18.88
CA CYS D 455 7.08 -3.94 -17.43
C CYS D 455 7.78 -2.66 -17.03
N ALA D 456 8.69 -2.16 -17.87
CA ALA D 456 9.28 -0.84 -17.64
C ALA D 456 8.27 0.26 -17.88
N ALA D 457 7.38 0.08 -18.88
CA ALA D 457 6.29 1.02 -19.06
C ALA D 457 5.25 0.89 -17.97
N TYR D 458 5.09 -0.32 -17.42
CA TYR D 458 4.19 -0.52 -16.28
C TYR D 458 4.71 0.11 -15.00
N ASN D 459 6.03 0.31 -14.90
CA ASN D 459 6.73 0.59 -13.63
C ASN D 459 6.36 -0.43 -12.57
N ALA D 460 6.39 -1.70 -12.98
CA ALA D 460 5.95 -2.82 -12.13
C ALA D 460 6.93 -3.96 -12.32
N ASP D 461 7.92 -4.04 -11.42
CA ASP D 461 8.81 -5.18 -11.41
C ASP D 461 8.09 -6.42 -10.93
N PHE D 462 8.59 -7.58 -11.33
CA PHE D 462 7.94 -8.87 -11.06
C PHE D 462 8.17 -9.24 -9.59
N ASP D 463 7.36 -8.61 -8.73
CA ASP D 463 7.46 -8.78 -7.28
C ASP D 463 6.28 -9.54 -6.70
N GLY D 464 5.47 -10.17 -7.55
CA GLY D 464 4.33 -10.95 -7.09
C GLY D 464 3.17 -10.12 -6.59
N ASP D 465 2.75 -9.12 -7.34
CA ASP D 465 1.62 -8.29 -6.97
C ASP D 465 0.33 -8.92 -7.50
N GLN D 466 -0.77 -8.17 -7.43
CA GLN D 466 -2.08 -8.63 -7.90
C GLN D 466 -2.51 -7.74 -9.06
N MET D 467 -2.49 -8.29 -10.27
CA MET D 467 -2.86 -7.57 -11.48
C MET D 467 -4.18 -8.11 -12.01
N ALA D 468 -5.10 -7.22 -12.34
CA ALA D 468 -6.41 -7.61 -12.83
C ALA D 468 -6.50 -7.44 -14.34
N VAL D 469 -7.31 -8.29 -14.97
CA VAL D 469 -7.51 -8.27 -16.40
C VAL D 469 -8.91 -7.73 -16.69
N HIS D 470 -9.09 -7.27 -17.92
CA HIS D 470 -10.37 -6.75 -18.38
C HIS D 470 -10.63 -7.25 -19.79
N VAL D 471 -11.87 -7.67 -20.05
CA VAL D 471 -12.28 -8.05 -21.40
C VAL D 471 -13.55 -7.29 -21.77
N PRO D 472 -13.48 -6.38 -22.75
CA PRO D 472 -14.70 -5.69 -23.20
C PRO D 472 -15.56 -6.61 -24.05
N LEU D 473 -16.87 -6.38 -24.06
CA LEU D 473 -17.81 -7.33 -24.66
C LEU D 473 -17.90 -7.17 -26.17
N THR D 474 -18.19 -5.97 -26.67
CA THR D 474 -18.38 -5.76 -28.09
C THR D 474 -17.05 -5.71 -28.83
N LEU D 475 -17.09 -6.04 -30.12
CA LEU D 475 -15.88 -6.03 -30.94
C LEU D 475 -15.45 -4.62 -31.32
N GLU D 476 -16.37 -3.65 -31.25
CA GLU D 476 -16.02 -2.25 -31.46
C GLU D 476 -15.05 -1.75 -30.39
N ALA D 477 -15.26 -2.16 -29.14
CA ALA D 477 -14.35 -1.81 -28.07
C ALA D 477 -13.00 -2.48 -28.24
N GLN D 478 -12.98 -3.68 -28.83
CA GLN D 478 -11.71 -4.35 -29.12
C GLN D 478 -10.94 -3.62 -30.22
N LEU D 479 -11.66 -3.17 -31.26
CA LEU D 479 -11.02 -2.40 -32.34
C LEU D 479 -10.47 -1.08 -31.83
N GLU D 480 -11.24 -0.37 -30.99
CA GLU D 480 -10.73 0.90 -30.48
C GLU D 480 -9.66 0.70 -29.42
N ALA D 481 -9.66 -0.43 -28.69
CA ALA D 481 -8.58 -0.70 -27.75
C ALA D 481 -7.29 -1.04 -28.47
N ARG D 482 -7.39 -1.78 -29.59
CA ARG D 482 -6.22 -2.01 -30.44
C ARG D 482 -5.81 -0.76 -31.19
N ALA D 483 -6.68 0.24 -31.26
CA ALA D 483 -6.29 1.54 -31.79
C ALA D 483 -5.66 2.46 -30.73
N LEU D 484 -6.06 2.34 -29.46
CA LEU D 484 -5.67 3.35 -28.46
C LEU D 484 -4.56 2.87 -27.54
N MET D 485 -4.64 1.63 -27.02
CA MET D 485 -3.68 1.17 -26.03
C MET D 485 -2.99 -0.13 -26.44
N MET D 486 -2.97 -0.44 -27.74
CA MET D 486 -2.12 -1.51 -28.22
C MET D 486 -0.68 -1.03 -28.21
N SER D 487 0.24 -1.94 -27.86
CA SER D 487 1.63 -1.57 -27.57
C SER D 487 2.42 -1.13 -28.80
N THR D 488 1.88 -1.24 -30.01
CA THR D 488 2.51 -0.63 -31.18
C THR D 488 2.04 0.80 -31.42
N ASN D 489 1.24 1.37 -30.51
CA ASN D 489 0.75 2.73 -30.65
C ASN D 489 1.28 3.67 -29.59
N ASN D 490 1.31 3.24 -28.33
CA ASN D 490 1.79 4.08 -27.24
C ASN D 490 3.26 3.76 -26.96
N ILE D 491 4.08 3.99 -27.97
CA ILE D 491 5.52 3.77 -27.86
C ILE D 491 6.20 4.94 -27.15
N LEU D 492 5.82 6.17 -27.52
CA LEU D 492 6.41 7.34 -26.91
C LEU D 492 5.79 7.62 -25.56
N SER D 493 6.62 8.03 -24.60
CA SER D 493 6.13 8.37 -23.28
C SER D 493 5.48 9.75 -23.30
N PRO D 494 4.46 9.99 -22.48
CA PRO D 494 3.84 11.33 -22.41
C PRO D 494 4.67 12.35 -21.65
N ALA D 495 5.78 11.96 -21.03
CA ALA D 495 6.62 12.90 -20.30
C ALA D 495 7.49 13.72 -21.25
N ASN D 496 8.28 13.05 -22.07
CA ASN D 496 9.19 13.72 -22.99
C ASN D 496 9.33 12.86 -24.25
N GLY D 497 10.36 13.16 -25.04
CA GLY D 497 10.63 12.46 -26.28
C GLY D 497 11.29 11.11 -26.16
N GLU D 498 11.44 10.57 -24.95
CA GLU D 498 12.00 9.23 -24.79
C GLU D 498 10.89 8.20 -24.84
N PRO D 499 11.15 7.01 -25.40
CA PRO D 499 10.12 5.97 -25.44
C PRO D 499 9.89 5.36 -24.06
N ILE D 500 8.64 4.96 -23.82
CA ILE D 500 8.29 4.35 -22.54
C ILE D 500 8.70 2.88 -22.52
N ILE D 501 8.92 2.27 -23.68
CA ILE D 501 9.49 0.92 -23.75
C ILE D 501 11.00 1.10 -23.59
N VAL D 502 11.49 0.80 -22.40
CA VAL D 502 12.89 1.03 -22.04
C VAL D 502 13.60 -0.30 -21.93
N PRO D 503 14.75 -0.48 -22.60
CA PRO D 503 15.49 -1.74 -22.47
C PRO D 503 16.10 -1.92 -21.10
N SER D 504 15.98 -3.14 -20.57
CA SER D 504 16.48 -3.47 -19.24
C SER D 504 17.92 -3.96 -19.34
N GLN D 505 18.45 -4.53 -18.25
CA GLN D 505 19.87 -4.80 -18.11
C GLN D 505 20.38 -5.92 -19.02
N ASP D 506 19.51 -6.84 -19.44
CA ASP D 506 19.98 -8.03 -20.15
C ASP D 506 20.27 -7.74 -21.63
N VAL D 507 19.38 -6.99 -22.29
CA VAL D 507 19.65 -6.65 -23.68
C VAL D 507 20.79 -5.63 -23.79
N VAL D 508 20.91 -4.71 -22.83
CA VAL D 508 22.00 -3.74 -22.91
C VAL D 508 23.32 -4.38 -22.51
N MET D 509 23.34 -5.39 -21.64
CA MET D 509 24.58 -6.13 -21.41
C MET D 509 24.92 -6.99 -22.62
N GLY D 510 23.90 -7.46 -23.36
CA GLY D 510 24.17 -8.15 -24.61
C GLY D 510 24.84 -7.26 -25.64
N LEU D 511 24.32 -6.04 -25.81
CA LEU D 511 24.96 -5.10 -26.74
C LEU D 511 26.31 -4.59 -26.21
N TYR D 512 26.51 -4.61 -24.89
CA TYR D 512 27.77 -4.16 -24.33
C TYR D 512 28.86 -5.21 -24.49
N TYR D 513 28.60 -6.45 -24.09
CA TYR D 513 29.58 -7.52 -24.25
C TYR D 513 29.71 -7.96 -25.70
N MET D 514 28.72 -7.66 -26.55
CA MET D 514 28.82 -7.99 -27.96
C MET D 514 29.79 -7.07 -28.67
N THR D 515 29.51 -5.76 -28.66
CA THR D 515 30.34 -4.76 -29.32
C THR D 515 31.39 -4.28 -28.33
N ARG D 516 32.66 -4.58 -28.61
CA ARG D 516 33.75 -4.19 -27.72
C ARG D 516 35.04 -4.04 -28.52
N GLU D 517 35.91 -3.17 -28.04
CA GLU D 517 37.23 -2.94 -28.64
C GLU D 517 38.25 -3.72 -27.82
N ALA D 518 38.67 -4.87 -28.33
CA ALA D 518 39.58 -5.76 -27.62
C ALA D 518 41.00 -5.60 -28.14
N ILE D 519 41.97 -5.96 -27.29
CA ILE D 519 43.38 -5.90 -27.63
C ILE D 519 43.85 -7.26 -28.10
N ASN D 520 43.61 -8.29 -27.27
CA ASN D 520 44.09 -9.64 -27.54
C ASN D 520 42.90 -10.59 -27.59
N ALA D 521 42.75 -11.27 -28.73
CA ALA D 521 41.72 -12.29 -28.91
C ALA D 521 42.19 -13.24 -30.01
N LYS D 522 41.38 -14.26 -30.28
CA LYS D 522 41.67 -15.18 -31.37
C LYS D 522 40.94 -14.73 -32.62
N GLY D 523 41.70 -14.44 -33.68
CA GLY D 523 41.12 -13.93 -34.91
C GLY D 523 41.26 -12.42 -35.03
N GLU D 524 42.40 -11.89 -34.61
CA GLU D 524 42.67 -10.46 -34.66
C GLU D 524 43.26 -10.11 -36.02
N GLY D 525 42.60 -9.20 -36.75
CA GLY D 525 43.04 -8.82 -38.07
C GLY D 525 42.49 -9.67 -39.19
N MET D 526 41.40 -10.38 -38.96
CA MET D 526 40.85 -11.29 -39.94
C MET D 526 39.86 -10.56 -40.86
N ALA D 527 39.45 -11.24 -41.92
CA ALA D 527 38.54 -10.68 -42.91
C ALA D 527 37.24 -11.47 -42.96
N PHE D 528 36.12 -10.76 -43.04
CA PHE D 528 34.81 -11.37 -43.14
C PHE D 528 34.16 -10.97 -44.46
N ALA D 529 33.45 -11.93 -45.06
CA ALA D 529 32.85 -11.70 -46.37
C ALA D 529 31.64 -10.78 -46.28
N ASP D 530 30.69 -11.11 -45.41
CA ASP D 530 29.47 -10.32 -45.28
C ASP D 530 28.99 -10.42 -43.84
N LEU D 531 27.75 -10.00 -43.60
CA LEU D 531 27.18 -10.00 -42.25
C LEU D 531 26.81 -11.41 -41.80
N GLN D 532 26.12 -12.18 -42.66
CA GLN D 532 25.74 -13.53 -42.31
C GLN D 532 26.91 -14.49 -42.41
N GLU D 533 27.90 -14.19 -43.25
CA GLU D 533 29.16 -14.93 -43.22
C GLU D 533 29.92 -14.67 -41.93
N VAL D 534 29.83 -13.46 -41.39
CA VAL D 534 30.43 -13.18 -40.08
C VAL D 534 29.67 -13.89 -38.97
N ASP D 535 28.34 -14.02 -39.13
CA ASP D 535 27.54 -14.79 -38.17
C ASP D 535 27.89 -16.27 -38.20
N ARG D 536 28.19 -16.79 -39.40
CA ARG D 536 28.65 -18.17 -39.52
C ARG D 536 30.04 -18.35 -38.95
N ALA D 537 30.93 -17.37 -39.16
CA ALA D 537 32.30 -17.47 -38.68
C ALA D 537 32.41 -17.32 -37.17
N TYR D 538 31.54 -16.52 -36.56
CA TYR D 538 31.59 -16.35 -35.10
C TYR D 538 31.08 -17.59 -34.38
N ARG D 539 30.03 -18.22 -34.91
CA ARG D 539 29.42 -19.37 -34.26
C ARG D 539 30.20 -20.67 -34.48
N SER D 540 31.26 -20.66 -35.27
CA SER D 540 32.03 -21.87 -35.53
C SER D 540 32.84 -22.30 -34.31
N GLY D 541 33.15 -21.38 -33.40
CA GLY D 541 33.89 -21.71 -32.20
C GLY D 541 35.34 -21.25 -32.19
N GLN D 542 35.83 -20.71 -33.31
CA GLN D 542 37.21 -20.24 -33.38
C GLN D 542 37.33 -18.72 -33.36
N ALA D 543 36.24 -17.99 -33.60
CA ALA D 543 36.24 -16.54 -33.62
C ALA D 543 35.63 -15.98 -32.35
N SER D 544 36.15 -14.84 -31.91
CA SER D 544 35.68 -14.18 -30.71
C SER D 544 34.61 -13.14 -31.04
N LEU D 545 33.83 -12.78 -30.02
CA LEU D 545 32.81 -11.76 -30.18
C LEU D 545 33.38 -10.36 -30.27
N HIS D 546 34.59 -10.14 -29.74
CA HIS D 546 35.25 -8.84 -29.75
C HIS D 546 36.67 -9.02 -30.29
N ALA D 547 36.87 -8.58 -31.53
CA ALA D 547 38.17 -8.65 -32.18
C ALA D 547 38.23 -7.60 -33.28
N ARG D 548 39.43 -7.07 -33.52
CA ARG D 548 39.62 -6.08 -34.57
C ARG D 548 39.58 -6.74 -35.94
N VAL D 549 38.41 -6.75 -36.57
CA VAL D 549 38.23 -7.42 -37.85
C VAL D 549 37.76 -6.41 -38.89
N LYS D 550 37.49 -6.89 -40.10
CA LYS D 550 37.18 -6.04 -41.24
C LYS D 550 36.13 -6.72 -42.10
N VAL D 551 35.05 -5.99 -42.39
CA VAL D 551 33.89 -6.54 -43.07
C VAL D 551 33.19 -5.40 -43.82
N ARG D 552 32.70 -5.71 -45.02
CA ARG D 552 31.90 -4.78 -45.79
C ARG D 552 30.43 -4.90 -45.39
N ILE D 553 29.70 -3.81 -45.57
CA ILE D 553 28.31 -3.70 -45.13
C ILE D 553 27.46 -3.26 -46.31
N ASN D 554 26.45 -4.06 -46.66
CA ASN D 554 25.48 -3.70 -47.69
C ASN D 554 24.36 -2.86 -47.06
N GLU D 555 24.69 -1.61 -46.79
CA GLU D 555 23.78 -0.70 -46.10
C GLU D 555 22.94 0.09 -47.11
N LYS D 556 21.75 0.47 -46.67
CA LYS D 556 20.84 1.29 -47.45
C LYS D 556 20.41 2.50 -46.63
N ILE D 557 20.44 3.67 -47.26
CA ILE D 557 20.12 4.94 -46.61
C ILE D 557 18.74 5.39 -47.09
N LYS D 558 17.90 5.82 -46.16
CA LYS D 558 16.54 6.29 -46.45
C LYS D 558 16.47 7.82 -46.41
N GLY D 559 17.51 8.48 -46.89
CA GLY D 559 17.51 9.94 -46.89
C GLY D 559 16.57 10.51 -47.94
N GLU D 560 16.48 9.87 -49.10
CA GLU D 560 15.57 10.29 -50.15
C GLU D 560 14.18 9.70 -49.90
N ASP D 561 13.15 10.50 -50.15
CA ASP D 561 11.77 10.09 -49.92
C ASP D 561 11.33 9.18 -51.05
N GLY D 562 11.26 7.88 -50.77
CA GLY D 562 10.78 6.91 -51.73
C GLY D 562 11.84 6.15 -52.50
N GLN D 563 13.08 6.15 -52.03
CA GLN D 563 14.16 5.45 -52.71
C GLN D 563 15.23 5.08 -51.71
N LEU D 564 15.68 3.83 -51.72
CA LEU D 564 16.72 3.37 -50.82
C LEU D 564 17.94 2.91 -51.59
N THR D 565 18.86 3.84 -51.83
CA THR D 565 20.07 3.54 -52.58
C THR D 565 20.96 2.54 -51.85
N ALA D 566 21.56 1.64 -52.61
CA ALA D 566 22.45 0.62 -52.05
C ALA D 566 23.90 1.04 -52.24
N ASN D 567 24.70 0.91 -51.19
CA ASN D 567 26.10 1.28 -51.26
C ASN D 567 26.85 0.56 -50.15
N THR D 568 28.16 0.42 -50.36
CA THR D 568 29.05 -0.23 -49.41
C THR D 568 29.90 0.81 -48.68
N ARG D 569 30.44 0.41 -47.54
CA ARG D 569 31.27 1.30 -46.73
C ARG D 569 32.28 0.46 -45.97
N ILE D 570 33.55 0.88 -46.01
CA ILE D 570 34.64 0.18 -45.35
C ILE D 570 34.88 0.89 -44.02
N VAL D 571 34.52 0.22 -42.92
CA VAL D 571 34.67 0.77 -41.57
C VAL D 571 35.37 -0.26 -40.69
N ASP D 572 35.96 0.23 -39.61
CA ASP D 572 36.72 -0.61 -38.68
C ASP D 572 35.84 -1.14 -37.56
N THR D 573 34.78 -1.86 -37.96
CA THR D 573 33.86 -2.46 -37.01
C THR D 573 34.36 -3.85 -36.59
N THR D 574 33.98 -4.25 -35.39
CA THR D 574 34.40 -5.52 -34.82
C THR D 574 33.42 -6.62 -35.24
N VAL D 575 33.54 -7.80 -34.63
CA VAL D 575 32.60 -8.87 -34.85
C VAL D 575 31.24 -8.50 -34.26
N GLY D 576 31.25 -7.86 -33.09
CA GLY D 576 30.01 -7.51 -32.42
C GLY D 576 29.22 -6.43 -33.12
N ARG D 577 29.91 -5.47 -33.76
CA ARG D 577 29.19 -4.43 -34.49
C ARG D 577 28.61 -4.98 -35.78
N ALA D 578 29.27 -5.97 -36.39
CA ALA D 578 28.69 -6.65 -37.55
C ALA D 578 27.47 -7.46 -37.17
N LEU D 579 27.53 -8.18 -36.06
CA LEU D 579 26.34 -8.91 -35.59
C LEU D 579 25.26 -7.97 -35.05
N LEU D 580 25.62 -6.74 -34.68
CA LEU D 580 24.63 -5.75 -34.29
C LEU D 580 23.93 -5.17 -35.51
N PHE D 581 24.66 -4.94 -36.60
CA PHE D 581 23.99 -4.51 -37.84
C PHE D 581 23.32 -5.67 -38.56
N GLN D 582 23.58 -6.91 -38.15
CA GLN D 582 22.83 -8.04 -38.71
C GLN D 582 21.36 -7.99 -38.31
N VAL D 583 21.07 -7.64 -37.06
CA VAL D 583 19.68 -7.54 -36.62
C VAL D 583 19.06 -6.18 -36.97
N VAL D 584 19.86 -5.12 -37.03
CA VAL D 584 19.35 -3.79 -37.39
C VAL D 584 19.01 -3.77 -38.87
N PRO D 585 17.78 -3.39 -39.25
CA PRO D 585 17.39 -3.41 -40.66
C PRO D 585 18.01 -2.29 -41.49
N ALA D 586 17.61 -2.19 -42.75
CA ALA D 586 18.19 -1.24 -43.69
C ALA D 586 17.59 0.17 -43.59
N GLY D 587 17.02 0.52 -42.44
CA GLY D 587 16.53 1.87 -42.19
C GLY D 587 17.39 2.67 -41.24
N LEU D 588 18.55 2.17 -40.83
CA LEU D 588 19.44 2.85 -39.92
C LEU D 588 20.85 2.83 -40.48
N PRO D 589 21.65 3.87 -40.26
CA PRO D 589 23.04 3.87 -40.72
C PRO D 589 23.90 2.95 -39.88
N PHE D 590 25.08 2.64 -40.43
CA PHE D 590 26.04 1.76 -39.76
C PHE D 590 27.01 2.51 -38.86
N ASP D 591 27.05 3.85 -38.93
CA ASP D 591 27.92 4.62 -38.06
C ASP D 591 27.29 4.95 -36.72
N VAL D 592 25.95 4.90 -36.63
CA VAL D 592 25.26 5.19 -35.38
C VAL D 592 25.34 4.04 -34.38
N VAL D 593 25.72 2.86 -34.83
CA VAL D 593 25.83 1.69 -33.96
C VAL D 593 27.29 1.40 -33.59
N ASN D 594 28.15 2.41 -33.65
CA ASN D 594 29.57 2.24 -33.37
C ASN D 594 29.95 2.68 -31.96
N GLN D 595 28.99 3.06 -31.12
CA GLN D 595 29.29 3.53 -29.78
C GLN D 595 29.33 2.36 -28.80
N SER D 596 29.38 2.66 -27.51
CA SER D 596 29.61 1.67 -26.47
C SER D 596 28.31 1.06 -25.92
N MET D 597 27.16 1.42 -26.51
CA MET D 597 25.83 0.87 -26.18
C MET D 597 25.47 1.09 -24.72
N LYS D 598 25.35 2.36 -24.33
CA LYS D 598 24.84 2.71 -23.02
C LYS D 598 23.31 2.68 -23.04
N LYS D 599 22.70 2.92 -21.88
CA LYS D 599 21.24 2.88 -21.78
C LYS D 599 20.61 4.09 -22.47
N LYS D 600 21.12 5.30 -22.17
CA LYS D 600 20.62 6.50 -22.83
C LYS D 600 20.99 6.54 -24.30
N ALA D 601 22.11 5.90 -24.67
CA ALA D 601 22.51 5.83 -26.07
C ALA D 601 21.54 4.99 -26.89
N ILE D 602 21.18 3.80 -26.40
CA ILE D 602 20.22 2.99 -27.13
C ILE D 602 18.80 3.53 -26.98
N SER D 603 18.53 4.31 -25.93
CA SER D 603 17.24 5.00 -25.83
C SER D 603 17.12 6.09 -26.90
N LYS D 604 18.17 6.87 -27.11
CA LYS D 604 18.19 7.83 -28.21
C LYS D 604 18.17 7.14 -29.55
N LEU D 605 18.77 5.95 -29.65
CA LEU D 605 18.75 5.19 -30.91
C LEU D 605 17.35 4.69 -31.24
N ILE D 606 16.63 4.14 -30.25
CA ILE D 606 15.28 3.66 -30.53
C ILE D 606 14.32 4.82 -30.75
N ASN D 607 14.55 5.96 -30.08
CA ASN D 607 13.75 7.15 -30.34
C ASN D 607 14.00 7.69 -31.75
N HIS D 608 15.26 7.66 -32.20
CA HIS D 608 15.59 8.16 -33.53
C HIS D 608 15.00 7.27 -34.62
N CYS D 609 15.14 5.94 -34.50
CA CYS D 609 14.61 5.09 -35.55
C CYS D 609 13.08 5.07 -35.53
N TYR D 610 12.47 5.19 -34.33
CA TYR D 610 11.03 5.39 -34.24
C TYR D 610 10.59 6.67 -34.96
N ARG D 611 11.29 7.77 -34.72
CA ARG D 611 10.93 9.06 -35.30
C ARG D 611 11.12 9.06 -36.82
N VAL D 612 12.05 8.26 -37.34
CA VAL D 612 12.28 8.28 -38.79
C VAL D 612 11.56 7.18 -39.55
N VAL D 613 11.03 6.14 -38.89
CA VAL D 613 10.34 5.12 -39.68
C VAL D 613 8.86 4.98 -39.33
N GLY D 614 8.42 5.51 -38.19
CA GLY D 614 7.03 5.35 -37.83
C GLY D 614 6.80 4.37 -36.70
N LEU D 615 5.88 3.41 -36.88
CA LEU D 615 5.47 2.51 -35.82
C LEU D 615 5.73 1.03 -36.08
N LYS D 616 5.30 0.51 -37.24
CA LYS D 616 5.36 -0.92 -37.55
C LYS D 616 6.78 -1.44 -37.69
N ASP D 617 7.65 -0.71 -38.40
CA ASP D 617 9.04 -1.13 -38.52
C ASP D 617 9.78 -1.01 -37.20
N THR D 618 9.42 -0.01 -36.38
CA THR D 618 9.98 0.09 -35.03
C THR D 618 9.60 -1.10 -34.16
N VAL D 619 8.32 -1.47 -34.16
CA VAL D 619 7.89 -2.56 -33.28
C VAL D 619 8.24 -3.93 -33.83
N ILE D 620 8.56 -4.05 -35.12
CA ILE D 620 9.09 -5.33 -35.60
C ILE D 620 10.61 -5.39 -35.44
N PHE D 621 11.28 -4.24 -35.37
CA PHE D 621 12.69 -4.20 -34.98
C PHE D 621 12.86 -4.49 -33.50
N ALA D 622 11.86 -4.12 -32.69
CA ALA D 622 11.96 -4.24 -31.24
C ALA D 622 12.03 -5.69 -30.78
N ASP D 623 11.17 -6.56 -31.32
CA ASP D 623 11.19 -7.96 -30.92
C ASP D 623 12.45 -8.68 -31.41
N GLN D 624 12.93 -8.33 -32.60
CA GLN D 624 14.16 -8.96 -33.09
C GLN D 624 15.38 -8.51 -32.29
N LEU D 625 15.45 -7.22 -31.92
CA LEU D 625 16.51 -6.74 -31.05
C LEU D 625 16.42 -7.37 -29.67
N MET D 626 15.20 -7.56 -29.16
CA MET D 626 15.00 -8.21 -27.88
C MET D 626 15.42 -9.68 -27.93
N TYR D 627 15.14 -10.36 -29.04
CA TYR D 627 15.50 -11.77 -29.17
C TYR D 627 17.01 -11.95 -29.28
N THR D 628 17.68 -11.12 -30.08
CA THR D 628 19.13 -11.24 -30.17
C THR D 628 19.82 -10.77 -28.89
N GLY D 629 19.23 -9.80 -28.19
CA GLY D 629 19.75 -9.42 -26.89
C GLY D 629 19.59 -10.51 -25.84
N PHE D 630 18.47 -11.25 -25.90
CA PHE D 630 18.25 -12.35 -24.98
C PHE D 630 19.21 -13.50 -25.27
N ALA D 631 19.44 -13.80 -26.56
CA ALA D 631 20.36 -14.87 -26.92
C ALA D 631 21.81 -14.51 -26.58
N TYR D 632 22.20 -13.25 -26.83
CA TYR D 632 23.55 -12.81 -26.52
C TYR D 632 23.75 -12.54 -25.03
N SER D 633 22.67 -12.43 -24.27
CA SER D 633 22.79 -12.45 -22.81
C SER D 633 22.88 -13.88 -22.29
N THR D 634 22.23 -14.82 -22.98
CA THR D 634 22.30 -16.23 -22.56
C THR D 634 23.67 -16.81 -22.83
N ILE D 635 24.27 -16.52 -23.99
CA ILE D 635 25.60 -17.05 -24.29
C ILE D 635 26.72 -16.21 -23.72
N SER D 636 26.40 -15.10 -23.05
CA SER D 636 27.43 -14.34 -22.35
C SER D 636 27.76 -15.03 -21.02
N GLY D 637 28.81 -14.54 -20.38
CA GLY D 637 29.27 -15.18 -19.16
C GLY D 637 29.74 -14.25 -18.05
N VAL D 638 29.16 -13.06 -17.93
CA VAL D 638 29.59 -12.15 -16.88
C VAL D 638 28.86 -12.52 -15.59
N SER D 639 29.49 -12.19 -14.47
CA SER D 639 28.90 -12.34 -13.15
C SER D 639 29.66 -11.45 -12.19
N ILE D 640 28.95 -10.96 -11.18
CA ILE D 640 29.54 -10.14 -10.14
C ILE D 640 30.06 -11.06 -9.05
N GLY D 641 31.38 -11.00 -8.82
CA GLY D 641 32.04 -11.88 -7.88
C GLY D 641 32.78 -11.11 -6.81
N VAL D 642 33.57 -11.87 -6.04
CA VAL D 642 34.39 -11.28 -4.98
C VAL D 642 35.62 -10.56 -5.52
N ASN D 643 36.08 -10.92 -6.71
CA ASN D 643 37.15 -10.19 -7.39
C ASN D 643 36.62 -9.06 -8.26
N ASP D 644 35.29 -8.94 -8.39
CA ASP D 644 34.70 -7.84 -9.14
C ASP D 644 34.84 -6.52 -8.37
N PHE D 645 34.71 -6.57 -7.05
CA PHE D 645 34.84 -5.38 -6.21
C PHE D 645 36.30 -5.23 -5.82
N VAL D 646 37.06 -4.48 -6.61
CA VAL D 646 38.46 -4.22 -6.36
C VAL D 646 38.58 -3.12 -5.31
N ILE D 647 39.42 -3.37 -4.31
CA ILE D 647 39.60 -2.45 -3.19
C ILE D 647 41.01 -1.87 -3.29
N PRO D 648 41.15 -0.56 -3.46
CA PRO D 648 42.48 0.04 -3.52
C PRO D 648 43.15 0.07 -2.16
N ASP D 649 44.48 0.03 -2.18
CA ASP D 649 45.27 0.06 -0.95
C ASP D 649 45.38 1.45 -0.36
N GLU D 650 45.03 2.49 -1.11
CA GLU D 650 45.08 3.87 -0.63
C GLU D 650 43.83 4.26 0.15
N LYS D 651 42.78 3.43 0.13
CA LYS D 651 41.57 3.74 0.88
C LYS D 651 41.81 3.66 2.38
N ALA D 652 42.54 2.64 2.85
CA ALA D 652 42.89 2.56 4.26
C ALA D 652 43.85 3.67 4.68
N ARG D 653 44.72 4.11 3.76
CA ARG D 653 45.60 5.25 4.04
C ARG D 653 44.80 6.54 4.19
N ILE D 654 43.79 6.73 3.33
CA ILE D 654 42.92 7.90 3.44
C ILE D 654 42.11 7.87 4.73
N ILE D 655 41.62 6.68 5.11
CA ILE D 655 40.85 6.51 6.35
C ILE D 655 41.73 6.78 7.57
N ASN D 656 42.98 6.30 7.56
CA ASN D 656 43.87 6.52 8.69
C ASN D 656 44.31 7.98 8.80
N ALA D 657 44.57 8.62 7.65
CA ALA D 657 44.96 10.03 7.67
C ALA D 657 43.80 10.92 8.10
N ALA D 658 42.59 10.61 7.66
CA ALA D 658 41.43 11.39 8.09
C ALA D 658 41.05 11.09 9.54
N THR D 659 41.39 9.89 10.04
CA THR D 659 41.18 9.60 11.45
C THR D 659 42.16 10.36 12.33
N ASP D 660 43.41 10.48 11.87
CA ASP D 660 44.38 11.34 12.58
C ASP D 660 43.96 12.81 12.51
N GLU D 661 43.36 13.22 11.39
CA GLU D 661 42.88 14.58 11.24
C GLU D 661 41.70 14.86 12.16
N VAL D 662 40.76 13.91 12.28
CA VAL D 662 39.63 14.14 13.17
C VAL D 662 40.04 13.97 14.63
N LYS D 663 41.12 13.24 14.93
CA LYS D 663 41.67 13.24 16.28
C LYS D 663 42.31 14.58 16.60
N GLU D 664 42.97 15.20 15.61
CA GLU D 664 43.49 16.55 15.77
C GLU D 664 42.35 17.55 15.98
N ILE D 665 41.24 17.37 15.26
CA ILE D 665 40.07 18.23 15.39
C ILE D 665 39.45 18.08 16.79
N GLU D 666 39.36 16.84 17.29
CA GLU D 666 38.83 16.62 18.63
C GLU D 666 39.74 17.17 19.71
N SER D 667 41.07 17.10 19.52
CA SER D 667 41.97 17.65 20.52
C SER D 667 41.95 19.18 20.52
N GLN D 668 41.87 19.80 19.33
CA GLN D 668 41.78 21.25 19.29
C GLN D 668 40.41 21.77 19.67
N TYR D 669 39.38 20.91 19.65
CA TYR D 669 38.09 21.29 20.20
C TYR D 669 38.05 21.12 21.71
N ALA D 670 38.72 20.11 22.25
CA ALA D 670 38.77 19.92 23.69
C ALA D 670 39.72 20.90 24.37
N SER D 671 40.69 21.43 23.63
CA SER D 671 41.61 22.41 24.20
C SER D 671 40.98 23.79 24.37
N GLY D 672 39.88 24.07 23.68
CA GLY D 672 39.18 25.32 23.85
C GLY D 672 39.59 26.41 22.89
N LEU D 673 39.54 26.13 21.59
CA LEU D 673 39.85 27.11 20.56
C LEU D 673 38.64 27.51 19.72
N VAL D 674 37.95 26.54 19.14
CA VAL D 674 36.78 26.80 18.30
C VAL D 674 35.54 26.25 18.99
N THR D 675 34.38 26.57 18.41
CA THR D 675 33.11 26.11 18.94
C THR D 675 32.71 24.80 18.24
N GLN D 676 31.46 24.37 18.46
CA GLN D 676 30.98 23.14 17.85
C GLN D 676 30.61 23.32 16.38
N GLY D 677 30.11 24.50 16.01
CA GLY D 677 29.60 24.69 14.65
C GLY D 677 30.70 24.75 13.61
N GLU D 678 31.85 25.34 13.96
CA GLU D 678 32.96 25.45 13.01
C GLU D 678 33.56 24.09 12.70
N LYS D 679 33.84 23.30 13.75
CA LYS D 679 34.36 21.95 13.53
C LYS D 679 33.30 21.03 12.93
N TYR D 680 32.02 21.31 13.18
CA TYR D 680 30.95 20.54 12.55
C TYR D 680 30.89 20.79 11.05
N ASN D 681 30.98 22.06 10.65
CA ASN D 681 31.02 22.38 9.22
C ASN D 681 32.29 21.83 8.58
N LYS D 682 33.41 21.85 9.31
CA LYS D 682 34.67 21.31 8.82
C LYS D 682 34.57 19.80 8.58
N VAL D 683 33.96 19.06 9.50
CA VAL D 683 33.88 17.62 9.26
C VAL D 683 32.83 17.31 8.18
N ILE D 684 31.72 18.06 8.12
CA ILE D 684 30.72 17.71 7.13
C ILE D 684 31.07 18.19 5.73
N ASP D 685 32.13 18.98 5.53
CA ASP D 685 32.60 19.08 4.15
C ASP D 685 33.90 18.31 3.88
N LEU D 686 34.76 18.07 4.89
CA LEU D 686 35.95 17.27 4.59
C LEU D 686 35.64 15.79 4.44
N TRP D 687 34.62 15.28 5.15
CA TRP D 687 34.25 13.88 4.95
C TRP D 687 33.61 13.66 3.58
N SER D 688 32.86 14.64 3.08
CA SER D 688 32.34 14.54 1.72
C SER D 688 33.45 14.71 0.68
N LYS D 689 34.48 15.50 1.01
CA LYS D 689 35.65 15.60 0.13
C LYS D 689 36.38 14.26 0.03
N ALA D 690 36.58 13.60 1.17
CA ALA D 690 37.15 12.25 1.16
C ALA D 690 36.23 11.26 0.47
N ASN D 691 34.91 11.49 0.55
CA ASN D 691 33.93 10.61 -0.07
C ASN D 691 34.03 10.66 -1.59
N ASP D 692 34.01 11.86 -2.19
CA ASP D 692 34.08 11.88 -3.65
C ASP D 692 35.51 11.66 -4.14
N GLU D 693 36.51 11.86 -3.26
CA GLU D 693 37.87 11.47 -3.60
C GLU D 693 38.02 9.95 -3.73
N VAL D 694 37.53 9.18 -2.75
CA VAL D 694 37.57 7.74 -2.89
C VAL D 694 36.56 7.25 -3.92
N SER D 695 35.53 8.06 -4.24
CA SER D 695 34.62 7.71 -5.33
C SER D 695 35.30 7.78 -6.68
N LYS D 696 36.03 8.87 -6.97
CA LYS D 696 36.73 8.95 -8.25
C LYS D 696 37.92 8.00 -8.27
N ALA D 697 38.49 7.67 -7.11
CA ALA D 697 39.49 6.60 -7.05
C ALA D 697 38.87 5.24 -7.37
N MET D 698 37.62 5.03 -6.94
CA MET D 698 36.90 3.80 -7.28
C MET D 698 36.61 3.74 -8.78
N MET D 699 36.26 4.88 -9.39
CA MET D 699 36.09 4.95 -10.84
C MET D 699 37.41 4.65 -11.56
N ALA D 700 38.53 5.11 -11.01
CA ALA D 700 39.83 4.86 -11.62
C ALA D 700 40.20 3.38 -11.56
N ASN D 701 40.10 2.75 -10.38
CA ASN D 701 40.44 1.33 -10.28
C ASN D 701 39.39 0.41 -10.88
N LEU D 702 38.18 0.91 -11.16
CA LEU D 702 37.20 0.15 -11.92
C LEU D 702 37.38 0.30 -13.43
N SER D 703 37.96 1.42 -13.86
CA SER D 703 38.25 1.60 -15.29
C SER D 703 39.54 0.91 -15.70
N LYS D 704 40.54 0.86 -14.82
CA LYS D 704 41.84 0.28 -15.15
C LYS D 704 42.00 -1.15 -14.65
N GLU D 705 40.90 -1.89 -14.53
CA GLU D 705 40.94 -3.26 -14.01
C GLU D 705 40.92 -4.28 -15.15
N LYS D 706 41.97 -4.24 -15.97
CA LYS D 706 42.15 -5.21 -17.05
C LYS D 706 43.61 -5.27 -17.43
N VAL D 707 44.19 -6.48 -17.44
CA VAL D 707 45.57 -6.71 -17.81
C VAL D 707 45.57 -7.59 -19.05
N VAL D 708 45.72 -6.99 -20.22
CA VAL D 708 45.79 -7.71 -21.49
C VAL D 708 46.97 -7.20 -22.29
N ASP D 709 47.45 -8.06 -23.20
CA ASP D 709 48.56 -7.71 -24.07
C ASP D 709 48.50 -8.60 -25.31
N ARG D 710 48.78 -8.00 -26.47
CA ARG D 710 48.83 -8.73 -27.74
C ARG D 710 50.17 -8.40 -28.40
N GLU D 711 51.09 -9.37 -28.36
CA GLU D 711 52.46 -9.25 -28.89
C GLU D 711 53.20 -8.06 -28.27
N GLY D 712 53.02 -7.88 -26.96
CA GLY D 712 53.64 -6.78 -26.25
C GLY D 712 53.71 -7.07 -24.77
N LYS D 713 54.25 -6.11 -24.03
CA LYS D 713 54.40 -6.28 -22.59
C LYS D 713 53.09 -6.00 -21.85
N GLU D 714 52.58 -4.77 -21.97
CA GLU D 714 51.35 -4.38 -21.30
C GLU D 714 50.52 -3.49 -22.23
N VAL D 715 49.21 -3.55 -22.03
CA VAL D 715 48.27 -2.73 -22.80
C VAL D 715 47.05 -2.47 -21.94
N ASP D 716 46.64 -1.20 -21.86
CA ASP D 716 45.52 -0.80 -21.04
C ASP D 716 44.30 -0.51 -21.91
N GLN D 717 43.13 -0.92 -21.42
CA GLN D 717 41.86 -0.68 -22.10
C GLN D 717 40.78 -0.58 -21.04
N GLU D 718 39.52 -0.63 -21.49
CA GLU D 718 38.40 -0.69 -20.55
C GLU D 718 38.38 -2.06 -19.87
N SER D 719 37.85 -2.09 -18.64
CA SER D 719 37.85 -3.30 -17.86
C SER D 719 36.78 -4.27 -18.36
N PHE D 720 37.04 -5.56 -18.14
CA PHE D 720 36.17 -6.63 -18.60
C PHE D 720 35.47 -7.30 -17.42
N ASN D 721 35.01 -6.51 -16.46
CA ASN D 721 34.26 -7.02 -15.33
C ASN D 721 32.87 -6.38 -15.29
N SER D 722 31.93 -7.11 -14.69
CA SER D 722 30.50 -6.77 -14.75
C SER D 722 30.14 -5.48 -14.04
N MET D 723 30.89 -5.10 -13.00
CA MET D 723 30.65 -3.85 -12.29
C MET D 723 30.92 -2.63 -13.15
N TYR D 724 32.03 -2.63 -13.89
CA TYR D 724 32.32 -1.53 -14.81
C TYR D 724 31.36 -1.51 -15.98
N MET D 725 30.90 -2.69 -16.41
CA MET D 725 29.92 -2.76 -17.50
C MET D 725 28.57 -2.17 -17.06
N MET D 726 28.14 -2.48 -15.84
CA MET D 726 26.87 -1.94 -15.35
C MET D 726 27.01 -0.49 -14.92
N ALA D 727 28.25 -0.04 -14.65
CA ALA D 727 28.47 1.38 -14.35
C ALA D 727 28.45 2.21 -15.63
N ASP D 728 29.07 1.72 -16.71
CA ASP D 728 29.06 2.45 -17.97
C ASP D 728 27.72 2.35 -18.70
N SER D 729 27.02 1.23 -18.56
CA SER D 729 25.70 1.11 -19.18
C SER D 729 24.67 1.94 -18.42
N GLY D 730 24.62 1.80 -17.10
CA GLY D 730 23.71 2.56 -16.29
C GLY D 730 22.25 2.19 -16.45
N ALA D 731 21.94 0.89 -16.45
CA ALA D 731 20.57 0.45 -16.64
C ALA D 731 19.72 0.75 -15.40
N ARG D 732 20.12 0.24 -14.25
CA ARG D 732 19.44 0.51 -12.99
C ARG D 732 20.49 0.81 -11.94
N GLY D 733 20.48 2.04 -11.42
CA GLY D 733 21.48 2.51 -10.50
C GLY D 733 22.38 3.55 -11.13
N SER D 734 23.27 4.08 -10.30
CA SER D 734 24.19 5.12 -10.75
C SER D 734 25.60 4.87 -10.23
N ALA D 735 26.49 5.84 -10.41
CA ALA D 735 27.87 5.72 -9.94
C ALA D 735 27.99 5.94 -8.43
N ALA D 736 26.97 6.50 -7.79
CA ALA D 736 27.00 6.73 -6.35
C ALA D 736 26.61 5.51 -5.54
N GLN D 737 26.22 4.42 -6.19
CA GLN D 737 25.77 3.23 -5.46
C GLN D 737 26.92 2.25 -5.20
N ILE D 738 27.94 2.24 -6.06
CA ILE D 738 29.07 1.33 -5.87
C ILE D 738 30.05 1.82 -4.82
N ARG D 739 29.92 3.07 -4.37
CA ARG D 739 30.73 3.54 -3.25
C ARG D 739 30.37 2.81 -1.97
N GLN D 740 29.09 2.49 -1.79
CA GLN D 740 28.68 1.68 -0.64
C GLN D 740 29.16 0.24 -0.76
N LEU D 741 29.36 -0.26 -1.98
CA LEU D 741 29.76 -1.65 -2.17
C LEU D 741 31.26 -1.83 -2.01
N ALA D 742 32.06 -0.90 -2.56
CA ALA D 742 33.50 -1.07 -2.58
C ALA D 742 34.24 -0.08 -1.69
N GLY D 743 34.03 1.22 -1.88
CA GLY D 743 34.77 2.24 -1.17
C GLY D 743 34.09 2.67 0.11
N MET D 744 34.15 3.97 0.40
CA MET D 744 33.49 4.52 1.58
C MET D 744 32.01 4.71 1.28
N ARG D 745 31.16 4.37 2.26
CA ARG D 745 29.72 4.29 2.00
C ARG D 745 29.09 5.66 1.78
N GLY D 746 29.65 6.71 2.38
CA GLY D 746 29.08 8.04 2.30
C GLY D 746 28.85 8.62 3.67
N LEU D 747 28.00 9.65 3.74
CA LEU D 747 27.72 10.31 5.00
C LEU D 747 26.23 10.44 5.25
N MET D 748 25.63 9.38 5.77
CA MET D 748 24.21 9.42 6.06
C MET D 748 23.99 10.48 7.13
N ALA D 749 22.96 11.28 6.96
CA ALA D 749 22.66 12.34 7.91
C ALA D 749 21.54 11.91 8.84
N LYS D 750 21.56 12.45 10.05
CA LYS D 750 20.53 12.12 11.03
C LYS D 750 19.18 12.65 10.57
N PRO D 751 18.09 11.95 10.89
CA PRO D 751 16.75 12.44 10.50
C PRO D 751 16.29 13.65 11.29
N ASP D 752 16.94 13.99 12.41
CA ASP D 752 16.55 15.18 13.16
C ASP D 752 16.98 16.46 12.47
N GLY D 753 18.01 16.43 11.64
CA GLY D 753 18.45 17.61 10.92
C GLY D 753 19.95 17.80 10.90
N SER D 754 20.67 16.93 11.60
CA SER D 754 22.12 17.01 11.69
C SER D 754 22.77 15.88 10.89
N ILE D 755 24.10 15.88 10.89
CA ILE D 755 24.89 14.86 10.22
C ILE D 755 25.83 14.21 11.23
N ILE D 756 26.09 12.93 11.05
CA ILE D 756 26.97 12.19 11.95
C ILE D 756 28.41 12.30 11.45
N GLU D 757 29.31 12.74 12.33
CA GLU D 757 30.68 13.05 11.93
C GLU D 757 31.54 11.82 11.73
N THR D 758 31.20 10.68 12.32
CA THR D 758 32.03 9.50 12.17
C THR D 758 31.77 8.84 10.82
N PRO D 759 32.80 8.44 10.10
CA PRO D 759 32.63 7.92 8.74
C PRO D 759 32.28 6.43 8.75
N ILE D 760 32.25 5.86 7.55
CA ILE D 760 32.13 4.42 7.38
C ILE D 760 33.50 3.89 6.98
N THR D 761 34.30 3.48 7.98
CA THR D 761 35.68 3.07 7.72
C THR D 761 35.75 1.74 6.98
N ALA D 762 34.76 0.87 7.17
CA ALA D 762 34.71 -0.39 6.45
C ALA D 762 33.80 -0.25 5.24
N ASN D 763 33.57 -1.37 4.55
CA ASN D 763 32.71 -1.40 3.37
C ASN D 763 31.89 -2.67 3.38
N PHE D 764 31.15 -2.90 2.30
CA PHE D 764 30.32 -4.09 2.18
C PHE D 764 31.13 -5.34 1.86
N ARG D 765 32.33 -5.19 1.30
CA ARG D 765 33.14 -6.36 0.97
C ARG D 765 33.85 -6.91 2.21
N GLU D 766 34.51 -6.04 2.97
CA GLU D 766 35.22 -6.48 4.17
C GLU D 766 34.25 -6.78 5.31
N GLY D 767 33.29 -5.89 5.55
CA GLY D 767 32.31 -6.11 6.59
C GLY D 767 32.21 -4.97 7.59
N LEU D 768 31.00 -4.42 7.75
CA LEU D 768 30.77 -3.30 8.66
C LEU D 768 30.68 -3.79 10.09
N ASN D 769 30.92 -2.87 11.02
CA ASN D 769 30.73 -3.12 12.44
C ASN D 769 29.32 -2.72 12.86
N VAL D 770 29.08 -2.63 14.16
CA VAL D 770 27.75 -2.29 14.67
C VAL D 770 27.48 -0.80 14.48
N LEU D 771 28.51 0.04 14.69
CA LEU D 771 28.29 1.48 14.77
C LEU D 771 28.04 2.09 13.39
N GLN D 772 28.81 1.68 12.38
CA GLN D 772 28.59 2.20 11.02
C GLN D 772 27.26 1.74 10.45
N TYR D 773 26.85 0.51 10.78
CA TYR D 773 25.53 0.05 10.39
C TYR D 773 24.44 0.80 11.15
N PHE D 774 24.72 1.23 12.38
CA PHE D 774 23.75 2.04 13.11
C PHE D 774 23.62 3.44 12.52
N ILE D 775 24.70 3.97 11.95
CA ILE D 775 24.60 5.21 11.18
C ILE D 775 23.81 4.98 9.90
N SER D 776 24.04 3.85 9.23
CA SER D 776 23.39 3.60 7.94
C SER D 776 21.90 3.32 8.08
N THR D 777 21.48 2.70 9.20
CA THR D 777 20.08 2.36 9.40
C THR D 777 19.19 3.59 9.60
N HIS D 778 19.75 4.70 10.10
CA HIS D 778 18.95 5.90 10.27
C HIS D 778 18.57 6.51 8.92
N GLY D 779 19.54 6.61 8.02
CA GLY D 779 19.26 7.04 6.66
C GLY D 779 18.40 6.03 5.89
N ALA D 780 18.56 4.74 6.20
CA ALA D 780 17.71 3.72 5.58
C ALA D 780 16.25 3.86 6.01
N ARG D 781 16.02 4.07 7.31
CA ARG D 781 14.66 4.27 7.80
C ARG D 781 14.08 5.59 7.32
N LYS D 782 14.92 6.62 7.16
CA LYS D 782 14.46 7.89 6.60
C LYS D 782 14.05 7.73 5.14
N GLY D 783 14.84 6.99 4.36
CA GLY D 783 14.48 6.73 2.97
C GLY D 783 13.25 5.86 2.84
N LEU D 784 13.07 4.91 3.76
CA LEU D 784 11.84 4.13 3.79
C LEU D 784 10.63 4.99 4.15
N ALA D 785 10.82 5.98 5.03
CA ALA D 785 9.75 6.91 5.36
C ALA D 785 9.38 7.79 4.16
N ASP D 786 10.38 8.26 3.42
CA ASP D 786 10.10 9.04 2.21
C ASP D 786 9.42 8.21 1.13
N THR D 787 9.88 6.97 0.91
CA THR D 787 9.25 6.14 -0.11
C THR D 787 7.87 5.63 0.32
N ALA D 788 7.59 5.60 1.63
CA ALA D 788 6.25 5.22 2.08
C ALA D 788 5.28 6.39 2.00
N LEU D 789 5.74 7.60 2.32
CA LEU D 789 4.85 8.76 2.31
C LEU D 789 4.71 9.39 0.94
N LYS D 790 5.66 9.16 0.02
CA LYS D 790 5.65 9.84 -1.27
C LYS D 790 4.55 9.32 -2.18
N THR D 791 4.21 8.02 -2.08
CA THR D 791 3.12 7.48 -2.88
C THR D 791 1.78 8.07 -2.47
N ALA D 792 1.53 8.15 -1.16
CA ALA D 792 0.29 8.73 -0.66
C ALA D 792 0.22 10.23 -0.95
N ASN D 793 1.36 10.94 -0.84
CA ASN D 793 1.36 12.37 -1.12
C ASN D 793 1.18 12.65 -2.61
N SER D 794 1.77 11.81 -3.48
CA SER D 794 1.60 11.98 -4.91
C SER D 794 0.18 11.67 -5.34
N GLY D 795 -0.43 10.64 -4.74
CA GLY D 795 -1.84 10.37 -5.02
C GLY D 795 -2.76 11.46 -4.54
N TYR D 796 -2.48 12.03 -3.36
CA TYR D 796 -3.29 13.09 -2.81
C TYR D 796 -3.18 14.37 -3.62
N LEU D 797 -1.99 14.65 -4.18
CA LEU D 797 -1.88 15.83 -5.02
C LEU D 797 -2.48 15.60 -6.40
N THR D 798 -2.30 14.40 -6.97
CA THR D 798 -2.80 14.17 -8.31
C THR D 798 -4.31 13.99 -8.35
N ARG D 799 -4.94 13.63 -7.22
CA ARG D 799 -6.40 13.50 -7.17
C ARG D 799 -7.12 14.83 -7.32
N ARG D 800 -6.43 15.95 -7.10
CA ARG D 800 -6.92 17.26 -7.45
C ARG D 800 -6.27 17.82 -8.71
N LEU D 801 -5.03 17.40 -8.99
CA LEU D 801 -4.28 17.92 -10.13
C LEU D 801 -4.88 17.47 -11.46
N VAL D 802 -5.33 16.22 -11.55
CA VAL D 802 -6.01 15.81 -12.78
C VAL D 802 -7.49 16.17 -12.69
N ASP D 803 -7.99 16.44 -11.49
CA ASP D 803 -9.40 16.82 -11.33
C ASP D 803 -9.66 18.22 -11.85
N VAL D 804 -8.69 19.13 -11.72
CA VAL D 804 -8.88 20.46 -12.29
C VAL D 804 -8.70 20.46 -13.80
N ALA D 805 -7.96 19.51 -14.35
CA ALA D 805 -7.62 19.48 -15.78
C ALA D 805 -8.43 18.44 -16.54
N GLN D 806 -9.70 18.27 -16.17
CA GLN D 806 -10.60 17.35 -16.85
C GLN D 806 -11.59 18.09 -17.74
N ASP D 807 -11.25 19.30 -18.15
CA ASP D 807 -12.07 20.12 -19.06
C ASP D 807 -11.19 20.77 -20.12
N LEU D 808 -10.31 19.97 -20.73
CA LEU D 808 -9.36 20.43 -21.74
C LEU D 808 -9.62 19.73 -23.07
N VAL D 809 -10.89 19.72 -23.49
CA VAL D 809 -11.24 19.05 -24.74
C VAL D 809 -10.76 19.87 -25.93
N VAL D 810 -10.72 19.21 -27.08
CA VAL D 810 -10.33 19.84 -28.35
C VAL D 810 -11.52 19.76 -29.29
N THR D 811 -11.98 20.93 -29.75
CA THR D 811 -13.11 21.01 -30.66
C THR D 811 -12.92 22.00 -31.80
N GLU D 812 -11.72 22.56 -31.96
CA GLU D 812 -11.46 23.57 -32.98
C GLU D 812 -10.13 23.25 -33.63
N ILE D 813 -10.04 23.48 -34.94
CA ILE D 813 -8.89 23.08 -35.74
C ILE D 813 -7.85 24.19 -35.82
N ASP D 814 -8.27 25.38 -36.25
CA ASP D 814 -7.34 26.49 -36.45
C ASP D 814 -8.11 27.79 -36.26
N CYS D 815 -7.82 28.51 -35.17
CA CYS D 815 -8.57 29.72 -34.84
C CYS D 815 -8.21 30.87 -35.79
N GLY D 816 -6.92 31.20 -35.87
CA GLY D 816 -6.45 32.26 -36.74
C GLY D 816 -5.81 33.43 -36.04
N THR D 817 -5.88 33.52 -34.72
CA THR D 817 -5.23 34.61 -34.00
C THR D 817 -3.72 34.39 -33.96
N GLU D 818 -3.00 35.47 -33.68
CA GLU D 818 -1.54 35.46 -33.66
C GLU D 818 -1.05 35.86 -32.27
N HIS D 819 -0.71 34.87 -31.46
CA HIS D 819 -0.14 35.09 -30.14
C HIS D 819 0.98 34.07 -29.93
N GLY D 820 1.54 34.06 -28.73
CA GLY D 820 2.61 33.13 -28.42
C GLY D 820 3.37 33.51 -27.17
N LEU D 821 4.33 32.68 -26.79
CA LEU D 821 5.13 32.92 -25.59
C LEU D 821 6.54 32.37 -25.79
N LEU D 822 7.51 33.17 -25.38
CA LEU D 822 8.92 32.87 -25.62
C LEU D 822 9.39 31.74 -24.70
N MET D 823 10.15 30.82 -25.26
CA MET D 823 10.71 29.69 -24.53
C MET D 823 12.23 29.84 -24.50
N SER D 824 12.79 29.93 -23.30
CA SER D 824 14.22 30.09 -23.12
C SER D 824 14.82 28.86 -22.44
N PRO D 825 16.00 28.43 -22.86
CA PRO D 825 16.64 27.27 -22.21
C PRO D 825 17.21 27.65 -20.85
N HIS D 826 17.33 26.64 -19.99
CA HIS D 826 17.86 26.85 -18.65
C HIS D 826 19.37 27.07 -18.73
N ILE D 827 19.79 28.31 -18.54
CA ILE D 827 21.22 28.66 -18.61
C ILE D 827 21.65 29.20 -17.25
N GLU D 828 21.00 28.75 -16.19
CA GLU D 828 21.36 29.18 -14.84
C GLU D 828 22.63 28.48 -14.39
N GLY D 829 23.45 29.21 -13.62
CA GLY D 829 24.70 28.67 -13.14
C GLY D 829 25.86 28.95 -14.07
N GLY D 830 26.85 28.06 -14.08
CA GLY D 830 28.00 28.24 -14.94
C GLY D 830 27.72 27.96 -16.39
N ASP D 831 27.15 26.79 -16.68
CA ASP D 831 26.81 26.38 -18.03
C ASP D 831 25.29 26.23 -18.14
N VAL D 832 24.85 25.79 -19.31
CA VAL D 832 23.43 25.58 -19.56
C VAL D 832 22.98 24.30 -18.88
N VAL D 833 21.80 24.34 -18.26
CA VAL D 833 21.25 23.19 -17.56
C VAL D 833 20.42 22.36 -18.53
N GLU D 834 19.39 22.98 -19.10
CA GLU D 834 18.55 22.33 -20.09
C GLU D 834 18.83 22.90 -21.47
N PRO D 835 19.08 22.06 -22.47
CA PRO D 835 19.35 22.58 -23.82
C PRO D 835 18.09 23.12 -24.48
N LEU D 836 18.29 23.84 -25.59
CA LEU D 836 17.16 24.40 -26.31
C LEU D 836 16.40 23.32 -27.08
N GLY D 837 17.10 22.36 -27.66
CA GLY D 837 16.46 21.31 -28.43
C GLY D 837 15.69 20.31 -27.59
N GLU D 838 15.98 20.24 -26.29
CA GLU D 838 15.23 19.38 -25.38
C GLU D 838 13.97 20.03 -24.84
N ARG D 839 13.67 21.26 -25.24
CA ARG D 839 12.48 21.96 -24.78
C ARG D 839 11.48 22.26 -25.88
N VAL D 840 11.92 22.39 -27.13
CA VAL D 840 11.03 22.71 -28.24
C VAL D 840 10.80 21.52 -29.16
N LEU D 841 11.17 20.31 -28.74
CA LEU D 841 10.96 19.14 -29.57
C LEU D 841 9.48 18.78 -29.58
N GLY D 842 8.96 18.47 -30.77
CA GLY D 842 7.55 18.18 -30.94
C GLY D 842 6.62 19.37 -30.93
N ARG D 843 7.13 20.58 -30.73
CA ARG D 843 6.29 21.76 -30.63
C ARG D 843 6.01 22.34 -32.01
N VAL D 844 5.12 23.33 -32.04
CA VAL D 844 4.78 24.04 -33.26
C VAL D 844 5.21 25.50 -33.10
N ILE D 845 5.48 26.15 -34.22
CA ILE D 845 5.98 27.52 -34.23
C ILE D 845 4.78 28.48 -34.31
N ALA D 846 4.86 29.58 -33.55
CA ALA D 846 3.78 30.56 -33.56
C ALA D 846 3.90 31.51 -34.74
N ARG D 847 4.99 32.27 -34.78
CA ARG D 847 5.23 33.28 -35.81
C ARG D 847 6.49 32.91 -36.58
N ASP D 848 6.90 33.80 -37.48
CA ASP D 848 8.14 33.60 -38.21
C ASP D 848 9.33 33.90 -37.32
N VAL D 849 10.38 33.08 -37.46
CA VAL D 849 11.61 33.30 -36.70
C VAL D 849 12.44 34.37 -37.38
N PHE D 850 13.23 35.09 -36.58
CA PHE D 850 14.03 36.20 -37.06
C PHE D 850 15.51 35.82 -37.00
N LYS D 851 16.14 35.72 -38.16
CA LYS D 851 17.57 35.48 -38.23
C LYS D 851 18.32 36.75 -37.81
N PRO D 852 19.56 36.62 -37.34
CA PRO D 852 20.34 37.82 -36.98
C PRO D 852 20.79 38.67 -38.16
N GLY D 853 20.53 38.27 -39.40
CA GLY D 853 20.87 39.09 -40.55
C GLY D 853 19.81 40.15 -40.83
N SER D 854 19.39 40.26 -42.09
CA SER D 854 18.40 41.24 -42.49
C SER D 854 17.42 40.60 -43.47
N ASP D 855 16.14 40.58 -43.09
CA ASP D 855 15.03 40.08 -43.91
C ASP D 855 15.24 38.62 -44.31
N GLU D 856 15.59 37.79 -43.34
CA GLU D 856 15.84 36.37 -43.55
C GLU D 856 14.86 35.58 -42.71
N VAL D 857 13.94 34.89 -43.38
CA VAL D 857 12.90 34.08 -42.72
C VAL D 857 13.12 32.63 -43.11
N ILE D 858 13.13 31.75 -42.11
CA ILE D 858 13.25 30.32 -42.39
C ILE D 858 11.97 29.79 -43.02
N VAL D 859 10.86 29.93 -42.32
CA VAL D 859 9.55 29.52 -42.84
C VAL D 859 8.47 30.43 -42.29
N PRO D 860 7.64 31.05 -43.16
CA PRO D 860 6.54 31.90 -42.70
C PRO D 860 5.25 31.12 -42.45
N ALA D 861 5.34 30.03 -41.68
CA ALA D 861 4.20 29.20 -41.39
C ALA D 861 4.43 28.47 -40.08
N GLY D 862 3.33 28.01 -39.47
CA GLY D 862 3.40 27.26 -38.24
C GLY D 862 3.55 25.77 -38.48
N THR D 863 4.74 25.35 -38.92
CA THR D 863 5.00 23.95 -39.20
C THR D 863 5.43 23.21 -37.94
N LEU D 864 5.32 21.88 -38.00
CA LEU D 864 5.68 21.04 -36.86
C LEU D 864 7.19 20.83 -36.82
N ILE D 865 7.77 20.95 -35.63
CA ILE D 865 9.20 20.75 -35.45
C ILE D 865 9.47 19.24 -35.45
N ASP D 866 10.01 18.73 -36.55
CA ASP D 866 10.31 17.33 -36.69
C ASP D 866 11.74 17.06 -36.24
N GLU D 867 12.24 15.86 -36.55
CA GLU D 867 13.60 15.47 -36.18
C GLU D 867 14.67 16.13 -37.04
N LYS D 868 14.29 16.86 -38.10
CA LYS D 868 15.24 17.62 -38.90
C LYS D 868 15.31 19.08 -38.47
N TRP D 869 14.21 19.63 -37.95
CA TRP D 869 14.20 21.03 -37.55
C TRP D 869 15.03 21.27 -36.29
N VAL D 870 15.23 20.23 -35.46
CA VAL D 870 16.01 20.41 -34.23
C VAL D 870 17.49 20.59 -34.55
N ASP D 871 18.05 19.79 -35.45
CA ASP D 871 19.43 20.04 -35.87
C ASP D 871 19.51 21.20 -36.85
N PHE D 872 18.41 21.56 -37.52
CA PHE D 872 18.41 22.78 -38.31
C PHE D 872 18.53 24.03 -37.44
N LEU D 873 17.89 24.04 -36.27
CA LEU D 873 18.06 25.17 -35.36
C LEU D 873 19.35 25.04 -34.54
N GLU D 874 19.87 23.81 -34.40
CA GLU D 874 21.17 23.64 -33.73
C GLU D 874 22.31 24.13 -34.62
N VAL D 875 22.18 23.99 -35.94
CA VAL D 875 23.18 24.55 -36.85
C VAL D 875 23.08 26.08 -36.87
N MET D 876 21.88 26.61 -36.67
CA MET D 876 21.69 28.04 -36.53
C MET D 876 22.02 28.48 -35.10
N SER D 877 21.97 29.80 -34.88
CA SER D 877 22.32 30.37 -33.60
C SER D 877 21.16 31.10 -32.93
N VAL D 878 19.93 30.72 -33.26
CA VAL D 878 18.76 31.34 -32.65
C VAL D 878 18.49 30.70 -31.29
N ASP D 879 18.12 31.54 -30.33
CA ASP D 879 17.81 31.07 -28.98
C ASP D 879 16.49 31.59 -28.43
N GLU D 880 16.01 32.76 -28.87
CA GLU D 880 14.74 33.31 -28.42
C GLU D 880 13.67 32.88 -29.40
N VAL D 881 13.07 31.72 -29.15
CA VAL D 881 12.03 31.17 -30.01
C VAL D 881 10.68 31.31 -29.31
N VAL D 882 9.65 31.52 -30.12
CA VAL D 882 8.28 31.69 -29.62
C VAL D 882 7.42 30.59 -30.22
N VAL D 883 6.86 29.74 -29.36
CA VAL D 883 5.99 28.65 -29.79
C VAL D 883 4.55 29.09 -29.58
N ARG D 884 3.65 28.40 -30.29
CA ARG D 884 2.22 28.68 -30.16
C ARG D 884 1.70 28.05 -28.87
N SER D 885 1.44 28.88 -27.89
CA SER D 885 0.98 28.38 -26.60
C SER D 885 -0.54 28.39 -26.52
N PRO D 886 -1.14 27.42 -25.84
CA PRO D 886 -2.59 27.44 -25.63
C PRO D 886 -3.02 28.38 -24.51
N ILE D 887 -2.08 29.01 -23.80
CA ILE D 887 -2.41 29.93 -22.73
C ILE D 887 -2.92 31.27 -23.24
N THR D 888 -2.76 31.56 -24.54
CA THR D 888 -3.26 32.78 -25.15
C THR D 888 -4.15 32.45 -26.34
N CYS D 889 -4.93 31.38 -26.22
CA CYS D 889 -5.83 30.96 -27.29
C CYS D 889 -7.08 31.85 -27.31
N GLU D 890 -7.81 31.77 -28.42
CA GLU D 890 -9.02 32.56 -28.61
C GLU D 890 -10.29 31.72 -28.64
N THR D 891 -10.17 30.40 -28.51
CA THR D 891 -11.34 29.53 -28.53
C THR D 891 -12.09 29.60 -27.20
N ARG D 892 -13.34 29.14 -27.24
CA ARG D 892 -14.24 29.19 -26.08
C ARG D 892 -14.50 27.77 -25.60
N HIS D 893 -14.24 27.53 -24.31
CA HIS D 893 -14.48 26.26 -23.61
C HIS D 893 -13.75 25.10 -24.27
N GLY D 894 -12.42 25.22 -24.30
CA GLY D 894 -11.59 24.18 -24.88
C GLY D 894 -10.25 24.74 -25.29
N ILE D 895 -9.53 23.93 -26.07
CA ILE D 895 -8.21 24.29 -26.58
C ILE D 895 -8.08 23.70 -27.98
N CYS D 896 -7.73 24.55 -28.95
CA CYS D 896 -7.61 24.08 -30.33
C CYS D 896 -6.35 23.25 -30.51
N ALA D 897 -6.39 22.34 -31.47
CA ALA D 897 -5.28 21.41 -31.71
C ALA D 897 -4.07 22.08 -32.37
N MET D 898 -4.23 23.29 -32.92
CA MET D 898 -3.10 23.95 -33.56
C MET D 898 -2.13 24.50 -32.53
N CYS D 899 -2.60 24.77 -31.30
CA CYS D 899 -1.73 25.21 -30.24
C CYS D 899 -0.94 24.08 -29.60
N TYR D 900 -1.52 22.89 -29.50
CA TYR D 900 -0.84 21.77 -28.87
C TYR D 900 0.21 21.17 -29.79
N GLY D 901 1.36 20.82 -29.22
CA GLY D 901 2.43 20.21 -29.97
C GLY D 901 2.21 18.73 -30.21
N ARG D 902 3.25 18.08 -30.74
CA ARG D 902 3.21 16.66 -31.07
C ARG D 902 3.76 15.79 -29.94
N ASP D 903 3.62 16.23 -28.70
CA ASP D 903 4.06 15.45 -27.54
C ASP D 903 2.93 14.48 -27.17
N LEU D 904 2.82 13.40 -27.93
CA LEU D 904 1.78 12.40 -27.69
C LEU D 904 2.37 11.03 -28.00
N ALA D 905 1.51 10.00 -27.99
CA ALA D 905 1.95 8.65 -28.31
C ALA D 905 2.32 8.51 -29.79
N ARG D 906 1.67 9.28 -30.66
CA ARG D 906 1.97 9.26 -32.09
C ARG D 906 3.14 10.18 -32.40
N GLY D 907 3.56 10.17 -33.68
CA GLY D 907 4.67 10.99 -34.12
C GLY D 907 4.25 12.21 -34.89
N HIS D 908 3.01 12.21 -35.39
CA HIS D 908 2.51 13.33 -36.17
C HIS D 908 1.83 14.34 -35.26
N ARG D 909 1.08 15.28 -35.85
CA ARG D 909 0.42 16.32 -35.08
C ARG D 909 -0.81 15.76 -34.38
N VAL D 910 -1.21 16.46 -33.30
CA VAL D 910 -2.42 16.07 -32.57
C VAL D 910 -3.66 16.44 -33.39
N ASN D 911 -4.78 15.82 -33.04
CA ASN D 911 -6.01 16.03 -33.77
C ASN D 911 -7.16 16.43 -32.85
N ILE D 912 -8.37 16.48 -33.40
CA ILE D 912 -9.53 17.01 -32.68
C ILE D 912 -10.13 15.90 -31.84
N GLY D 913 -10.29 16.17 -30.54
CA GLY D 913 -10.90 15.24 -29.61
C GLY D 913 -9.98 14.69 -28.55
N GLU D 914 -8.69 15.03 -28.59
CA GLU D 914 -7.73 14.49 -27.64
C GLU D 914 -7.87 15.21 -26.31
N ALA D 915 -8.07 14.46 -25.24
CA ALA D 915 -8.07 15.03 -23.89
C ALA D 915 -6.64 15.34 -23.48
N VAL D 916 -6.18 16.56 -23.74
CA VAL D 916 -4.77 16.91 -23.54
C VAL D 916 -4.44 17.25 -22.10
N GLY D 917 -5.44 17.44 -21.24
CA GLY D 917 -5.16 17.83 -19.87
C GLY D 917 -4.85 16.68 -18.94
N VAL D 918 -5.46 15.51 -19.16
CA VAL D 918 -5.26 14.39 -18.26
C VAL D 918 -3.86 13.80 -18.42
N ILE D 919 -3.34 13.77 -19.65
CA ILE D 919 -1.95 13.36 -19.85
C ILE D 919 -0.99 14.42 -19.33
N ALA D 920 -1.40 15.69 -19.39
CA ALA D 920 -0.58 16.79 -18.86
C ALA D 920 -0.46 16.70 -17.36
N ALA D 921 -1.51 16.26 -16.68
CA ALA D 921 -1.43 16.06 -15.23
C ALA D 921 -0.79 14.74 -14.87
N GLN D 922 -0.92 13.72 -15.72
CA GLN D 922 -0.35 12.42 -15.43
C GLN D 922 1.17 12.43 -15.59
N SER D 923 1.69 13.27 -16.51
CA SER D 923 3.13 13.41 -16.65
C SER D 923 3.78 14.10 -15.45
N ILE D 924 3.01 14.81 -14.63
CA ILE D 924 3.50 15.35 -13.37
C ILE D 924 3.25 14.37 -12.22
N GLY D 925 2.10 13.70 -12.24
CA GLY D 925 1.78 12.76 -11.17
C GLY D 925 2.55 11.46 -11.21
N GLU D 926 3.15 11.11 -12.36
CA GLU D 926 3.90 9.86 -12.44
C GLU D 926 5.24 9.89 -11.69
N PRO D 927 6.18 10.87 -11.91
CA PRO D 927 7.46 10.76 -11.20
C PRO D 927 7.43 11.36 -9.80
N GLY D 928 6.25 11.62 -9.25
CA GLY D 928 6.11 12.16 -7.92
C GLY D 928 6.49 11.21 -6.80
N THR D 929 6.61 9.92 -7.09
CA THR D 929 7.04 8.94 -6.09
C THR D 929 8.55 8.78 -6.02
N GLN D 930 9.29 9.31 -6.99
CA GLN D 930 10.73 9.15 -7.04
C GLN D 930 11.49 10.26 -6.35
N LEU D 931 10.82 11.34 -5.95
CA LEU D 931 11.49 12.45 -5.30
C LEU D 931 11.76 12.13 -3.83
N THR D 932 12.48 13.04 -3.17
CA THR D 932 12.82 12.89 -1.77
C THR D 932 11.66 13.31 -0.87
N ALA D 947 27.79 32.66 -0.91
CA ALA D 947 26.56 32.81 -1.69
C ALA D 947 26.55 34.15 -2.40
N ALA D 948 26.66 34.09 -3.75
CA ALA D 948 26.65 35.25 -4.64
C ALA D 948 27.74 36.26 -4.29
N ASP D 949 28.93 35.75 -3.94
CA ASP D 949 30.04 36.64 -3.59
C ASP D 949 30.74 37.19 -4.82
N ASN D 950 30.85 36.37 -5.87
CA ASN D 950 31.49 36.80 -7.11
C ASN D 950 30.90 36.01 -8.27
N VAL D 951 30.68 36.70 -9.39
CA VAL D 951 30.11 36.09 -10.59
C VAL D 951 31.26 35.73 -11.52
N GLN D 952 31.46 34.43 -11.74
CA GLN D 952 32.51 33.93 -12.61
C GLN D 952 31.90 33.12 -13.75
N VAL D 953 32.49 33.22 -14.92
CA VAL D 953 32.02 32.49 -16.09
C VAL D 953 32.70 31.14 -16.15
N LYS D 954 32.11 30.21 -16.91
CA LYS D 954 32.65 28.87 -17.09
C LYS D 954 33.32 28.68 -18.45
N ASN D 955 32.64 29.06 -19.52
CA ASN D 955 33.16 28.94 -20.87
C ASN D 955 33.42 30.33 -21.45
N GLY D 956 34.21 30.36 -22.52
CA GLY D 956 34.54 31.60 -23.17
C GLY D 956 33.41 32.08 -24.06
N GLY D 957 32.84 33.24 -23.74
CA GLY D 957 31.74 33.77 -24.52
C GLY D 957 31.66 35.27 -24.38
N THR D 958 30.94 35.88 -25.34
CA THR D 958 30.77 37.32 -25.34
C THR D 958 29.69 37.74 -24.34
N ILE D 959 29.80 38.97 -23.86
CA ILE D 959 28.87 39.52 -22.89
C ILE D 959 27.75 40.26 -23.63
N ARG D 960 26.51 40.03 -23.19
CA ARG D 960 25.34 40.66 -23.80
C ARG D 960 24.50 41.29 -22.70
N LEU D 961 24.33 42.61 -22.78
CA LEU D 961 23.51 43.33 -21.81
C LEU D 961 22.04 43.21 -22.19
N HIS D 962 21.20 42.89 -21.20
CA HIS D 962 19.77 42.67 -21.43
C HIS D 962 18.98 43.40 -20.35
N ASN D 963 18.39 44.54 -20.73
CA ASN D 963 17.48 45.33 -19.89
C ASN D 963 18.14 45.79 -18.59
N LEU D 964 19.23 46.53 -18.75
CA LEU D 964 19.98 47.04 -17.62
C LEU D 964 20.45 48.45 -17.91
N LYS D 965 20.26 49.35 -16.94
CA LYS D 965 20.68 50.74 -17.05
C LYS D 965 21.93 50.93 -16.20
N HIS D 966 23.07 51.15 -16.85
CA HIS D 966 24.35 51.32 -16.17
C HIS D 966 25.02 52.59 -16.65
N VAL D 967 25.95 53.09 -15.83
CA VAL D 967 26.70 54.30 -16.13
C VAL D 967 28.18 54.01 -15.99
N VAL D 968 28.99 54.60 -16.87
CA VAL D 968 30.43 54.40 -16.85
C VAL D 968 31.04 55.26 -15.74
N ARG D 969 32.14 54.79 -15.16
CA ARG D 969 32.84 55.50 -14.11
C ARG D 969 34.08 56.20 -14.67
N ALA D 970 34.68 57.05 -13.84
CA ALA D 970 35.86 57.79 -14.26
C ALA D 970 37.10 56.90 -14.28
N ASP D 971 37.14 55.87 -13.43
CA ASP D 971 38.29 54.97 -13.40
C ASP D 971 38.23 53.91 -14.49
N GLY D 972 37.07 53.71 -15.10
CA GLY D 972 36.91 52.72 -16.16
C GLY D 972 35.95 51.60 -15.84
N ALA D 973 35.47 51.49 -14.61
CA ALA D 973 34.53 50.44 -14.24
C ALA D 973 33.12 50.80 -14.69
N LEU D 974 32.24 49.80 -14.63
CA LEU D 974 30.84 49.97 -15.00
C LEU D 974 29.97 49.66 -13.80
N VAL D 975 29.18 50.63 -13.36
CA VAL D 975 28.30 50.49 -12.20
C VAL D 975 26.87 50.44 -12.70
N ALA D 976 26.15 49.38 -12.34
CA ALA D 976 24.77 49.20 -12.73
C ALA D 976 23.85 49.57 -11.59
N VAL D 977 22.91 50.47 -11.84
CA VAL D 977 21.94 50.91 -10.84
C VAL D 977 20.60 50.22 -11.00
N SER D 978 20.44 49.34 -11.99
CA SER D 978 19.20 48.62 -12.20
C SER D 978 19.39 47.17 -11.77
N ARG D 979 18.55 46.71 -10.85
CA ARG D 979 18.62 45.35 -10.34
C ARG D 979 17.81 44.37 -11.16
N SER D 980 17.11 44.82 -12.20
CA SER D 980 16.39 43.96 -13.11
C SER D 980 17.26 43.44 -14.24
N GLY D 981 18.51 43.88 -14.33
CA GLY D 981 19.38 43.46 -15.40
C GLY D 981 19.95 42.07 -15.17
N GLU D 982 20.11 41.34 -16.27
CA GLU D 982 20.66 40.00 -16.23
C GLU D 982 21.88 39.92 -17.14
N LEU D 983 22.87 39.15 -16.70
CA LEU D 983 24.11 38.97 -17.44
C LEU D 983 23.96 37.75 -18.34
N ALA D 984 23.87 37.97 -19.64
CA ALA D 984 23.70 36.90 -20.63
C ALA D 984 25.02 36.71 -21.36
N VAL D 985 25.60 35.52 -21.25
CA VAL D 985 26.87 35.19 -21.87
C VAL D 985 26.55 34.53 -23.21
N ALA D 986 26.67 35.31 -24.29
CA ALA D 986 26.44 34.80 -25.63
C ALA D 986 27.72 34.15 -26.17
N ASP D 987 27.52 33.10 -26.96
CA ASP D 987 28.64 32.35 -27.50
C ASP D 987 29.23 33.05 -28.73
N ASP D 988 30.14 32.36 -29.41
CA ASP D 988 30.78 32.92 -30.60
C ASP D 988 29.84 32.99 -31.79
N PHE D 989 28.82 32.14 -31.84
CA PHE D 989 27.85 32.19 -32.92
C PHE D 989 26.76 33.23 -32.67
N GLY D 990 26.43 33.47 -31.40
CA GLY D 990 25.42 34.45 -31.05
C GLY D 990 24.34 33.89 -30.16
N ARG D 991 24.51 32.65 -29.71
CA ARG D 991 23.54 31.98 -28.86
C ARG D 991 23.96 32.08 -27.40
N GLU D 992 22.97 32.22 -26.53
CA GLU D 992 23.18 32.38 -25.10
C GLU D 992 23.30 31.02 -24.44
N ARG D 993 24.47 30.73 -23.87
CA ARG D 993 24.72 29.48 -23.19
C ARG D 993 24.85 29.62 -21.68
N GLU D 994 24.93 30.84 -21.16
CA GLU D 994 25.04 31.06 -19.72
C GLU D 994 24.33 32.35 -19.37
N ARG D 995 23.48 32.30 -18.35
CA ARG D 995 22.72 33.46 -17.89
C ARG D 995 22.96 33.66 -16.40
N TYR D 996 23.13 34.92 -16.00
CA TYR D 996 23.38 35.26 -14.61
C TYR D 996 22.45 36.38 -14.18
N LYS D 997 22.26 36.51 -12.87
CA LYS D 997 21.43 37.56 -12.29
C LYS D 997 22.33 38.62 -11.66
N LEU D 998 22.07 39.88 -11.98
CA LEU D 998 22.87 40.99 -11.50
C LEU D 998 22.06 41.86 -10.56
N PRO D 999 22.45 41.99 -9.30
CA PRO D 999 21.72 42.86 -8.37
C PRO D 999 22.09 44.32 -8.57
N TYR D 1000 21.49 45.17 -7.74
CA TYR D 1000 21.76 46.60 -7.78
C TYR D 1000 23.11 46.91 -7.15
N GLY D 1001 23.77 47.93 -7.68
CA GLY D 1001 25.06 48.34 -7.15
C GLY D 1001 26.21 47.42 -7.47
N ALA D 1002 26.08 46.60 -8.51
CA ALA D 1002 27.14 45.67 -8.89
C ALA D 1002 28.15 46.37 -9.80
N VAL D 1003 29.37 45.84 -9.80
CA VAL D 1003 30.47 46.36 -10.60
C VAL D 1003 30.73 45.42 -11.75
N ILE D 1004 30.85 45.97 -12.96
CA ILE D 1004 31.11 45.19 -14.16
C ILE D 1004 32.50 45.58 -14.65
N SER D 1005 33.47 44.70 -14.47
CA SER D 1005 34.84 44.98 -14.87
C SER D 1005 35.02 44.90 -16.38
N VAL D 1006 34.34 43.96 -17.04
CA VAL D 1006 34.46 43.81 -18.49
C VAL D 1006 33.48 44.75 -19.17
N LYS D 1007 33.84 45.15 -20.39
CA LYS D 1007 33.02 46.05 -21.20
C LYS D 1007 32.25 45.26 -22.24
N GLU D 1008 31.13 45.83 -22.69
CA GLU D 1008 30.29 45.20 -23.69
C GLU D 1008 30.96 45.28 -25.06
N GLY D 1009 30.84 44.19 -25.82
CA GLY D 1009 31.44 44.13 -27.15
C GLY D 1009 32.93 43.94 -27.10
N ASP D 1010 33.39 42.97 -26.31
CA ASP D 1010 34.82 42.71 -26.19
C ASP D 1010 35.13 41.25 -26.48
N LYS D 1011 36.38 40.85 -26.25
CA LYS D 1011 36.79 39.48 -26.51
C LYS D 1011 36.30 38.55 -25.40
N VAL D 1012 36.28 37.25 -25.71
CA VAL D 1012 35.82 36.26 -24.74
C VAL D 1012 36.98 35.86 -23.83
N ASP D 1013 36.63 35.37 -22.65
CA ASP D 1013 37.61 34.93 -21.67
C ASP D 1013 37.03 33.83 -20.79
N PRO D 1014 37.66 32.65 -20.75
CA PRO D 1014 37.11 31.56 -19.92
C PRO D 1014 37.61 31.61 -18.49
N GLY D 1015 36.68 31.57 -17.54
CA GLY D 1015 37.04 31.60 -16.13
C GLY D 1015 37.34 32.97 -15.56
N ALA D 1016 37.21 34.03 -16.35
CA ALA D 1016 37.49 35.36 -15.87
C ALA D 1016 36.31 35.91 -15.06
N ILE D 1017 36.55 37.03 -14.40
CA ILE D 1017 35.54 37.69 -13.57
C ILE D 1017 34.92 38.82 -14.39
N VAL D 1018 33.62 38.73 -14.62
CA VAL D 1018 32.90 39.73 -15.39
C VAL D 1018 32.09 40.67 -14.50
N ALA D 1019 31.50 40.17 -13.42
CA ALA D 1019 30.71 40.99 -12.52
C ALA D 1019 31.07 40.64 -11.08
N LYS D 1020 31.04 41.64 -10.21
CA LYS D 1020 31.39 41.46 -8.81
C LYS D 1020 30.47 42.29 -7.95
N TRP D 1021 29.79 41.64 -7.00
CA TRP D 1021 28.87 42.32 -6.10
C TRP D 1021 28.97 41.69 -4.72
N ASP D 1022 28.84 42.55 -3.70
CA ASP D 1022 28.91 42.09 -2.32
C ASP D 1022 27.50 41.83 -1.81
N PRO D 1023 27.26 40.60 -1.34
CA PRO D 1023 26.01 40.34 -0.62
C PRO D 1023 26.20 40.88 0.83
N HIS D 1024 27.46 41.08 1.23
CA HIS D 1024 27.84 41.77 2.46
C HIS D 1024 27.50 43.27 2.45
N THR D 1025 28.46 44.14 2.11
CA THR D 1025 28.11 45.56 2.10
C THR D 1025 27.29 45.89 0.85
N HIS D 1026 26.60 47.03 0.91
CA HIS D 1026 25.81 47.54 -0.20
C HIS D 1026 26.25 48.95 -0.53
N PRO D 1027 27.00 49.17 -1.61
CA PRO D 1027 27.46 50.52 -1.93
C PRO D 1027 26.34 51.38 -2.52
N ILE D 1028 26.58 52.69 -2.50
CA ILE D 1028 25.65 53.68 -3.03
C ILE D 1028 26.42 54.50 -4.06
N VAL D 1029 26.30 54.13 -5.33
CA VAL D 1029 26.98 54.84 -6.41
C VAL D 1029 26.25 56.13 -6.72
N THR D 1030 26.99 57.13 -7.19
CA THR D 1030 26.45 58.43 -7.54
C THR D 1030 26.47 58.62 -9.05
N GLU D 1031 25.73 59.63 -9.51
CA GLU D 1031 25.64 59.94 -10.93
C GLU D 1031 26.33 61.24 -11.32
N VAL D 1032 26.35 62.23 -10.44
CA VAL D 1032 26.99 63.51 -10.71
C VAL D 1032 28.23 63.64 -9.85
N ASP D 1033 29.02 64.67 -10.13
CA ASP D 1033 30.25 64.97 -9.40
C ASP D 1033 30.13 66.33 -8.72
N GLY D 1034 31.18 66.69 -7.99
CA GLY D 1034 31.23 67.95 -7.27
C GLY D 1034 31.27 67.75 -5.78
N THR D 1035 31.17 68.86 -5.06
CA THR D 1035 31.20 68.83 -3.60
C THR D 1035 29.86 68.37 -3.05
N VAL D 1036 29.90 67.73 -1.89
CA VAL D 1036 28.70 67.22 -1.22
C VAL D 1036 28.43 68.08 0.01
N ALA D 1037 27.17 68.09 0.43
CA ALA D 1037 26.75 68.85 1.60
C ALA D 1037 25.63 68.10 2.29
N PHE D 1038 25.86 67.70 3.55
CA PHE D 1038 24.86 66.97 4.31
C PHE D 1038 23.82 67.96 4.86
N VAL D 1039 22.57 67.77 4.47
CA VAL D 1039 21.46 68.63 4.89
C VAL D 1039 20.54 67.82 5.78
N GLY D 1040 20.29 68.32 6.99
CA GLY D 1040 19.44 67.62 7.93
C GLY D 1040 20.15 66.58 8.76
N MET D 1041 21.38 66.85 9.18
CA MET D 1041 22.18 65.94 9.99
C MET D 1041 22.44 66.59 11.34
N GLU D 1042 22.02 65.92 12.41
CA GLU D 1042 22.20 66.41 13.77
C GLU D 1042 23.06 65.43 14.55
N GLU D 1043 24.10 65.95 15.22
CA GLU D 1043 25.01 65.14 16.00
C GLU D 1043 24.33 64.78 17.32
N GLY D 1044 23.58 63.67 17.30
CA GLY D 1044 22.88 63.22 18.49
C GLY D 1044 21.49 62.69 18.17
N ILE D 1045 20.92 63.13 17.06
CA ILE D 1045 19.60 62.71 16.63
C ILE D 1045 19.67 61.89 15.34
N THR D 1046 20.43 62.38 14.35
CA THR D 1046 20.59 61.69 13.08
C THR D 1046 21.94 60.99 12.96
N VAL D 1047 23.03 61.71 13.20
CA VAL D 1047 24.37 61.15 13.12
C VAL D 1047 25.01 61.15 14.51
N LYS D 1048 26.11 60.43 14.64
CA LYS D 1048 26.83 60.35 15.90
C LYS D 1048 28.30 60.11 15.61
N ARG D 1049 29.17 60.90 16.26
CA ARG D 1049 30.60 60.78 16.07
C ARG D 1049 31.11 59.56 16.84
N GLN D 1050 31.24 58.43 16.15
CA GLN D 1050 31.71 57.20 16.74
C GLN D 1050 33.18 56.99 16.41
N THR D 1051 33.98 56.73 17.44
CA THR D 1051 35.42 56.52 17.31
C THR D 1051 35.77 55.17 17.88
N ASP D 1052 36.42 54.33 17.08
CA ASP D 1052 36.81 53.00 17.50
C ASP D 1052 38.09 53.06 18.33
N GLU D 1053 38.56 51.89 18.77
CA GLU D 1053 39.76 51.82 19.59
C GLU D 1053 41.01 51.93 18.73
N LEU D 1054 41.99 52.70 19.23
CA LEU D 1054 43.29 52.93 18.58
C LEU D 1054 43.14 53.53 17.19
N THR D 1055 42.19 54.49 17.07
CA THR D 1055 41.88 55.21 15.82
C THR D 1055 41.53 54.26 14.68
N GLY D 1056 40.75 53.22 14.99
CA GLY D 1056 40.37 52.26 13.98
C GLY D 1056 39.28 52.72 13.02
N LEU D 1057 38.46 53.67 13.44
CA LEU D 1057 37.38 54.18 12.60
C LEU D 1057 37.08 55.61 13.02
N THR D 1058 37.18 56.54 12.08
CA THR D 1058 36.88 57.96 12.32
C THR D 1058 35.99 58.43 11.17
N ASN D 1059 34.68 58.27 11.34
CA ASN D 1059 33.71 58.65 10.34
C ASN D 1059 32.47 59.18 11.05
N ILE D 1060 31.39 59.36 10.30
CA ILE D 1060 30.11 59.83 10.83
C ILE D 1060 29.16 58.64 10.84
N GLU D 1061 28.86 58.13 12.03
CA GLU D 1061 27.98 57.00 12.19
C GLU D 1061 26.54 57.49 12.37
N VAL D 1062 25.64 57.03 11.50
CA VAL D 1062 24.25 57.43 11.58
C VAL D 1062 23.55 56.66 12.70
N MET D 1063 22.40 57.18 13.12
CA MET D 1063 21.62 56.58 14.19
C MET D 1063 20.46 55.77 13.61
N ASP D 1064 19.94 54.86 14.41
CA ASP D 1064 18.83 54.02 14.01
C ASP D 1064 17.53 54.79 14.09
N PRO D 1065 16.45 54.27 13.50
CA PRO D 1065 15.17 54.97 13.55
C PRO D 1065 14.49 54.84 14.90
N LYS D 1066 14.79 53.75 15.61
CA LYS D 1066 14.21 53.51 16.93
C LYS D 1066 15.07 54.08 18.05
N ASP D 1067 16.38 54.16 17.84
CA ASP D 1067 17.29 54.68 18.86
C ASP D 1067 17.45 56.20 18.80
N ARG D 1068 16.81 56.85 17.84
CA ARG D 1068 16.91 58.30 17.70
C ARG D 1068 15.98 58.99 18.70
N PRO D 1069 16.08 60.30 18.83
CA PRO D 1069 15.22 61.04 19.75
C PRO D 1069 13.85 61.30 19.14
N ALA D 1070 12.97 61.89 19.94
CA ALA D 1070 11.62 62.21 19.47
C ALA D 1070 11.60 63.39 18.52
N ALA D 1071 12.57 64.31 18.66
CA ALA D 1071 12.62 65.46 17.77
C ALA D 1071 13.23 65.12 16.42
N GLY D 1072 14.22 64.21 16.39
CA GLY D 1072 14.84 63.82 15.14
C GLY D 1072 14.32 62.52 14.60
N LYS D 1073 13.10 62.14 15.00
CA LYS D 1073 12.51 60.90 14.51
C LYS D 1073 11.98 61.05 13.09
N ASP D 1074 11.33 62.17 12.80
CA ASP D 1074 10.80 62.44 11.47
C ASP D 1074 11.80 63.14 10.55
N ILE D 1075 12.97 63.49 11.07
CA ILE D 1075 13.99 64.15 10.27
C ILE D 1075 14.78 63.11 9.48
N ARG D 1076 15.02 63.39 8.20
CA ARG D 1076 15.75 62.49 7.32
C ARG D 1076 16.90 63.27 6.69
N PRO D 1077 18.15 62.85 6.87
CA PRO D 1077 19.26 63.55 6.24
C PRO D 1077 19.32 63.29 4.75
N ALA D 1078 19.93 64.24 4.03
CA ALA D 1078 20.06 64.14 2.58
C ALA D 1078 21.34 64.88 2.17
N VAL D 1079 22.31 64.12 1.67
CA VAL D 1079 23.58 64.68 1.22
C VAL D 1079 23.34 65.35 -0.13
N LYS D 1080 23.25 66.67 -0.13
CA LYS D 1080 23.02 67.43 -1.36
C LYS D 1080 24.33 67.54 -2.14
N LEU D 1081 24.26 67.26 -3.43
CA LEU D 1081 25.42 67.32 -4.33
C LEU D 1081 25.31 68.57 -5.18
N ILE D 1082 26.33 69.43 -5.11
CA ILE D 1082 26.38 70.67 -5.86
C ILE D 1082 27.77 70.81 -6.47
N ASP D 1083 27.97 71.91 -7.19
CA ASP D 1083 29.26 72.17 -7.83
C ASP D 1083 30.25 72.75 -6.83
N ALA D 1084 31.51 72.84 -7.27
CA ALA D 1084 32.56 73.38 -6.40
C ALA D 1084 32.50 74.89 -6.31
N ALA D 1085 31.98 75.56 -7.33
CA ALA D 1085 31.89 77.02 -7.31
C ALA D 1085 30.68 77.52 -6.53
N GLY D 1086 29.71 76.65 -6.25
CA GLY D 1086 28.51 77.04 -5.51
C GLY D 1086 27.23 76.94 -6.30
N LYS D 1087 27.25 76.49 -7.55
CA LYS D 1087 26.03 76.38 -8.34
C LYS D 1087 25.30 75.08 -8.04
N ASP D 1088 24.00 75.10 -8.20
CA ASP D 1088 23.17 73.91 -7.94
C ASP D 1088 23.29 72.93 -9.10
N LEU D 1089 23.64 71.70 -8.78
CA LEU D 1089 23.81 70.64 -9.77
C LEU D 1089 22.65 69.64 -9.65
N LEU D 1090 22.01 69.36 -10.77
CA LEU D 1090 20.88 68.43 -10.82
C LEU D 1090 21.15 67.35 -11.86
N LEU D 1091 20.59 66.17 -11.62
CA LEU D 1091 20.75 65.06 -12.54
C LEU D 1091 19.85 65.24 -13.75
N PRO D 1092 20.30 64.85 -14.95
CA PRO D 1092 19.44 64.98 -16.14
C PRO D 1092 18.31 63.96 -16.13
N GLY D 1093 17.15 64.39 -16.62
CA GLY D 1093 15.99 63.54 -16.67
C GLY D 1093 14.90 63.93 -15.69
N THR D 1094 15.31 64.32 -14.48
CA THR D 1094 14.39 64.75 -13.44
C THR D 1094 14.69 66.18 -13.04
N ASP D 1095 13.67 66.86 -12.49
CA ASP D 1095 13.84 68.24 -12.05
C ASP D 1095 14.49 68.35 -10.69
N VAL D 1096 14.41 67.31 -9.86
CA VAL D 1096 15.00 67.33 -8.53
C VAL D 1096 16.51 67.09 -8.65
N PRO D 1097 17.32 67.64 -7.75
CA PRO D 1097 18.77 67.35 -7.80
C PRO D 1097 19.07 65.94 -7.30
N ALA D 1098 20.28 65.49 -7.64
CA ALA D 1098 20.73 64.15 -7.25
C ALA D 1098 21.27 64.21 -5.83
N GLN D 1099 20.33 64.20 -4.87
CA GLN D 1099 20.65 64.23 -3.45
C GLN D 1099 20.42 62.84 -2.87
N TYR D 1100 21.46 62.27 -2.26
CA TYR D 1100 21.38 60.94 -1.68
C TYR D 1100 21.05 61.05 -0.20
N PHE D 1101 20.08 60.25 0.24
CA PHE D 1101 19.69 60.26 1.64
C PHE D 1101 20.65 59.42 2.48
N LEU D 1102 20.57 59.62 3.79
CA LEU D 1102 21.43 58.90 4.74
C LEU D 1102 20.58 57.96 5.59
N PRO D 1103 20.55 56.67 5.29
CA PRO D 1103 19.75 55.73 6.09
C PRO D 1103 20.50 55.33 7.36
N ALA D 1104 19.86 54.45 8.13
CA ALA D 1104 20.45 53.99 9.38
C ALA D 1104 21.56 52.97 9.11
N ASN D 1105 22.45 52.85 10.10
CA ASN D 1105 23.60 51.93 10.09
C ASN D 1105 24.51 52.16 8.90
N ALA D 1106 24.75 53.43 8.57
CA ALA D 1106 25.61 53.82 7.47
C ALA D 1106 26.83 54.57 7.99
N LEU D 1107 27.90 54.53 7.20
CA LEU D 1107 29.15 55.20 7.54
C LEU D 1107 29.64 55.97 6.32
N VAL D 1108 29.82 57.28 6.48
CA VAL D 1108 30.26 58.14 5.38
C VAL D 1108 31.78 58.07 5.29
N ASN D 1109 32.28 57.63 4.13
CA ASN D 1109 33.72 57.53 3.94
C ASN D 1109 34.35 58.90 3.68
N LEU D 1110 33.71 59.72 2.86
CA LEU D 1110 34.20 61.05 2.54
C LEU D 1110 33.43 62.10 3.33
N THR D 1111 34.15 63.11 3.81
CA THR D 1111 33.54 64.18 4.59
C THR D 1111 32.80 65.16 3.68
N ASP D 1112 31.97 65.99 4.29
CA ASP D 1112 31.21 66.99 3.56
C ASP D 1112 32.11 68.14 3.14
N GLY D 1113 31.92 68.63 1.92
CA GLY D 1113 32.71 69.71 1.39
C GLY D 1113 33.88 69.30 0.52
N ALA D 1114 34.02 68.02 0.20
CA ALA D 1114 35.09 67.52 -0.63
C ALA D 1114 34.55 67.10 -2.00
N LYS D 1115 35.40 67.20 -3.01
CA LYS D 1115 35.01 66.84 -4.37
C LYS D 1115 34.97 65.32 -4.51
N VAL D 1116 33.78 64.78 -4.75
CA VAL D 1116 33.57 63.35 -4.91
C VAL D 1116 33.18 63.08 -6.36
N SER D 1117 33.79 62.06 -6.95
CA SER D 1117 33.51 61.71 -8.34
C SER D 1117 32.21 60.91 -8.44
N ILE D 1118 31.75 60.74 -9.67
CA ILE D 1118 30.52 60.01 -9.93
C ILE D 1118 30.81 58.51 -9.88
N GLY D 1119 29.90 57.75 -9.27
CA GLY D 1119 30.04 56.32 -9.16
C GLY D 1119 30.79 55.83 -7.94
N ASP D 1120 31.26 56.74 -7.08
CA ASP D 1120 31.99 56.34 -5.89
C ASP D 1120 31.04 55.84 -4.81
N VAL D 1121 31.55 54.98 -3.95
CA VAL D 1121 30.77 54.42 -2.84
C VAL D 1121 30.63 55.51 -1.77
N VAL D 1122 29.40 55.99 -1.57
CA VAL D 1122 29.18 57.05 -0.59
C VAL D 1122 29.12 56.47 0.83
N ALA D 1123 28.43 55.35 1.00
CA ALA D 1123 28.28 54.73 2.31
C ALA D 1123 28.33 53.21 2.16
N ARG D 1124 28.41 52.53 3.30
CA ARG D 1124 28.46 51.07 3.34
C ARG D 1124 27.31 50.58 4.22
N ILE D 1125 26.38 49.84 3.63
CA ILE D 1125 25.21 49.31 4.32
C ILE D 1125 25.33 47.79 4.34
N PRO D 1126 25.38 47.17 5.52
CA PRO D 1126 25.49 45.70 5.57
C PRO D 1126 24.17 45.02 5.24
N GLN D 1127 24.28 43.84 4.64
CA GLN D 1127 23.11 43.06 4.24
C GLN D 1127 22.99 41.80 5.09
N THR D 1136 10.89 24.26 0.90
CA THR D 1136 12.17 23.58 0.83
C THR D 1136 12.43 23.00 -0.55
N GLY D 1137 11.90 21.80 -0.80
CA GLY D 1137 12.07 21.14 -2.07
C GLY D 1137 11.42 19.78 -2.13
N GLY D 1138 10.75 19.49 -3.24
CA GLY D 1138 10.10 18.20 -3.42
C GLY D 1138 8.59 18.22 -3.39
N LEU D 1139 8.03 17.42 -2.50
CA LEU D 1139 6.57 17.30 -2.36
C LEU D 1139 5.87 18.61 -1.98
N PRO D 1140 6.28 19.23 -0.87
CA PRO D 1140 5.62 20.46 -0.40
C PRO D 1140 5.92 21.65 -1.29
N ARG D 1141 7.08 21.67 -1.95
CA ARG D 1141 7.37 22.75 -2.89
C ARG D 1141 6.48 22.68 -4.12
N VAL D 1142 6.28 21.48 -4.67
CA VAL D 1142 5.42 21.36 -5.84
C VAL D 1142 3.96 21.54 -5.44
N ALA D 1143 3.59 21.21 -4.20
CA ALA D 1143 2.25 21.49 -3.72
C ALA D 1143 2.03 22.99 -3.54
N ASP D 1144 3.05 23.71 -3.06
CA ASP D 1144 2.92 25.15 -2.88
C ASP D 1144 2.90 25.89 -4.22
N LEU D 1145 3.60 25.38 -5.23
CA LEU D 1145 3.52 26.04 -6.53
C LEU D 1145 2.29 25.61 -7.32
N PHE D 1146 1.67 24.48 -6.98
CA PHE D 1146 0.43 24.11 -7.64
C PHE D 1146 -0.79 24.72 -6.97
N GLU D 1147 -0.71 25.02 -5.67
CA GLU D 1147 -1.81 25.63 -4.95
C GLU D 1147 -1.92 27.13 -5.22
N ALA D 1148 -0.88 27.73 -5.81
CA ALA D 1148 -0.75 29.16 -6.08
C ALA D 1148 -0.93 30.01 -4.82
N ARG D 1149 -0.49 29.51 -3.68
CA ARG D 1149 -0.67 30.23 -2.43
C ARG D 1149 0.64 30.81 -1.94
N ARG D 1150 0.54 31.85 -1.11
CA ARG D 1150 1.70 32.56 -0.58
C ARG D 1150 2.42 31.70 0.45
N PRO D 1151 3.74 31.78 0.52
CA PRO D 1151 4.50 31.02 1.52
C PRO D 1151 4.48 31.72 2.87
N LYS D 1152 5.27 31.17 3.80
CA LYS D 1152 5.38 31.76 5.14
C LYS D 1152 6.10 33.11 5.10
N GLU D 1153 6.96 33.32 4.12
CA GLU D 1153 7.62 34.62 3.91
C GLU D 1153 7.64 34.96 2.42
N PRO D 1154 6.72 35.80 1.97
CA PRO D 1154 6.67 36.15 0.54
C PRO D 1154 7.61 37.31 0.22
N SER D 1155 7.78 37.53 -1.08
CA SER D 1155 8.58 38.63 -1.60
C SER D 1155 7.66 39.75 -2.06
N ILE D 1156 7.89 40.96 -1.58
CA ILE D 1156 7.07 42.12 -1.94
C ILE D 1156 7.81 42.90 -3.02
N LEU D 1157 7.13 43.21 -4.11
CA LEU D 1157 7.69 43.94 -5.24
C LEU D 1157 7.02 45.29 -5.38
N ALA D 1158 7.71 46.20 -6.08
CA ALA D 1158 7.19 47.54 -6.32
C ALA D 1158 6.09 47.50 -7.37
N GLU D 1159 5.10 48.39 -7.19
CA GLU D 1159 3.87 48.30 -7.98
C GLU D 1159 4.05 48.74 -9.43
N ILE D 1160 4.43 49.99 -9.64
CA ILE D 1160 4.53 50.55 -10.99
C ILE D 1160 6.00 50.84 -11.26
N SER D 1161 6.44 50.54 -12.49
CA SER D 1161 7.80 50.81 -12.91
C SER D 1161 8.08 52.30 -12.93
N GLY D 1162 9.18 52.68 -12.28
CA GLY D 1162 9.54 54.07 -12.14
C GLY D 1162 10.36 54.28 -10.87
N THR D 1163 10.27 55.48 -10.32
CA THR D 1163 11.01 55.83 -9.12
C THR D 1163 10.32 55.25 -7.89
N ILE D 1164 11.13 54.69 -6.99
CA ILE D 1164 10.65 54.09 -5.75
C ILE D 1164 11.16 54.93 -4.60
N SER D 1165 10.24 55.50 -3.83
CA SER D 1165 10.57 56.34 -2.68
C SER D 1165 9.95 55.77 -1.41
N PHE D 1166 10.46 56.24 -0.28
CA PHE D 1166 9.98 55.82 1.03
C PHE D 1166 9.01 56.85 1.59
N GLY D 1167 7.98 56.36 2.28
CA GLY D 1167 6.99 57.23 2.88
C GLY D 1167 7.03 57.21 4.39
N LYS D 1168 6.06 56.54 5.00
CA LYS D 1168 6.00 56.44 6.45
C LYS D 1168 7.04 55.45 6.95
N GLU D 1169 7.81 55.87 7.97
CA GLU D 1169 8.88 55.06 8.54
C GLU D 1169 8.56 54.55 9.93
N THR D 1170 8.17 55.43 10.84
CA THR D 1170 7.88 55.07 12.22
C THR D 1170 6.39 55.20 12.52
N LYS D 1171 5.56 54.86 11.53
CA LYS D 1171 4.11 54.91 11.68
C LYS D 1171 3.50 53.53 11.92
N GLY D 1172 4.31 52.48 11.98
CA GLY D 1172 3.85 51.12 12.22
C GLY D 1172 4.13 50.17 11.07
N LYS D 1173 4.19 50.69 9.85
CA LYS D 1173 4.44 49.87 8.67
C LYS D 1173 5.32 50.67 7.71
N ARG D 1174 5.66 50.04 6.58
CA ARG D 1174 6.49 50.65 5.55
C ARG D 1174 5.61 50.99 4.37
N ARG D 1175 5.39 52.29 4.14
CA ARG D 1175 4.57 52.76 3.03
C ARG D 1175 5.49 53.17 1.88
N LEU D 1176 5.93 52.16 1.14
CA LEU D 1176 6.82 52.37 -0.01
C LEU D 1176 6.00 52.95 -1.16
N VAL D 1177 6.05 54.26 -1.33
CA VAL D 1177 5.29 54.92 -2.37
C VAL D 1177 6.01 54.78 -3.71
N ILE D 1178 5.24 54.94 -4.79
CA ILE D 1178 5.76 54.83 -6.16
C ILE D 1178 5.36 56.09 -6.90
N THR D 1179 6.35 56.83 -7.41
CA THR D 1179 6.13 58.07 -8.16
C THR D 1179 6.80 57.93 -9.52
N PRO D 1180 6.11 57.38 -10.52
CA PRO D 1180 6.69 57.23 -11.85
C PRO D 1180 6.67 58.56 -12.61
N ASN D 1181 7.24 58.53 -13.81
CA ASN D 1181 7.29 59.71 -14.66
C ASN D 1181 6.11 59.81 -15.60
N ASP D 1182 5.59 58.69 -16.09
CA ASP D 1182 4.48 58.71 -17.02
C ASP D 1182 3.15 58.93 -16.31
N GLY D 1183 2.77 58.00 -15.43
CA GLY D 1183 1.53 58.11 -14.70
C GLY D 1183 1.69 57.86 -13.22
N SER D 1184 1.39 58.87 -12.41
CA SER D 1184 1.50 58.76 -10.96
C SER D 1184 0.19 58.29 -10.36
N ASP D 1185 0.29 57.36 -9.41
CA ASP D 1185 -0.89 56.81 -8.75
C ASP D 1185 -0.90 57.19 -7.28
N PRO D 1186 -2.06 57.55 -6.73
CA PRO D 1186 -2.11 57.91 -5.30
C PRO D 1186 -2.04 56.70 -4.38
N TYR D 1187 -2.35 55.50 -4.87
CA TYR D 1187 -2.31 54.30 -4.04
C TYR D 1187 -0.88 53.83 -3.84
N GLU D 1188 -0.58 53.34 -2.64
CA GLU D 1188 0.74 52.83 -2.30
C GLU D 1188 0.60 51.50 -1.59
N GLU D 1189 1.42 50.53 -1.98
CA GLU D 1189 1.39 49.21 -1.38
C GLU D 1189 2.04 49.22 -0.01
N LEU D 1190 1.45 48.50 0.93
CA LEU D 1190 1.97 48.42 2.29
C LEU D 1190 3.01 47.31 2.40
N ILE D 1191 3.87 47.43 3.41
CA ILE D 1191 4.92 46.46 3.65
C ILE D 1191 5.06 46.24 5.15
N PRO D 1192 5.18 45.00 5.63
CA PRO D 1192 5.32 44.77 7.06
C PRO D 1192 6.73 45.07 7.55
N LYS D 1193 6.82 45.33 8.85
CA LYS D 1193 8.10 45.64 9.48
C LYS D 1193 8.93 44.41 9.77
N TRP D 1194 8.34 43.23 9.78
CA TRP D 1194 9.10 42.00 10.05
C TRP D 1194 9.93 41.59 8.83
N ARG D 1195 9.40 41.79 7.63
CA ARG D 1195 10.12 41.44 6.41
C ARG D 1195 11.21 42.46 6.11
N HIS D 1196 12.34 41.98 5.60
CA HIS D 1196 13.45 42.85 5.26
C HIS D 1196 13.23 43.47 3.88
N LEU D 1197 13.35 44.79 3.79
CA LEU D 1197 13.12 45.54 2.56
C LEU D 1197 14.48 45.99 2.02
N ASN D 1198 14.85 45.49 0.85
CA ASN D 1198 16.09 45.87 0.19
C ASN D 1198 15.89 47.01 -0.80
N VAL D 1199 14.82 47.78 -0.68
CA VAL D 1199 14.54 48.87 -1.61
C VAL D 1199 15.43 50.06 -1.26
N PHE D 1200 16.15 50.57 -2.26
CA PHE D 1200 16.96 51.76 -2.08
C PHE D 1200 16.09 53.01 -2.24
N GLU D 1201 16.37 54.02 -1.42
CA GLU D 1201 15.59 55.25 -1.44
C GLU D 1201 15.95 56.07 -2.65
N GLY D 1202 14.97 56.30 -3.53
CA GLY D 1202 15.18 57.07 -4.74
C GLY D 1202 15.60 56.27 -5.96
N GLU D 1203 15.70 54.95 -5.84
CA GLU D 1203 16.12 54.12 -6.96
C GLU D 1203 14.98 53.93 -7.95
N GLN D 1204 15.35 53.67 -9.21
CA GLN D 1204 14.38 53.45 -10.27
C GLN D 1204 14.04 51.96 -10.33
N VAL D 1205 13.20 51.55 -9.39
CA VAL D 1205 12.79 50.15 -9.27
C VAL D 1205 11.63 49.89 -10.22
N ASN D 1206 11.85 49.02 -11.19
CA ASN D 1206 10.81 48.65 -12.14
C ASN D 1206 9.89 47.58 -11.54
N ARG D 1207 8.97 47.08 -12.37
CA ARG D 1207 8.03 46.06 -11.89
C ARG D 1207 8.69 44.70 -11.79
N GLY D 1208 9.65 44.40 -12.66
CA GLY D 1208 10.31 43.10 -12.65
C GLY D 1208 11.34 42.91 -11.57
N GLU D 1209 11.64 43.94 -10.78
CA GLU D 1209 12.66 43.86 -9.75
C GLU D 1209 12.10 43.29 -8.47
N VAL D 1210 12.68 42.20 -8.00
CA VAL D 1210 12.32 41.61 -6.72
C VAL D 1210 13.06 42.37 -5.63
N ILE D 1211 12.45 42.48 -4.45
CA ILE D 1211 13.01 43.27 -3.37
C ILE D 1211 13.22 42.41 -2.13
N SER D 1212 12.13 41.87 -1.59
CA SER D 1212 12.21 41.07 -0.38
C SER D 1212 12.73 39.67 -0.69
N ASP D 1213 13.34 39.06 0.33
CA ASP D 1213 13.86 37.72 0.20
C ASP D 1213 12.71 36.71 0.23
N GLY D 1214 12.99 35.49 -0.22
CA GLY D 1214 11.98 34.48 -0.32
C GLY D 1214 11.31 34.47 -1.68
N PRO D 1215 10.38 33.55 -1.89
CA PRO D 1215 9.75 33.43 -3.21
C PRO D 1215 8.49 34.28 -3.33
N SER D 1216 8.12 34.55 -4.58
CA SER D 1216 6.87 35.19 -4.95
C SER D 1216 5.99 34.17 -5.64
N ASN D 1217 4.74 34.06 -5.18
CA ASN D 1217 3.79 33.12 -5.77
C ASN D 1217 3.34 33.61 -7.15
N PRO D 1218 2.86 32.68 -7.99
CA PRO D 1218 2.42 33.04 -9.33
C PRO D 1218 1.26 34.02 -9.29
N HIS D 1219 0.31 33.81 -8.40
CA HIS D 1219 -0.83 34.72 -8.31
C HIS D 1219 -0.35 36.12 -7.94
N ASP D 1220 0.57 36.20 -6.98
CA ASP D 1220 1.09 37.48 -6.55
C ASP D 1220 1.82 38.18 -7.70
N ILE D 1221 2.60 37.44 -8.46
CA ILE D 1221 3.33 38.03 -9.59
C ILE D 1221 2.37 38.53 -10.68
N LEU D 1222 1.29 37.78 -10.89
CA LEU D 1222 0.31 38.10 -11.92
C LEU D 1222 -0.36 39.47 -11.81
N ARG D 1223 0.16 40.36 -10.97
CA ARG D 1223 -0.46 41.67 -10.86
C ARG D 1223 0.36 42.77 -11.54
N LEU D 1224 1.69 42.61 -11.59
CA LEU D 1224 2.50 43.64 -12.23
C LEU D 1224 2.76 43.37 -13.72
N LEU D 1225 3.43 42.27 -14.03
CA LEU D 1225 3.97 42.10 -15.38
C LEU D 1225 2.93 41.57 -16.36
N GLY D 1226 2.43 40.36 -16.14
CA GLY D 1226 1.49 39.78 -17.08
C GLY D 1226 1.58 38.26 -17.06
N VAL D 1227 1.59 37.69 -18.26
CA VAL D 1227 1.49 36.25 -18.44
C VAL D 1227 2.84 35.61 -18.76
N SER D 1228 3.66 36.28 -19.58
CA SER D 1228 4.85 35.65 -20.14
C SER D 1228 5.96 35.44 -19.11
N SER D 1229 6.27 36.46 -18.32
CA SER D 1229 7.30 36.32 -17.29
C SER D 1229 6.85 35.37 -16.19
N LEU D 1230 5.56 35.39 -15.86
CA LEU D 1230 5.01 34.44 -14.90
C LEU D 1230 5.13 33.01 -15.41
N ALA D 1231 4.82 32.78 -16.69
CA ALA D 1231 4.88 31.43 -17.24
C ALA D 1231 6.32 30.93 -17.36
N LYS D 1232 7.25 31.82 -17.71
CA LYS D 1232 8.64 31.38 -17.77
C LYS D 1232 9.21 31.15 -16.37
N TYR D 1233 8.74 31.90 -15.37
CA TYR D 1233 9.14 31.62 -13.99
C TYR D 1233 8.56 30.30 -13.50
N ILE D 1234 7.33 29.98 -13.91
CA ILE D 1234 6.71 28.71 -13.53
C ILE D 1234 7.44 27.52 -14.16
N VAL D 1235 7.78 27.63 -15.46
CA VAL D 1235 8.47 26.51 -16.10
C VAL D 1235 9.91 26.39 -15.61
N ASN D 1236 10.55 27.51 -15.21
CA ASN D 1236 11.88 27.43 -14.64
C ASN D 1236 11.86 26.80 -13.25
N GLU D 1237 10.93 27.23 -12.39
CA GLU D 1237 10.83 26.68 -11.04
C GLU D 1237 10.24 25.28 -11.02
N ILE D 1238 9.67 24.81 -12.13
CA ILE D 1238 9.35 23.39 -12.27
C ILE D 1238 10.56 22.59 -12.75
N GLN D 1239 11.28 23.11 -13.76
CA GLN D 1239 12.31 22.31 -14.41
C GLN D 1239 13.58 22.22 -13.56
N ASP D 1240 13.85 23.19 -12.68
CA ASP D 1240 15.07 23.09 -11.89
C ASP D 1240 14.96 22.01 -10.81
N VAL D 1241 13.76 21.80 -10.27
CA VAL D 1241 13.58 20.75 -9.28
C VAL D 1241 13.27 19.41 -9.98
N TYR D 1242 12.73 19.44 -11.19
CA TYR D 1242 12.47 18.19 -11.90
C TYR D 1242 13.67 17.69 -12.70
N ARG D 1243 14.73 18.48 -12.84
CA ARG D 1243 15.92 18.04 -13.55
C ARG D 1243 16.89 17.28 -12.66
N LEU D 1244 16.90 17.56 -11.35
CA LEU D 1244 17.87 16.93 -10.46
C LEU D 1244 17.53 15.47 -10.16
N GLN D 1245 16.27 15.07 -10.34
CA GLN D 1245 15.90 13.68 -10.09
C GLN D 1245 16.37 12.77 -11.22
N GLY D 1246 16.19 13.20 -12.47
CA GLY D 1246 16.62 12.41 -13.61
C GLY D 1246 15.59 12.38 -14.72
N VAL D 1247 14.33 12.65 -14.37
CA VAL D 1247 13.27 12.65 -15.38
C VAL D 1247 13.27 13.97 -16.14
N LYS D 1248 12.59 13.96 -17.29
CA LYS D 1248 12.48 15.13 -18.15
C LYS D 1248 11.01 15.31 -18.52
N ILE D 1249 10.47 16.50 -18.24
CA ILE D 1249 9.07 16.83 -18.53
C ILE D 1249 9.05 18.08 -19.38
N ASN D 1250 8.30 18.05 -20.47
CA ASN D 1250 8.12 19.23 -21.30
C ASN D 1250 7.25 20.26 -20.58
N ASP D 1251 7.37 21.52 -21.01
CA ASP D 1251 6.67 22.62 -20.37
C ASP D 1251 5.20 22.72 -20.75
N LYS D 1252 4.76 21.97 -21.77
CA LYS D 1252 3.34 21.99 -22.15
C LYS D 1252 2.47 21.32 -21.11
N HIS D 1253 3.01 20.30 -20.42
CA HIS D 1253 2.24 19.54 -19.44
C HIS D 1253 1.86 20.38 -18.22
N ILE D 1254 2.59 21.45 -17.95
CA ILE D 1254 2.15 22.44 -16.96
C ILE D 1254 1.60 23.70 -17.61
N GLU D 1255 1.86 23.94 -18.90
CA GLU D 1255 1.32 25.11 -19.57
C GLU D 1255 -0.19 24.99 -19.78
N THR D 1256 -0.67 23.80 -20.13
CA THR D 1256 -2.11 23.62 -20.33
C THR D 1256 -2.88 23.70 -19.01
N ILE D 1257 -2.33 23.15 -17.94
CA ILE D 1257 -3.00 23.28 -16.64
C ILE D 1257 -2.85 24.69 -16.08
N LEU D 1258 -1.81 25.44 -16.47
CA LEU D 1258 -1.73 26.85 -16.12
C LEU D 1258 -2.78 27.66 -16.84
N ARG D 1259 -3.06 27.32 -18.11
CA ARG D 1259 -4.16 27.93 -18.83
C ARG D 1259 -5.50 27.60 -18.18
N GLN D 1260 -5.66 26.35 -17.71
CA GLN D 1260 -6.91 25.95 -17.08
C GLN D 1260 -7.13 26.67 -15.75
N MET D 1261 -6.08 26.83 -14.94
CA MET D 1261 -6.24 27.58 -13.70
C MET D 1261 -6.15 29.10 -13.91
N LEU D 1262 -5.81 29.55 -15.12
CA LEU D 1262 -5.86 30.96 -15.48
C LEU D 1262 -7.15 31.30 -16.24
N ARG D 1263 -7.99 30.30 -16.51
CA ARG D 1263 -9.21 30.48 -17.30
C ARG D 1263 -10.19 31.45 -16.67
N LYS D 1264 -10.29 31.48 -15.34
CA LYS D 1264 -11.20 32.39 -14.68
C LYS D 1264 -10.47 33.70 -14.37
N VAL D 1265 -11.15 34.81 -14.58
CA VAL D 1265 -10.62 36.15 -14.34
C VAL D 1265 -11.64 36.95 -13.55
N GLU D 1266 -11.29 38.19 -13.24
CA GLU D 1266 -12.16 39.07 -12.46
C GLU D 1266 -12.34 40.39 -13.22
N VAL D 1267 -13.32 41.17 -12.76
CA VAL D 1267 -13.65 42.44 -13.35
C VAL D 1267 -13.41 43.52 -12.29
N SER D 1268 -13.21 44.76 -12.75
CA SER D 1268 -12.98 45.89 -11.86
C SER D 1268 -13.80 47.11 -12.26
N GLU D 1269 -14.89 46.90 -12.99
CA GLU D 1269 -15.71 48.01 -13.46
C GLU D 1269 -17.14 47.52 -13.64
N SER D 1270 -18.10 48.34 -13.21
CA SER D 1270 -19.51 48.01 -13.32
C SER D 1270 -20.05 48.51 -14.66
N GLY D 1271 -21.38 48.49 -14.80
CA GLY D 1271 -22.02 48.92 -16.03
C GLY D 1271 -22.79 47.80 -16.70
N ASP D 1272 -22.18 46.62 -16.75
CA ASP D 1272 -22.84 45.41 -17.23
C ASP D 1272 -22.88 44.30 -16.20
N SER D 1273 -21.90 44.25 -15.30
CA SER D 1273 -21.88 43.31 -14.19
C SER D 1273 -21.55 44.09 -12.93
N SER D 1274 -21.30 43.39 -11.84
CA SER D 1274 -20.99 44.05 -10.58
C SER D 1274 -19.52 44.46 -10.54
N PHE D 1275 -19.11 45.00 -9.39
CA PHE D 1275 -17.74 45.46 -9.23
C PHE D 1275 -16.79 44.29 -9.04
N ILE D 1276 -17.09 43.39 -8.10
CA ILE D 1276 -16.24 42.25 -7.80
C ILE D 1276 -17.02 40.99 -8.12
N LYS D 1277 -16.60 40.29 -9.17
CA LYS D 1277 -17.21 39.02 -9.56
C LYS D 1277 -16.21 38.21 -10.37
N GLY D 1278 -16.22 36.90 -10.16
CA GLY D 1278 -15.31 36.02 -10.87
C GLY D 1278 -16.00 35.13 -11.89
N ASP D 1279 -15.73 35.37 -13.17
CA ASP D 1279 -16.29 34.59 -14.26
C ASP D 1279 -15.19 34.18 -15.22
N GLN D 1280 -15.54 33.34 -16.18
CA GLN D 1280 -14.59 32.86 -17.17
C GLN D 1280 -14.23 33.96 -18.15
N VAL D 1281 -13.03 33.86 -18.73
CA VAL D 1281 -12.58 34.87 -19.66
C VAL D 1281 -13.26 34.72 -21.02
N GLU D 1282 -13.72 33.50 -21.35
CA GLU D 1282 -14.44 33.31 -22.61
C GLU D 1282 -15.84 33.91 -22.55
N LEU D 1283 -16.49 33.84 -21.39
CA LEU D 1283 -17.80 34.47 -21.22
C LEU D 1283 -17.70 35.98 -21.30
N THR D 1284 -16.65 36.56 -20.68
CA THR D 1284 -16.42 38.00 -20.80
C THR D 1284 -16.06 38.40 -22.22
N GLN D 1285 -15.33 37.54 -22.94
CA GLN D 1285 -14.98 37.84 -24.33
C GLN D 1285 -16.20 37.82 -25.25
N VAL D 1286 -17.09 36.83 -25.08
CA VAL D 1286 -18.27 36.81 -25.93
C VAL D 1286 -19.28 37.87 -25.50
N LEU D 1287 -19.26 38.28 -24.22
CA LEU D 1287 -20.10 39.38 -23.79
C LEU D 1287 -19.61 40.71 -24.37
N GLU D 1288 -18.28 40.90 -24.43
CA GLU D 1288 -17.73 42.09 -25.06
C GLU D 1288 -17.99 42.09 -26.56
N GLU D 1289 -17.91 40.92 -27.20
CA GLU D 1289 -18.19 40.81 -28.63
C GLU D 1289 -19.66 41.02 -28.94
N ASN D 1290 -20.55 40.69 -28.00
CA ASN D 1290 -21.98 40.96 -28.19
C ASN D 1290 -22.33 42.40 -27.89
N GLU D 1291 -21.62 43.05 -26.96
CA GLU D 1291 -21.93 44.42 -26.59
C GLU D 1291 -21.24 45.46 -27.47
N GLN D 1292 -20.18 45.09 -28.18
CA GLN D 1292 -19.52 46.04 -29.08
C GLN D 1292 -20.33 46.27 -30.35
N LEU D 1293 -21.19 45.33 -30.73
CA LEU D 1293 -22.04 45.45 -31.91
C LEU D 1293 -23.49 45.39 -31.45
N GLY D 1294 -24.08 46.56 -31.21
CA GLY D 1294 -25.45 46.64 -30.75
C GLY D 1294 -25.99 48.04 -30.72
N THR D 1295 -26.75 48.37 -29.66
CA THR D 1295 -27.34 49.70 -29.54
C THR D 1295 -26.32 50.71 -29.01
N GLU D 1296 -25.77 50.47 -27.83
CA GLU D 1296 -24.80 51.37 -27.23
C GLU D 1296 -23.43 51.18 -27.86
N ASP D 1297 -22.51 52.08 -27.52
CA ASP D 1297 -21.16 52.03 -28.08
C ASP D 1297 -20.32 50.95 -27.40
N LYS D 1298 -20.10 51.08 -26.09
CA LYS D 1298 -19.29 50.13 -25.34
C LYS D 1298 -19.99 49.89 -23.99
N PHE D 1299 -20.82 48.86 -23.94
CA PHE D 1299 -21.49 48.48 -22.71
C PHE D 1299 -20.52 47.74 -21.80
N PRO D 1300 -19.66 46.89 -22.35
CA PRO D 1300 -18.69 46.17 -21.52
C PRO D 1300 -17.51 47.05 -21.14
N ALA D 1301 -16.66 46.50 -20.29
CA ALA D 1301 -15.49 47.22 -19.80
C ALA D 1301 -14.31 46.25 -19.78
N LYS D 1302 -13.21 46.69 -19.17
CA LYS D 1302 -12.01 45.87 -19.10
C LYS D 1302 -12.13 44.85 -17.96
N TYR D 1303 -11.23 43.87 -17.99
CA TYR D 1303 -11.18 42.82 -16.98
C TYR D 1303 -9.83 42.86 -16.26
N GLU D 1304 -9.61 41.89 -15.38
CA GLU D 1304 -8.35 41.77 -14.65
C GLU D 1304 -8.06 40.29 -14.45
N ARG D 1305 -6.86 39.87 -14.81
CA ARG D 1305 -6.48 38.46 -14.74
C ARG D 1305 -6.05 38.09 -13.33
N VAL D 1306 -6.72 37.09 -12.75
CA VAL D 1306 -6.32 36.49 -11.49
C VAL D 1306 -6.09 35.00 -11.71
N LEU D 1307 -5.10 34.47 -11.01
CA LEU D 1307 -4.68 33.09 -11.19
C LEU D 1307 -5.05 32.29 -9.95
N LEU D 1308 -5.54 31.07 -10.15
CA LEU D 1308 -6.06 30.26 -9.06
C LEU D 1308 -5.25 28.98 -8.88
N GLY D 1309 -5.46 28.31 -7.75
CA GLY D 1309 -4.84 27.03 -7.48
C GLY D 1309 -5.80 25.87 -7.69
N ILE D 1310 -5.31 24.67 -7.38
CA ILE D 1310 -6.05 23.45 -7.72
C ILE D 1310 -7.19 23.13 -6.77
N THR D 1311 -7.38 23.92 -5.71
CA THR D 1311 -8.52 23.71 -4.81
C THR D 1311 -9.53 24.85 -4.83
N LYS D 1312 -9.40 25.81 -5.75
CA LYS D 1312 -10.44 26.81 -5.94
C LYS D 1312 -10.70 27.19 -7.39
N ALA D 1313 -9.88 26.71 -8.35
CA ALA D 1313 -10.20 26.92 -9.75
C ALA D 1313 -11.32 26.00 -10.22
N SER D 1314 -11.44 24.82 -9.64
CA SER D 1314 -12.49 23.87 -10.00
C SER D 1314 -13.81 24.12 -9.28
N LEU D 1315 -13.85 25.08 -8.36
CA LEU D 1315 -15.07 25.46 -7.67
C LEU D 1315 -15.84 26.56 -8.37
N SER D 1316 -15.24 27.20 -9.38
CA SER D 1316 -15.90 28.23 -10.17
C SER D 1316 -16.56 27.67 -11.43
N THR D 1317 -16.76 26.35 -11.49
CA THR D 1317 -17.38 25.74 -12.64
C THR D 1317 -18.90 25.87 -12.58
N GLU D 1318 -19.53 25.71 -13.73
CA GLU D 1318 -20.98 25.79 -13.83
C GLU D 1318 -21.66 24.44 -13.64
N SER D 1319 -20.95 23.44 -13.13
CA SER D 1319 -21.48 22.10 -12.95
C SER D 1319 -21.79 21.85 -11.47
N PHE D 1320 -22.46 20.74 -11.21
CA PHE D 1320 -22.84 20.38 -9.84
C PHE D 1320 -22.35 18.99 -9.43
N ILE D 1321 -22.43 18.01 -10.33
CA ILE D 1321 -22.09 16.64 -9.96
C ILE D 1321 -20.62 16.35 -10.26
N SER D 1322 -20.01 17.12 -11.16
CA SER D 1322 -18.57 17.10 -11.31
C SER D 1322 -17.88 17.67 -10.07
N ALA D 1323 -18.49 18.66 -9.44
CA ALA D 1323 -17.96 19.23 -8.21
C ALA D 1323 -18.51 18.55 -6.96
N ALA D 1324 -19.47 17.65 -7.10
CA ALA D 1324 -19.99 16.87 -5.98
C ALA D 1324 -19.21 15.58 -5.74
N SER D 1325 -17.98 15.49 -6.24
CA SER D 1325 -17.14 14.31 -6.07
C SER D 1325 -15.92 14.56 -5.22
N PHE D 1326 -15.28 15.73 -5.35
CA PHE D 1326 -14.14 16.09 -4.53
C PHE D 1326 -14.48 17.07 -3.42
N GLN D 1327 -15.41 17.99 -3.66
CA GLN D 1327 -15.89 18.91 -2.64
C GLN D 1327 -16.99 18.26 -1.81
N GLU D 1328 -17.35 18.90 -0.71
CA GLU D 1328 -18.49 18.47 0.08
C GLU D 1328 -19.78 18.66 -0.71
N THR D 1329 -20.65 17.64 -0.66
CA THR D 1329 -21.94 17.73 -1.35
C THR D 1329 -22.88 18.70 -0.64
N THR D 1330 -22.69 18.89 0.67
CA THR D 1330 -23.58 19.74 1.46
C THR D 1330 -23.46 21.22 1.10
N ARG D 1331 -22.36 21.64 0.48
CA ARG D 1331 -22.24 23.01 0.02
C ARG D 1331 -22.52 23.16 -1.47
N VAL D 1332 -22.01 22.24 -2.30
CA VAL D 1332 -22.16 22.40 -3.74
C VAL D 1332 -23.58 22.05 -4.19
N LEU D 1333 -24.28 21.16 -3.49
CA LEU D 1333 -25.66 20.87 -3.85
C LEU D 1333 -26.59 22.02 -3.44
N THR D 1334 -26.28 22.68 -2.32
CA THR D 1334 -27.05 23.87 -1.95
C THR D 1334 -26.76 25.03 -2.89
N GLU D 1335 -25.50 25.17 -3.34
CA GLU D 1335 -25.15 26.19 -4.32
C GLU D 1335 -25.86 25.95 -5.65
N ALA D 1336 -25.96 24.69 -6.07
CA ALA D 1336 -26.71 24.37 -7.29
C ALA D 1336 -28.20 24.58 -7.10
N ALA D 1337 -28.72 24.31 -5.90
CA ALA D 1337 -30.15 24.48 -5.64
C ALA D 1337 -30.54 25.95 -5.64
N VAL D 1338 -29.69 26.82 -5.08
CA VAL D 1338 -29.97 28.25 -5.16
C VAL D 1338 -29.54 28.85 -6.49
N THR D 1339 -28.74 28.13 -7.28
CA THR D 1339 -28.20 28.63 -8.53
C THR D 1339 -29.22 28.61 -9.66
N GLY D 1340 -29.77 27.44 -9.97
CA GLY D 1340 -30.73 27.33 -11.04
C GLY D 1340 -30.14 27.46 -12.43
N LYS D 1341 -28.84 27.19 -12.57
CA LYS D 1341 -28.17 27.30 -13.86
C LYS D 1341 -28.48 26.08 -14.71
N ARG D 1342 -29.10 26.29 -15.87
CA ARG D 1342 -29.42 25.18 -16.78
C ARG D 1342 -28.16 24.73 -17.50
N ASP D 1343 -27.41 23.84 -16.87
CA ASP D 1343 -26.14 23.38 -17.42
C ASP D 1343 -26.36 22.35 -18.52
N PHE D 1344 -25.39 22.27 -19.43
CA PHE D 1344 -25.39 21.30 -20.51
C PHE D 1344 -24.45 20.16 -20.15
N LEU D 1345 -24.17 19.28 -21.14
CA LEU D 1345 -23.31 18.13 -20.94
C LEU D 1345 -21.84 18.45 -21.20
N ARG D 1346 -21.44 19.71 -21.05
CA ARG D 1346 -20.04 20.08 -21.23
C ARG D 1346 -19.21 19.59 -20.06
N GLY D 1347 -18.14 18.87 -20.35
CA GLY D 1347 -17.26 18.31 -19.35
C GLY D 1347 -17.08 16.83 -19.52
N LEU D 1348 -16.36 16.24 -18.58
CA LEU D 1348 -16.08 14.81 -18.59
C LEU D 1348 -16.62 14.05 -17.39
N LYS D 1349 -16.61 14.67 -16.19
CA LYS D 1349 -17.11 13.98 -15.01
C LYS D 1349 -18.62 13.83 -15.04
N GLU D 1350 -19.32 14.82 -15.62
CA GLU D 1350 -20.78 14.73 -15.79
C GLU D 1350 -21.17 13.60 -16.73
N ASN D 1351 -20.28 13.21 -17.63
CA ASN D 1351 -20.57 12.15 -18.59
C ASN D 1351 -20.01 10.80 -18.17
N VAL D 1352 -18.99 10.75 -17.30
CA VAL D 1352 -18.54 9.48 -16.76
C VAL D 1352 -19.20 9.14 -15.42
N VAL D 1353 -20.03 10.03 -14.87
CA VAL D 1353 -20.78 9.66 -13.68
C VAL D 1353 -22.04 8.88 -14.08
N VAL D 1354 -22.50 9.02 -15.32
CA VAL D 1354 -23.73 8.39 -15.78
C VAL D 1354 -23.47 7.27 -16.78
N GLY D 1355 -22.51 7.45 -17.68
CA GLY D 1355 -22.22 6.43 -18.68
C GLY D 1355 -22.87 6.69 -20.02
N ARG D 1356 -23.00 7.96 -20.39
CA ARG D 1356 -23.50 8.35 -21.69
C ARG D 1356 -22.32 8.68 -22.60
N LEU D 1357 -22.59 9.24 -23.78
CA LEU D 1357 -21.57 9.45 -24.81
C LEU D 1357 -20.63 10.57 -24.39
N ILE D 1358 -19.34 10.27 -24.34
CA ILE D 1358 -18.32 11.21 -23.89
C ILE D 1358 -18.03 12.20 -25.01
N PRO D 1359 -17.89 13.50 -24.72
CA PRO D 1359 -17.54 14.43 -25.82
C PRO D 1359 -16.11 14.29 -26.30
N ALA D 1360 -15.15 14.11 -25.40
CA ALA D 1360 -13.75 14.01 -25.78
C ALA D 1360 -13.48 12.63 -26.37
N GLY D 1361 -13.09 12.58 -27.64
CA GLY D 1361 -12.75 11.33 -28.28
C GLY D 1361 -13.51 11.08 -29.58
N THR D 1362 -14.11 9.91 -29.69
CA THR D 1362 -14.87 9.52 -30.88
C THR D 1362 -16.34 9.92 -30.80
N GLY D 1363 -16.73 10.69 -29.79
CA GLY D 1363 -18.09 11.15 -29.64
C GLY D 1363 -18.44 12.42 -30.38
N LEU D 1364 -17.53 12.90 -31.24
CA LEU D 1364 -17.77 14.15 -31.97
C LEU D 1364 -18.90 13.99 -32.98
N ALA D 1365 -18.98 12.83 -33.64
CA ALA D 1365 -20.06 12.58 -34.60
C ALA D 1365 -21.42 12.49 -33.90
N TYR D 1366 -21.46 11.83 -32.75
CA TYR D 1366 -22.70 11.75 -31.97
C TYR D 1366 -23.12 13.10 -31.44
N HIS D 1367 -22.16 13.92 -30.99
CA HIS D 1367 -22.50 15.24 -30.46
C HIS D 1367 -22.90 16.20 -31.58
N SER D 1368 -22.30 16.06 -32.77
CA SER D 1368 -22.72 16.87 -33.91
C SER D 1368 -24.10 16.46 -34.39
N GLU D 1369 -24.42 15.16 -34.35
CA GLU D 1369 -25.76 14.70 -34.72
C GLU D 1369 -26.79 15.16 -33.70
N ARG D 1370 -26.42 15.19 -32.41
CA ARG D 1370 -27.32 15.67 -31.38
C ARG D 1370 -27.55 17.17 -31.50
N LYS D 1371 -26.51 17.93 -31.83
CA LYS D 1371 -26.67 19.37 -32.04
C LYS D 1371 -27.44 19.67 -33.32
N ARG D 1372 -27.36 18.79 -34.32
CA ARG D 1372 -28.11 18.98 -35.55
C ARG D 1372 -29.58 18.64 -35.37
N GLN D 1373 -29.88 17.58 -34.63
CA GLN D 1373 -31.27 17.18 -34.41
C GLN D 1373 -31.92 17.90 -33.24
N ARG D 1374 -31.16 18.64 -32.44
CA ARG D 1374 -31.68 19.38 -31.30
C ARG D 1374 -31.63 20.87 -31.60
N ASP D 1375 -32.83 21.48 -31.74
CA ASP D 1375 -33.02 22.91 -31.96
C ASP D 1375 -32.32 23.40 -33.23
N LEU D 1376 -32.34 22.57 -34.26
CA LEU D 1376 -31.72 22.92 -35.54
C LEU D 1376 -32.40 22.11 -36.65
N GLY D 1377 -32.30 22.65 -37.86
CA GLY D 1377 -32.90 21.99 -39.02
C GLY D 1377 -32.01 20.94 -39.64
N ALA E 2 -0.07 -9.44 -42.75
CA ALA E 2 -0.44 -10.62 -41.98
C ALA E 2 -0.71 -10.26 -40.52
N ARG E 3 -0.07 -9.20 -40.05
CA ARG E 3 -0.23 -8.74 -38.68
C ARG E 3 -1.08 -7.48 -38.63
N VAL E 4 -1.54 -7.15 -37.43
CA VAL E 4 -2.36 -5.96 -37.21
C VAL E 4 -1.45 -4.74 -37.23
N THR E 5 -1.56 -3.93 -38.28
CA THR E 5 -0.72 -2.75 -38.46
C THR E 5 -1.61 -1.55 -38.75
N VAL E 6 -1.68 -0.62 -37.81
CA VAL E 6 -2.41 0.62 -37.98
C VAL E 6 -1.49 1.76 -38.43
N GLU E 7 -0.20 1.49 -38.61
CA GLU E 7 0.74 2.52 -39.02
C GLU E 7 0.53 2.93 -40.47
N ASP E 8 0.04 2.00 -41.31
CA ASP E 8 -0.22 2.32 -42.71
C ASP E 8 -1.37 3.31 -42.88
N CYS E 9 -2.27 3.40 -41.92
CA CYS E 9 -3.29 4.44 -41.93
C CYS E 9 -2.89 5.65 -41.09
N LEU E 10 -2.10 5.45 -40.03
CA LEU E 10 -1.67 6.56 -39.20
C LEU E 10 -0.65 7.45 -39.91
N ASP E 11 0.09 6.89 -40.87
CA ASP E 11 1.00 7.69 -41.68
C ASP E 11 0.34 8.22 -42.95
N ASN E 12 -0.90 7.82 -43.23
CA ASN E 12 -1.63 8.27 -44.41
C ASN E 12 -2.60 9.39 -44.07
N VAL E 13 -3.50 9.16 -43.10
CA VAL E 13 -4.49 10.18 -42.77
C VAL E 13 -4.03 11.09 -41.64
N ASP E 14 -3.13 10.59 -40.76
CA ASP E 14 -2.55 11.33 -39.63
C ASP E 14 -3.63 11.92 -38.72
N ASN E 15 -4.71 11.18 -38.52
CA ASN E 15 -5.86 11.67 -37.76
C ASN E 15 -6.11 10.85 -36.51
N ARG E 16 -6.09 9.50 -36.61
CA ARG E 16 -6.30 8.54 -35.52
C ARG E 16 -7.66 8.67 -34.85
N PHE E 17 -8.63 9.31 -35.50
CA PHE E 17 -9.98 9.44 -34.94
C PHE E 17 -11.06 8.82 -35.81
N GLU E 18 -11.11 9.19 -37.09
CA GLU E 18 -12.20 8.76 -37.96
C GLU E 18 -12.07 7.31 -38.41
N LEU E 19 -10.85 6.75 -38.36
CA LEU E 19 -10.69 5.36 -38.76
C LEU E 19 -11.32 4.40 -37.76
N VAL E 20 -11.48 4.83 -36.50
CA VAL E 20 -12.16 4.00 -35.51
C VAL E 20 -13.64 3.86 -35.87
N MET E 21 -14.29 4.97 -36.23
CA MET E 21 -15.68 4.94 -36.67
C MET E 21 -15.82 4.21 -38.00
N LEU E 22 -14.85 4.36 -38.90
CA LEU E 22 -14.91 3.69 -40.20
C LEU E 22 -14.76 2.18 -40.05
N ALA E 23 -13.80 1.72 -39.23
CA ALA E 23 -13.65 0.30 -38.95
C ALA E 23 -14.81 -0.24 -38.12
N THR E 24 -15.44 0.63 -37.31
CA THR E 24 -16.65 0.26 -36.58
C THR E 24 -17.79 -0.06 -37.54
N LYS E 25 -18.03 0.83 -38.51
CA LYS E 25 -19.10 0.61 -39.48
C LYS E 25 -18.77 -0.55 -40.40
N ARG E 26 -17.49 -0.75 -40.73
CA ARG E 26 -17.08 -1.88 -41.55
C ARG E 26 -17.27 -3.21 -40.82
N ALA E 27 -16.92 -3.25 -39.54
CA ALA E 27 -17.12 -4.47 -38.76
C ALA E 27 -18.59 -4.76 -38.51
N ARG E 28 -19.42 -3.72 -38.37
CA ARG E 28 -20.85 -3.93 -38.22
C ARG E 28 -21.47 -4.42 -39.53
N GLN E 29 -20.99 -3.92 -40.67
CA GLN E 29 -21.48 -4.41 -41.95
C GLN E 29 -20.99 -5.82 -42.24
N LEU E 30 -19.82 -6.20 -41.71
CA LEU E 30 -19.34 -7.56 -41.88
C LEU E 30 -20.09 -8.53 -40.98
N ALA E 31 -20.36 -8.12 -39.73
CA ALA E 31 -21.10 -8.99 -38.81
C ALA E 31 -22.58 -9.05 -39.14
N THR E 32 -23.13 -8.06 -39.83
CA THR E 32 -24.53 -8.10 -40.24
C THR E 32 -24.77 -9.04 -41.41
N GLY E 33 -23.72 -9.40 -42.15
CA GLY E 33 -23.87 -10.31 -43.27
C GLY E 33 -24.41 -9.69 -44.53
N GLY E 34 -24.30 -8.38 -44.69
CA GLY E 34 -24.82 -7.71 -45.87
C GLY E 34 -23.74 -7.27 -46.83
N LYS E 35 -22.50 -7.23 -46.37
CA LYS E 35 -21.37 -6.79 -47.18
C LYS E 35 -20.26 -7.82 -47.09
N GLU E 36 -19.67 -8.17 -48.23
CA GLU E 36 -18.57 -9.13 -48.27
C GLU E 36 -17.24 -8.43 -48.07
N PRO E 37 -16.25 -9.07 -47.45
CA PRO E 37 -14.95 -8.42 -47.29
C PRO E 37 -14.16 -8.45 -48.58
N LYS E 38 -13.32 -7.42 -48.77
CA LYS E 38 -12.49 -7.35 -49.96
C LYS E 38 -11.27 -8.26 -49.83
N VAL E 39 -10.48 -8.07 -48.79
CA VAL E 39 -9.32 -8.92 -48.54
C VAL E 39 -9.79 -10.24 -47.94
N ALA E 40 -9.12 -11.32 -48.31
CA ALA E 40 -9.51 -12.65 -47.84
C ALA E 40 -9.17 -12.84 -46.37
N TRP E 41 -9.85 -13.81 -45.75
CA TRP E 41 -9.64 -14.09 -44.34
C TRP E 41 -8.39 -14.95 -44.17
N GLU E 42 -7.61 -14.61 -43.14
CA GLU E 42 -6.38 -15.31 -42.81
C GLU E 42 -6.49 -15.96 -41.43
N ASN E 43 -7.62 -16.62 -41.20
CA ASN E 43 -8.03 -17.19 -39.91
C ASN E 43 -8.02 -16.12 -38.82
N ASP E 44 -8.88 -15.12 -39.02
CA ASP E 44 -9.00 -13.97 -38.15
C ASP E 44 -10.47 -13.71 -37.85
N LYS E 45 -10.70 -12.73 -36.98
CA LYS E 45 -12.05 -12.23 -36.72
C LYS E 45 -12.35 -11.10 -37.68
N PRO E 46 -13.54 -10.49 -37.60
CA PRO E 46 -13.84 -9.35 -38.49
C PRO E 46 -13.09 -8.08 -38.13
N THR E 47 -12.52 -8.00 -36.91
CA THR E 47 -11.75 -6.83 -36.51
C THR E 47 -10.47 -6.68 -37.31
N VAL E 48 -9.77 -7.79 -37.55
CA VAL E 48 -8.52 -7.75 -38.30
C VAL E 48 -8.77 -7.43 -39.77
N VAL E 49 -9.85 -7.98 -40.33
CA VAL E 49 -10.22 -7.68 -41.71
C VAL E 49 -10.65 -6.22 -41.84
N ALA E 50 -11.33 -5.69 -40.82
CA ALA E 50 -11.75 -4.29 -40.83
C ALA E 50 -10.56 -3.34 -40.76
N LEU E 51 -9.61 -3.62 -39.86
CA LEU E 51 -8.44 -2.75 -39.75
C LEU E 51 -7.51 -2.91 -40.96
N ARG E 52 -7.51 -4.09 -41.60
CA ARG E 52 -6.71 -4.25 -42.81
C ARG E 52 -7.34 -3.52 -43.99
N GLU E 53 -8.67 -3.50 -44.07
CA GLU E 53 -9.34 -2.72 -45.09
C GLU E 53 -9.22 -1.23 -44.83
N ILE E 54 -9.06 -0.84 -43.56
CA ILE E 54 -8.80 0.57 -43.25
C ILE E 54 -7.38 0.96 -43.66
N ALA E 55 -6.39 0.14 -43.28
CA ALA E 55 -4.99 0.45 -43.55
C ALA E 55 -4.62 0.28 -45.02
N SER E 56 -5.38 -0.52 -45.78
CA SER E 56 -5.11 -0.67 -47.20
C SER E 56 -5.67 0.47 -48.04
N GLY E 57 -6.55 1.28 -47.47
CA GLY E 57 -7.13 2.40 -48.20
C GLY E 57 -8.19 2.02 -49.19
N LEU E 58 -8.88 0.90 -48.99
CA LEU E 58 -9.91 0.45 -49.92
C LEU E 58 -11.28 1.02 -49.60
N VAL E 59 -11.58 1.27 -48.32
CA VAL E 59 -12.87 1.79 -47.90
C VAL E 59 -12.67 3.18 -47.31
N ASP E 60 -13.59 4.09 -47.63
CA ASP E 60 -13.52 5.45 -47.13
C ASP E 60 -14.83 5.83 -46.44
N GLU E 61 -15.00 7.12 -46.12
CA GLU E 61 -16.24 7.56 -45.48
C GLU E 61 -17.41 7.54 -46.45
N ASN E 62 -17.20 8.03 -47.67
CA ASN E 62 -18.27 8.03 -48.67
C ASN E 62 -18.57 6.62 -49.16
N VAL E 63 -17.55 5.75 -49.22
CA VAL E 63 -17.76 4.37 -49.63
C VAL E 63 -18.56 3.61 -48.59
N VAL E 64 -18.27 3.83 -47.31
CA VAL E 64 -19.03 3.19 -46.24
C VAL E 64 -20.43 3.77 -46.15
N GLN E 65 -20.59 5.06 -46.44
CA GLN E 65 -21.92 5.67 -46.46
C GLN E 65 -22.77 5.15 -47.62
N GLN E 66 -22.14 4.87 -48.76
CA GLN E 66 -22.87 4.26 -49.88
C GLN E 66 -23.15 2.79 -49.62
N GLU E 67 -22.27 2.10 -48.89
CA GLU E 67 -22.49 0.70 -48.54
C GLU E 67 -23.53 0.54 -47.45
N ASP E 68 -23.76 1.57 -46.64
CA ASP E 68 -24.79 1.52 -45.60
C ASP E 68 -26.19 1.53 -46.21
N VAL F 61 -5.03 7.30 44.85
CA VAL F 61 -3.87 6.44 45.02
C VAL F 61 -3.58 6.23 46.50
N GLU F 62 -3.15 7.30 47.17
CA GLU F 62 -2.84 7.20 48.60
C GLU F 62 -4.11 7.20 49.45
N ALA F 63 -5.15 7.91 49.02
CA ALA F 63 -6.39 7.94 49.78
C ALA F 63 -7.12 6.60 49.70
N LYS F 64 -7.10 5.95 48.54
CA LYS F 64 -7.71 4.64 48.40
C LYS F 64 -6.92 3.59 49.18
N GLN F 65 -5.59 3.73 49.22
CA GLN F 65 -4.76 2.82 50.01
C GLN F 65 -5.01 3.01 51.50
N LYS F 66 -5.19 4.25 51.95
CA LYS F 66 -5.49 4.51 53.35
C LYS F 66 -6.87 4.01 53.72
N GLU F 67 -7.84 4.14 52.81
CA GLU F 67 -9.18 3.61 53.06
C GLU F 67 -9.17 2.09 53.09
N ARG F 68 -8.36 1.46 52.24
CA ARG F 68 -8.21 0.00 52.25
C ARG F 68 -7.58 -0.48 53.55
N ASP F 69 -6.55 0.22 54.02
CA ASP F 69 -5.89 -0.15 55.28
C ASP F 69 -6.82 0.05 56.47
N ALA F 70 -7.61 1.13 56.45
CA ALA F 70 -8.57 1.38 57.53
C ALA F 70 -9.68 0.34 57.53
N LEU F 71 -10.16 -0.05 56.34
CA LEU F 71 -11.19 -1.08 56.26
C LEU F 71 -10.66 -2.45 56.68
N ALA F 72 -9.39 -2.74 56.36
CA ALA F 72 -8.78 -3.99 56.78
C ALA F 72 -8.57 -4.02 58.29
N LYS F 73 -8.17 -2.90 58.88
CA LYS F 73 -8.01 -2.82 60.33
C LYS F 73 -9.35 -2.93 61.04
N ALA F 74 -10.40 -2.32 60.48
CA ALA F 74 -11.73 -2.42 61.06
C ALA F 74 -12.28 -3.84 60.94
N MET F 75 -12.01 -4.52 59.83
CA MET F 75 -12.44 -5.90 59.66
C MET F 75 -11.69 -6.83 60.60
N GLU F 76 -10.40 -6.58 60.82
CA GLU F 76 -9.63 -7.39 61.76
C GLU F 76 -10.10 -7.17 63.19
N GLU F 77 -10.41 -5.92 63.56
CA GLU F 77 -10.94 -5.63 64.89
C GLU F 77 -12.33 -6.22 65.08
N PHE F 78 -13.14 -6.24 64.03
CA PHE F 78 -14.46 -6.85 64.13
C PHE F 78 -14.37 -8.37 64.23
N LEU F 79 -13.41 -8.98 63.53
CA LEU F 79 -13.23 -10.42 63.60
C LEU F 79 -12.62 -10.85 64.93
N SER F 80 -11.81 -9.99 65.55
CA SER F 80 -11.20 -10.29 66.83
C SER F 80 -11.98 -9.73 68.01
N ARG F 81 -13.10 -9.05 67.77
CA ARG F 81 -13.90 -8.45 68.83
C ARG F 81 -15.28 -9.08 68.90
N GLY F 82 -15.36 -10.41 68.74
CA GLY F 82 -16.58 -11.17 68.93
C GLY F 82 -17.29 -11.54 67.64
N GLY F 83 -17.00 -10.84 66.54
CA GLY F 83 -17.68 -11.12 65.30
C GLY F 83 -17.18 -12.39 64.64
N LYS F 84 -18.05 -13.01 63.86
CA LYS F 84 -17.77 -14.26 63.17
C LYS F 84 -17.91 -14.05 61.66
N VAL F 85 -17.70 -15.14 60.91
CA VAL F 85 -17.77 -15.13 59.46
C VAL F 85 -18.96 -15.98 59.04
N GLN F 86 -19.82 -15.41 58.20
CA GLN F 86 -21.00 -16.09 57.67
C GLN F 86 -20.65 -16.66 56.30
N GLU F 87 -20.45 -17.98 56.23
CA GLU F 87 -20.06 -18.65 54.99
C GLU F 87 -21.32 -18.99 54.20
N ILE F 88 -21.64 -18.14 53.22
CA ILE F 88 -22.77 -18.37 52.34
C ILE F 88 -22.36 -19.34 51.23
N GLU F 89 -23.33 -19.85 50.49
CA GLU F 89 -23.06 -20.79 49.42
C GLU F 89 -22.41 -20.09 48.23
N PRO F 90 -21.74 -20.85 47.36
CA PRO F 90 -21.07 -20.22 46.21
C PRO F 90 -22.05 -19.86 45.10
N ASN F 91 -23.17 -20.57 45.03
CA ASN F 91 -24.21 -20.34 44.02
C ASN F 91 -25.54 -20.21 44.75
N VAL F 92 -25.87 -18.98 45.16
CA VAL F 92 -27.12 -18.70 45.86
C VAL F 92 -27.55 -17.28 45.52
N VAL F 93 -28.80 -17.14 45.09
CA VAL F 93 -29.38 -15.84 44.74
C VAL F 93 -30.68 -15.65 45.50
N ALA F 94 -30.90 -14.45 46.00
CA ALA F 94 -32.11 -14.13 46.75
C ALA F 94 -33.30 -13.95 45.82
N THR G 57 -18.38 33.67 23.61
CA THR G 57 -19.08 32.68 22.81
C THR G 57 -20.28 32.10 23.56
N ARG G 58 -20.99 31.17 22.92
CA ARG G 58 -22.14 30.53 23.51
C ARG G 58 -22.28 29.13 22.94
N ALA G 59 -23.01 28.28 23.65
CA ALA G 59 -23.15 26.88 23.28
C ALA G 59 -24.18 26.73 22.17
N LEU G 60 -23.77 26.10 21.07
CA LEU G 60 -24.67 25.80 19.96
C LEU G 60 -25.17 24.35 20.06
N ASP G 61 -25.94 24.10 21.11
CA ASP G 61 -26.51 22.77 21.37
C ASP G 61 -27.99 22.91 21.71
N ALA G 62 -28.63 21.76 21.88
CA ALA G 62 -30.06 21.68 22.15
C ALA G 62 -30.40 21.23 23.56
N THR G 63 -29.60 20.33 24.13
CA THR G 63 -29.89 19.80 25.47
C THR G 63 -29.67 20.86 26.54
N GLN G 64 -28.64 21.67 26.35
CA GLN G 64 -28.34 22.77 27.26
C GLN G 64 -29.43 23.82 27.16
N LEU G 65 -29.92 24.07 25.94
CA LEU G 65 -30.97 25.06 25.73
C LEU G 65 -32.28 24.60 26.35
N TYR G 66 -32.54 23.30 26.28
CA TYR G 66 -33.73 22.72 26.87
C TYR G 66 -33.64 22.80 28.40
N LEU G 67 -32.46 22.52 28.93
CA LEU G 67 -32.25 22.56 30.38
C LEU G 67 -32.32 23.99 30.92
N ASN G 68 -31.91 24.98 30.11
CA ASN G 68 -32.10 26.36 30.51
C ASN G 68 -33.55 26.82 30.36
N GLU G 69 -34.28 26.23 29.41
CA GLU G 69 -35.68 26.61 29.21
C GLU G 69 -36.59 26.01 30.27
N ILE G 70 -36.27 24.82 30.81
CA ILE G 70 -37.11 24.20 31.83
C ILE G 70 -36.83 24.72 33.23
N GLY G 71 -35.94 25.71 33.38
CA GLY G 71 -35.63 26.25 34.69
C GLY G 71 -36.70 27.13 35.29
N PHE G 72 -37.70 27.54 34.49
CA PHE G 72 -38.78 28.39 34.97
C PHE G 72 -40.02 27.59 35.38
N SER G 73 -39.85 26.31 35.68
CA SER G 73 -40.98 25.47 36.10
C SER G 73 -41.19 25.58 37.60
N PRO G 74 -42.32 26.10 38.06
CA PRO G 74 -42.54 26.24 39.51
C PRO G 74 -42.99 24.92 40.13
N LEU G 75 -42.74 24.82 41.44
CA LEU G 75 -43.13 23.67 42.24
C LEU G 75 -43.79 24.19 43.52
N LEU G 76 -45.10 24.40 43.46
CA LEU G 76 -45.86 24.90 44.59
C LEU G 76 -46.40 23.74 45.42
N THR G 77 -47.31 24.03 46.34
CA THR G 77 -47.94 23.01 47.16
C THR G 77 -48.96 22.22 46.35
N PRO G 78 -49.46 21.11 46.90
CA PRO G 78 -50.36 20.24 46.11
C PRO G 78 -51.74 20.82 45.87
N GLU G 79 -52.14 21.84 46.65
CA GLU G 79 -53.44 22.48 46.43
C GLU G 79 -53.50 23.21 45.10
N GLU G 80 -52.35 23.71 44.62
CA GLU G 80 -52.29 24.33 43.30
C GLU G 80 -52.55 23.30 42.20
N GLU G 81 -51.98 22.10 42.34
CA GLU G 81 -52.25 21.04 41.37
C GLU G 81 -53.68 20.52 41.47
N VAL G 82 -54.25 20.53 42.68
CA VAL G 82 -55.65 20.15 42.86
C VAL G 82 -56.57 21.16 42.17
N HIS G 83 -56.29 22.46 42.33
CA HIS G 83 -57.07 23.48 41.65
C HIS G 83 -56.88 23.45 40.14
N PHE G 84 -55.67 23.10 39.68
CA PHE G 84 -55.44 22.99 38.24
C PHE G 84 -56.17 21.79 37.65
N ALA G 85 -56.22 20.67 38.39
CA ALA G 85 -56.98 19.51 37.93
C ALA G 85 -58.47 19.75 38.00
N ARG G 86 -58.93 20.59 38.93
CA ARG G 86 -60.35 20.94 38.97
C ARG G 86 -60.73 21.89 37.85
N LEU G 87 -59.83 22.81 37.49
CA LEU G 87 -60.10 23.72 36.38
C LEU G 87 -59.96 23.02 35.03
N ALA G 88 -59.12 21.99 34.94
CA ALA G 88 -58.95 21.27 33.70
C ALA G 88 -60.09 20.28 33.42
N GLN G 89 -60.90 19.97 34.43
CA GLN G 89 -62.01 19.04 34.22
C GLN G 89 -63.16 19.70 33.47
N LYS G 90 -63.47 20.96 33.80
CA LYS G 90 -64.55 21.65 33.11
C LYS G 90 -64.14 22.09 31.72
N GLY G 91 -62.85 22.34 31.50
CA GLY G 91 -62.35 22.74 30.20
C GLY G 91 -61.87 24.17 30.16
N ASP G 92 -60.55 24.35 30.23
CA ASP G 92 -59.91 25.66 30.18
C ASP G 92 -58.45 25.49 29.77
N PRO G 93 -57.95 26.28 28.80
CA PRO G 93 -56.57 26.15 28.33
C PRO G 93 -55.55 26.93 29.17
N ALA G 94 -55.68 26.84 30.49
CA ALA G 94 -54.69 27.41 31.40
C ALA G 94 -54.18 26.40 32.41
N GLY G 95 -55.08 25.58 32.97
CA GLY G 95 -54.65 24.58 33.94
C GLY G 95 -53.86 23.45 33.30
N ARG G 96 -54.27 23.03 32.09
CA ARG G 96 -53.52 22.03 31.35
C ARG G 96 -52.17 22.55 30.92
N LYS G 97 -52.11 23.84 30.56
CA LYS G 97 -50.83 24.46 30.20
C LYS G 97 -49.90 24.56 31.40
N ARG G 98 -50.45 24.91 32.57
CA ARG G 98 -49.63 24.98 33.78
C ARG G 98 -49.17 23.59 34.22
N MET G 99 -50.02 22.57 34.07
CA MET G 99 -49.64 21.22 34.43
C MET G 99 -48.62 20.64 33.45
N ILE G 100 -48.65 21.08 32.19
CA ILE G 100 -47.67 20.62 31.22
C ILE G 100 -46.37 21.42 31.27
N GLU G 101 -46.39 22.63 31.85
CA GLU G 101 -45.20 23.45 31.93
C GLU G 101 -44.64 23.59 33.35
N SER G 102 -45.19 22.88 34.33
CA SER G 102 -44.72 22.98 35.70
C SER G 102 -44.40 21.63 36.33
N ASN G 103 -44.37 20.56 35.55
CA ASN G 103 -44.15 19.20 36.08
C ASN G 103 -43.14 18.45 35.22
N LEU G 104 -42.01 19.09 34.91
CA LEU G 104 -41.00 18.50 34.05
C LEU G 104 -39.83 17.92 34.81
N ARG G 105 -39.71 18.19 36.11
CA ARG G 105 -38.62 17.63 36.91
C ARG G 105 -38.80 16.11 37.07
N LEU G 106 -40.03 15.66 37.28
CA LEU G 106 -40.31 14.23 37.30
C LEU G 106 -40.08 13.60 35.93
N VAL G 107 -40.33 14.37 34.86
CA VAL G 107 -40.13 13.88 33.50
C VAL G 107 -38.64 13.64 33.23
N VAL G 108 -37.80 14.60 33.60
CA VAL G 108 -36.36 14.44 33.35
C VAL G 108 -35.76 13.44 34.34
N LYS G 109 -36.34 13.29 35.54
CA LYS G 109 -35.89 12.27 36.47
C LYS G 109 -36.26 10.87 35.99
N ILE G 110 -37.39 10.73 35.29
CA ILE G 110 -37.73 9.45 34.68
C ILE G 110 -36.82 9.18 33.48
N ALA G 111 -36.58 10.20 32.66
CA ALA G 111 -35.78 10.04 31.45
C ALA G 111 -34.30 9.80 31.74
N ARG G 112 -33.80 10.22 32.91
CA ARG G 112 -32.41 9.99 33.25
C ARG G 112 -32.13 8.54 33.66
N ARG G 113 -33.17 7.76 33.95
CA ARG G 113 -32.96 6.38 34.36
C ARG G 113 -32.82 5.43 33.17
N TYR G 114 -33.38 5.79 32.02
CA TYR G 114 -33.36 4.95 30.83
C TYR G 114 -32.27 5.35 29.85
N VAL G 115 -31.11 5.77 30.36
CA VAL G 115 -29.99 6.17 29.52
C VAL G 115 -29.31 4.93 28.96
N ASN G 116 -28.42 5.15 27.97
CA ASN G 116 -27.66 4.12 27.27
C ASN G 116 -28.58 3.08 26.61
N ARG G 117 -29.41 3.58 25.70
CA ARG G 117 -30.33 2.74 24.95
C ARG G 117 -30.22 3.01 23.46
N GLY G 118 -31.13 2.46 22.67
CA GLY G 118 -31.16 2.68 21.24
C GLY G 118 -31.81 3.97 20.79
N LEU G 119 -32.25 4.81 21.72
CA LEU G 119 -32.91 6.06 21.44
C LEU G 119 -32.04 7.23 21.90
N SER G 120 -32.55 8.44 21.70
CA SER G 120 -31.92 9.65 22.19
C SER G 120 -32.70 10.20 23.38
N LEU G 121 -32.03 11.05 24.16
CA LEU G 121 -32.64 11.60 25.37
C LEU G 121 -33.78 12.58 25.05
N LEU G 122 -33.75 13.21 23.88
CA LEU G 122 -34.87 14.04 23.45
C LEU G 122 -36.12 13.21 23.21
N ASP G 123 -35.96 11.99 22.70
CA ASP G 123 -37.08 11.07 22.59
C ASP G 123 -37.61 10.65 23.95
N LEU G 124 -36.73 10.49 24.94
CA LEU G 124 -37.17 10.11 26.28
C LEU G 124 -37.93 11.23 26.97
N ILE G 125 -37.45 12.47 26.86
CA ILE G 125 -38.19 13.58 27.46
C ILE G 125 -39.46 13.87 26.67
N GLU G 126 -39.49 13.54 25.37
CA GLU G 126 -40.71 13.73 24.59
C GLU G 126 -41.78 12.70 24.95
N GLU G 127 -41.39 11.43 25.13
CA GLU G 127 -42.39 10.46 25.59
C GLU G 127 -42.78 10.71 27.05
N GLY G 128 -41.88 11.31 27.84
CA GLY G 128 -42.24 11.70 29.19
C GLY G 128 -43.32 12.77 29.22
N ASN G 129 -43.14 13.86 28.47
CA ASN G 129 -44.18 14.88 28.46
C ASN G 129 -45.41 14.44 27.68
N LEU G 130 -45.28 13.51 26.73
CA LEU G 130 -46.45 12.96 26.06
C LEU G 130 -47.29 12.10 26.99
N GLY G 131 -46.64 11.26 27.79
CA GLY G 131 -47.35 10.51 28.82
C GLY G 131 -47.95 11.40 29.89
N LEU G 132 -47.26 12.49 30.22
CA LEU G 132 -47.79 13.43 31.22
C LEU G 132 -49.03 14.16 30.69
N ILE G 133 -49.01 14.58 29.42
CA ILE G 133 -50.17 15.29 28.88
C ILE G 133 -51.32 14.32 28.59
N ARG G 134 -51.01 13.04 28.30
CA ARG G 134 -52.07 12.05 28.16
C ARG G 134 -52.63 11.67 29.53
N ALA G 135 -51.84 11.80 30.59
CA ALA G 135 -52.34 11.53 31.94
C ALA G 135 -53.23 12.67 32.42
N VAL G 136 -52.81 13.92 32.22
CA VAL G 136 -53.62 15.05 32.69
C VAL G 136 -54.75 15.39 31.73
N GLU G 137 -54.76 14.81 30.53
CA GLU G 137 -55.89 15.03 29.62
C GLU G 137 -57.13 14.29 30.11
N LYS G 138 -57.04 12.96 30.24
CA LYS G 138 -58.13 12.16 30.79
C LYS G 138 -57.87 11.89 32.27
N PHE G 139 -57.86 12.98 33.04
CA PHE G 139 -57.57 12.94 34.47
C PHE G 139 -58.86 13.07 35.25
N ASP G 140 -59.05 12.16 36.20
CA ASP G 140 -60.24 12.17 37.06
C ASP G 140 -59.85 12.66 38.45
N PRO G 141 -60.33 13.83 38.88
CA PRO G 141 -59.98 14.34 40.21
C PRO G 141 -60.84 13.80 41.35
N GLU G 142 -61.63 12.75 41.11
CA GLU G 142 -62.48 12.17 42.15
C GLU G 142 -61.70 11.36 43.17
N ARG G 143 -60.49 10.91 42.82
CA ARG G 143 -59.69 10.13 43.75
C ARG G 143 -59.08 11.00 44.84
N GLY G 144 -58.72 12.25 44.52
CA GLY G 144 -58.14 13.14 45.50
C GLY G 144 -56.71 12.84 45.87
N PHE G 145 -55.99 12.10 45.04
CA PHE G 145 -54.60 11.73 45.28
C PHE G 145 -53.68 12.55 44.39
N ARG G 146 -52.39 12.25 44.48
CA ARG G 146 -51.38 12.96 43.69
C ARG G 146 -51.32 12.37 42.28
N PHE G 147 -51.28 13.24 41.28
CA PHE G 147 -51.20 12.82 39.89
C PHE G 147 -49.76 12.54 39.43
N SER G 148 -48.78 12.68 40.32
CA SER G 148 -47.39 12.39 39.95
C SER G 148 -47.18 10.91 39.71
N THR G 149 -47.81 10.05 40.52
CA THR G 149 -47.72 8.61 40.28
C THR G 149 -48.46 8.20 39.01
N TYR G 150 -49.57 8.86 38.70
CA TYR G 150 -50.29 8.60 37.45
C TYR G 150 -49.46 9.00 36.24
N ALA G 151 -48.80 10.16 36.31
CA ALA G 151 -47.89 10.57 35.24
C ALA G 151 -46.67 9.66 35.16
N THR G 152 -46.23 9.11 36.30
CA THR G 152 -45.12 8.16 36.30
C THR G 152 -45.50 6.86 35.61
N TRP G 153 -46.71 6.35 35.88
CA TRP G 153 -47.17 5.13 35.22
C TRP G 153 -47.41 5.36 33.73
N TRP G 154 -47.91 6.55 33.36
CA TRP G 154 -48.11 6.86 31.95
C TRP G 154 -46.77 7.02 31.22
N ILE G 155 -45.77 7.60 31.89
CA ILE G 155 -44.44 7.71 31.30
C ILE G 155 -43.78 6.34 31.21
N ARG G 156 -44.07 5.43 32.15
CA ARG G 156 -43.56 4.07 32.07
C ARG G 156 -44.18 3.31 30.90
N GLN G 157 -45.48 3.50 30.67
CA GLN G 157 -46.13 2.89 29.50
C GLN G 157 -45.58 3.48 28.20
N THR G 158 -45.31 4.79 28.19
CA THR G 158 -44.80 5.43 26.98
C THR G 158 -43.35 5.03 26.70
N ILE G 159 -42.54 4.84 27.75
CA ILE G 159 -41.17 4.40 27.50
C ILE G 159 -41.13 2.91 27.18
N GLU G 160 -42.13 2.12 27.63
CA GLU G 160 -42.22 0.75 27.17
C GLU G 160 -42.62 0.68 25.70
N ARG G 161 -43.51 1.57 25.27
CA ARG G 161 -43.83 1.67 23.84
C ARG G 161 -42.64 2.18 23.03
N ALA G 162 -41.81 3.05 23.62
CA ALA G 162 -40.63 3.55 22.92
C ALA G 162 -39.56 2.48 22.79
N ILE G 163 -39.43 1.61 23.81
CA ILE G 163 -38.54 0.47 23.70
C ILE G 163 -39.08 -0.54 22.69
N MET G 164 -40.41 -0.68 22.63
CA MET G 164 -41.02 -1.64 21.73
C MET G 164 -40.92 -1.22 20.26
N ASN G 165 -41.05 0.08 19.98
CA ASN G 165 -41.19 0.53 18.60
C ASN G 165 -40.00 1.29 18.05
N GLN G 166 -39.02 1.67 18.88
CA GLN G 166 -37.90 2.49 18.40
C GLN G 166 -36.54 1.87 18.69
N THR G 167 -36.47 0.55 18.87
CA THR G 167 -35.20 -0.12 19.14
C THR G 167 -34.78 -1.05 18.01
N ARG G 168 -35.63 -2.01 17.65
CA ARG G 168 -35.31 -2.97 16.60
C ARG G 168 -36.00 -2.59 15.30
N THR G 169 -35.41 -3.02 14.19
CA THR G 169 -35.97 -2.72 12.87
C THR G 169 -37.27 -3.49 12.65
N ILE G 170 -37.30 -4.75 13.05
CA ILE G 170 -38.55 -5.50 13.03
C ILE G 170 -39.44 -5.03 14.18
N ARG G 171 -40.67 -4.66 13.85
CA ARG G 171 -41.60 -4.21 14.88
C ARG G 171 -42.22 -5.41 15.60
N LEU G 172 -42.61 -5.19 16.84
CA LEU G 172 -43.16 -6.25 17.68
C LEU G 172 -44.40 -5.74 18.42
N PRO G 173 -45.40 -6.59 18.63
CA PRO G 173 -46.49 -6.25 19.55
C PRO G 173 -46.08 -6.32 21.01
N ILE G 174 -47.06 -6.13 21.91
CA ILE G 174 -46.77 -5.96 23.33
C ILE G 174 -46.43 -7.29 23.98
N HIS G 175 -47.11 -8.37 23.59
CA HIS G 175 -46.96 -9.63 24.32
C HIS G 175 -45.63 -10.31 24.01
N VAL G 176 -45.14 -10.22 22.77
CA VAL G 176 -43.88 -10.88 22.43
C VAL G 176 -42.70 -10.14 23.03
N VAL G 177 -42.77 -8.80 23.08
CA VAL G 177 -41.70 -8.06 23.73
C VAL G 177 -41.81 -8.20 25.25
N LYS G 178 -43.00 -8.47 25.78
CA LYS G 178 -43.12 -8.74 27.21
C LYS G 178 -42.50 -10.08 27.59
N GLU G 179 -42.74 -11.13 26.79
CA GLU G 179 -42.13 -12.41 27.10
C GLU G 179 -40.63 -12.40 26.79
N LEU G 180 -40.18 -11.62 25.80
CA LEU G 180 -38.74 -11.41 25.61
C LEU G 180 -38.12 -10.68 26.80
N ASN G 181 -38.83 -9.69 27.37
CA ASN G 181 -38.29 -8.95 28.50
C ASN G 181 -38.21 -9.82 29.75
N VAL G 182 -39.23 -10.64 30.01
CA VAL G 182 -39.15 -11.49 31.21
C VAL G 182 -38.17 -12.64 30.98
N TYR G 183 -37.97 -13.06 29.71
CA TYR G 183 -36.97 -14.09 29.43
C TYR G 183 -35.56 -13.56 29.59
N LEU G 184 -35.29 -12.33 29.14
CA LEU G 184 -33.96 -11.76 29.36
C LEU G 184 -33.74 -11.39 30.82
N ARG G 185 -34.81 -11.05 31.55
CA ARG G 185 -34.68 -10.83 32.99
C ARG G 185 -34.36 -12.12 33.73
N ALA G 186 -35.01 -13.23 33.34
CA ALA G 186 -34.70 -14.51 33.95
C ALA G 186 -33.31 -14.99 33.58
N ALA G 187 -32.86 -14.70 32.36
CA ALA G 187 -31.49 -15.03 31.96
C ALA G 187 -30.47 -14.20 32.74
N ARG G 188 -30.79 -12.93 32.99
CA ARG G 188 -29.94 -12.08 33.82
C ARG G 188 -29.89 -12.55 35.27
N GLU G 189 -31.00 -13.11 35.75
CA GLU G 189 -31.00 -13.65 37.11
C GLU G 189 -30.22 -14.96 37.20
N LEU G 190 -30.31 -15.82 36.18
CA LEU G 190 -29.65 -17.12 36.26
C LEU G 190 -28.17 -17.04 35.87
N THR G 191 -27.75 -16.05 35.08
CA THR G 191 -26.35 -15.96 34.70
C THR G 191 -25.46 -15.46 35.83
N HIS G 192 -26.04 -14.86 36.87
CA HIS G 192 -25.24 -14.46 38.02
C HIS G 192 -24.85 -15.68 38.85
N LYS G 193 -25.70 -16.71 38.90
CA LYS G 193 -25.39 -17.94 39.61
C LYS G 193 -24.80 -19.01 38.72
N LEU G 194 -24.89 -18.86 37.40
CA LEU G 194 -24.30 -19.83 36.48
C LEU G 194 -22.85 -19.53 36.14
N ASP G 195 -22.51 -18.23 36.06
CA ASP G 195 -21.15 -17.74 35.79
C ASP G 195 -20.60 -18.25 34.45
N HIS G 196 -21.47 -18.31 33.45
CA HIS G 196 -21.10 -18.79 32.12
C HIS G 196 -22.00 -18.12 31.09
N GLU G 197 -21.89 -18.54 29.84
CA GLU G 197 -22.72 -18.00 28.79
C GLU G 197 -24.14 -18.55 28.91
N PRO G 198 -25.16 -17.72 28.70
CA PRO G 198 -26.54 -18.21 28.83
C PRO G 198 -26.95 -19.09 27.66
N SER G 199 -27.39 -20.30 27.97
CA SER G 199 -27.88 -21.26 26.99
C SER G 199 -29.39 -21.42 27.13
N PRO G 200 -30.11 -21.77 26.06
CA PRO G 200 -31.57 -21.87 26.16
C PRO G 200 -32.07 -23.09 26.92
N GLU G 201 -31.20 -24.06 27.20
CA GLU G 201 -31.64 -25.27 27.91
C GLU G 201 -31.98 -24.97 29.36
N GLU G 202 -31.11 -24.23 30.06
CA GLU G 202 -31.38 -23.90 31.45
C GLU G 202 -32.52 -22.90 31.58
N ILE G 203 -32.69 -22.01 30.60
CA ILE G 203 -33.81 -21.08 30.61
C ILE G 203 -35.13 -21.82 30.38
N ALA G 204 -35.11 -22.82 29.49
CA ALA G 204 -36.30 -23.63 29.26
C ALA G 204 -36.61 -24.53 30.45
N ASN G 205 -35.58 -24.96 31.18
CA ASN G 205 -35.81 -25.77 32.38
C ASN G 205 -36.32 -24.93 33.53
N LEU G 206 -35.86 -23.68 33.64
CA LEU G 206 -36.28 -22.82 34.75
C LEU G 206 -37.66 -22.23 34.50
N LEU G 207 -37.95 -21.84 33.26
CA LEU G 207 -39.22 -21.18 32.94
C LEU G 207 -40.35 -22.16 32.65
N GLU G 208 -40.08 -23.47 32.73
CA GLU G 208 -41.04 -24.55 32.47
C GLU G 208 -41.64 -24.44 31.06
N LYS G 209 -40.76 -24.32 30.08
CA LYS G 209 -41.13 -24.13 28.69
C LYS G 209 -40.33 -25.10 27.83
N PRO G 210 -40.82 -25.45 26.65
CA PRO G 210 -40.04 -26.28 25.73
C PRO G 210 -38.83 -25.52 25.19
N VAL G 211 -37.81 -26.29 24.79
CA VAL G 211 -36.57 -25.71 24.33
C VAL G 211 -36.72 -25.13 22.93
N ALA G 212 -37.51 -25.79 22.07
CA ALA G 212 -37.73 -25.28 20.73
C ALA G 212 -38.58 -24.01 20.75
N GLU G 213 -39.51 -23.89 21.69
CA GLU G 213 -40.33 -22.70 21.82
C GLU G 213 -39.50 -21.48 22.22
N VAL G 214 -38.67 -21.63 23.26
CA VAL G 214 -37.83 -20.51 23.67
C VAL G 214 -36.70 -20.26 22.66
N LYS G 215 -36.30 -21.27 21.89
CA LYS G 215 -35.34 -21.04 20.81
C LYS G 215 -35.96 -20.21 19.68
N ARG G 216 -37.22 -20.49 19.35
CA ARG G 216 -37.93 -19.67 18.37
C ARG G 216 -38.21 -18.27 18.90
N MET G 217 -38.39 -18.13 20.22
CA MET G 217 -38.59 -16.79 20.77
C MET G 217 -37.30 -15.98 20.81
N LEU G 218 -36.16 -16.62 21.11
CA LEU G 218 -34.89 -15.91 21.07
C LEU G 218 -34.39 -15.70 19.65
N GLY G 219 -34.91 -16.45 18.68
CA GLY G 219 -34.56 -16.22 17.29
C GLY G 219 -35.10 -14.92 16.72
N LEU G 220 -36.15 -14.36 17.34
CA LEU G 220 -36.67 -13.08 16.89
C LEU G 220 -35.74 -11.93 17.27
N ASN G 221 -34.97 -12.09 18.34
CA ASN G 221 -34.00 -11.09 18.78
C ASN G 221 -32.82 -11.11 17.82
N GLU G 222 -32.86 -10.24 16.82
CA GLU G 222 -31.81 -10.22 15.80
C GLU G 222 -30.60 -9.41 16.25
N ARG G 223 -30.83 -8.20 16.77
CA ARG G 223 -29.80 -7.24 17.19
C ARG G 223 -28.84 -6.93 16.06
N VAL G 224 -29.39 -6.34 15.00
CA VAL G 224 -28.63 -6.07 13.78
C VAL G 224 -27.72 -4.88 14.00
N THR G 225 -26.46 -5.02 13.58
CA THR G 225 -25.48 -3.95 13.69
C THR G 225 -25.52 -3.08 12.43
N SER G 226 -24.53 -2.21 12.28
CA SER G 226 -24.49 -1.30 11.14
C SER G 226 -23.87 -1.98 9.92
N VAL G 227 -23.97 -1.29 8.77
CA VAL G 227 -23.37 -1.78 7.54
C VAL G 227 -22.07 -1.08 7.20
N ASP G 228 -21.65 -0.10 8.01
CA ASP G 228 -20.39 0.59 7.82
C ASP G 228 -19.33 0.20 8.82
N VAL G 229 -19.72 -0.21 10.04
CA VAL G 229 -18.79 -0.62 11.07
C VAL G 229 -18.34 -2.04 10.73
N SER G 230 -17.18 -2.16 10.11
CA SER G 230 -16.64 -3.46 9.73
C SER G 230 -15.84 -4.07 10.87
N LEU G 231 -15.30 -5.26 10.64
CA LEU G 231 -14.48 -5.94 11.64
C LEU G 231 -13.12 -5.27 11.74
N GLY G 232 -12.80 -4.74 12.91
CA GLY G 232 -11.56 -4.05 13.13
C GLY G 232 -11.72 -2.55 13.13
N PRO G 233 -10.69 -1.84 13.60
CA PRO G 233 -10.77 -0.37 13.64
C PRO G 233 -10.58 0.26 12.26
N ASP G 234 -9.75 -0.37 11.43
CA ASP G 234 -9.47 0.12 10.08
C ASP G 234 -10.58 -0.37 9.16
N SER G 235 -11.55 0.49 8.86
CA SER G 235 -12.67 0.13 8.01
C SER G 235 -12.38 0.57 6.57
N ASP G 236 -11.44 -0.17 5.95
CA ASP G 236 -11.09 0.10 4.56
C ASP G 236 -12.15 -0.41 3.59
N LYS G 237 -12.98 -1.36 4.00
CA LYS G 237 -14.06 -1.88 3.16
C LYS G 237 -15.29 -2.09 4.04
N THR G 238 -16.43 -1.59 3.59
CA THR G 238 -17.67 -1.71 4.33
C THR G 238 -18.31 -3.07 4.05
N LEU G 239 -19.51 -3.26 4.60
CA LEU G 239 -20.28 -4.49 4.41
C LEU G 239 -21.39 -4.34 3.37
N LEU G 240 -21.43 -3.21 2.66
CA LEU G 240 -22.42 -3.06 1.59
C LEU G 240 -22.04 -3.89 0.36
N ASP G 241 -20.75 -3.96 0.05
CA ASP G 241 -20.26 -4.70 -1.11
C ASP G 241 -19.84 -6.12 -0.76
N THR G 242 -20.26 -6.66 0.38
CA THR G 242 -19.91 -8.02 0.77
C THR G 242 -21.00 -9.00 0.38
N LEU G 243 -22.21 -8.81 0.88
CA LEU G 243 -23.32 -9.72 0.61
C LEU G 243 -24.22 -9.15 -0.50
N THR G 244 -24.84 -10.07 -1.24
CA THR G 244 -25.71 -9.73 -2.35
C THR G 244 -27.15 -10.10 -2.00
N ASP G 245 -28.05 -9.85 -2.95
CA ASP G 245 -29.45 -10.17 -2.76
C ASP G 245 -29.71 -11.65 -3.01
N ASP G 246 -30.78 -12.16 -2.40
CA ASP G 246 -31.14 -13.57 -2.55
C ASP G 246 -31.87 -13.85 -3.86
N ARG G 247 -32.50 -12.85 -4.45
CA ARG G 247 -33.22 -13.05 -5.70
C ARG G 247 -32.25 -13.15 -6.88
N PRO G 248 -32.70 -13.69 -8.00
CA PRO G 248 -31.82 -13.81 -9.17
C PRO G 248 -31.68 -12.47 -9.87
N THR G 249 -30.53 -11.82 -9.70
CA THR G 249 -30.25 -10.55 -10.34
C THR G 249 -29.00 -10.59 -11.22
N ASP G 250 -28.39 -11.74 -11.39
CA ASP G 250 -27.20 -11.87 -12.24
C ASP G 250 -27.62 -11.84 -13.70
N PRO G 251 -26.77 -11.36 -14.62
CA PRO G 251 -27.11 -11.46 -16.05
C PRO G 251 -27.01 -12.88 -16.56
N CYS G 252 -26.28 -13.74 -15.83
CA CYS G 252 -26.24 -15.16 -16.17
C CYS G 252 -27.59 -15.82 -15.97
N GLU G 253 -28.28 -15.50 -14.87
CA GLU G 253 -29.57 -16.13 -14.58
C GLU G 253 -30.65 -15.69 -15.56
N LEU G 254 -30.76 -14.38 -15.80
CA LEU G 254 -31.73 -13.87 -16.77
C LEU G 254 -31.36 -14.28 -18.19
N LEU G 255 -30.06 -14.40 -18.48
CA LEU G 255 -29.60 -14.85 -19.79
C LEU G 255 -29.99 -16.31 -20.03
N GLN G 256 -29.79 -17.16 -19.02
CA GLN G 256 -30.24 -18.55 -19.10
C GLN G 256 -31.75 -18.64 -19.19
N ASP G 257 -32.47 -17.72 -18.53
CA ASP G 257 -33.93 -17.69 -18.61
C ASP G 257 -34.42 -17.38 -20.02
N ASP G 258 -33.87 -16.33 -20.64
CA ASP G 258 -34.32 -15.97 -21.99
C ASP G 258 -33.85 -16.99 -23.03
N ASP G 259 -32.66 -17.58 -22.82
CA ASP G 259 -32.19 -18.59 -23.75
C ASP G 259 -33.00 -19.88 -23.64
N LEU G 260 -33.41 -20.25 -22.42
CA LEU G 260 -34.28 -21.41 -22.25
C LEU G 260 -35.66 -21.15 -22.81
N SER G 261 -36.16 -19.91 -22.68
CA SER G 261 -37.46 -19.57 -23.25
C SER G 261 -37.43 -19.62 -24.77
N GLU G 262 -36.38 -19.07 -25.39
CA GLU G 262 -36.24 -19.15 -26.84
C GLU G 262 -36.01 -20.57 -27.31
N SER G 263 -35.32 -21.39 -26.50
CA SER G 263 -35.08 -22.78 -26.87
C SER G 263 -36.37 -23.59 -26.84
N ILE G 264 -37.17 -23.43 -25.79
CA ILE G 264 -38.43 -24.18 -25.74
C ILE G 264 -39.44 -23.62 -26.74
N ASP G 265 -39.32 -22.34 -27.11
CA ASP G 265 -40.17 -21.80 -28.17
C ASP G 265 -39.80 -22.40 -29.52
N GLN G 266 -38.50 -22.55 -29.79
CA GLN G 266 -38.07 -23.18 -31.04
C GLN G 266 -38.42 -24.68 -31.04
N TRP G 267 -38.35 -25.34 -29.88
CA TRP G 267 -38.69 -26.75 -29.82
C TRP G 267 -40.20 -26.98 -29.92
N LEU G 268 -41.01 -26.02 -29.48
CA LEU G 268 -42.45 -26.11 -29.68
C LEU G 268 -42.85 -25.77 -31.10
N THR G 269 -42.14 -24.83 -31.74
CA THR G 269 -42.41 -24.51 -33.14
C THR G 269 -41.92 -25.61 -34.08
N GLU G 270 -40.92 -26.38 -33.67
CA GLU G 270 -40.41 -27.48 -34.47
C GLU G 270 -41.17 -28.78 -34.25
N LEU G 271 -42.02 -28.85 -33.23
CA LEU G 271 -42.81 -30.03 -32.95
C LEU G 271 -44.13 -29.97 -33.71
N THR G 272 -45.07 -30.86 -33.38
CA THR G 272 -46.37 -30.86 -34.03
C THR G 272 -47.23 -29.70 -33.50
N ASP G 273 -48.32 -29.43 -34.22
CA ASP G 273 -49.19 -28.32 -33.85
C ASP G 273 -50.04 -28.67 -32.63
N LYS G 274 -50.58 -29.88 -32.58
CA LYS G 274 -51.41 -30.29 -31.46
C LYS G 274 -50.59 -30.46 -30.19
N GLN G 275 -49.36 -30.96 -30.32
CA GLN G 275 -48.48 -31.11 -29.15
C GLN G 275 -48.05 -29.75 -28.61
N ARG G 276 -47.73 -28.81 -29.49
CA ARG G 276 -47.39 -27.46 -29.06
C ARG G 276 -48.58 -26.75 -28.44
N GLU G 277 -49.79 -27.00 -28.96
CA GLU G 277 -51.00 -26.39 -28.40
C GLU G 277 -51.31 -26.95 -27.01
N VAL G 278 -51.17 -28.28 -26.83
CA VAL G 278 -51.46 -28.86 -25.53
C VAL G 278 -50.33 -28.61 -24.55
N VAL G 279 -49.13 -28.27 -25.02
CA VAL G 279 -48.05 -27.88 -24.10
C VAL G 279 -48.07 -26.40 -23.76
N ILE G 280 -48.63 -25.55 -24.61
CA ILE G 280 -48.68 -24.12 -24.34
C ILE G 280 -49.95 -23.75 -23.58
N ARG G 281 -51.08 -24.39 -23.90
CA ARG G 281 -52.33 -24.03 -23.24
C ARG G 281 -52.43 -24.58 -21.83
N ARG G 282 -51.77 -25.70 -21.54
CA ARG G 282 -51.85 -26.29 -20.21
C ARG G 282 -51.01 -25.52 -19.20
N PHE G 283 -49.78 -25.16 -19.57
CA PHE G 283 -48.87 -24.49 -18.64
C PHE G 283 -48.92 -22.97 -18.75
N GLY G 284 -49.43 -22.43 -19.85
CA GLY G 284 -49.52 -20.98 -19.99
C GLY G 284 -48.19 -20.34 -20.33
N LEU G 285 -47.49 -20.88 -21.33
CA LEU G 285 -46.18 -20.38 -21.73
C LEU G 285 -46.23 -19.47 -22.94
N ARG G 286 -46.86 -19.92 -24.03
CA ARG G 286 -46.89 -19.15 -25.28
C ARG G 286 -48.16 -18.32 -25.37
N GLY G 287 -48.25 -17.33 -24.48
CA GLY G 287 -49.37 -16.39 -24.50
C GLY G 287 -50.68 -16.97 -24.03
N HIS G 288 -50.65 -17.95 -23.14
CA HIS G 288 -51.86 -18.58 -22.61
C HIS G 288 -52.00 -18.25 -21.12
N GLU G 289 -53.21 -18.43 -20.62
CA GLU G 289 -53.51 -18.16 -19.22
C GLU G 289 -53.20 -19.38 -18.36
N SER G 290 -53.58 -19.30 -17.09
CA SER G 290 -53.36 -20.39 -16.14
C SER G 290 -54.58 -21.32 -16.13
N SER G 291 -54.83 -21.92 -17.29
CA SER G 291 -55.93 -22.86 -17.49
C SER G 291 -55.39 -24.23 -17.87
N THR G 292 -56.20 -25.25 -17.67
CA THR G 292 -55.80 -26.62 -17.96
C THR G 292 -56.87 -27.35 -18.77
N LEU G 293 -56.74 -28.68 -18.87
CA LEU G 293 -57.67 -29.47 -19.68
C LEU G 293 -59.09 -29.45 -19.11
N GLU G 294 -59.24 -29.27 -17.80
CA GLU G 294 -60.58 -29.11 -17.22
C GLU G 294 -61.22 -27.80 -17.64
N GLU G 295 -60.40 -26.78 -17.95
CA GLU G 295 -60.90 -25.53 -18.50
C GLU G 295 -60.82 -25.48 -20.03
N VAL G 296 -59.98 -26.30 -20.64
CA VAL G 296 -59.87 -26.36 -22.09
C VAL G 296 -60.57 -27.59 -22.67
N GLY G 297 -61.54 -28.15 -21.93
CA GLY G 297 -62.33 -29.25 -22.46
C GLY G 297 -63.19 -28.87 -23.64
N GLN G 298 -63.60 -27.61 -23.72
CA GLN G 298 -64.34 -27.09 -24.85
C GLN G 298 -63.45 -26.29 -25.80
N GLU G 299 -62.14 -26.42 -25.67
CA GLU G 299 -61.19 -25.67 -26.48
C GLU G 299 -60.30 -26.56 -27.33
N ILE G 300 -59.72 -27.62 -26.75
CA ILE G 300 -58.80 -28.49 -27.47
C ILE G 300 -59.36 -29.89 -27.56
N GLY G 301 -59.56 -30.52 -26.40
CA GLY G 301 -60.06 -31.89 -26.36
C GLY G 301 -61.05 -32.14 -25.24
N LEU G 302 -62.13 -32.86 -25.54
CA LEU G 302 -63.17 -33.09 -24.55
C LEU G 302 -62.76 -34.13 -23.52
N THR G 303 -62.20 -35.25 -23.97
CA THR G 303 -61.80 -36.30 -23.05
C THR G 303 -60.50 -35.93 -22.34
N ARG G 304 -60.52 -36.03 -21.01
CA ARG G 304 -59.35 -35.69 -20.20
C ARG G 304 -58.26 -36.75 -20.29
N GLU G 305 -58.63 -38.02 -20.42
CA GLU G 305 -57.64 -39.08 -20.52
C GLU G 305 -56.91 -39.04 -21.85
N ARG G 306 -57.61 -38.67 -22.93
CA ARG G 306 -56.99 -38.59 -24.25
C ARG G 306 -55.96 -37.45 -24.31
N VAL G 307 -56.33 -36.27 -23.81
CA VAL G 307 -55.38 -35.16 -23.79
C VAL G 307 -54.30 -35.38 -22.74
N ARG G 308 -54.56 -36.18 -21.70
CA ARG G 308 -53.50 -36.51 -20.74
C ARG G 308 -52.48 -37.45 -21.37
N GLN G 309 -52.94 -38.44 -22.16
CA GLN G 309 -52.03 -39.30 -22.88
C GLN G 309 -51.26 -38.54 -23.95
N ILE G 310 -51.91 -37.58 -24.61
CA ILE G 310 -51.25 -36.72 -25.57
C ILE G 310 -50.18 -35.86 -24.88
N GLN G 311 -50.48 -35.37 -23.68
CA GLN G 311 -49.53 -34.57 -22.92
C GLN G 311 -48.31 -35.39 -22.48
N VAL G 312 -48.52 -36.62 -22.01
CA VAL G 312 -47.39 -37.41 -21.53
C VAL G 312 -46.57 -37.95 -22.70
N GLU G 313 -47.20 -38.18 -23.86
CA GLU G 313 -46.39 -38.59 -25.00
C GLU G 313 -45.65 -37.41 -25.62
N ALA G 314 -46.21 -36.20 -25.50
CA ALA G 314 -45.47 -35.01 -25.91
C ALA G 314 -44.30 -34.73 -24.97
N LEU G 315 -44.48 -35.00 -23.68
CA LEU G 315 -43.36 -34.88 -22.74
C LEU G 315 -42.30 -35.94 -22.99
N LYS G 316 -42.70 -37.15 -23.39
CA LYS G 316 -41.73 -38.19 -23.74
C LYS G 316 -40.99 -37.83 -25.03
N ARG G 317 -41.69 -37.22 -25.99
CA ARG G 317 -41.03 -36.76 -27.21
C ARG G 317 -40.06 -35.63 -26.94
N LEU G 318 -40.42 -34.71 -26.04
CA LEU G 318 -39.50 -33.64 -25.66
C LEU G 318 -38.31 -34.18 -24.90
N ARG G 319 -38.51 -35.21 -24.07
CA ARG G 319 -37.40 -35.84 -23.36
C ARG G 319 -36.46 -36.56 -24.32
N GLU G 320 -37.01 -37.24 -25.33
CA GLU G 320 -36.14 -37.95 -26.26
C GLU G 320 -35.43 -37.01 -27.23
N ILE G 321 -36.04 -35.88 -27.59
CA ILE G 321 -35.30 -34.93 -28.41
C ILE G 321 -34.28 -34.13 -27.59
N LEU G 322 -34.51 -33.98 -26.28
CA LEU G 322 -33.45 -33.41 -25.44
C LEU G 322 -32.32 -34.41 -25.24
N GLU G 323 -32.64 -35.71 -25.19
CA GLU G 323 -31.60 -36.73 -25.09
C GLU G 323 -30.80 -36.82 -26.38
N LYS G 324 -31.45 -36.66 -27.53
CA LYS G 324 -30.74 -36.65 -28.80
C LYS G 324 -30.05 -35.31 -29.08
N ASN G 325 -30.42 -34.26 -28.37
CA ASN G 325 -29.78 -32.95 -28.51
C ASN G 325 -28.65 -32.73 -27.53
N GLY G 326 -28.40 -33.66 -26.61
CA GLY G 326 -27.32 -33.52 -25.67
C GLY G 326 -27.72 -32.87 -24.36
N LEU G 327 -28.88 -33.23 -23.84
CA LEU G 327 -29.39 -32.68 -22.59
C LEU G 327 -29.89 -33.82 -21.72
N SER G 328 -29.19 -34.08 -20.62
CA SER G 328 -29.53 -35.15 -19.69
C SER G 328 -29.81 -34.55 -18.32
N SER G 329 -30.04 -35.43 -17.34
CA SER G 329 -30.32 -34.96 -15.99
C SER G 329 -29.06 -34.48 -15.30
N ASP G 330 -27.94 -35.18 -15.50
CA ASP G 330 -26.68 -34.79 -14.85
C ASP G 330 -26.08 -33.55 -15.49
N ALA G 331 -26.39 -33.28 -16.76
CA ALA G 331 -25.88 -32.10 -17.44
C ALA G 331 -26.75 -30.87 -17.23
N LEU G 332 -27.93 -31.02 -16.64
CA LEU G 332 -28.84 -29.92 -16.39
C LEU G 332 -28.97 -29.59 -14.90
N PHE G 333 -29.10 -30.60 -14.05
CA PHE G 333 -29.26 -30.40 -12.61
C PHE G 333 -28.03 -30.87 -11.85
N GLN G 334 -26.86 -30.70 -12.47
CA GLN G 334 -25.54 -31.01 -11.90
C GLN G 334 -25.38 -32.45 -11.41
#